data_7L57
#
_entry.id   7L57
#
_cell.length_a   1.00
_cell.length_b   1.00
_cell.length_c   1.00
_cell.angle_alpha   90.00
_cell.angle_beta   90.00
_cell.angle_gamma   90.00
#
_symmetry.space_group_name_H-M   'P 1'
#
loop_
_entity.id
_entity.type
_entity.pdbx_description
1 polymer 'Spike glycoprotein'
2 polymer 'Fab 2-15 variable domain heavy chain'
3 polymer 'Fab 2-15 variable domain light chain'
4 branched 2-acetamido-2-deoxy-beta-D-glucopyranose-(1-4)-2-acetamido-2-deoxy-beta-D-glucopyranose
5 branched 2-acetamido-2-deoxy-beta-D-glucopyranose-(1-2)-alpha-D-mannopyranose-(1-3)-beta-D-mannopyranose-(1-4)-2-acetamido-2-deoxy-beta-D-glucopyranose-(1-4)-2-acetamido-2-deoxy-beta-D-glucopyranose
6 branched 2-acetamido-2-deoxy-beta-D-glucopyranose-(1-4)-beta-D-mannopyranose-(1-4)-2-acetamido-2-deoxy-beta-D-glucopyranose-(1-4)-2-acetamido-2-deoxy-beta-D-glucopyranose
7 non-polymer 2-acetamido-2-deoxy-beta-D-glucopyranose
#
loop_
_entity_poly.entity_id
_entity_poly.type
_entity_poly.pdbx_seq_one_letter_code
_entity_poly.pdbx_strand_id
1 'polypeptide(L)'
;MFVFLVLLPLVSSQCVNLTTRTQLPPAYTNSFTRGVYYPDKVFRSSVLHSTQDLFLPFFSNVTWFHAIHVSGTNGTKRFD
NPVLPFNDGVYFASTEKSNIIRGWIFGTTLDSKTQSLLIVNNATNVVIKVCEFQFCNDPFLGVYYHKNNKSWMESEFRVY
SSANNCTFEYVSQPFLMDLEGKQGNFKNLREFVFKNIDGYFKIYSKHTPINLVRDLPQGFSALEPLVDLPIGINITRFQT
LLALHRSYLTPGDSSSGWTAGAAAYYVGYLQPRTFLLKYNENGTITDAVDCALDPLSETKCTLKSFTVEKGIYQTSNFRV
QPTESIVRFPNITNLCPFGEVFNATRFASVYAWNRKRISNCVADYSVLYNSASFSTFKCYGVSPTKLNDLCFTNVYADSF
VIRGDEVRQIAPGQTGKIADYNYKLPDDFTGCVIAWNSNNLDSKVGGNYNYLYRLFRKSNLKPFERDISTEIYQAGSTPC
NGVEGFNCYFPLQSYGFQPTNGVGYQPYRVVVLSFELLHAPATVCGPKKSTNLVKNKCVNFNFNGLTGTGVLTESNKKFL
PFQQFGRDIADTTDAVRDPQTLEILDITPCSFGGVSVITPGTNTSNQVAVLYQDVNCTEVPVAIHADQLTPTWRVYSTGS
NVFQTRAGCLIGAEHVNNSYECDIPIGAGICASYQTQTNSPGSASSVASQSIIAYTMSLGAENSVAYSNNSIAIPTNFTI
SVTTEILPVSMTKTSVDCTMYICGDSTECSNLLLQYGSFCTQLNRALTGIAVEQDKNTQEVFAQVKQIYKTPPIKDFGGF
NFSQILPDPSKPSKRSFIEDLLFNKVTLADAGFIKQYGDCLGDIAARDLICAQKFNGLTVLPPLLTDEMIAQYTSALLAG
TITSGWTFGAGAALQIPFAMQMAYRFNGIGVTQNVLYENQKLIANQFNSAIGKIQDSLSSTASALGKLQDVVNQNAQALN
TLVKQLSSNFGAISSVLNDILSRLDPPEAEVQIDRLITGRLQSLQTYVTQQLIRAAEIRASANLAATKMSECVLGQSKRV
DFCGKGYHLMSFPQSAPHGVVFLHVTYVPAQEKNFTTAPAICHDGKAHFPREGVFVSNGTHWFVTQRNFYEPQIITTDNT
FVSGNCDVVIGIVNNTVYDPLQPELDSFKEELDKYFKNHTSPDVDLGDISGINASVVNIQKEIDRLNEVAKNLNESLIDL
QELGKYEQGSGYIPEAPRDGQAYVRKDGEWVLLSTFLGRSLEVLFQGPGHHHHHHHHSAWSHPQFEKGGGSGGGGSGGSA
WSHPQFEK
;
A,B,C
2 'polypeptide(L)'
;VQLVQSGAEVKKPGASVRVSCKASGYTFTGYYMHWVRQAPGQGLEWMGWINPISDGTNYAQKFQGWVTMTRDTSISTVYM
ELSRLRSDDTAVYYCARGGSRCSGGNCYGWAYDAFDIWGQGTMITV
;
H
3 'polypeptide(L)'
;SALTQPASVSGSPGQSITISCTGTSSDVGGYNFVSWYQQHPGKAPKLMIYDVSKRPSGVSNRFSGSKSGNTASLTISGLQ
AEDEADCYCSSYTSSSTFVFGTGTKVTVLG
;
L
#
loop_
_chem_comp.id
_chem_comp.type
_chem_comp.name
_chem_comp.formula
BMA D-saccharide, beta linking beta-D-mannopyranose 'C6 H12 O6'
MAN D-saccharide, alpha linking alpha-D-mannopyranose 'C6 H12 O6'
NAG D-saccharide, beta linking 2-acetamido-2-deoxy-beta-D-glucopyranose 'C8 H15 N O6'
#
# COMPACT_ATOMS: atom_id res chain seq x y z
N ALA A 27 -23.60 41.45 -32.67
CA ALA A 27 -23.09 40.69 -33.84
C ALA A 27 -22.30 39.47 -33.37
N TYR A 28 -22.76 38.30 -33.80
CA TYR A 28 -22.60 37.07 -33.04
C TYR A 28 -22.39 35.93 -34.03
N THR A 29 -21.66 34.89 -33.60
CA THR A 29 -21.12 33.93 -34.56
C THR A 29 -20.77 32.62 -33.88
N ASN A 30 -20.51 31.63 -34.72
CA ASN A 30 -19.88 30.37 -34.33
C ASN A 30 -18.47 30.54 -33.81
N SER A 31 -17.83 29.43 -33.46
CA SER A 31 -16.43 29.45 -33.07
C SER A 31 -15.92 28.04 -33.27
N PHE A 32 -14.57 27.91 -33.32
CA PHE A 32 -13.91 26.67 -33.74
C PHE A 32 -12.54 26.52 -33.03
N THR A 33 -11.58 25.85 -33.65
CA THR A 33 -10.27 25.51 -33.11
C THR A 33 -9.34 26.71 -32.95
N ARG A 34 -8.07 26.40 -32.67
CA ARG A 34 -6.90 27.27 -32.57
C ARG A 34 -6.83 28.16 -31.33
N GLY A 35 -7.72 28.01 -30.37
CA GLY A 35 -7.54 28.66 -29.08
C GLY A 35 -6.55 27.94 -28.18
N VAL A 36 -5.27 27.89 -28.55
CA VAL A 36 -4.25 27.18 -27.78
C VAL A 36 -2.92 27.93 -27.84
N TYR A 37 -2.07 27.67 -26.85
CA TYR A 37 -0.96 28.56 -26.55
C TYR A 37 0.12 27.85 -25.76
N TYR A 38 1.29 28.50 -25.70
CA TYR A 38 2.52 28.02 -25.06
C TYR A 38 2.97 28.84 -23.84
N PRO A 39 2.47 28.60 -22.65
CA PRO A 39 2.94 29.35 -21.49
C PRO A 39 4.13 28.73 -20.80
N ASP A 40 4.42 27.46 -21.07
CA ASP A 40 5.45 26.76 -20.31
C ASP A 40 6.84 27.31 -20.59
N LYS A 41 7.79 26.83 -19.78
CA LYS A 41 9.24 26.97 -19.99
C LYS A 41 9.92 25.68 -20.42
N VAL A 42 9.22 24.56 -20.41
CA VAL A 42 9.74 23.26 -20.82
C VAL A 42 9.30 23.00 -22.25
N PHE A 43 10.29 22.93 -23.13
CA PHE A 43 10.12 22.34 -24.44
C PHE A 43 10.04 20.82 -24.29
N ARG A 44 9.25 20.19 -25.15
CA ARG A 44 9.27 18.73 -25.28
C ARG A 44 9.17 18.32 -26.74
N SER A 45 10.05 17.41 -27.14
CA SER A 45 10.01 16.82 -28.46
C SER A 45 8.87 15.81 -28.60
N SER A 46 8.04 15.99 -29.64
CA SER A 46 6.97 15.05 -30.05
C SER A 46 6.09 14.53 -28.92
N VAL A 47 5.86 15.35 -27.89
CA VAL A 47 5.57 14.83 -26.56
C VAL A 47 4.19 14.19 -26.45
N LEU A 48 3.22 14.64 -27.26
CA LEU A 48 1.81 14.24 -27.12
C LEU A 48 1.25 14.47 -25.70
N HIS A 49 1.80 15.45 -24.98
CA HIS A 49 1.42 15.74 -23.61
C HIS A 49 0.00 16.33 -23.57
N SER A 50 -0.57 16.38 -22.38
CA SER A 50 -1.91 16.90 -22.12
C SER A 50 -1.85 17.78 -20.89
N THR A 51 -2.76 18.75 -20.84
CA THR A 51 -2.71 19.80 -19.82
C THR A 51 -4.10 20.32 -19.52
N GLN A 52 -4.22 20.95 -18.35
CA GLN A 52 -5.48 21.30 -17.73
C GLN A 52 -5.54 22.79 -17.39
N ASP A 53 -4.89 23.63 -18.19
CA ASP A 53 -4.90 25.06 -17.99
C ASP A 53 -6.26 25.67 -18.34
N LEU A 54 -6.31 27.00 -18.34
CA LEU A 54 -7.31 27.74 -19.09
C LEU A 54 -7.11 27.58 -20.59
N PHE A 55 -8.23 27.43 -21.30
CA PHE A 55 -8.23 27.21 -22.74
C PHE A 55 -9.48 27.87 -23.31
N LEU A 56 -9.52 27.96 -24.62
CA LEU A 56 -10.76 28.31 -25.32
C LEU A 56 -11.73 27.13 -25.36
N PRO A 57 -12.96 27.24 -24.83
CA PRO A 57 -13.98 26.27 -25.25
C PRO A 57 -14.34 26.57 -26.70
N PHE A 58 -13.77 25.78 -27.61
CA PHE A 58 -13.65 26.13 -29.02
C PHE A 58 -14.95 26.52 -29.69
N PHE A 59 -15.98 25.70 -29.56
CA PHE A 59 -16.96 25.64 -30.63
C PHE A 59 -18.18 26.51 -30.47
N SER A 60 -18.73 26.87 -31.64
CA SER A 60 -20.08 27.38 -31.84
C SER A 60 -20.45 28.72 -31.20
N ASN A 61 -19.54 29.38 -30.48
CA ASN A 61 -19.85 30.67 -29.86
C ASN A 61 -18.66 31.61 -29.95
N VAL A 62 -18.76 32.59 -30.86
CA VAL A 62 -17.89 33.76 -30.85
C VAL A 62 -18.68 34.98 -31.28
N THR A 63 -18.17 36.14 -30.88
CA THR A 63 -18.60 37.40 -31.46
C THR A 63 -17.88 37.65 -32.77
N TRP A 64 -18.65 38.02 -33.80
CA TRP A 64 -18.17 38.38 -35.13
C TRP A 64 -18.97 39.59 -35.56
N PHE A 65 -18.29 40.64 -36.04
CA PHE A 65 -18.85 41.97 -36.13
C PHE A 65 -18.57 42.59 -37.48
N HIS A 66 -19.60 43.22 -38.05
CA HIS A 66 -19.38 44.32 -38.97
C HIS A 66 -19.04 45.58 -38.20
N ALA A 67 -18.12 46.36 -38.74
CA ALA A 67 -17.90 47.70 -38.24
C ALA A 67 -19.15 48.55 -38.43
N ILE A 68 -19.30 49.56 -37.59
CA ILE A 68 -20.49 50.42 -37.60
C ILE A 68 -20.12 51.78 -37.01
N HIS A 69 -21.00 52.75 -37.24
CA HIS A 69 -20.96 54.06 -36.59
C HIS A 69 -22.09 54.17 -35.58
N ASP A 80 -21.81 51.36 -34.13
CA ASP A 80 -20.75 51.59 -33.17
C ASP A 80 -19.87 50.36 -33.00
N ASN A 81 -18.75 50.54 -32.29
CA ASN A 81 -17.77 49.48 -32.02
C ASN A 81 -17.42 49.50 -30.54
N PRO A 82 -18.39 49.22 -29.67
CA PRO A 82 -18.30 49.62 -28.27
C PRO A 82 -17.32 48.80 -27.44
N VAL A 83 -16.97 49.37 -26.29
CA VAL A 83 -16.24 48.65 -25.25
C VAL A 83 -17.13 47.60 -24.62
N LEU A 84 -16.52 46.68 -23.89
CA LEU A 84 -17.26 45.59 -23.26
C LEU A 84 -16.39 45.00 -22.15
N PRO A 85 -16.96 44.14 -21.31
CA PRO A 85 -16.23 43.67 -20.13
C PRO A 85 -15.31 42.51 -20.42
N PHE A 86 -14.20 42.49 -19.68
CA PHE A 86 -13.34 41.32 -19.61
C PHE A 86 -14.13 40.13 -19.07
N ASN A 87 -13.69 38.93 -19.40
CA ASN A 87 -14.36 37.75 -18.89
C ASN A 87 -13.50 36.50 -18.87
N ASP A 88 -12.70 36.32 -17.82
CA ASP A 88 -11.92 35.10 -17.60
C ASP A 88 -10.98 34.77 -18.77
N GLY A 89 -10.25 35.77 -19.23
CA GLY A 89 -9.32 35.61 -20.32
C GLY A 89 -10.00 35.92 -21.63
N VAL A 90 -9.24 36.50 -22.56
CA VAL A 90 -9.81 37.24 -23.68
C VAL A 90 -9.11 36.83 -24.97
N TYR A 91 -9.91 36.68 -26.03
CA TYR A 91 -9.50 36.08 -27.28
C TYR A 91 -10.06 36.95 -28.39
N PHE A 92 -9.28 37.14 -29.45
CA PHE A 92 -9.67 38.10 -30.47
C PHE A 92 -9.06 37.70 -31.81
N ALA A 93 -9.71 38.11 -32.89
CA ALA A 93 -9.06 38.29 -34.17
C ALA A 93 -9.78 39.41 -34.91
N SER A 94 -9.09 40.01 -35.89
CA SER A 94 -9.77 40.93 -36.78
C SER A 94 -9.01 41.11 -38.07
N THR A 95 -9.73 41.59 -39.06
CA THR A 95 -9.22 41.90 -40.38
C THR A 95 -9.48 43.38 -40.67
N GLU A 96 -8.39 44.12 -40.91
CA GLU A 96 -8.43 45.50 -41.36
C GLU A 96 -7.14 45.74 -42.16
N LYS A 97 -7.12 45.17 -43.38
CA LYS A 97 -5.90 44.86 -44.10
C LYS A 97 -5.02 46.07 -44.40
N SER A 98 -5.55 47.29 -44.29
CA SER A 98 -4.75 48.52 -44.27
C SER A 98 -3.93 48.69 -42.97
N ASN A 99 -3.85 47.73 -42.04
CA ASN A 99 -3.51 48.00 -40.65
C ASN A 99 -4.47 49.01 -40.04
N ILE A 100 -5.75 48.91 -40.45
CA ILE A 100 -6.74 49.94 -40.11
C ILE A 100 -7.04 49.94 -38.62
N ILE A 101 -7.01 48.76 -38.00
CA ILE A 101 -7.13 48.66 -36.56
C ILE A 101 -5.89 49.27 -35.93
N ARG A 102 -6.11 50.21 -35.03
CA ARG A 102 -4.99 50.71 -34.23
C ARG A 102 -4.67 49.72 -33.13
N GLY A 103 -5.71 49.24 -32.45
CA GLY A 103 -5.53 48.27 -31.40
C GLY A 103 -6.50 48.46 -30.26
N TRP A 104 -5.99 48.39 -29.04
CA TRP A 104 -6.77 48.07 -27.85
C TRP A 104 -6.39 49.00 -26.72
N ILE A 105 -7.23 49.02 -25.68
CA ILE A 105 -6.86 49.58 -24.38
C ILE A 105 -7.65 48.79 -23.35
N PHE A 106 -7.09 48.66 -22.12
CA PHE A 106 -7.67 47.76 -21.10
C PHE A 106 -7.84 48.42 -19.73
N GLY A 107 -8.96 48.06 -19.07
CA GLY A 107 -9.16 48.26 -17.64
C GLY A 107 -8.80 46.99 -16.89
N THR A 108 -8.45 47.13 -15.61
CA THR A 108 -7.89 46.02 -14.85
C THR A 108 -8.14 46.20 -13.34
N THR A 109 -7.97 45.10 -12.61
CA THR A 109 -8.12 45.04 -11.16
C THR A 109 -9.51 45.43 -10.65
N LEU A 110 -10.53 45.44 -11.51
CA LEU A 110 -11.95 45.64 -11.13
C LEU A 110 -12.28 46.80 -10.22
N GLN A 115 -3.80 51.79 -11.54
CA GLN A 115 -3.97 52.04 -12.97
C GLN A 115 -3.66 50.80 -13.80
N SER A 116 -4.63 50.44 -14.64
CA SER A 116 -4.39 49.48 -15.71
C SER A 116 -3.51 50.11 -16.78
N LEU A 117 -3.20 49.33 -17.81
CA LEU A 117 -2.24 49.71 -18.85
C LEU A 117 -2.82 49.54 -20.24
N LEU A 118 -2.43 50.47 -21.10
CA LEU A 118 -2.82 50.51 -22.51
C LEU A 118 -1.55 50.67 -23.32
N ILE A 119 -1.53 50.05 -24.49
CA ILE A 119 -0.38 50.12 -25.39
C ILE A 119 -0.83 50.51 -26.77
N VAL A 120 0.03 51.26 -27.43
CA VAL A 120 -0.23 51.86 -28.72
C VAL A 120 0.94 51.48 -29.60
N ASN A 121 0.67 51.25 -30.87
CA ASN A 121 1.56 50.51 -31.75
C ASN A 121 1.81 51.30 -33.02
N ASN A 122 3.04 51.16 -33.54
CA ASN A 122 3.44 51.80 -34.78
C ASN A 122 4.67 51.07 -35.29
N ALA A 123 5.07 51.43 -36.51
CA ALA A 123 6.38 51.01 -37.03
C ALA A 123 7.56 51.49 -36.19
N THR A 124 7.37 52.48 -35.31
CA THR A 124 8.38 52.93 -34.38
C THR A 124 7.71 53.30 -33.06
N ASN A 125 8.54 53.34 -32.01
CA ASN A 125 8.18 53.77 -30.64
C ASN A 125 6.94 53.05 -30.10
N VAL A 126 6.77 51.78 -30.48
CA VAL A 126 5.67 50.96 -29.98
C VAL A 126 5.83 50.81 -28.47
N VAL A 127 4.75 51.10 -27.73
CA VAL A 127 4.86 51.45 -26.31
C VAL A 127 3.62 51.00 -25.57
N ILE A 128 3.83 50.61 -24.31
CA ILE A 128 2.76 50.25 -23.38
C ILE A 128 2.94 51.03 -22.09
N LYS A 129 1.83 51.57 -21.60
CA LYS A 129 1.82 52.62 -20.58
C LYS A 129 0.57 52.49 -19.74
N VAL A 130 0.64 52.94 -18.48
CA VAL A 130 -0.48 52.91 -17.55
C VAL A 130 -0.77 54.32 -17.05
N CYS A 131 -2.02 54.76 -17.22
CA CYS A 131 -2.41 56.15 -17.17
C CYS A 131 -3.92 56.21 -16.96
N GLU A 132 -4.41 57.38 -16.55
CA GLU A 132 -5.83 57.69 -16.64
C GLU A 132 -6.24 58.00 -18.08
N PHE A 133 -7.52 57.79 -18.36
CA PHE A 133 -8.11 58.08 -19.66
C PHE A 133 -8.24 59.57 -19.94
N GLN A 134 -7.81 60.01 -21.14
CA GLN A 134 -7.86 61.41 -21.56
C GLN A 134 -8.15 61.55 -23.05
N PHE A 135 -8.64 60.50 -23.70
CA PHE A 135 -8.37 60.29 -25.13
C PHE A 135 -9.67 59.98 -25.88
N CYS A 136 -9.52 59.77 -27.18
CA CYS A 136 -10.53 59.14 -28.03
C CYS A 136 -9.82 58.30 -29.07
N ASN A 137 -10.53 57.30 -29.57
CA ASN A 137 -9.96 56.23 -30.39
C ASN A 137 -9.72 56.61 -31.85
N ASP A 138 -9.98 57.85 -32.25
CA ASP A 138 -10.05 58.23 -33.66
C ASP A 138 -8.68 58.12 -34.34
N PRO A 139 -8.64 58.10 -35.68
CA PRO A 139 -7.41 57.73 -36.38
C PRO A 139 -6.35 58.81 -36.48
N PHE A 140 -6.72 60.08 -36.58
CA PHE A 140 -5.76 61.07 -37.05
C PHE A 140 -4.68 61.44 -36.04
N LEU A 141 -4.69 60.90 -34.83
CA LEU A 141 -3.61 61.15 -33.88
C LEU A 141 -3.46 59.99 -32.90
N CYS A 166 0.01 59.04 -14.55
CA CYS A 166 0.74 57.97 -15.20
C CYS A 166 1.80 57.44 -14.25
N THR A 167 2.07 56.12 -14.29
CA THR A 167 2.82 55.44 -13.24
C THR A 167 3.75 54.33 -13.70
N PHE A 168 3.56 53.72 -14.87
CA PHE A 168 4.46 52.68 -15.35
C PHE A 168 4.41 52.70 -16.87
N GLU A 169 5.48 52.22 -17.51
CA GLU A 169 5.42 51.99 -18.94
C GLU A 169 6.50 51.00 -19.36
N TYR A 170 6.34 50.50 -20.58
CA TYR A 170 7.27 49.58 -21.21
C TYR A 170 7.23 49.82 -22.71
N VAL A 171 8.34 49.53 -23.40
CA VAL A 171 8.53 49.87 -24.81
C VAL A 171 9.20 48.69 -25.51
N SER A 172 8.82 48.48 -26.76
CA SER A 172 9.41 47.45 -27.61
C SER A 172 9.18 47.85 -29.07
N GLN A 173 9.48 46.94 -29.99
CA GLN A 173 9.30 47.19 -31.42
C GLN A 173 7.83 47.30 -31.80
N LYS A 187 -7.79 39.92 -47.57
CA LYS A 187 -7.96 38.78 -46.68
C LYS A 187 -7.00 38.76 -45.49
N ASN A 188 -6.16 39.79 -45.34
CA ASN A 188 -5.17 39.82 -44.27
C ASN A 188 -5.86 39.88 -42.90
N LEU A 189 -5.36 39.05 -41.98
CA LEU A 189 -5.92 38.98 -40.63
C LEU A 189 -4.84 38.57 -39.65
N ARG A 190 -5.00 39.02 -38.41
CA ARG A 190 -4.19 38.56 -37.29
C ARG A 190 -5.10 38.24 -36.13
N GLU A 191 -4.57 37.42 -35.21
CA GLU A 191 -5.28 36.94 -34.05
C GLU A 191 -4.44 37.14 -32.79
N PHE A 192 -5.10 37.45 -31.69
CA PHE A 192 -4.43 37.72 -30.42
C PHE A 192 -5.30 37.23 -29.27
N VAL A 193 -4.64 36.85 -28.18
CA VAL A 193 -5.28 36.35 -26.97
C VAL A 193 -4.34 36.72 -25.83
N PHE A 194 -4.90 36.99 -24.64
CA PHE A 194 -4.20 37.68 -23.56
C PHE A 194 -4.74 37.20 -22.22
N LYS A 195 -3.90 37.25 -21.19
CA LYS A 195 -4.40 37.10 -19.83
C LYS A 195 -3.39 37.59 -18.81
N ASN A 196 -3.90 37.90 -17.61
CA ASN A 196 -3.09 38.06 -16.42
C ASN A 196 -2.51 36.73 -16.02
N ILE A 197 -1.42 36.81 -15.26
CA ILE A 197 -0.64 35.63 -14.89
C ILE A 197 -0.31 35.70 -13.42
N ASP A 198 -1.26 36.19 -12.61
CA ASP A 198 -1.23 36.13 -11.14
C ASP A 198 0.07 36.67 -10.55
N GLY A 199 0.68 37.66 -11.21
CA GLY A 199 2.00 38.13 -10.84
C GLY A 199 2.81 38.50 -12.07
N TYR A 200 2.57 37.80 -13.16
CA TYR A 200 2.91 38.23 -14.50
C TYR A 200 1.66 38.63 -15.28
N PHE A 201 1.86 38.82 -16.57
CA PHE A 201 0.82 38.97 -17.58
C PHE A 201 1.39 38.28 -18.80
N LYS A 202 0.51 37.85 -19.69
CA LYS A 202 0.87 37.00 -20.81
C LYS A 202 0.20 37.52 -22.07
N ILE A 203 0.91 37.39 -23.17
CA ILE A 203 0.57 37.97 -24.46
C ILE A 203 0.82 36.88 -25.48
N TYR A 204 -0.07 36.77 -26.47
CA TYR A 204 0.13 35.82 -27.55
C TYR A 204 -0.44 36.33 -28.84
N SER A 205 0.15 35.89 -29.95
CA SER A 205 -0.31 36.34 -31.25
C SER A 205 0.13 35.41 -32.35
N LYS A 206 -0.61 35.45 -33.45
CA LYS A 206 -0.25 34.85 -34.71
C LYS A 206 -1.05 35.56 -35.78
N HIS A 207 -0.64 35.40 -37.04
CA HIS A 207 -1.35 36.04 -38.13
C HIS A 207 -1.27 35.20 -39.39
N THR A 208 -2.26 35.37 -40.25
CA THR A 208 -2.35 34.63 -41.51
C THR A 208 -3.47 35.22 -42.35
N PRO A 209 -3.28 35.45 -43.66
CA PRO A 209 -4.42 35.89 -44.48
C PRO A 209 -5.40 34.75 -44.76
N ILE A 210 -6.67 35.11 -44.91
CA ILE A 210 -7.70 34.16 -45.28
C ILE A 210 -7.50 33.71 -46.71
N ASP A 215 -15.27 33.31 -42.67
CA ASP A 215 -13.87 33.69 -42.51
C ASP A 215 -13.24 33.18 -41.21
N LEU A 216 -13.96 32.36 -40.45
CA LEU A 216 -13.50 31.91 -39.16
C LEU A 216 -12.27 31.02 -39.29
N PRO A 217 -11.42 30.91 -38.24
CA PRO A 217 -10.35 29.90 -38.27
C PRO A 217 -10.87 28.50 -38.01
N GLN A 218 -11.64 27.98 -38.97
CA GLN A 218 -12.27 26.68 -38.81
C GLN A 218 -11.25 25.56 -38.70
N GLY A 219 -10.28 25.53 -39.60
CA GLY A 219 -9.24 24.51 -39.52
C GLY A 219 -8.17 24.86 -38.50
N PHE A 220 -7.71 23.84 -37.79
CA PHE A 220 -6.67 24.02 -36.79
C PHE A 220 -5.32 24.28 -37.45
N SER A 221 -4.47 25.00 -36.73
CA SER A 221 -3.03 24.97 -36.92
C SER A 221 -2.42 25.54 -35.66
N ALA A 222 -1.11 25.31 -35.48
CA ALA A 222 -0.37 25.77 -34.31
C ALA A 222 -0.52 27.28 -34.12
N LEU A 223 -0.44 27.71 -32.86
CA LEU A 223 -0.89 29.05 -32.50
C LEU A 223 -0.19 29.55 -31.25
N GLU A 224 -0.33 30.86 -31.06
CA GLU A 224 0.10 31.57 -29.86
C GLU A 224 1.53 31.32 -29.38
N PRO A 225 2.54 31.69 -30.16
CA PRO A 225 3.80 32.09 -29.56
C PRO A 225 3.59 33.32 -28.67
N LEU A 226 4.51 33.53 -27.74
CA LEU A 226 4.19 34.22 -26.49
C LEU A 226 4.97 35.50 -26.28
N VAL A 227 4.35 36.39 -25.50
CA VAL A 227 5.00 37.52 -24.85
C VAL A 227 4.35 37.61 -23.49
N ASP A 228 5.01 38.30 -22.57
CA ASP A 228 4.51 38.35 -21.22
C ASP A 228 4.99 39.62 -20.55
N LEU A 229 4.32 39.95 -19.44
CA LEU A 229 4.53 41.19 -18.73
C LEU A 229 4.48 40.89 -17.23
N PRO A 230 4.86 41.83 -16.37
CA PRO A 230 4.43 41.75 -14.98
C PRO A 230 2.92 41.86 -14.88
N ILE A 231 2.39 41.36 -13.78
CA ILE A 231 0.99 41.61 -13.48
C ILE A 231 0.92 43.06 -13.06
N THR A 236 -9.96 43.68 -16.61
CA THR A 236 -11.25 44.05 -16.06
C THR A 236 -12.19 44.65 -17.11
N ARG A 237 -11.61 45.33 -18.10
CA ARG A 237 -12.40 46.07 -19.08
C ARG A 237 -11.54 46.22 -20.31
N PHE A 238 -12.17 46.59 -21.43
CA PHE A 238 -11.39 46.84 -22.64
C PHE A 238 -12.06 47.86 -23.55
N GLN A 239 -11.22 48.46 -24.39
CA GLN A 239 -11.64 49.39 -25.44
C GLN A 239 -10.62 49.28 -26.58
N THR A 240 -10.81 50.07 -27.64
CA THR A 240 -10.01 49.92 -28.84
C THR A 240 -9.99 51.21 -29.66
N LEU A 241 -9.11 51.24 -30.66
CA LEU A 241 -8.99 52.40 -31.51
C LEU A 241 -8.55 52.03 -32.91
N LEU A 242 -8.77 52.96 -33.84
CA LEU A 242 -8.39 52.83 -35.24
C LEU A 242 -8.48 54.20 -35.90
N ALA A 262 -17.05 48.69 -43.06
CA ALA A 262 -15.91 48.63 -43.97
C ALA A 262 -14.73 47.78 -43.45
N ALA A 263 -14.87 47.16 -42.28
CA ALA A 263 -13.83 46.30 -41.72
C ALA A 263 -14.48 45.27 -40.80
N ALA A 264 -13.69 44.25 -40.45
CA ALA A 264 -14.20 43.06 -39.78
C ALA A 264 -13.42 42.77 -38.51
N TYR A 265 -14.14 42.31 -37.48
CA TYR A 265 -13.53 41.94 -36.22
C TYR A 265 -14.30 40.80 -35.55
N TYR A 266 -13.60 40.12 -34.64
CA TYR A 266 -14.07 38.95 -33.91
C TYR A 266 -13.62 39.03 -32.46
N VAL A 267 -14.46 38.54 -31.54
CA VAL A 267 -14.18 38.63 -30.11
C VAL A 267 -14.55 37.33 -29.41
N GLY A 268 -13.74 36.93 -28.43
CA GLY A 268 -14.05 35.80 -27.58
C GLY A 268 -13.29 35.81 -26.26
N TYR A 269 -13.48 34.73 -25.49
CA TYR A 269 -12.95 34.56 -24.14
C TYR A 269 -12.50 33.11 -23.94
N LEU A 270 -11.71 32.87 -22.89
CA LEU A 270 -11.25 31.53 -22.49
C LEU A 270 -12.05 30.98 -21.33
N GLN A 271 -11.83 29.69 -21.02
CA GLN A 271 -12.37 29.04 -19.84
C GLN A 271 -11.44 27.94 -19.35
N PRO A 272 -11.49 27.58 -18.06
CA PRO A 272 -10.77 26.39 -17.59
C PRO A 272 -11.24 25.13 -18.32
N ARG A 273 -10.27 24.32 -18.76
CA ARG A 273 -10.59 23.11 -19.51
C ARG A 273 -9.42 22.14 -19.39
N THR A 274 -9.42 21.13 -20.26
CA THR A 274 -8.31 20.19 -20.36
C THR A 274 -8.19 19.70 -21.80
N PHE A 275 -6.95 19.50 -22.23
CA PHE A 275 -6.62 19.14 -23.60
C PHE A 275 -5.47 18.16 -23.64
N LEU A 276 -5.46 17.36 -24.70
CA LEU A 276 -4.31 16.56 -25.10
C LEU A 276 -3.69 17.19 -26.34
N LEU A 277 -2.38 17.37 -26.30
CA LEU A 277 -1.62 17.86 -27.45
C LEU A 277 -1.26 16.74 -28.42
N LYS A 278 -1.00 17.15 -29.66
CA LYS A 278 -0.39 16.33 -30.70
C LYS A 278 0.62 17.22 -31.42
N TYR A 279 1.55 16.58 -32.11
CA TYR A 279 2.85 17.20 -32.32
C TYR A 279 3.35 17.08 -33.74
N ASN A 280 4.24 18.00 -34.07
CA ASN A 280 5.29 17.82 -35.05
C ASN A 280 6.58 17.55 -34.29
N GLU A 281 7.37 16.60 -34.79
CA GLU A 281 8.53 16.07 -34.06
C GLU A 281 9.63 17.10 -33.81
N ASN A 282 9.53 18.33 -34.33
CA ASN A 282 10.22 19.49 -33.79
C ASN A 282 9.91 19.86 -32.34
N GLY A 283 8.97 19.18 -31.69
CA GLY A 283 8.50 19.59 -30.39
C GLY A 283 7.55 20.75 -30.42
N THR A 284 6.83 20.92 -31.53
CA THR A 284 5.77 21.90 -31.68
C THR A 284 4.45 21.17 -31.59
N ILE A 285 3.51 21.75 -30.85
CA ILE A 285 2.20 21.13 -30.70
C ILE A 285 1.42 21.38 -32.00
N THR A 286 1.66 20.54 -33.00
CA THR A 286 0.98 20.65 -34.27
C THR A 286 -0.52 20.35 -34.20
N ASP A 287 -0.99 19.70 -33.15
CA ASP A 287 -2.41 19.32 -33.06
C ASP A 287 -2.81 19.27 -31.59
N ALA A 288 -4.12 19.27 -31.35
CA ALA A 288 -4.63 19.13 -30.00
C ALA A 288 -6.03 18.52 -30.02
N VAL A 289 -6.39 17.88 -28.90
CA VAL A 289 -7.73 17.33 -28.67
C VAL A 289 -8.19 17.76 -27.29
N ASP A 290 -9.43 18.25 -27.20
CA ASP A 290 -10.02 18.63 -25.94
C ASP A 290 -10.58 17.44 -25.19
N CYS A 291 -10.39 17.45 -23.88
CA CYS A 291 -11.15 16.58 -23.00
C CYS A 291 -12.59 17.05 -22.86
N ALA A 292 -12.79 18.36 -22.75
CA ALA A 292 -14.05 18.88 -22.24
C ALA A 292 -15.19 18.78 -23.26
N LEU A 293 -14.91 19.06 -24.54
CA LEU A 293 -15.99 19.46 -25.43
C LEU A 293 -16.81 18.31 -26.01
N ASP A 294 -16.53 17.05 -25.70
CA ASP A 294 -17.51 16.03 -25.99
C ASP A 294 -17.24 14.81 -25.12
N PRO A 295 -18.24 13.95 -24.90
CA PRO A 295 -17.95 12.68 -24.25
C PRO A 295 -17.00 11.84 -25.06
N LEU A 296 -17.14 11.89 -26.38
CA LEU A 296 -16.17 11.24 -27.24
C LEU A 296 -14.81 11.87 -27.08
N SER A 297 -14.79 13.21 -27.06
CA SER A 297 -13.59 13.97 -26.73
C SER A 297 -13.00 13.53 -25.41
N GLU A 298 -13.86 13.44 -24.39
CA GLU A 298 -13.45 12.94 -23.09
C GLU A 298 -12.86 11.54 -23.17
N THR A 299 -13.50 10.66 -23.94
CA THR A 299 -13.00 9.30 -24.10
C THR A 299 -11.60 9.29 -24.66
N LYS A 300 -11.42 9.95 -25.79
CA LYS A 300 -10.11 10.03 -26.45
C LYS A 300 -9.07 10.63 -25.53
N CYS A 301 -9.40 11.76 -24.94
CA CYS A 301 -8.48 12.49 -24.09
C CYS A 301 -8.15 11.73 -22.83
N THR A 302 -9.07 10.93 -22.31
CA THR A 302 -8.77 10.09 -21.16
C THR A 302 -7.88 8.92 -21.52
N LEU A 303 -8.15 8.26 -22.65
CA LEU A 303 -7.28 7.16 -23.05
C LEU A 303 -5.92 7.59 -23.56
N LYS A 304 -5.70 8.89 -23.76
CA LYS A 304 -4.37 9.42 -24.10
C LYS A 304 -3.82 8.86 -25.41
N SER A 305 -4.69 8.70 -26.40
CA SER A 305 -4.24 8.41 -27.75
C SER A 305 -5.23 9.02 -28.73
N PHE A 306 -4.71 9.40 -29.89
CA PHE A 306 -5.52 10.13 -30.86
C PHE A 306 -6.44 9.25 -31.69
N THR A 307 -6.31 7.94 -31.63
CA THR A 307 -7.35 7.09 -32.19
C THR A 307 -7.39 5.77 -31.43
N VAL A 308 -8.58 5.16 -31.43
CA VAL A 308 -8.88 3.95 -30.68
C VAL A 308 -9.76 3.06 -31.54
N GLU A 309 -9.63 1.75 -31.34
CA GLU A 309 -10.44 0.77 -32.04
C GLU A 309 -11.90 0.81 -31.57
N LYS A 310 -12.75 0.18 -32.36
CA LYS A 310 -14.13 -0.05 -31.98
C LYS A 310 -14.19 -0.91 -30.72
N GLY A 311 -15.02 -0.52 -29.76
CA GLY A 311 -15.06 -1.23 -28.51
C GLY A 311 -15.85 -0.48 -27.46
N ILE A 312 -15.73 -1.01 -26.23
CA ILE A 312 -16.31 -0.44 -25.02
C ILE A 312 -15.19 -0.10 -24.05
N TYR A 313 -15.34 1.03 -23.37
CA TYR A 313 -14.31 1.59 -22.50
C TYR A 313 -15.01 2.22 -21.31
N GLN A 314 -14.38 2.12 -20.14
CA GLN A 314 -14.84 2.84 -18.98
C GLN A 314 -14.59 4.32 -19.19
N THR A 315 -15.65 5.13 -19.11
CA THR A 315 -15.55 6.53 -19.47
C THR A 315 -15.17 7.41 -18.28
N SER A 316 -15.98 7.42 -17.23
CA SER A 316 -15.64 8.17 -16.03
C SER A 316 -16.51 7.71 -14.89
N ASN A 317 -16.13 8.12 -13.68
CA ASN A 317 -17.08 8.27 -12.59
C ASN A 317 -18.08 9.38 -12.87
N PHE A 318 -19.20 9.34 -12.13
CA PHE A 318 -20.16 10.43 -12.11
C PHE A 318 -20.79 10.45 -10.73
N ARG A 319 -21.39 11.58 -10.39
CA ARG A 319 -22.32 11.61 -9.27
C ARG A 319 -23.45 12.57 -9.57
N VAL A 320 -24.63 12.21 -9.09
CA VAL A 320 -25.73 13.15 -8.99
C VAL A 320 -25.37 14.19 -7.95
N GLN A 321 -25.22 15.43 -8.37
CA GLN A 321 -24.99 16.50 -7.42
C GLN A 321 -26.23 16.68 -6.53
N PRO A 322 -26.05 17.02 -5.25
CA PRO A 322 -27.22 17.24 -4.38
C PRO A 322 -28.06 18.41 -4.86
N THR A 323 -29.37 18.29 -4.70
CA THR A 323 -30.24 19.38 -5.10
C THR A 323 -30.03 20.61 -4.22
N GLU A 324 -29.93 20.43 -2.91
CA GLU A 324 -29.66 21.56 -2.02
C GLU A 324 -29.10 21.01 -0.70
N SER A 325 -29.13 21.84 0.36
CA SER A 325 -28.61 21.49 1.68
C SER A 325 -29.60 21.87 2.77
N ILE A 326 -29.70 21.03 3.80
CA ILE A 326 -30.42 21.32 5.03
C ILE A 326 -29.54 21.03 6.24
N VAL A 327 -29.78 21.75 7.33
CA VAL A 327 -29.06 21.57 8.58
C VAL A 327 -30.04 21.65 9.74
N ARG A 328 -30.61 20.50 10.09
CA ARG A 328 -31.56 20.37 11.19
C ARG A 328 -30.83 20.22 12.53
N PHE A 329 -30.20 21.32 12.94
CA PHE A 329 -29.64 21.60 14.28
C PHE A 329 -30.69 21.68 15.38
N PRO A 330 -30.31 21.83 16.66
CA PRO A 330 -31.29 21.84 17.75
C PRO A 330 -32.40 22.87 17.63
N ASN A 331 -33.43 22.61 18.43
CA ASN A 331 -34.71 23.28 18.41
C ASN A 331 -34.80 24.46 19.40
N ILE A 332 -33.74 24.73 20.16
CA ILE A 332 -33.74 25.70 21.26
C ILE A 332 -32.43 26.50 21.22
N THR A 333 -32.41 27.64 21.95
CA THR A 333 -31.26 28.54 21.93
C THR A 333 -31.04 29.29 23.25
N ASN A 334 -31.40 28.70 24.38
CA ASN A 334 -31.20 29.32 25.69
C ASN A 334 -29.74 29.67 25.97
N LEU A 335 -29.53 30.89 26.48
CA LEU A 335 -28.20 31.45 26.68
C LEU A 335 -27.39 30.62 27.65
N CYS A 336 -26.24 30.13 27.22
CA CYS A 336 -25.27 29.61 28.17
C CYS A 336 -24.72 30.72 29.06
N PRO A 337 -24.52 30.47 30.37
CA PRO A 337 -24.18 31.54 31.32
C PRO A 337 -22.70 31.89 31.33
N PHE A 338 -22.04 31.99 30.17
CA PHE A 338 -20.61 32.25 30.19
C PHE A 338 -20.30 33.62 30.78
N GLY A 339 -21.21 34.56 30.60
CA GLY A 339 -21.23 35.83 31.30
C GLY A 339 -21.44 35.76 32.79
N GLU A 340 -21.60 34.56 33.34
CA GLU A 340 -21.39 34.19 34.71
C GLU A 340 -20.08 33.46 34.88
N VAL A 341 -19.85 32.47 34.02
CA VAL A 341 -18.68 31.60 34.12
C VAL A 341 -17.40 32.41 34.18
N PHE A 342 -17.30 33.45 33.36
CA PHE A 342 -16.08 34.26 33.31
C PHE A 342 -16.15 35.50 34.17
N ASN A 343 -17.13 35.60 35.06
CA ASN A 343 -17.62 36.91 35.51
C ASN A 343 -17.88 37.05 36.99
N ALA A 344 -18.10 35.98 37.75
CA ALA A 344 -18.00 36.02 39.22
C ALA A 344 -16.53 36.20 39.56
N THR A 345 -16.05 37.44 39.46
CA THR A 345 -14.63 37.77 39.39
C THR A 345 -13.90 37.56 40.72
N ARG A 346 -14.60 37.14 41.77
CA ARG A 346 -14.01 36.38 42.85
C ARG A 346 -13.68 34.96 42.35
N PHE A 347 -12.60 34.86 41.57
CA PHE A 347 -12.37 33.71 40.70
C PHE A 347 -11.72 32.55 41.44
N ALA A 348 -11.86 31.36 40.84
CA ALA A 348 -11.48 30.10 41.47
C ALA A 348 -9.99 30.01 41.77
N SER A 349 -9.66 29.21 42.77
CA SER A 349 -8.29 28.84 43.10
C SER A 349 -7.81 27.68 42.25
N VAL A 350 -6.49 27.62 42.06
CA VAL A 350 -5.90 26.50 41.34
C VAL A 350 -5.71 25.28 42.23
N TYR A 351 -5.33 25.47 43.49
CA TYR A 351 -5.62 24.49 44.51
C TYR A 351 -7.12 24.25 44.65
N ALA A 352 -7.51 22.97 44.82
CA ALA A 352 -8.92 22.57 44.87
C ALA A 352 -9.67 23.08 43.64
N TRP A 353 -9.02 22.92 42.49
CA TRP A 353 -9.45 23.49 41.21
C TRP A 353 -10.91 23.28 40.87
N ASN A 354 -11.52 24.37 40.38
CA ASN A 354 -12.91 24.33 40.00
C ASN A 354 -13.11 23.52 38.73
N ARG A 355 -14.12 22.67 38.76
CA ARG A 355 -14.80 22.19 37.56
C ARG A 355 -16.22 22.75 37.56
N LYS A 356 -16.65 23.27 36.43
CA LYS A 356 -18.07 23.43 36.14
C LYS A 356 -18.43 22.58 34.94
N ARG A 357 -19.66 22.05 34.96
CA ARG A 357 -20.25 21.36 33.82
C ARG A 357 -21.34 22.26 33.24
N ILE A 358 -21.28 22.48 31.93
CA ILE A 358 -22.25 23.29 31.19
C ILE A 358 -22.99 22.38 30.24
N SER A 359 -24.32 22.52 30.20
CA SER A 359 -25.15 21.60 29.43
C SER A 359 -26.44 22.28 29.00
N ASN A 360 -27.05 21.68 27.98
CA ASN A 360 -28.37 22.05 27.46
C ASN A 360 -28.56 23.55 27.16
N CYS A 361 -27.66 24.11 26.35
CA CYS A 361 -27.71 25.55 26.08
C CYS A 361 -26.96 25.88 24.80
N VAL A 362 -27.12 27.13 24.38
CA VAL A 362 -26.37 27.74 23.27
C VAL A 362 -25.91 29.13 23.72
N ALA A 363 -24.71 29.53 23.29
CA ALA A 363 -24.31 30.94 23.30
C ALA A 363 -23.41 31.24 22.13
N ASP A 364 -23.25 32.51 21.82
CA ASP A 364 -22.09 32.91 21.07
C ASP A 364 -20.88 32.73 21.96
N TYR A 365 -20.00 31.85 21.54
CA TYR A 365 -18.72 31.62 22.22
C TYR A 365 -17.59 32.43 21.63
N SER A 366 -17.67 32.78 20.35
CA SER A 366 -16.68 33.63 19.69
C SER A 366 -16.47 34.96 20.38
N VAL A 367 -17.48 35.45 21.10
CA VAL A 367 -17.44 36.44 22.18
C VAL A 367 -16.09 36.50 22.90
N LEU A 368 -15.54 35.35 23.28
CA LEU A 368 -14.27 35.35 23.99
C LEU A 368 -13.15 35.86 23.10
N TYR A 369 -12.94 35.20 21.95
CA TYR A 369 -12.06 35.74 20.91
C TYR A 369 -12.70 36.89 20.07
N ASN A 370 -13.69 37.59 20.61
CA ASN A 370 -14.12 38.89 20.14
C ASN A 370 -13.88 39.96 21.20
N SER A 371 -13.14 39.65 22.28
CA SER A 371 -12.65 40.66 23.22
C SER A 371 -11.20 40.36 23.59
N ALA A 372 -10.32 41.33 23.34
CA ALA A 372 -8.88 41.18 23.54
C ALA A 372 -8.50 41.02 25.01
N SER A 373 -9.39 41.38 25.94
CA SER A 373 -9.18 41.10 27.35
C SER A 373 -9.00 39.61 27.64
N PHE A 374 -9.65 38.75 26.88
CA PHE A 374 -9.29 37.34 26.83
C PHE A 374 -8.00 37.22 26.02
N SER A 375 -6.89 37.14 26.75
CA SER A 375 -5.59 37.50 26.22
C SER A 375 -4.97 36.41 25.34
N THR A 376 -5.05 35.15 25.77
CA THR A 376 -4.38 34.07 25.05
C THR A 376 -5.19 32.83 25.20
N PHE A 377 -4.96 31.90 24.28
CA PHE A 377 -5.76 30.69 24.10
C PHE A 377 -4.86 29.65 23.47
N LYS A 378 -5.29 28.40 23.56
CA LYS A 378 -4.68 27.36 22.73
C LYS A 378 -5.71 26.23 22.64
N CYS A 379 -6.15 25.93 21.43
CA CYS A 379 -7.25 25.02 21.15
C CYS A 379 -6.77 23.78 20.41
N TYR A 380 -7.53 22.68 20.56
CA TYR A 380 -7.12 21.35 20.13
C TYR A 380 -8.23 20.66 19.34
N GLY A 381 -8.05 20.56 18.03
CA GLY A 381 -8.93 19.80 17.17
C GLY A 381 -9.95 20.55 16.33
N VAL A 382 -9.81 21.86 16.16
CA VAL A 382 -10.83 22.63 15.46
C VAL A 382 -10.22 23.85 14.79
N SER A 383 -10.87 24.29 13.73
CA SER A 383 -10.79 25.67 13.30
C SER A 383 -11.72 26.54 14.16
N PRO A 384 -11.21 27.36 15.10
CA PRO A 384 -12.06 27.91 16.17
C PRO A 384 -13.25 28.72 15.75
N THR A 385 -13.19 29.39 14.59
CA THR A 385 -14.34 30.10 14.04
C THR A 385 -15.56 29.20 13.92
N LYS A 386 -15.34 27.93 13.64
CA LYS A 386 -16.42 26.97 13.46
C LYS A 386 -17.03 26.49 14.76
N LEU A 387 -16.45 26.83 15.92
CA LEU A 387 -16.99 26.38 17.21
C LEU A 387 -18.43 26.81 17.39
N ASN A 388 -18.76 28.03 16.95
CA ASN A 388 -20.12 28.52 16.91
C ASN A 388 -20.99 27.85 15.83
N ASP A 389 -20.46 26.88 15.06
CA ASP A 389 -21.11 26.24 13.93
C ASP A 389 -21.18 24.72 14.09
N LEU A 390 -20.93 24.20 15.29
CA LEU A 390 -20.72 22.78 15.56
C LEU A 390 -21.55 22.38 16.76
N CYS A 391 -21.57 21.07 17.06
CA CYS A 391 -22.40 20.51 18.12
C CYS A 391 -21.59 19.56 18.99
N PHE A 392 -21.97 19.48 20.27
CA PHE A 392 -21.17 18.84 21.31
C PHE A 392 -22.05 18.15 22.33
N THR A 393 -21.55 17.01 22.81
CA THR A 393 -22.30 16.16 23.75
C THR A 393 -22.55 16.87 25.07
N ASN A 394 -21.51 17.45 25.65
CA ASN A 394 -21.55 18.08 26.96
C ASN A 394 -20.27 18.90 27.08
N VAL A 395 -20.24 19.81 28.05
CA VAL A 395 -19.09 20.66 28.31
C VAL A 395 -18.67 20.58 29.76
N TYR A 396 -17.35 20.57 29.99
CA TYR A 396 -16.74 20.93 31.26
C TYR A 396 -16.08 22.29 31.13
N ALA A 397 -16.40 23.21 32.06
CA ALA A 397 -15.71 24.49 32.18
C ALA A 397 -14.90 24.47 33.48
N ASP A 398 -13.61 24.26 33.32
CA ASP A 398 -12.66 24.08 34.42
C ASP A 398 -11.74 25.29 34.44
N SER A 399 -11.58 25.92 35.62
CA SER A 399 -11.11 27.29 35.66
C SER A 399 -10.40 27.57 36.97
N PHE A 400 -9.52 28.58 36.93
CA PHE A 400 -8.72 28.94 38.09
C PHE A 400 -8.00 30.26 37.81
N VAL A 401 -7.53 30.89 38.88
CA VAL A 401 -6.40 31.83 38.82
C VAL A 401 -5.09 31.06 38.79
N ILE A 402 -4.12 31.55 38.01
CA ILE A 402 -2.79 30.96 37.98
C ILE A 402 -1.75 32.04 37.68
N ARG A 403 -0.50 31.75 38.05
CA ARG A 403 0.66 32.50 37.63
C ARG A 403 0.79 32.49 36.11
N GLY A 404 1.19 33.63 35.54
CA GLY A 404 1.29 33.77 34.09
C GLY A 404 2.21 32.79 33.38
N ASP A 405 3.13 32.15 34.09
CA ASP A 405 4.05 31.17 33.51
C ASP A 405 3.44 29.80 33.24
N GLU A 406 2.17 29.58 33.60
CA GLU A 406 1.55 28.25 33.58
C GLU A 406 1.64 27.55 32.23
N VAL A 407 1.65 28.32 31.14
CA VAL A 407 1.86 27.77 29.79
C VAL A 407 3.15 26.98 29.67
N ARG A 408 4.16 27.30 30.49
CA ARG A 408 5.40 26.56 30.50
C ARG A 408 5.30 25.19 31.15
N GLN A 409 4.13 24.76 31.66
CA GLN A 409 3.98 23.43 32.24
C GLN A 409 2.62 22.76 32.04
N ILE A 410 1.53 23.50 31.81
CA ILE A 410 0.20 22.93 31.66
C ILE A 410 -0.17 22.71 30.20
N ALA A 411 0.33 21.63 29.61
CA ALA A 411 -0.15 21.16 28.31
C ALA A 411 0.27 19.71 28.15
N PRO A 412 -0.33 18.98 27.20
CA PRO A 412 0.14 17.61 26.93
C PRO A 412 1.62 17.59 26.56
N GLY A 413 2.34 16.66 27.18
CA GLY A 413 3.78 16.56 27.01
C GLY A 413 4.60 17.49 27.86
N GLN A 414 3.99 18.52 28.46
CA GLN A 414 4.69 19.37 29.41
C GLN A 414 4.70 18.70 30.78
N THR A 415 5.44 19.30 31.71
CA THR A 415 5.44 18.86 33.10
C THR A 415 5.76 20.05 33.99
N GLY A 416 5.42 19.92 35.26
CA GLY A 416 5.58 20.98 36.24
C GLY A 416 4.49 20.88 37.28
N LYS A 417 4.78 21.52 38.43
CA LYS A 417 4.06 21.30 39.70
C LYS A 417 2.54 21.38 39.57
N ILE A 418 2.05 22.25 38.68
CA ILE A 418 0.63 22.28 38.37
C ILE A 418 0.25 20.99 37.67
N ALA A 419 0.85 20.76 36.51
CA ALA A 419 0.61 19.57 35.69
C ALA A 419 1.10 18.29 36.35
N ASP A 420 1.89 18.39 37.42
CA ASP A 420 2.28 17.24 38.23
C ASP A 420 1.23 16.94 39.29
N TYR A 421 0.83 17.94 40.08
CA TYR A 421 0.28 17.73 41.41
C TYR A 421 -1.00 18.51 41.68
N ASN A 422 -1.44 19.35 40.75
CA ASN A 422 -2.74 20.00 40.76
C ASN A 422 -3.65 19.40 39.70
N TYR A 423 -3.07 19.00 38.56
CA TYR A 423 -3.82 18.59 37.37
C TYR A 423 -2.92 17.66 36.59
N LYS A 424 -3.53 17.04 35.59
CA LYS A 424 -2.81 16.28 34.59
C LYS A 424 -3.72 16.28 33.38
N LEU A 425 -3.13 16.03 32.22
CA LEU A 425 -3.80 16.09 30.94
C LEU A 425 -3.56 14.80 30.16
N PRO A 426 -4.53 14.28 29.41
CA PRO A 426 -4.23 13.17 28.50
C PRO A 426 -3.72 13.70 27.18
N ASP A 427 -3.05 12.81 26.45
CA ASP A 427 -2.77 13.08 25.04
C ASP A 427 -4.06 13.20 24.24
N ASP A 428 -5.13 12.54 24.67
CA ASP A 428 -6.43 12.58 24.02
C ASP A 428 -7.17 13.87 24.21
N PHE A 429 -6.62 14.94 24.80
CA PHE A 429 -7.41 16.14 25.05
C PHE A 429 -7.97 16.71 23.75
N THR A 430 -9.18 17.26 23.86
CA THR A 430 -9.71 18.17 22.87
C THR A 430 -10.51 19.20 23.63
N GLY A 431 -10.52 20.43 23.11
CA GLY A 431 -10.97 21.60 23.81
C GLY A 431 -10.00 22.75 23.64
N CYS A 432 -10.15 23.76 24.50
CA CYS A 432 -9.28 24.92 24.46
C CYS A 432 -9.10 25.53 25.84
N VAL A 433 -7.92 26.08 26.07
CA VAL A 433 -7.61 26.96 27.19
C VAL A 433 -7.91 28.40 26.84
N ILE A 434 -8.27 29.18 27.86
CA ILE A 434 -8.52 30.62 27.78
C ILE A 434 -7.84 31.28 28.96
N ALA A 435 -7.27 32.48 28.76
CA ALA A 435 -6.70 33.27 29.84
C ALA A 435 -7.04 34.75 29.69
N TRP A 436 -7.01 35.46 30.81
CA TRP A 436 -7.11 36.91 30.83
C TRP A 436 -6.33 37.42 32.01
N ASN A 437 -5.81 38.62 31.87
CA ASN A 437 -4.73 39.11 32.74
C ASN A 437 -5.28 39.74 34.01
N SER A 438 -5.65 38.87 34.96
CA SER A 438 -6.14 39.28 36.29
C SER A 438 -5.10 40.02 37.15
N ASN A 439 -3.84 40.14 36.69
CA ASN A 439 -2.85 41.00 37.34
C ASN A 439 -3.28 42.45 37.45
N ASN A 440 -4.13 42.94 36.56
CA ASN A 440 -4.67 44.28 36.65
C ASN A 440 -5.80 44.45 37.65
N LEU A 441 -6.35 43.35 38.17
CA LEU A 441 -7.61 43.35 38.90
C LEU A 441 -7.48 42.43 40.11
N ASP A 442 -7.61 41.13 39.91
CA ASP A 442 -7.43 40.14 40.97
C ASP A 442 -5.97 39.99 41.38
N SER A 443 -5.38 41.07 41.92
CA SER A 443 -3.96 41.07 42.25
C SER A 443 -3.75 42.20 43.28
N LYS A 444 -3.90 41.83 44.56
CA LYS A 444 -3.70 42.78 45.65
C LYS A 444 -2.23 43.15 45.78
N VAL A 445 -1.98 44.39 46.20
CA VAL A 445 -0.64 44.96 46.18
C VAL A 445 0.33 44.17 47.06
N GLY A 446 -0.14 43.71 48.22
CA GLY A 446 0.68 42.83 49.03
C GLY A 446 0.68 41.43 48.48
N GLY A 447 -0.49 40.98 48.04
CA GLY A 447 -0.67 39.67 47.43
C GLY A 447 -1.86 38.95 48.02
N ASN A 448 -2.67 38.35 47.16
CA ASN A 448 -3.69 37.40 47.57
C ASN A 448 -3.07 36.02 47.80
N TYR A 449 -2.25 35.95 48.86
CA TYR A 449 -1.65 34.68 49.28
C TYR A 449 -2.66 33.62 49.68
N ASN A 450 -3.93 33.97 49.86
CA ASN A 450 -5.02 33.02 50.00
C ASN A 450 -5.09 32.06 48.81
N TYR A 451 -4.75 32.52 47.61
CA TYR A 451 -4.64 31.60 46.50
C TYR A 451 -3.38 30.77 46.65
N LEU A 452 -3.52 29.47 46.39
CA LEU A 452 -2.51 28.47 46.72
C LEU A 452 -2.43 27.44 45.60
N TYR A 453 -1.30 26.73 45.57
CA TYR A 453 -1.15 25.53 44.76
C TYR A 453 -0.36 24.48 45.51
N ARG A 454 -0.65 23.22 45.19
CA ARG A 454 0.21 22.12 45.60
C ARG A 454 1.54 22.18 44.87
N LEU A 455 2.60 22.43 45.63
CA LEU A 455 3.95 22.41 45.10
C LEU A 455 4.54 21.02 45.02
N PHE A 456 4.13 20.10 45.90
CA PHE A 456 4.67 18.75 45.95
C PHE A 456 3.59 17.71 46.23
N ARG A 457 3.83 16.52 45.69
CA ARG A 457 3.04 15.34 46.02
C ARG A 457 3.98 14.14 45.89
N LYS A 458 3.59 13.05 46.51
CA LYS A 458 4.35 11.81 46.40
C LYS A 458 4.43 11.29 44.97
N SER A 459 3.44 11.60 44.12
CA SER A 459 3.51 11.22 42.72
C SER A 459 2.68 12.20 41.89
N ASN A 460 3.01 12.23 40.60
CA ASN A 460 2.22 13.03 39.67
C ASN A 460 0.81 12.46 39.56
N LEU A 461 -0.16 13.36 39.41
CA LEU A 461 -1.55 12.95 39.27
C LEU A 461 -1.82 12.25 37.95
N LYS A 462 -2.85 11.41 37.98
CA LYS A 462 -3.49 10.94 36.78
C LYS A 462 -4.23 12.10 36.11
N PRO A 463 -4.56 11.98 34.82
CA PRO A 463 -5.35 13.03 34.16
C PRO A 463 -6.70 13.26 34.83
N PHE A 464 -7.05 14.54 34.95
CA PHE A 464 -8.27 15.02 35.60
C PHE A 464 -8.40 14.65 37.08
N GLU A 465 -7.33 14.20 37.72
CA GLU A 465 -7.40 13.92 39.15
C GLU A 465 -7.57 15.23 39.94
N ARG A 466 -8.26 15.13 41.07
CA ARG A 466 -8.32 16.19 42.05
C ARG A 466 -8.16 15.61 43.45
N ASP A 467 -7.37 16.28 44.27
CA ASP A 467 -6.95 15.76 45.57
C ASP A 467 -6.65 16.96 46.47
N ILE A 468 -7.42 17.13 47.53
CA ILE A 468 -7.39 18.32 48.38
C ILE A 468 -6.90 17.85 49.75
N SER A 469 -5.73 18.36 50.16
CA SER A 469 -5.11 18.02 51.44
C SER A 469 -3.82 18.82 51.65
N THR A 470 -3.55 19.19 52.91
CA THR A 470 -2.32 19.86 53.32
C THR A 470 -1.27 18.90 53.87
N GLU A 471 -1.44 17.59 53.69
CA GLU A 471 -0.64 16.57 54.36
C GLU A 471 0.86 16.72 54.10
N ILE A 472 1.62 16.89 55.19
CA ILE A 472 3.06 16.82 55.11
C ILE A 472 3.45 15.42 54.66
N TYR A 473 4.36 15.35 53.69
CA TYR A 473 4.77 14.12 53.03
C TYR A 473 6.24 13.90 53.29
N GLN A 474 6.62 12.64 53.49
CA GLN A 474 8.03 12.28 53.49
C GLN A 474 8.59 12.41 52.07
N ALA A 475 9.61 13.25 51.92
CA ALA A 475 10.24 13.49 50.62
C ALA A 475 11.30 12.42 50.37
N GLY A 476 10.94 11.44 49.54
CA GLY A 476 11.86 10.39 49.14
C GLY A 476 12.44 9.56 50.26
N SER A 477 11.70 9.39 51.35
CA SER A 477 12.28 8.99 52.63
C SER A 477 11.37 7.99 53.34
N THR A 478 11.96 7.35 54.36
CA THR A 478 11.30 6.47 55.31
C THR A 478 10.08 7.15 55.91
N PRO A 479 9.04 6.40 56.37
CA PRO A 479 7.79 7.02 56.81
C PRO A 479 7.96 8.08 57.89
N CYS A 480 7.39 9.25 57.61
CA CYS A 480 7.66 10.47 58.35
C CYS A 480 6.63 10.77 59.44
N ASN A 481 5.44 10.15 59.38
CA ASN A 481 4.28 10.49 60.22
C ASN A 481 3.81 11.94 60.03
N GLY A 482 4.12 12.57 58.90
CA GLY A 482 3.54 13.87 58.61
C GLY A 482 4.04 15.04 59.43
N VAL A 483 5.27 14.96 59.97
CA VAL A 483 5.91 16.06 60.69
C VAL A 483 7.09 16.54 59.85
N GLU A 484 7.05 17.82 59.48
CA GLU A 484 8.05 18.37 58.59
C GLU A 484 9.45 18.32 59.21
N GLY A 485 10.43 18.03 58.38
CA GLY A 485 11.79 17.83 58.85
C GLY A 485 12.79 17.91 57.72
N PHE A 486 13.93 17.25 57.94
CA PHE A 486 15.06 17.28 57.00
C PHE A 486 14.65 16.86 55.59
N ASN A 487 13.80 15.84 55.48
CA ASN A 487 13.48 15.18 54.21
C ASN A 487 11.98 14.90 54.13
N CYS A 488 11.18 15.80 54.71
CA CYS A 488 9.75 15.60 54.82
C CYS A 488 9.18 16.99 55.03
N TYR A 489 8.19 17.38 54.22
CA TYR A 489 7.87 18.79 54.02
C TYR A 489 6.38 19.00 53.79
N PHE A 490 5.97 20.24 54.04
CA PHE A 490 4.65 20.73 53.67
C PHE A 490 4.52 20.82 52.14
N PRO A 491 3.37 20.40 51.54
CA PRO A 491 3.33 20.25 50.08
C PRO A 491 2.90 21.46 49.26
N LEU A 492 2.28 22.48 49.86
CA LEU A 492 1.67 23.55 49.08
C LEU A 492 2.54 24.80 49.06
N GLN A 493 2.21 25.71 48.15
CA GLN A 493 2.80 27.04 48.14
C GLN A 493 1.83 28.02 47.49
N SER A 494 2.05 29.31 47.76
CA SER A 494 1.34 30.42 47.10
C SER A 494 2.35 31.40 46.56
N TYR A 495 2.16 31.83 45.31
CA TYR A 495 2.94 32.94 44.78
C TYR A 495 2.58 34.30 45.36
N GLY A 496 1.51 34.42 46.13
CA GLY A 496 1.01 35.73 46.52
C GLY A 496 0.30 36.54 45.44
N PHE A 497 0.75 36.48 44.19
CA PHE A 497 0.00 36.99 43.05
C PHE A 497 -0.22 38.49 43.09
N GLN A 498 0.69 39.24 43.74
CA GLN A 498 0.62 40.70 43.70
C GLN A 498 1.12 41.24 42.36
N PRO A 499 0.73 42.47 41.99
CA PRO A 499 1.29 43.07 40.76
C PRO A 499 2.79 43.31 40.83
N THR A 500 3.38 43.39 42.02
CA THR A 500 4.82 43.56 42.15
C THR A 500 5.62 42.34 41.69
N ASN A 501 5.00 41.17 41.54
CA ASN A 501 5.73 40.01 41.05
C ASN A 501 6.06 40.15 39.57
N GLY A 502 7.01 39.33 39.11
CA GLY A 502 7.18 39.15 37.69
C GLY A 502 5.96 38.55 37.02
N VAL A 503 5.79 38.92 35.75
CA VAL A 503 4.58 38.61 34.97
C VAL A 503 4.32 37.11 34.90
N GLY A 504 5.38 36.28 34.93
CA GLY A 504 5.20 34.83 35.01
C GLY A 504 4.49 34.35 36.26
N TYR A 505 4.42 35.20 37.30
CA TYR A 505 3.88 34.89 38.60
C TYR A 505 2.72 35.79 38.96
N GLN A 506 2.57 36.91 38.26
CA GLN A 506 1.36 37.70 38.32
C GLN A 506 0.15 36.84 37.96
N PRO A 507 -1.01 37.06 38.58
CA PRO A 507 -2.16 36.19 38.33
C PRO A 507 -2.78 36.45 36.97
N TYR A 508 -2.99 35.38 36.21
CA TYR A 508 -3.96 35.36 35.15
C TYR A 508 -5.10 34.47 35.61
N ARG A 509 -6.34 34.90 35.37
CA ARG A 509 -7.50 34.05 35.59
C ARG A 509 -7.83 33.38 34.26
N VAL A 510 -8.20 32.11 34.35
CA VAL A 510 -7.97 31.12 33.30
C VAL A 510 -9.08 30.07 33.27
N VAL A 511 -9.40 29.57 32.06
CA VAL A 511 -10.40 28.54 31.81
C VAL A 511 -9.80 27.52 30.85
N VAL A 512 -10.10 26.23 31.07
CA VAL A 512 -10.13 25.23 30.01
C VAL A 512 -11.56 24.75 29.81
N LEU A 513 -12.00 24.80 28.55
CA LEU A 513 -13.23 24.18 28.09
C LEU A 513 -12.91 22.83 27.44
N SER A 514 -13.73 21.83 27.75
CA SER A 514 -13.56 20.51 27.15
C SER A 514 -14.91 19.78 27.08
N PHE A 515 -14.98 18.77 26.20
CA PHE A 515 -16.24 18.19 25.75
C PHE A 515 -16.00 16.84 25.11
N GLU A 516 -17.07 16.07 24.96
CA GLU A 516 -17.13 14.90 24.09
C GLU A 516 -17.90 15.20 22.81
N LEU A 517 -17.82 14.26 21.85
CA LEU A 517 -18.16 14.52 20.46
C LEU A 517 -18.92 13.40 19.74
N LEU A 518 -19.16 12.25 20.35
CA LEU A 518 -19.44 11.03 19.59
C LEU A 518 -20.78 11.06 18.86
N HIS A 519 -21.86 11.41 19.55
CA HIS A 519 -23.18 11.28 18.96
C HIS A 519 -24.18 12.11 19.75
N ALA A 520 -25.35 12.28 19.16
CA ALA A 520 -26.45 12.96 19.82
C ALA A 520 -26.82 12.21 21.11
N PRO A 521 -27.37 12.91 22.12
CA PRO A 521 -27.74 14.33 22.18
C PRO A 521 -26.52 15.21 22.36
N ALA A 522 -26.45 16.22 21.50
CA ALA A 522 -25.54 17.34 21.66
C ALA A 522 -26.14 18.33 22.63
N THR A 523 -25.77 18.22 23.91
CA THR A 523 -26.30 19.14 24.91
C THR A 523 -25.91 20.60 24.64
N VAL A 524 -24.86 20.85 23.86
CA VAL A 524 -24.49 22.19 23.44
C VAL A 524 -24.30 22.20 21.94
N CYS A 525 -24.79 23.25 21.30
CA CYS A 525 -24.53 23.55 19.91
C CYS A 525 -24.33 25.04 19.77
N GLY A 526 -23.74 25.43 18.64
CA GLY A 526 -23.58 26.81 18.30
C GLY A 526 -24.82 27.48 17.69
N PRO A 527 -24.87 28.83 17.69
CA PRO A 527 -26.06 29.54 17.21
C PRO A 527 -26.35 29.47 15.71
N LYS A 528 -25.62 28.66 14.95
CA LYS A 528 -26.00 28.34 13.57
C LYS A 528 -27.45 27.90 13.46
N LYS A 529 -28.11 28.43 12.44
CA LYS A 529 -29.57 28.36 12.34
C LYS A 529 -30.05 26.96 11.98
N SER A 530 -30.99 26.44 12.77
CA SER A 530 -31.61 25.17 12.45
C SER A 530 -32.52 25.36 11.24
N THR A 531 -32.23 24.64 10.16
CA THR A 531 -32.94 24.83 8.92
C THR A 531 -34.30 24.14 8.93
N ASN A 532 -35.07 24.44 7.90
CA ASN A 532 -36.14 23.57 7.42
C ASN A 532 -35.63 22.18 7.09
N LEU A 533 -36.59 21.28 6.89
CA LEU A 533 -36.35 19.89 6.53
C LEU A 533 -37.16 19.55 5.29
N VAL A 534 -36.60 18.65 4.48
CA VAL A 534 -37.21 18.18 3.23
C VAL A 534 -36.86 16.72 3.10
N LYS A 535 -37.67 15.99 2.35
CA LYS A 535 -37.58 14.54 2.26
C LYS A 535 -37.63 14.07 0.82
N ASN A 536 -37.18 12.82 0.65
CA ASN A 536 -37.40 12.03 -0.54
C ASN A 536 -36.77 12.61 -1.79
N LYS A 537 -35.75 13.44 -1.63
CA LYS A 537 -35.03 14.03 -2.73
C LYS A 537 -33.57 14.14 -2.32
N CYS A 538 -32.69 14.26 -3.30
CA CYS A 538 -31.28 14.33 -3.00
C CYS A 538 -30.91 15.72 -2.54
N VAL A 539 -30.26 15.80 -1.39
CA VAL A 539 -29.78 17.05 -0.82
C VAL A 539 -28.55 16.73 -0.02
N ASN A 540 -27.75 17.75 0.24
CA ASN A 540 -26.91 17.77 1.42
C ASN A 540 -27.77 17.85 2.68
N PHE A 541 -27.33 17.20 3.75
CA PHE A 541 -28.08 17.15 5.00
C PHE A 541 -27.14 17.24 6.18
N ASN A 542 -27.71 17.60 7.32
CA ASN A 542 -27.03 17.50 8.59
C ASN A 542 -28.09 17.37 9.67
N PHE A 543 -27.73 16.62 10.70
CA PHE A 543 -28.49 16.53 11.94
C PHE A 543 -27.55 16.68 13.13
N ASN A 544 -27.52 17.87 13.72
CA ASN A 544 -26.61 18.25 14.82
C ASN A 544 -25.15 17.83 14.60
N GLY A 545 -24.72 17.81 13.35
CA GLY A 545 -23.54 17.08 12.94
C GLY A 545 -23.97 16.03 11.94
N LEU A 546 -23.15 14.99 11.81
CA LEU A 546 -23.45 13.83 10.97
C LEU A 546 -23.80 14.25 9.56
N THR A 547 -23.08 15.24 9.06
CA THR A 547 -23.38 15.85 7.78
C THR A 547 -23.25 14.83 6.66
N GLY A 548 -24.08 14.99 5.64
CA GLY A 548 -23.87 14.17 4.46
C GLY A 548 -24.63 14.70 3.28
N THR A 549 -24.69 13.85 2.26
CA THR A 549 -25.52 14.03 1.09
C THR A 549 -26.27 12.75 0.75
N GLY A 550 -27.55 12.88 0.43
CA GLY A 550 -28.41 11.71 0.33
C GLY A 550 -29.84 12.12 0.05
N VAL A 551 -30.65 11.11 -0.19
CA VAL A 551 -32.11 11.18 -0.09
C VAL A 551 -32.54 10.78 1.31
N LEU A 552 -33.67 11.33 1.74
CA LEU A 552 -34.17 11.20 3.10
C LEU A 552 -35.62 10.77 3.14
N THR A 553 -35.94 9.83 4.03
CA THR A 553 -37.27 9.25 4.16
C THR A 553 -37.56 9.07 5.63
N GLU A 554 -38.81 8.77 5.96
CA GLU A 554 -39.18 8.11 7.21
C GLU A 554 -38.32 6.89 7.50
N SER A 555 -38.30 6.46 8.75
CA SER A 555 -37.59 5.25 9.13
C SER A 555 -38.56 4.10 9.30
N ASN A 556 -38.26 2.98 8.66
CA ASN A 556 -38.92 1.74 9.00
C ASN A 556 -38.39 1.16 10.31
N LYS A 557 -37.25 1.65 10.80
CA LYS A 557 -36.69 1.14 12.03
C LYS A 557 -37.54 1.58 13.20
N LYS A 558 -38.09 0.61 13.91
CA LYS A 558 -38.93 0.84 15.07
C LYS A 558 -38.11 1.22 16.30
N PHE A 559 -37.44 2.37 16.20
CA PHE A 559 -36.62 2.90 17.28
C PHE A 559 -37.42 2.96 18.57
N LEU A 560 -36.71 2.87 19.67
CA LEU A 560 -37.28 2.97 21.00
C LEU A 560 -36.79 4.34 21.47
N PRO A 561 -36.80 4.67 22.74
CA PRO A 561 -36.26 5.97 23.13
C PRO A 561 -34.75 6.07 23.05
N PHE A 562 -34.04 5.15 23.65
CA PHE A 562 -32.71 5.46 24.17
C PHE A 562 -31.60 5.19 23.18
N GLN A 563 -31.91 4.99 21.90
CA GLN A 563 -30.93 4.95 20.84
C GLN A 563 -31.24 6.07 19.88
N GLN A 564 -30.33 7.03 19.80
CA GLN A 564 -30.59 8.29 19.12
C GLN A 564 -30.22 8.23 17.65
N PHE A 565 -29.66 7.12 17.19
CA PHE A 565 -29.10 6.98 15.87
C PHE A 565 -29.11 5.49 15.62
N GLY A 566 -28.88 5.10 14.38
CA GLY A 566 -28.75 3.69 14.07
C GLY A 566 -27.84 3.53 12.88
N ARG A 567 -27.33 2.31 12.75
CA ARG A 567 -26.47 1.93 11.65
C ARG A 567 -26.94 0.59 11.12
N ASP A 568 -26.81 0.42 9.82
CA ASP A 568 -27.16 -0.83 9.17
C ASP A 568 -26.23 -1.95 9.62
N ILE A 569 -26.62 -3.17 9.26
CA ILE A 569 -25.73 -4.32 9.37
C ILE A 569 -24.48 -4.14 8.52
N ALA A 570 -24.55 -3.32 7.46
CA ALA A 570 -23.38 -2.88 6.73
C ALA A 570 -22.62 -1.75 7.43
N ASP A 571 -22.94 -1.42 8.68
CA ASP A 571 -22.39 -0.28 9.41
C ASP A 571 -22.61 1.07 8.74
N THR A 572 -23.52 1.17 7.78
CA THR A 572 -23.77 2.46 7.16
C THR A 572 -24.38 3.42 8.16
N THR A 573 -23.93 4.66 8.13
CA THR A 573 -24.45 5.72 8.98
C THR A 573 -25.81 6.18 8.48
N ASP A 574 -26.89 5.41 8.68
CA ASP A 574 -28.20 6.02 8.46
C ASP A 574 -29.29 5.47 9.36
N ALA A 575 -29.63 6.28 10.36
CA ALA A 575 -30.96 6.38 10.97
C ALA A 575 -30.87 7.63 11.85
N VAL A 576 -31.76 8.60 11.65
CA VAL A 576 -31.69 9.88 12.36
C VAL A 576 -33.07 10.26 12.87
N ARG A 577 -33.08 10.96 14.00
CA ARG A 577 -34.27 11.32 14.76
C ARG A 577 -34.31 12.83 14.88
N ASP A 578 -35.42 13.42 14.47
CA ASP A 578 -35.45 14.86 14.20
C ASP A 578 -35.49 15.69 15.49
N PRO A 579 -34.53 16.59 15.76
CA PRO A 579 -34.67 17.47 16.93
C PRO A 579 -35.91 18.35 16.92
N GLN A 580 -36.44 18.67 15.75
CA GLN A 580 -37.64 19.50 15.68
C GLN A 580 -38.90 18.73 16.02
N THR A 581 -38.97 17.44 15.68
CA THR A 581 -40.19 16.63 15.79
C THR A 581 -39.99 15.26 16.39
N LEU A 582 -38.75 14.86 16.72
CA LEU A 582 -38.37 13.51 17.14
C LEU A 582 -38.61 12.41 16.11
N GLU A 583 -39.09 12.73 14.92
CA GLU A 583 -39.42 11.71 13.95
C GLU A 583 -38.15 11.05 13.48
N ILE A 584 -38.21 9.74 13.25
CA ILE A 584 -37.04 8.93 12.95
C ILE A 584 -37.03 8.57 11.47
N LEU A 585 -35.85 8.71 10.87
CA LEU A 585 -35.71 8.87 9.44
C LEU A 585 -34.60 7.98 8.90
N ASP A 586 -34.85 7.33 7.75
CA ASP A 586 -33.84 6.60 6.99
C ASP A 586 -33.24 7.44 5.85
N ILE A 587 -32.01 7.05 5.46
CA ILE A 587 -31.18 7.85 4.56
C ILE A 587 -30.39 6.89 3.67
N THR A 588 -30.09 7.33 2.45
CA THR A 588 -29.11 6.66 1.59
C THR A 588 -28.45 7.70 0.69
N PRO A 589 -27.17 7.50 0.31
CA PRO A 589 -26.62 8.28 -0.82
C PRO A 589 -27.44 8.14 -2.09
N CYS A 590 -27.40 9.20 -2.87
CA CYS A 590 -28.11 9.29 -4.13
C CYS A 590 -27.36 8.51 -5.21
N SER A 591 -27.89 8.56 -6.42
CA SER A 591 -27.27 7.88 -7.55
C SER A 591 -25.92 8.49 -7.87
N PHE A 592 -24.90 7.64 -7.86
CA PHE A 592 -23.58 7.99 -8.34
C PHE A 592 -22.92 6.70 -8.80
N GLY A 593 -21.92 6.84 -9.66
CA GLY A 593 -21.30 5.66 -10.21
C GLY A 593 -20.45 5.90 -11.45
N GLY A 594 -20.48 4.92 -12.36
CA GLY A 594 -19.73 4.97 -13.60
C GLY A 594 -20.60 5.19 -14.82
N VAL A 595 -20.01 5.84 -15.81
CA VAL A 595 -20.55 5.94 -17.16
C VAL A 595 -19.52 5.39 -18.14
N SER A 596 -20.02 4.79 -19.22
CA SER A 596 -19.23 3.98 -20.14
C SER A 596 -19.75 4.21 -21.55
N VAL A 597 -18.87 4.00 -22.55
CA VAL A 597 -19.12 4.43 -23.92
C VAL A 597 -18.70 3.39 -24.96
N ILE A 598 -19.33 3.50 -26.13
CA ILE A 598 -19.25 2.53 -27.22
C ILE A 598 -18.90 3.32 -28.47
N THR A 599 -18.05 2.74 -29.32
CA THR A 599 -17.50 3.40 -30.49
C THR A 599 -17.38 2.45 -31.67
N PRO A 600 -17.46 2.96 -32.90
CA PRO A 600 -16.99 2.18 -34.06
C PRO A 600 -15.48 2.28 -34.28
N GLY A 601 -14.74 2.85 -33.33
CA GLY A 601 -13.36 3.23 -33.50
C GLY A 601 -13.26 4.64 -33.98
N THR A 602 -12.25 5.34 -33.44
CA THR A 602 -12.08 6.76 -33.65
C THR A 602 -11.93 7.08 -35.12
N ASN A 603 -11.05 6.35 -35.79
CA ASN A 603 -10.86 6.50 -37.22
C ASN A 603 -12.15 6.27 -38.00
N THR A 604 -13.04 5.41 -37.50
CA THR A 604 -14.24 5.10 -38.26
C THR A 604 -15.22 6.26 -38.29
N SER A 605 -15.59 6.81 -37.14
CA SER A 605 -16.67 7.78 -37.18
C SER A 605 -16.74 8.58 -35.89
N ASN A 606 -17.45 9.69 -35.98
CA ASN A 606 -17.73 10.57 -34.85
C ASN A 606 -18.92 10.14 -34.02
N GLN A 607 -19.73 9.21 -34.51
CA GLN A 607 -20.81 8.68 -33.69
C GLN A 607 -20.26 8.06 -32.42
N VAL A 608 -21.03 8.16 -31.35
CA VAL A 608 -20.71 7.52 -30.08
C VAL A 608 -22.02 7.13 -29.42
N ALA A 609 -21.96 6.12 -28.57
CA ALA A 609 -23.06 5.75 -27.70
C ALA A 609 -22.52 5.64 -26.29
N VAL A 610 -23.42 5.72 -25.31
CA VAL A 610 -23.05 5.82 -23.92
C VAL A 610 -24.02 5.04 -23.05
N LEU A 611 -23.47 4.52 -21.96
CA LEU A 611 -24.15 3.74 -20.95
C LEU A 611 -23.77 4.29 -19.58
N TYR A 612 -24.79 4.49 -18.76
CA TYR A 612 -24.62 4.75 -17.35
C TYR A 612 -24.81 3.42 -16.62
N GLN A 613 -23.76 3.00 -15.94
CA GLN A 613 -23.47 1.59 -15.72
C GLN A 613 -24.48 0.96 -14.78
N ASP A 614 -25.44 0.26 -15.38
CA ASP A 614 -26.65 -0.22 -14.72
C ASP A 614 -27.38 0.85 -13.94
N VAL A 615 -27.34 2.09 -14.41
CA VAL A 615 -28.05 3.21 -13.80
C VAL A 615 -29.30 3.51 -14.59
N ASN A 616 -30.39 3.77 -13.86
CA ASN A 616 -31.67 4.13 -14.45
C ASN A 616 -31.61 5.49 -15.14
N CYS A 617 -32.49 5.68 -16.12
CA CYS A 617 -32.78 7.02 -16.63
C CYS A 617 -33.65 7.78 -15.62
N THR A 618 -34.32 8.85 -16.07
CA THR A 618 -34.96 9.84 -15.22
C THR A 618 -33.93 10.60 -14.39
N GLU A 619 -32.70 10.69 -14.90
CA GLU A 619 -31.65 11.43 -14.24
C GLU A 619 -30.60 11.76 -15.28
N VAL A 620 -29.92 12.89 -15.08
CA VAL A 620 -28.93 13.37 -16.03
C VAL A 620 -27.81 14.08 -15.28
N SER A 640 -33.15 12.50 -28.67
CA SER A 640 -32.05 11.56 -28.77
C SER A 640 -32.55 10.14 -28.51
N ASN A 641 -31.78 9.17 -29.00
CA ASN A 641 -32.10 7.76 -28.80
C ASN A 641 -31.82 7.37 -27.35
N VAL A 642 -32.85 6.82 -26.68
CA VAL A 642 -32.77 6.41 -25.28
C VAL A 642 -33.46 5.05 -25.17
N PHE A 643 -32.89 4.17 -24.34
CA PHE A 643 -33.39 2.81 -24.23
C PHE A 643 -33.08 2.25 -22.85
N GLN A 644 -33.84 1.23 -22.47
CA GLN A 644 -33.62 0.49 -21.23
C GLN A 644 -33.61 -1.00 -21.52
N THR A 645 -32.93 -1.69 -20.62
CA THR A 645 -32.30 -2.95 -20.98
C THR A 645 -32.39 -4.04 -19.93
N ARG A 646 -32.95 -3.75 -18.75
CA ARG A 646 -32.63 -4.50 -17.54
C ARG A 646 -31.12 -4.48 -17.20
N ALA A 647 -30.35 -3.53 -17.78
CA ALA A 647 -28.93 -3.35 -17.52
C ALA A 647 -28.50 -1.90 -17.48
N GLY A 648 -29.42 -0.94 -17.29
CA GLY A 648 -29.09 0.47 -17.20
C GLY A 648 -29.65 1.32 -18.32
N CYS A 649 -29.18 2.56 -18.32
CA CYS A 649 -29.68 3.61 -19.21
C CYS A 649 -28.69 3.82 -20.34
N LEU A 650 -29.21 3.69 -21.56
CA LEU A 650 -28.40 3.60 -22.76
C LEU A 650 -28.83 4.70 -23.70
N ILE A 651 -27.86 5.30 -24.38
CA ILE A 651 -28.10 6.47 -25.22
C ILE A 651 -27.24 6.34 -26.46
N GLY A 652 -27.76 6.88 -27.57
CA GLY A 652 -27.01 7.04 -28.78
C GLY A 652 -26.95 5.81 -29.66
N ALA A 653 -26.75 4.66 -29.05
CA ALA A 653 -26.96 3.41 -29.77
C ALA A 653 -28.42 3.28 -30.15
N GLU A 654 -28.67 2.51 -31.20
CA GLU A 654 -29.99 2.09 -31.59
C GLU A 654 -30.28 0.68 -31.11
N HIS A 655 -31.36 0.54 -30.37
CA HIS A 655 -31.89 -0.79 -30.06
C HIS A 655 -32.44 -1.40 -31.34
N VAL A 656 -32.21 -2.68 -31.54
CA VAL A 656 -32.63 -3.38 -32.74
C VAL A 656 -33.41 -4.61 -32.34
N ASN A 657 -34.49 -4.88 -33.08
CA ASN A 657 -35.32 -6.04 -32.80
C ASN A 657 -34.75 -7.30 -33.41
N ASN A 658 -34.10 -7.17 -34.56
CA ASN A 658 -33.27 -8.25 -35.04
C ASN A 658 -32.15 -8.54 -34.06
N SER A 659 -31.63 -9.75 -34.14
CA SER A 659 -30.56 -10.25 -33.27
C SER A 659 -29.39 -10.66 -34.15
N TYR A 660 -28.18 -10.50 -33.60
CA TYR A 660 -26.94 -10.67 -34.36
C TYR A 660 -25.89 -11.28 -33.47
N GLU A 661 -24.87 -11.84 -34.10
CA GLU A 661 -23.67 -12.22 -33.38
C GLU A 661 -23.05 -11.00 -32.73
N CYS A 662 -22.33 -11.23 -31.63
CA CYS A 662 -21.77 -10.12 -30.88
C CYS A 662 -20.66 -9.45 -31.66
N ASP A 663 -20.86 -8.18 -31.99
CA ASP A 663 -19.75 -7.33 -32.37
C ASP A 663 -19.04 -6.80 -31.14
N ILE A 664 -19.80 -6.17 -30.24
CA ILE A 664 -19.28 -5.56 -29.02
C ILE A 664 -20.18 -5.98 -27.84
N PRO A 665 -19.64 -6.47 -26.72
CA PRO A 665 -20.52 -6.79 -25.59
C PRO A 665 -21.13 -5.55 -24.97
N ILE A 666 -22.44 -5.61 -24.72
CA ILE A 666 -23.07 -4.70 -23.77
C ILE A 666 -23.15 -5.35 -22.41
N GLY A 667 -23.69 -6.57 -22.37
CA GLY A 667 -23.95 -7.27 -21.13
C GLY A 667 -25.37 -7.80 -21.09
N ALA A 668 -25.58 -8.69 -20.12
CA ALA A 668 -26.87 -9.33 -19.87
C ALA A 668 -27.46 -9.97 -21.13
N GLY A 669 -26.58 -10.54 -21.96
CA GLY A 669 -27.02 -11.09 -23.23
C GLY A 669 -27.21 -10.09 -24.34
N ILE A 670 -26.74 -8.85 -24.17
CA ILE A 670 -26.94 -7.76 -25.12
C ILE A 670 -25.59 -7.47 -25.72
N CYS A 671 -25.57 -7.17 -27.02
CA CYS A 671 -24.36 -6.76 -27.72
C CYS A 671 -24.71 -5.60 -28.63
N ALA A 672 -23.66 -4.94 -29.13
CA ALA A 672 -23.78 -3.82 -30.05
C ALA A 672 -22.83 -3.96 -31.22
N SER A 673 -23.09 -3.17 -32.25
CA SER A 673 -22.32 -3.16 -33.48
C SER A 673 -22.54 -1.83 -34.17
N TYR A 674 -21.95 -1.70 -35.36
CA TYR A 674 -22.30 -0.66 -36.31
C TYR A 674 -23.00 -1.25 -37.52
N GLN A 675 -24.17 -0.73 -37.83
CA GLN A 675 -24.97 -1.21 -38.95
C GLN A 675 -25.94 -0.13 -39.41
N THR A 676 -27.03 -0.53 -40.03
CA THR A 676 -28.04 0.39 -40.51
C THR A 676 -28.51 1.34 -39.42
N GLN A 690 -25.74 2.56 -41.28
CA GLN A 690 -24.42 3.15 -41.29
C GLN A 690 -24.17 3.91 -39.99
N SER A 691 -24.35 3.23 -38.87
CA SER A 691 -24.15 3.86 -37.56
C SER A 691 -23.90 2.83 -36.46
N ILE A 692 -24.39 3.13 -35.26
CA ILE A 692 -24.22 2.24 -34.12
C ILE A 692 -25.57 1.64 -33.75
N ILE A 693 -25.54 0.34 -33.43
CA ILE A 693 -26.73 -0.47 -33.23
C ILE A 693 -26.56 -1.36 -32.01
N ALA A 694 -27.67 -1.75 -31.41
CA ALA A 694 -27.64 -2.51 -30.16
C ALA A 694 -28.78 -3.51 -30.16
N TYR A 695 -28.50 -4.67 -29.56
CA TYR A 695 -29.35 -5.83 -29.77
C TYR A 695 -29.10 -6.85 -28.69
N THR A 696 -30.11 -7.69 -28.47
CA THR A 696 -29.88 -8.96 -27.80
C THR A 696 -29.04 -9.85 -28.70
N MET A 697 -27.95 -10.35 -28.15
CA MET A 697 -26.97 -11.09 -28.95
C MET A 697 -27.57 -12.43 -29.35
N SER A 698 -27.51 -12.74 -30.65
CA SER A 698 -28.02 -14.01 -31.17
C SER A 698 -27.04 -15.12 -30.81
N LEU A 699 -27.49 -16.04 -29.95
CA LEU A 699 -26.68 -17.19 -29.54
C LEU A 699 -26.13 -17.99 -30.72
N GLY A 700 -26.90 -18.13 -31.79
CA GLY A 700 -26.39 -18.77 -32.98
C GLY A 700 -27.50 -19.09 -33.95
N ALA A 701 -27.21 -20.02 -34.85
CA ALA A 701 -28.16 -20.49 -35.85
C ALA A 701 -28.97 -21.67 -35.33
N GLU A 702 -30.28 -21.49 -35.22
CA GLU A 702 -31.17 -22.56 -34.82
C GLU A 702 -31.16 -23.69 -35.84
N ASN A 703 -30.95 -24.91 -35.38
CA ASN A 703 -30.96 -26.05 -36.28
C ASN A 703 -31.34 -27.30 -35.50
N SER A 704 -31.29 -28.44 -36.16
CA SER A 704 -31.52 -29.71 -35.49
C SER A 704 -30.93 -30.82 -36.34
N VAL A 705 -30.80 -31.99 -35.72
CA VAL A 705 -30.40 -33.23 -36.38
C VAL A 705 -31.62 -34.13 -36.49
N ALA A 706 -31.85 -34.65 -37.69
CA ALA A 706 -32.97 -35.53 -37.99
C ALA A 706 -32.78 -36.93 -37.41
N TYR A 707 -32.82 -37.02 -36.08
CA TYR A 707 -32.61 -38.28 -35.40
C TYR A 707 -33.65 -39.32 -35.83
N SER A 708 -33.22 -40.58 -35.86
CA SER A 708 -34.13 -41.71 -35.92
C SER A 708 -33.44 -42.87 -35.23
N ASN A 709 -34.22 -43.86 -34.87
CA ASN A 709 -33.65 -45.09 -34.33
C ASN A 709 -32.95 -45.95 -35.37
N ASN A 710 -32.69 -45.54 -36.62
CA ASN A 710 -32.38 -46.50 -37.68
C ASN A 710 -31.51 -45.98 -38.80
N SER A 711 -31.08 -44.72 -38.80
CA SER A 711 -30.41 -44.15 -39.95
C SER A 711 -29.18 -43.34 -39.54
N ILE A 712 -28.27 -43.24 -40.50
CA ILE A 712 -27.05 -42.44 -40.36
C ILE A 712 -26.88 -41.68 -41.67
N ALA A 713 -26.08 -40.62 -41.61
CA ALA A 713 -25.41 -40.05 -42.76
C ALA A 713 -23.91 -40.02 -42.49
N ILE A 714 -23.12 -40.17 -43.56
CA ILE A 714 -21.66 -40.21 -43.49
C ILE A 714 -21.04 -39.39 -44.62
N PRO A 715 -19.98 -38.61 -44.38
CA PRO A 715 -19.30 -37.92 -45.47
C PRO A 715 -18.72 -38.86 -46.52
N THR A 716 -18.91 -38.47 -47.77
CA THR A 716 -18.28 -39.08 -48.92
C THR A 716 -17.09 -38.28 -49.43
N ASN A 717 -16.81 -37.11 -48.85
CA ASN A 717 -15.68 -36.28 -49.27
C ASN A 717 -15.21 -35.54 -48.04
N PHE A 718 -14.30 -34.60 -48.22
CA PHE A 718 -13.74 -33.87 -47.10
C PHE A 718 -13.07 -32.61 -47.60
N THR A 719 -12.77 -31.72 -46.67
CA THR A 719 -11.69 -30.78 -46.80
C THR A 719 -10.67 -31.10 -45.73
N ILE A 720 -9.42 -31.30 -46.14
CA ILE A 720 -8.33 -30.99 -45.24
C ILE A 720 -8.38 -29.49 -44.99
N SER A 721 -8.04 -29.10 -43.76
CA SER A 721 -8.17 -27.74 -43.32
C SER A 721 -6.99 -27.42 -42.42
N VAL A 722 -6.68 -26.13 -42.35
CA VAL A 722 -5.52 -25.63 -41.62
C VAL A 722 -5.98 -24.51 -40.69
N THR A 723 -5.38 -24.46 -39.51
CA THR A 723 -5.67 -23.43 -38.52
C THR A 723 -4.38 -22.82 -38.01
N THR A 724 -4.34 -21.50 -38.02
CA THR A 724 -3.32 -20.73 -37.32
C THR A 724 -3.58 -20.76 -35.83
N GLU A 725 -2.56 -21.08 -35.04
CA GLU A 725 -2.59 -20.92 -33.60
C GLU A 725 -1.36 -20.14 -33.15
N ILE A 726 -1.54 -19.33 -32.10
CA ILE A 726 -0.59 -18.32 -31.65
C ILE A 726 -0.59 -18.32 -30.13
N LEU A 727 0.62 -18.35 -29.52
CA LEU A 727 0.79 -18.29 -28.02
C LEU A 727 1.93 -17.39 -27.52
N PRO A 728 1.73 -16.55 -26.49
CA PRO A 728 2.88 -15.92 -25.84
C PRO A 728 3.67 -16.89 -24.99
N VAL A 729 4.98 -16.67 -24.98
CA VAL A 729 5.93 -17.60 -24.37
C VAL A 729 7.05 -16.91 -23.60
N SER A 730 7.18 -15.58 -23.70
CA SER A 730 8.36 -14.93 -23.17
C SER A 730 8.07 -13.46 -22.91
N MET A 731 9.04 -12.81 -22.25
CA MET A 731 8.90 -11.42 -21.88
C MET A 731 10.27 -10.75 -21.91
N THR A 732 10.25 -9.42 -22.00
CA THR A 732 11.48 -8.63 -22.00
C THR A 732 12.31 -8.84 -20.74
N LYS A 733 13.61 -9.04 -20.92
CA LYS A 733 14.54 -8.96 -19.81
C LYS A 733 14.71 -7.52 -19.38
N THR A 734 14.40 -7.24 -18.12
CA THR A 734 14.25 -5.88 -17.64
C THR A 734 14.68 -5.79 -16.20
N SER A 735 15.37 -4.72 -15.82
CA SER A 735 15.73 -4.54 -14.42
C SER A 735 16.02 -3.09 -14.13
N VAL A 736 16.15 -2.80 -12.83
CA VAL A 736 16.47 -1.46 -12.34
C VAL A 736 17.41 -1.58 -11.15
N ASP A 737 18.44 -0.74 -11.11
CA ASP A 737 19.10 -0.45 -9.84
C ASP A 737 18.19 0.47 -9.05
N CYS A 738 17.54 -0.07 -8.00
CA CYS A 738 16.69 0.73 -7.13
C CYS A 738 17.39 1.98 -6.61
N THR A 739 18.69 1.91 -6.37
CA THR A 739 19.42 3.03 -5.80
C THR A 739 19.48 4.20 -6.77
N MET A 740 19.99 3.93 -7.97
CA MET A 740 19.98 4.91 -9.05
C MET A 740 18.59 5.40 -9.35
N TYR A 741 17.61 4.49 -9.28
CA TYR A 741 16.22 4.86 -9.46
C TYR A 741 15.75 5.86 -8.42
N ILE A 742 16.12 5.65 -7.16
CA ILE A 742 15.52 6.37 -6.05
C ILE A 742 16.41 7.53 -5.63
N CYS A 743 17.71 7.41 -5.85
CA CYS A 743 18.68 8.41 -5.44
C CYS A 743 19.46 8.98 -6.61
N GLY A 744 19.61 8.23 -7.69
CA GLY A 744 20.60 8.57 -8.68
C GLY A 744 21.97 8.58 -8.06
N ASP A 745 22.53 9.78 -7.97
CA ASP A 745 23.79 10.00 -7.26
C ASP A 745 23.64 10.14 -5.76
N SER A 746 22.45 10.50 -5.26
CA SER A 746 22.30 11.14 -3.97
C SER A 746 22.79 10.28 -2.81
N THR A 747 23.91 10.69 -2.23
CA THR A 747 24.62 9.82 -1.31
C THR A 747 23.89 9.71 0.01
N GLU A 748 23.49 10.86 0.54
CA GLU A 748 22.56 10.94 1.65
C GLU A 748 21.31 10.08 1.45
N CYS A 749 20.67 10.17 0.27
CA CYS A 749 19.54 9.29 -0.02
C CYS A 749 19.92 7.82 0.06
N SER A 750 21.09 7.47 -0.47
CA SER A 750 21.54 6.09 -0.37
C SER A 750 21.73 5.67 1.07
N ASN A 751 22.23 6.57 1.90
CA ASN A 751 22.33 6.29 3.32
C ASN A 751 20.96 6.07 3.92
N LEU A 752 19.97 6.83 3.44
CA LEU A 752 18.59 6.65 3.83
C LEU A 752 17.94 5.40 3.24
N LEU A 753 18.66 4.55 2.52
CA LEU A 753 18.18 3.22 2.18
C LEU A 753 18.51 2.18 3.23
N LEU A 754 19.57 2.44 4.01
CA LEU A 754 20.20 1.43 4.87
C LEU A 754 19.23 0.88 5.90
N GLN A 755 18.30 1.70 6.36
CA GLN A 755 17.29 1.35 7.36
C GLN A 755 16.18 0.47 6.82
N TYR A 756 16.28 -0.03 5.59
CA TYR A 756 15.31 -0.91 4.97
C TYR A 756 15.97 -2.17 4.40
N GLY A 757 17.18 -2.50 4.84
CA GLY A 757 17.90 -3.64 4.37
C GLY A 757 18.41 -3.50 2.95
N SER A 758 17.67 -3.97 1.95
CA SER A 758 18.32 -4.28 0.68
C SER A 758 17.31 -4.44 -0.44
N PHE A 759 16.45 -3.44 -0.56
CA PHE A 759 15.33 -3.53 -1.49
C PHE A 759 15.78 -3.75 -2.92
N CYS A 760 16.88 -3.10 -3.34
CA CYS A 760 17.55 -3.49 -4.58
C CYS A 760 17.75 -4.98 -4.63
N THR A 761 18.46 -5.52 -3.63
CA THR A 761 18.76 -6.95 -3.59
C THR A 761 17.48 -7.78 -3.57
N GLN A 762 16.58 -7.43 -2.65
CA GLN A 762 15.34 -8.16 -2.44
C GLN A 762 14.53 -8.27 -3.72
N LEU A 763 14.40 -7.15 -4.42
CA LEU A 763 13.55 -7.12 -5.59
C LEU A 763 14.29 -7.65 -6.80
N ASN A 764 15.49 -7.12 -7.04
CA ASN A 764 16.24 -7.45 -8.24
C ASN A 764 16.58 -8.92 -8.30
N ARG A 765 16.69 -9.56 -7.13
CA ARG A 765 16.70 -11.01 -7.06
C ARG A 765 15.53 -11.59 -7.83
N ALA A 766 14.32 -11.19 -7.47
CA ALA A 766 13.14 -11.70 -8.15
C ALA A 766 13.11 -11.33 -9.63
N LEU A 767 13.44 -10.07 -9.96
CA LEU A 767 13.48 -9.63 -11.34
C LEU A 767 14.44 -10.46 -12.18
N THR A 768 15.65 -10.65 -11.66
CA THR A 768 16.67 -11.41 -12.34
C THR A 768 16.20 -12.83 -12.55
N GLY A 769 15.64 -13.40 -11.48
CA GLY A 769 15.11 -14.74 -11.53
C GLY A 769 14.10 -14.93 -12.63
N ILE A 770 13.06 -14.07 -12.66
CA ILE A 770 12.00 -14.18 -13.66
C ILE A 770 12.54 -13.97 -15.05
N ALA A 771 13.55 -13.12 -15.17
CA ALA A 771 14.16 -12.88 -16.47
C ALA A 771 14.78 -14.18 -16.96
N VAL A 772 15.54 -14.82 -16.08
CA VAL A 772 16.12 -16.10 -16.42
C VAL A 772 15.05 -17.13 -16.73
N GLU A 773 13.95 -17.20 -15.96
CA GLU A 773 12.84 -18.04 -16.42
C GLU A 773 12.32 -17.68 -17.80
N GLN A 774 12.30 -16.40 -18.18
CA GLN A 774 11.88 -16.09 -19.55
C GLN A 774 12.78 -16.78 -20.57
N ASP A 775 14.09 -16.64 -20.37
CA ASP A 775 15.03 -17.25 -21.31
C ASP A 775 14.90 -18.77 -21.31
N LYS A 776 14.88 -19.35 -20.11
CA LYS A 776 14.66 -20.78 -19.95
C LYS A 776 13.39 -21.25 -20.62
N ASN A 777 12.26 -20.62 -20.29
CA ASN A 777 10.93 -21.02 -20.81
C ASN A 777 10.91 -20.98 -22.30
N THR A 778 11.60 -20.01 -22.87
CA THR A 778 11.75 -20.01 -24.30
C THR A 778 12.50 -21.27 -24.73
N GLN A 779 13.66 -21.51 -24.11
CA GLN A 779 14.48 -22.67 -24.47
C GLN A 779 13.78 -24.02 -24.31
N GLU A 780 12.95 -24.23 -23.27
CA GLU A 780 12.26 -25.54 -23.16
C GLU A 780 11.32 -25.82 -24.31
N VAL A 781 10.88 -24.83 -25.08
CA VAL A 781 10.14 -25.19 -26.27
C VAL A 781 11.04 -25.87 -27.27
N PHE A 782 12.24 -25.35 -27.47
CA PHE A 782 12.98 -25.64 -28.69
C PHE A 782 14.14 -26.58 -28.48
N ALA A 783 14.80 -26.52 -27.34
CA ALA A 783 15.84 -27.48 -26.98
C ALA A 783 15.37 -28.93 -26.89
N GLN A 784 14.06 -29.19 -26.95
CA GLN A 784 13.47 -30.51 -27.09
C GLN A 784 13.96 -31.32 -28.28
N VAL A 785 14.62 -30.71 -29.26
CA VAL A 785 15.32 -31.45 -30.32
C VAL A 785 16.81 -31.35 -30.08
N LYS A 786 17.48 -32.49 -30.25
CA LYS A 786 18.91 -32.59 -30.05
C LYS A 786 19.76 -32.17 -31.23
N GLN A 787 19.23 -32.21 -32.46
CA GLN A 787 20.07 -32.08 -33.64
C GLN A 787 19.40 -31.26 -34.74
N ILE A 788 20.24 -30.57 -35.49
CA ILE A 788 19.83 -29.52 -36.43
C ILE A 788 19.63 -30.13 -37.80
N TYR A 789 18.73 -31.12 -37.88
CA TYR A 789 18.50 -31.92 -39.08
C TYR A 789 18.34 -31.10 -40.34
N LYS A 790 19.21 -31.34 -41.31
CA LYS A 790 19.28 -30.51 -42.50
C LYS A 790 18.07 -30.69 -43.40
N THR A 791 17.60 -29.58 -43.95
CA THR A 791 16.58 -29.63 -44.97
C THR A 791 17.14 -30.26 -46.24
N PRO A 792 16.36 -31.06 -46.97
CA PRO A 792 16.90 -31.68 -48.17
C PRO A 792 17.05 -30.67 -49.31
N PRO A 793 17.97 -30.92 -50.25
CA PRO A 793 17.97 -30.09 -51.46
C PRO A 793 16.82 -30.37 -52.39
N ILE A 794 16.45 -31.65 -52.56
CA ILE A 794 15.31 -32.02 -53.39
C ILE A 794 14.02 -31.89 -52.60
N LYS A 795 12.95 -31.56 -53.31
CA LYS A 795 11.68 -31.11 -52.74
C LYS A 795 10.50 -32.01 -53.12
N ASP A 796 10.74 -33.26 -53.50
CA ASP A 796 9.67 -34.12 -53.95
C ASP A 796 8.76 -34.58 -52.80
N PHE A 797 7.71 -33.82 -52.54
CA PHE A 797 6.72 -34.10 -51.51
C PHE A 797 5.35 -34.21 -52.14
N GLY A 798 5.29 -34.88 -53.28
CA GLY A 798 4.04 -35.06 -53.99
C GLY A 798 3.40 -33.75 -54.39
N GLY A 799 4.20 -32.75 -54.70
CA GLY A 799 3.67 -31.45 -55.05
C GLY A 799 3.17 -30.63 -53.88
N PHE A 800 3.32 -31.12 -52.66
CA PHE A 800 3.11 -30.25 -51.51
C PHE A 800 4.20 -29.20 -51.50
N ASN A 801 3.80 -27.94 -51.47
CA ASN A 801 4.71 -26.81 -51.52
C ASN A 801 4.88 -26.23 -50.12
N PHE A 802 6.13 -26.05 -49.72
CA PHE A 802 6.49 -25.54 -48.42
C PHE A 802 7.35 -24.29 -48.47
N SER A 803 7.59 -23.74 -49.68
CA SER A 803 8.50 -22.62 -49.90
C SER A 803 8.26 -21.44 -48.98
N GLN A 804 7.02 -21.23 -48.61
CA GLN A 804 6.62 -20.12 -47.78
C GLN A 804 6.99 -20.41 -46.34
N ILE A 805 6.73 -21.64 -45.90
CA ILE A 805 7.02 -22.01 -44.53
C ILE A 805 8.47 -22.42 -44.37
N LEU A 806 9.11 -22.87 -45.44
CA LEU A 806 10.51 -23.20 -45.33
C LEU A 806 11.35 -21.96 -45.07
N PRO A 807 12.49 -22.09 -44.40
CA PRO A 807 13.43 -20.97 -44.32
C PRO A 807 13.88 -20.58 -45.72
N ASP A 808 13.85 -19.29 -46.00
CA ASP A 808 14.34 -18.85 -47.29
C ASP A 808 15.84 -19.06 -47.36
N PRO A 809 16.37 -19.81 -48.33
CA PRO A 809 17.84 -19.91 -48.45
C PRO A 809 18.47 -18.56 -48.74
N SER A 810 17.75 -17.72 -49.47
CA SER A 810 18.14 -16.35 -49.73
C SER A 810 18.08 -15.47 -48.49
N LYS A 811 17.31 -15.86 -47.49
CA LYS A 811 17.06 -14.98 -46.36
C LYS A 811 18.35 -14.82 -45.56
N PRO A 812 18.85 -13.60 -45.33
CA PRO A 812 19.98 -13.46 -44.38
C PRO A 812 19.61 -13.91 -42.98
N SER A 813 18.38 -13.64 -42.58
CA SER A 813 17.88 -14.15 -41.31
C SER A 813 17.59 -15.64 -41.34
N LYS A 814 17.63 -16.30 -42.50
CA LYS A 814 17.14 -17.68 -42.70
C LYS A 814 15.68 -17.88 -42.27
N ARG A 815 14.90 -16.81 -42.15
CA ARG A 815 13.56 -16.90 -41.61
C ARG A 815 12.64 -17.62 -42.58
N SER A 816 11.61 -18.24 -42.05
CA SER A 816 10.49 -18.58 -42.90
C SER A 816 9.93 -17.29 -43.48
N PHE A 817 9.50 -17.38 -44.73
CA PHE A 817 8.85 -16.26 -45.39
C PHE A 817 7.60 -15.84 -44.63
N ILE A 818 6.77 -16.82 -44.27
CA ILE A 818 5.59 -16.55 -43.47
C ILE A 818 5.97 -15.92 -42.14
N GLU A 819 7.01 -16.46 -41.50
CA GLU A 819 7.48 -15.87 -40.27
C GLU A 819 7.93 -14.44 -40.48
N ASP A 820 8.58 -14.17 -41.61
CA ASP A 820 8.91 -12.79 -41.90
C ASP A 820 7.67 -11.93 -42.00
N LEU A 821 6.62 -12.43 -42.65
CA LEU A 821 5.35 -11.72 -42.72
C LEU A 821 4.82 -11.38 -41.35
N LEU A 822 4.91 -12.33 -40.42
CA LEU A 822 4.53 -12.05 -39.04
C LEU A 822 5.39 -10.95 -38.45
N PHE A 823 6.69 -11.09 -38.62
CA PHE A 823 7.61 -10.09 -38.12
C PHE A 823 7.46 -8.73 -38.78
N ASN A 824 6.80 -8.66 -39.93
CA ASN A 824 6.42 -7.39 -40.54
C ASN A 824 5.09 -6.89 -40.02
N LYS A 825 4.18 -7.80 -39.67
CA LYS A 825 2.91 -7.38 -39.12
C LYS A 825 3.10 -6.78 -37.73
N VAL A 826 3.94 -7.42 -36.93
CA VAL A 826 4.24 -6.86 -35.63
C VAL A 826 5.03 -5.57 -35.76
N THR A 827 4.99 -4.78 -34.71
CA THR A 827 5.74 -3.56 -34.53
C THR A 827 6.07 -3.47 -33.06
N LEU A 828 6.62 -2.34 -32.61
CA LEU A 828 6.52 -2.00 -31.19
C LEU A 828 5.06 -1.81 -30.84
N LYS A 854 22.03 3.48 -17.50
CA LYS A 854 21.06 3.91 -18.50
C LYS A 854 20.10 4.92 -17.90
N PHE A 855 19.16 5.38 -18.72
CA PHE A 855 18.17 6.40 -18.34
C PHE A 855 17.51 6.02 -17.03
N ASN A 856 17.52 6.94 -16.05
CA ASN A 856 16.90 6.79 -14.72
C ASN A 856 17.20 5.46 -14.02
N GLY A 857 18.29 4.78 -14.36
CA GLY A 857 18.58 3.49 -13.77
C GLY A 857 17.78 2.34 -14.34
N LEU A 858 16.94 2.55 -15.34
CA LEU A 858 16.31 1.41 -15.97
C LEU A 858 17.37 0.59 -16.70
N THR A 859 17.06 -0.69 -16.92
CA THR A 859 17.84 -1.46 -17.86
C THR A 859 16.97 -2.51 -18.53
N VAL A 860 17.26 -2.72 -19.81
CA VAL A 860 16.57 -3.67 -20.68
C VAL A 860 17.64 -4.43 -21.42
N LEU A 861 17.49 -5.74 -21.56
CA LEU A 861 18.62 -6.63 -21.78
C LEU A 861 18.34 -7.62 -22.89
N PRO A 862 19.37 -8.06 -23.64
CA PRO A 862 19.15 -9.08 -24.64
C PRO A 862 18.97 -10.44 -23.99
N PRO A 863 18.14 -11.33 -24.57
CA PRO A 863 18.20 -12.74 -24.16
C PRO A 863 19.49 -13.41 -24.60
N LEU A 864 19.61 -14.70 -24.31
CA LEU A 864 20.61 -15.53 -24.97
C LEU A 864 20.18 -15.94 -26.36
N LEU A 865 18.98 -16.50 -26.48
CA LEU A 865 18.49 -16.95 -27.77
C LEU A 865 17.83 -15.81 -28.51
N THR A 866 18.04 -15.80 -29.82
CA THR A 866 17.41 -14.87 -30.71
C THR A 866 16.93 -15.59 -31.95
N ASP A 867 16.16 -14.82 -32.73
CA ASP A 867 15.25 -15.37 -33.73
C ASP A 867 15.96 -16.18 -34.80
N GLU A 868 17.22 -15.89 -35.09
CA GLU A 868 17.94 -16.74 -36.03
C GLU A 868 18.15 -18.13 -35.48
N MET A 869 18.45 -18.25 -34.18
CA MET A 869 18.47 -19.57 -33.58
C MET A 869 17.09 -20.17 -33.56
N ILE A 870 16.07 -19.37 -33.30
CA ILE A 870 14.70 -19.90 -33.27
C ILE A 870 14.31 -20.43 -34.63
N ALA A 871 14.64 -19.70 -35.68
CA ALA A 871 14.42 -20.16 -37.05
C ALA A 871 15.18 -21.44 -37.32
N GLN A 872 16.43 -21.48 -36.91
CA GLN A 872 17.26 -22.66 -37.05
C GLN A 872 16.64 -23.88 -36.37
N TYR A 873 16.13 -23.68 -35.15
CA TYR A 873 15.37 -24.71 -34.47
C TYR A 873 14.15 -25.11 -35.27
N THR A 874 13.40 -24.10 -35.72
CA THR A 874 12.14 -24.32 -36.40
C THR A 874 12.36 -25.17 -37.64
N SER A 875 13.36 -24.79 -38.41
CA SER A 875 13.71 -25.50 -39.61
C SER A 875 14.15 -26.92 -39.32
N ALA A 876 14.94 -27.11 -38.27
CA ALA A 876 15.31 -28.46 -37.86
C ALA A 876 14.09 -29.30 -37.53
N LEU A 877 13.12 -28.69 -36.84
CA LEU A 877 11.88 -29.39 -36.53
C LEU A 877 11.14 -29.78 -37.79
N LEU A 878 10.94 -28.80 -38.67
CA LEU A 878 10.21 -29.02 -39.90
C LEU A 878 10.86 -30.11 -40.73
N ALA A 879 12.19 -30.05 -40.82
CA ALA A 879 12.95 -31.06 -41.54
C ALA A 879 12.72 -32.43 -40.93
N GLY A 880 12.90 -32.54 -39.62
CA GLY A 880 12.76 -33.82 -38.95
C GLY A 880 11.40 -34.42 -39.17
N THR A 881 10.37 -33.61 -38.97
CA THR A 881 9.00 -34.04 -39.21
C THR A 881 8.80 -34.50 -40.64
N ILE A 882 9.05 -33.61 -41.60
CA ILE A 882 8.74 -33.91 -42.99
C ILE A 882 9.57 -35.06 -43.50
N THR A 883 10.79 -35.22 -43.00
CA THR A 883 11.69 -36.23 -43.51
C THR A 883 11.49 -37.58 -42.85
N SER A 884 11.08 -37.58 -41.58
CA SER A 884 11.18 -38.76 -40.73
C SER A 884 9.92 -38.98 -39.90
N GLY A 885 8.88 -38.18 -40.11
CA GLY A 885 7.74 -38.20 -39.22
C GLY A 885 8.09 -37.88 -37.79
N TRP A 886 7.36 -38.54 -36.88
CA TRP A 886 7.58 -38.43 -35.43
C TRP A 886 8.90 -38.98 -34.94
N THR A 887 9.58 -39.79 -35.75
CA THR A 887 10.59 -40.72 -35.25
C THR A 887 11.76 -40.00 -34.58
N PHE A 888 12.21 -38.90 -35.18
CA PHE A 888 13.26 -38.08 -34.60
C PHE A 888 12.92 -37.53 -33.22
N GLY A 889 11.63 -37.41 -32.88
CA GLY A 889 11.31 -37.05 -31.52
C GLY A 889 11.62 -38.17 -30.55
N ALA A 890 11.19 -39.38 -30.89
CA ALA A 890 11.43 -40.52 -30.01
C ALA A 890 12.92 -40.81 -29.90
N GLY A 891 13.67 -40.57 -30.96
CA GLY A 891 15.06 -40.94 -31.00
C GLY A 891 15.66 -40.50 -32.31
N ALA A 892 16.29 -41.43 -33.03
CA ALA A 892 16.85 -41.12 -34.33
C ALA A 892 15.76 -40.73 -35.32
N ALA A 893 16.16 -39.91 -36.29
CA ALA A 893 15.28 -39.44 -37.35
C ALA A 893 15.20 -40.51 -38.44
N LEU A 894 14.32 -41.49 -38.22
CA LEU A 894 14.12 -42.54 -39.21
C LEU A 894 13.42 -41.95 -40.41
N GLN A 895 14.17 -41.80 -41.50
CA GLN A 895 13.62 -41.19 -42.70
C GLN A 895 12.58 -42.10 -43.30
N ILE A 896 11.54 -41.48 -43.85
CA ILE A 896 10.45 -42.18 -44.51
C ILE A 896 9.96 -41.33 -45.68
N PRO A 897 9.61 -41.89 -46.83
CA PRO A 897 8.94 -41.08 -47.86
C PRO A 897 7.66 -40.47 -47.31
N PHE A 898 7.55 -39.16 -47.52
CA PHE A 898 6.59 -38.27 -46.84
C PHE A 898 5.17 -38.81 -46.88
N ALA A 899 4.73 -39.16 -48.08
CA ALA A 899 3.36 -39.60 -48.31
C ALA A 899 3.06 -40.85 -47.51
N MET A 900 4.03 -41.74 -47.36
CA MET A 900 3.77 -42.90 -46.54
C MET A 900 3.61 -42.53 -45.08
N GLN A 901 4.30 -41.49 -44.63
CA GLN A 901 4.01 -40.95 -43.30
C GLN A 901 2.62 -40.39 -43.21
N MET A 902 2.20 -39.67 -44.25
CA MET A 902 0.85 -39.16 -44.31
C MET A 902 -0.17 -40.29 -44.28
N ALA A 903 0.15 -41.41 -44.91
CA ALA A 903 -0.72 -42.57 -44.86
C ALA A 903 -0.82 -43.15 -43.45
N TYR A 904 0.31 -43.22 -42.76
CA TYR A 904 0.27 -43.54 -41.33
C TYR A 904 -0.64 -42.62 -40.57
N ARG A 905 -0.53 -41.32 -40.83
CA ARG A 905 -1.37 -40.35 -40.13
C ARG A 905 -2.84 -40.52 -40.43
N PHE A 906 -3.15 -40.87 -41.67
CA PHE A 906 -4.52 -41.17 -42.04
C PHE A 906 -5.04 -42.37 -41.27
N ASN A 907 -4.22 -43.40 -41.18
CA ASN A 907 -4.55 -44.52 -40.32
C ASN A 907 -4.69 -44.10 -38.87
N GLY A 908 -3.96 -43.07 -38.46
CA GLY A 908 -4.16 -42.50 -37.14
C GLY A 908 -5.58 -42.02 -36.89
N ILE A 909 -6.17 -41.32 -37.85
CA ILE A 909 -7.59 -40.96 -37.74
C ILE A 909 -8.54 -42.10 -38.09
N GLY A 910 -8.04 -43.32 -38.22
CA GLY A 910 -8.94 -44.43 -38.48
C GLY A 910 -9.44 -44.47 -39.89
N VAL A 911 -8.57 -44.20 -40.86
CA VAL A 911 -8.94 -44.14 -42.27
C VAL A 911 -7.96 -44.97 -43.07
N THR A 912 -8.48 -45.69 -44.06
CA THR A 912 -7.65 -46.54 -44.89
C THR A 912 -6.82 -45.73 -45.87
N GLN A 913 -5.58 -46.21 -46.06
CA GLN A 913 -4.54 -45.60 -46.87
C GLN A 913 -5.01 -45.22 -48.27
N ASN A 914 -5.87 -46.05 -48.85
CA ASN A 914 -6.44 -45.80 -50.16
C ASN A 914 -7.17 -44.47 -50.23
N VAL A 915 -7.79 -44.06 -49.12
CA VAL A 915 -8.46 -42.76 -49.08
C VAL A 915 -7.47 -41.66 -49.33
N LEU A 916 -6.27 -41.80 -48.79
CA LEU A 916 -5.21 -40.89 -49.17
C LEU A 916 -4.88 -41.10 -50.64
N TYR A 917 -4.44 -42.31 -50.96
CA TYR A 917 -3.83 -42.61 -52.25
C TYR A 917 -4.79 -42.32 -53.39
N GLU A 918 -6.03 -42.77 -53.27
CA GLU A 918 -7.03 -42.51 -54.30
C GLU A 918 -7.39 -41.03 -54.47
N ASN A 919 -6.92 -40.14 -53.58
CA ASN A 919 -7.24 -38.72 -53.63
C ASN A 919 -6.01 -37.84 -53.50
N GLN A 920 -4.81 -38.43 -53.62
CA GLN A 920 -3.54 -37.79 -53.29
C GLN A 920 -3.37 -36.44 -53.97
N LYS A 921 -3.65 -36.40 -55.27
CA LYS A 921 -3.57 -35.15 -56.03
C LYS A 921 -4.51 -34.11 -55.46
N LEU A 922 -5.79 -34.48 -55.32
CA LEU A 922 -6.78 -33.61 -54.70
C LEU A 922 -6.35 -33.14 -53.34
N ILE A 923 -5.80 -34.03 -52.56
CA ILE A 923 -5.41 -33.68 -51.20
C ILE A 923 -4.34 -32.61 -51.22
N ALA A 924 -3.33 -32.81 -52.06
CA ALA A 924 -2.29 -31.81 -52.22
C ALA A 924 -2.86 -30.49 -52.69
N ASN A 925 -3.81 -30.54 -53.61
CA ASN A 925 -4.42 -29.33 -54.13
C ASN A 925 -5.17 -28.59 -53.05
N GLN A 926 -5.97 -29.32 -52.27
CA GLN A 926 -6.66 -28.75 -51.13
C GLN A 926 -5.68 -28.11 -50.17
N PHE A 927 -4.60 -28.83 -49.87
CA PHE A 927 -3.55 -28.32 -49.00
C PHE A 927 -2.98 -27.01 -49.51
N ASN A 928 -2.52 -27.01 -50.76
CA ASN A 928 -1.89 -25.84 -51.36
C ASN A 928 -2.85 -24.66 -51.36
N SER A 929 -4.10 -24.92 -51.72
CA SER A 929 -5.12 -23.88 -51.66
C SER A 929 -5.30 -23.35 -50.25
N ALA A 930 -5.33 -24.25 -49.27
CA ALA A 930 -5.46 -23.83 -47.89
C ALA A 930 -4.29 -22.98 -47.45
N ILE A 931 -3.08 -23.38 -47.79
CA ILE A 931 -1.91 -22.56 -47.48
C ILE A 931 -1.99 -21.20 -48.15
N GLY A 932 -2.49 -21.15 -49.38
CA GLY A 932 -2.76 -19.86 -50.01
C GLY A 932 -3.73 -19.01 -49.21
N LYS A 933 -4.81 -19.62 -48.76
CA LYS A 933 -5.77 -18.96 -47.89
C LYS A 933 -5.11 -18.48 -46.61
N ILE A 934 -4.24 -19.29 -46.05
CA ILE A 934 -3.48 -18.92 -44.86
C ILE A 934 -2.61 -17.71 -45.14
N GLN A 935 -1.88 -17.73 -46.24
CA GLN A 935 -1.05 -16.60 -46.62
C GLN A 935 -1.87 -15.33 -46.77
N ASP A 936 -3.06 -15.47 -47.34
CA ASP A 936 -4.01 -14.36 -47.35
C ASP A 936 -4.30 -13.89 -45.93
N SER A 937 -4.61 -14.83 -45.03
CA SER A 937 -4.87 -14.50 -43.63
C SER A 937 -3.67 -13.88 -42.93
N LEU A 938 -2.48 -14.07 -43.46
CA LEU A 938 -1.29 -13.40 -42.98
C LEU A 938 -1.06 -12.08 -43.66
N SER A 939 -1.53 -11.96 -44.90
CA SER A 939 -1.42 -10.72 -45.63
C SER A 939 -2.38 -9.68 -45.09
N SER A 940 -3.54 -10.13 -44.63
CA SER A 940 -4.53 -9.27 -44.01
C SER A 940 -5.38 -10.17 -43.15
N THR A 941 -6.16 -9.55 -42.25
CA THR A 941 -6.84 -10.22 -41.15
C THR A 941 -5.87 -10.88 -40.17
N ALA A 942 -4.60 -10.45 -40.17
CA ALA A 942 -3.61 -10.97 -39.24
C ALA A 942 -3.82 -10.48 -37.81
N SER A 943 -4.73 -9.50 -37.60
CA SER A 943 -4.91 -8.79 -36.32
C SER A 943 -5.14 -9.69 -35.11
N ALA A 944 -5.53 -10.97 -35.31
CA ALA A 944 -5.54 -11.95 -34.22
C ALA A 944 -4.22 -12.09 -33.47
N LEU A 945 -3.09 -11.73 -34.10
CA LEU A 945 -1.81 -11.63 -33.41
C LEU A 945 -1.82 -10.69 -32.19
N GLY A 946 -2.82 -9.78 -32.06
CA GLY A 946 -2.98 -8.99 -30.85
C GLY A 946 -2.96 -9.84 -29.59
N LYS A 947 -3.53 -11.05 -29.68
CA LYS A 947 -3.50 -12.04 -28.60
C LYS A 947 -2.08 -12.38 -28.18
N LEU A 948 -1.13 -12.17 -29.07
CA LEU A 948 0.28 -11.98 -28.72
C LEU A 948 0.61 -10.52 -28.43
N GLN A 949 0.55 -9.67 -29.47
CA GLN A 949 1.28 -8.39 -29.53
C GLN A 949 1.02 -7.51 -28.31
N ASP A 950 -0.21 -7.52 -27.82
CA ASP A 950 -0.64 -6.63 -26.75
C ASP A 950 0.09 -6.86 -25.44
N VAL A 951 0.56 -8.07 -25.19
CA VAL A 951 1.24 -8.35 -23.92
C VAL A 951 2.50 -7.50 -23.79
N VAL A 952 3.20 -7.28 -24.88
CA VAL A 952 4.40 -6.45 -24.86
C VAL A 952 4.03 -5.02 -24.55
N ASN A 953 2.92 -4.56 -25.14
CA ASN A 953 2.41 -3.23 -24.87
C ASN A 953 2.10 -3.04 -23.40
N GLN A 954 1.50 -4.04 -22.77
CA GLN A 954 1.20 -3.94 -21.35
C GLN A 954 2.46 -3.78 -20.52
N ASN A 955 3.47 -4.60 -20.78
CA ASN A 955 4.75 -4.49 -20.07
C ASN A 955 5.38 -3.11 -20.26
N ALA A 956 5.42 -2.67 -21.51
CA ALA A 956 5.96 -1.36 -21.81
C ALA A 956 5.19 -0.27 -21.09
N GLN A 957 3.88 -0.39 -21.09
CA GLN A 957 3.05 0.57 -20.37
C GLN A 957 3.37 0.56 -18.88
N ALA A 958 3.58 -0.62 -18.32
CA ALA A 958 3.92 -0.73 -16.91
C ALA A 958 5.21 0.02 -16.58
N LEU A 959 6.21 -0.15 -17.44
CA LEU A 959 7.42 0.65 -17.30
C LEU A 959 7.13 2.13 -17.45
N ASN A 960 6.40 2.47 -18.51
CA ASN A 960 6.12 3.85 -18.83
C ASN A 960 5.42 4.57 -17.69
N THR A 961 4.38 3.95 -17.13
CA THR A 961 3.68 4.54 -16.01
C THR A 961 4.53 4.63 -14.77
N LEU A 962 5.42 3.65 -14.55
CA LEU A 962 6.38 3.81 -13.47
C LEU A 962 7.21 5.07 -13.66
N VAL A 963 7.72 5.25 -14.86
CA VAL A 963 8.52 6.43 -15.15
C VAL A 963 7.71 7.70 -14.96
N LYS A 964 6.44 7.65 -15.36
CA LYS A 964 5.53 8.75 -15.09
C LYS A 964 5.46 9.06 -13.60
N GLN A 965 5.13 8.05 -12.81
CA GLN A 965 5.02 8.26 -11.37
C GLN A 965 6.37 8.56 -10.75
N LEU A 966 7.46 8.12 -11.38
CA LEU A 966 8.79 8.54 -10.93
C LEU A 966 8.90 10.05 -10.95
N SER A 967 8.45 10.67 -12.02
CA SER A 967 8.48 12.12 -12.07
C SER A 967 7.50 12.79 -11.11
N SER A 968 6.60 12.04 -10.46
CA SER A 968 5.60 12.65 -9.59
C SER A 968 6.24 13.34 -8.40
N ASN A 969 5.57 14.40 -7.94
CA ASN A 969 6.01 15.23 -6.84
C ASN A 969 5.61 14.72 -5.46
N PHE A 970 4.60 13.85 -5.37
CA PHE A 970 4.15 13.25 -4.11
C PHE A 970 3.82 14.31 -3.07
N GLY A 971 3.20 15.41 -3.52
CA GLY A 971 2.84 16.50 -2.62
C GLY A 971 4.00 17.29 -2.05
N ALA A 972 5.24 16.96 -2.40
CA ALA A 972 6.42 17.61 -1.88
C ALA A 972 6.40 19.10 -2.16
N ILE A 973 7.13 19.84 -1.34
CA ILE A 973 7.22 21.28 -1.51
C ILE A 973 7.85 21.64 -2.86
N SER A 974 8.71 20.77 -3.37
CA SER A 974 9.22 20.90 -4.72
C SER A 974 9.74 19.53 -5.13
N SER A 975 9.82 19.32 -6.43
CA SER A 975 10.06 17.98 -6.94
C SER A 975 11.53 17.58 -7.01
N VAL A 976 12.47 18.52 -6.87
CA VAL A 976 13.90 18.22 -6.94
C VAL A 976 14.53 18.45 -5.57
N LEU A 977 15.11 17.37 -5.06
CA LEU A 977 15.75 17.40 -3.76
C LEU A 977 16.84 18.44 -3.69
N ASN A 978 17.58 18.60 -4.79
CA ASN A 978 18.76 19.47 -4.81
C ASN A 978 18.40 20.89 -4.44
N ASP A 979 17.26 21.37 -4.91
CA ASP A 979 16.86 22.74 -4.64
C ASP A 979 16.62 22.92 -3.16
N ILE A 980 15.70 22.13 -2.62
CA ILE A 980 15.37 22.24 -1.21
C ILE A 980 16.59 21.95 -0.35
N LEU A 981 17.44 21.05 -0.83
CA LEU A 981 18.68 20.76 -0.17
C LEU A 981 19.59 21.96 -0.18
N SER A 982 19.48 22.79 -1.20
CA SER A 982 20.12 24.09 -1.14
C SER A 982 19.41 25.01 -0.17
N ARG A 983 18.08 24.99 -0.18
CA ARG A 983 17.32 25.91 0.66
C ARG A 983 17.50 25.64 2.14
N LEU A 984 17.45 24.38 2.55
CA LEU A 984 16.99 24.00 3.89
C LEU A 984 17.96 23.02 4.53
N ASP A 985 17.81 22.85 5.85
CA ASP A 985 18.53 21.80 6.56
C ASP A 985 18.22 20.44 5.95
N PRO A 986 19.19 19.52 5.89
CA PRO A 986 18.87 18.11 5.58
C PRO A 986 17.74 17.58 6.46
N PRO A 987 17.75 17.87 7.80
CA PRO A 987 16.55 17.67 8.62
C PRO A 987 15.28 18.18 7.98
N GLU A 988 15.36 19.40 7.52
CA GLU A 988 14.19 20.00 6.93
C GLU A 988 13.90 19.35 5.59
N ALA A 989 14.95 19.05 4.84
CA ALA A 989 14.76 18.29 3.60
C ALA A 989 14.23 16.91 3.89
N GLU A 990 14.61 16.34 5.04
CA GLU A 990 14.09 15.03 5.42
C GLU A 990 12.59 15.07 5.60
N VAL A 991 12.01 16.25 5.85
CA VAL A 991 10.56 16.43 5.82
C VAL A 991 9.98 16.28 4.41
N GLN A 992 10.81 16.14 3.39
CA GLN A 992 10.40 15.83 2.04
C GLN A 992 10.93 14.50 1.57
N ILE A 993 12.19 14.22 1.89
CA ILE A 993 12.86 13.01 1.43
C ILE A 993 12.11 11.77 1.87
N ASP A 994 11.54 11.82 3.07
CA ASP A 994 10.73 10.72 3.60
C ASP A 994 9.60 10.29 2.66
N ARG A 995 8.67 11.20 2.35
CA ARG A 995 7.55 10.85 1.50
C ARG A 995 8.02 10.52 0.10
N LEU A 996 9.10 11.16 -0.35
CA LEU A 996 9.66 10.84 -1.65
C LEU A 996 10.12 9.38 -1.71
N ILE A 997 11.00 8.99 -0.79
CA ILE A 997 11.63 7.68 -0.89
C ILE A 997 10.60 6.59 -0.66
N THR A 998 9.74 6.76 0.34
CA THR A 998 8.74 5.76 0.63
C THR A 998 7.76 5.57 -0.52
N GLY A 999 7.28 6.68 -1.10
CA GLY A 999 6.42 6.58 -2.26
C GLY A 999 7.07 5.86 -3.42
N ARG A 1000 8.29 6.28 -3.75
CA ARG A 1000 9.03 5.66 -4.85
C ARG A 1000 9.26 4.18 -4.62
N LEU A 1001 9.55 3.82 -3.37
CA LEU A 1001 9.74 2.42 -3.01
C LEU A 1001 8.49 1.62 -3.29
N GLN A 1002 7.41 1.99 -2.60
CA GLN A 1002 6.21 1.16 -2.63
C GLN A 1002 5.64 1.10 -4.04
N SER A 1003 5.76 2.19 -4.78
CA SER A 1003 5.29 2.22 -6.15
C SER A 1003 6.05 1.23 -7.01
N LEU A 1004 7.38 1.32 -6.97
CA LEU A 1004 8.21 0.39 -7.73
C LEU A 1004 7.91 -1.03 -7.33
N GLN A 1005 7.82 -1.27 -6.02
CA GLN A 1005 7.51 -2.56 -5.47
C GLN A 1005 6.20 -3.09 -6.06
N THR A 1006 5.21 -2.22 -6.14
CA THR A 1006 3.92 -2.59 -6.68
C THR A 1006 4.06 -3.02 -8.12
N TYR A 1007 4.74 -2.19 -8.91
CA TYR A 1007 4.96 -2.49 -10.32
C TYR A 1007 5.63 -3.84 -10.50
N VAL A 1008 6.72 -4.08 -9.80
CA VAL A 1008 7.43 -5.33 -9.97
C VAL A 1008 6.60 -6.49 -9.47
N THR A 1009 5.77 -6.26 -8.45
CA THR A 1009 4.87 -7.29 -7.98
C THR A 1009 3.92 -7.73 -9.09
N GLN A 1010 3.32 -6.75 -9.75
CA GLN A 1010 2.44 -7.07 -10.87
C GLN A 1010 3.21 -7.78 -11.96
N GLN A 1011 4.44 -7.34 -12.23
CA GLN A 1011 5.28 -8.04 -13.19
C GLN A 1011 5.51 -9.48 -12.80
N LEU A 1012 5.64 -9.77 -11.51
CA LEU A 1012 5.70 -11.15 -11.07
C LEU A 1012 4.44 -11.90 -11.45
N ILE A 1013 3.28 -11.27 -11.25
CA ILE A 1013 2.03 -11.91 -11.63
C ILE A 1013 2.02 -12.19 -13.13
N ARG A 1014 2.38 -11.19 -13.91
CA ARG A 1014 2.51 -11.30 -15.35
C ARG A 1014 3.42 -12.46 -15.75
N ALA A 1015 4.59 -12.53 -15.11
CA ALA A 1015 5.55 -13.57 -15.39
C ALA A 1015 4.98 -14.95 -15.11
N ALA A 1016 4.27 -15.08 -13.99
CA ALA A 1016 3.70 -16.37 -13.61
C ALA A 1016 2.71 -16.87 -14.64
N GLU A 1017 1.78 -16.01 -15.04
CA GLU A 1017 0.81 -16.45 -16.04
C GLU A 1017 1.46 -16.67 -17.38
N ILE A 1018 2.48 -15.87 -17.70
CA ILE A 1018 3.29 -16.13 -18.88
C ILE A 1018 3.89 -17.51 -18.84
N ARG A 1019 4.42 -17.90 -17.68
CA ARG A 1019 4.96 -19.24 -17.54
C ARG A 1019 3.90 -20.29 -17.77
N ALA A 1020 2.72 -20.08 -17.20
CA ALA A 1020 1.61 -21.02 -17.41
C ALA A 1020 1.31 -21.21 -18.88
N SER A 1021 1.23 -20.09 -19.59
CA SER A 1021 1.08 -20.11 -21.04
C SER A 1021 2.20 -20.85 -21.72
N ALA A 1022 3.43 -20.57 -21.30
CA ALA A 1022 4.60 -21.20 -21.91
C ALA A 1022 4.58 -22.70 -21.73
N ASN A 1023 4.22 -23.15 -20.54
CA ASN A 1023 4.11 -24.58 -20.26
C ASN A 1023 3.13 -25.21 -21.21
N LEU A 1024 1.95 -24.59 -21.30
CA LEU A 1024 0.90 -25.07 -22.19
C LEU A 1024 1.41 -25.11 -23.63
N ALA A 1025 2.01 -24.03 -24.07
CA ALA A 1025 2.48 -23.92 -25.43
C ALA A 1025 3.52 -24.97 -25.76
N ALA A 1026 4.50 -25.16 -24.88
CA ALA A 1026 5.52 -26.17 -25.08
C ALA A 1026 4.90 -27.54 -25.23
N THR A 1027 3.93 -27.81 -24.38
CA THR A 1027 3.23 -29.08 -24.45
C THR A 1027 2.43 -29.17 -25.74
N LYS A 1028 1.76 -28.08 -26.10
CA LYS A 1028 0.98 -28.01 -27.31
C LYS A 1028 1.82 -28.33 -28.53
N MET A 1029 3.00 -27.72 -28.60
CA MET A 1029 3.96 -28.00 -29.66
C MET A 1029 4.29 -29.48 -29.67
N SER A 1030 4.72 -29.99 -28.52
CA SER A 1030 5.08 -31.39 -28.38
C SER A 1030 3.95 -32.29 -28.88
N GLU A 1031 2.75 -32.05 -28.40
CA GLU A 1031 1.63 -32.94 -28.59
C GLU A 1031 1.00 -32.83 -29.96
N CYS A 1032 1.11 -31.68 -30.62
CA CYS A 1032 0.56 -31.48 -31.95
C CYS A 1032 1.58 -31.63 -33.06
N VAL A 1033 2.87 -31.55 -32.75
CA VAL A 1033 3.92 -31.68 -33.75
C VAL A 1033 4.48 -33.07 -33.63
N LEU A 1034 5.01 -33.38 -32.45
CA LEU A 1034 5.61 -34.69 -32.27
C LEU A 1034 4.54 -35.73 -31.99
N GLY A 1035 3.55 -35.39 -31.18
CA GLY A 1035 2.37 -36.24 -31.07
C GLY A 1035 1.43 -36.03 -32.25
N GLN A 1036 0.78 -37.13 -32.67
CA GLN A 1036 -0.48 -37.06 -33.41
C GLN A 1036 -1.64 -37.24 -32.45
N SER A 1037 -1.80 -36.25 -31.60
CA SER A 1037 -2.58 -36.41 -30.38
C SER A 1037 -4.06 -36.66 -30.64
N LYS A 1038 -4.64 -37.56 -29.85
CA LYS A 1038 -6.04 -37.92 -29.96
C LYS A 1038 -6.96 -37.01 -29.15
N ARG A 1039 -6.42 -36.27 -28.20
CA ARG A 1039 -7.20 -35.41 -27.33
C ARG A 1039 -7.96 -34.33 -28.10
N VAL A 1040 -9.17 -34.04 -27.62
CA VAL A 1040 -10.17 -33.28 -28.36
C VAL A 1040 -9.68 -31.89 -28.67
N ASP A 1041 -9.68 -31.54 -29.95
CA ASP A 1041 -9.45 -30.21 -30.52
C ASP A 1041 -8.25 -29.45 -29.96
N PHE A 1042 -7.29 -30.16 -29.37
CA PHE A 1042 -6.19 -29.50 -28.71
C PHE A 1042 -5.29 -28.86 -29.74
N CYS A 1043 -5.23 -29.45 -30.93
CA CYS A 1043 -4.65 -28.81 -32.11
C CYS A 1043 -5.73 -28.13 -32.93
N GLY A 1044 -6.71 -27.52 -32.28
CA GLY A 1044 -7.86 -26.94 -32.95
C GLY A 1044 -8.87 -27.96 -33.47
N LYS A 1045 -9.95 -27.42 -34.03
CA LYS A 1045 -11.07 -28.23 -34.48
C LYS A 1045 -10.73 -29.05 -35.73
N GLY A 1046 -11.43 -30.17 -35.87
CA GLY A 1046 -11.14 -31.17 -36.88
C GLY A 1046 -10.07 -32.13 -36.42
N TYR A 1047 -10.08 -33.33 -37.00
CA TYR A 1047 -9.15 -34.35 -36.53
C TYR A 1047 -7.74 -34.02 -36.96
N HIS A 1048 -6.84 -34.13 -36.01
CA HIS A 1048 -5.49 -33.62 -36.15
C HIS A 1048 -4.69 -34.46 -37.13
N LEU A 1049 -4.10 -33.80 -38.13
CA LEU A 1049 -3.10 -34.44 -38.97
C LEU A 1049 -1.69 -34.14 -38.48
N MET A 1050 -1.35 -32.88 -38.37
CA MET A 1050 -0.03 -32.49 -37.91
C MET A 1050 -0.13 -31.01 -37.61
N SER A 1051 1.01 -30.44 -37.24
CA SER A 1051 1.13 -29.00 -37.23
C SER A 1051 2.59 -28.64 -37.47
N PHE A 1052 2.78 -27.41 -37.91
CA PHE A 1052 4.08 -26.86 -38.24
C PHE A 1052 4.37 -25.64 -37.37
N PRO A 1053 5.48 -25.59 -36.63
CA PRO A 1053 5.75 -24.41 -35.81
C PRO A 1053 6.24 -23.23 -36.63
N GLN A 1054 6.03 -22.04 -36.06
CA GLN A 1054 6.59 -20.83 -36.62
C GLN A 1054 6.96 -19.89 -35.50
N SER A 1055 7.99 -19.11 -35.76
CA SER A 1055 8.52 -18.16 -34.80
C SER A 1055 7.58 -16.98 -34.62
N ALA A 1056 7.65 -16.37 -33.44
CA ALA A 1056 7.09 -15.05 -33.23
C ALA A 1056 7.91 -14.34 -32.16
N PRO A 1057 7.91 -12.99 -32.15
CA PRO A 1057 8.89 -12.22 -31.36
C PRO A 1057 8.97 -12.57 -29.88
N HIS A 1058 7.83 -12.79 -29.25
CA HIS A 1058 7.76 -13.24 -27.87
C HIS A 1058 6.80 -14.41 -27.72
N GLY A 1059 6.66 -15.19 -28.79
CA GLY A 1059 5.66 -16.22 -28.86
C GLY A 1059 6.09 -17.24 -29.88
N VAL A 1060 5.21 -18.21 -30.09
CA VAL A 1060 5.39 -19.25 -31.10
C VAL A 1060 4.05 -19.44 -31.76
N VAL A 1061 4.11 -19.81 -33.04
CA VAL A 1061 2.94 -19.95 -33.88
C VAL A 1061 2.92 -21.35 -34.44
N PHE A 1062 1.72 -21.87 -34.65
CA PHE A 1062 1.48 -23.23 -35.08
C PHE A 1062 0.44 -23.16 -36.17
N LEU A 1063 0.72 -23.84 -37.26
CA LEU A 1063 -0.27 -24.10 -38.30
C LEU A 1063 -0.82 -25.47 -38.02
N HIS A 1064 -1.90 -25.51 -37.27
CA HIS A 1064 -2.56 -26.79 -37.05
C HIS A 1064 -3.21 -27.24 -38.34
N VAL A 1065 -3.07 -28.53 -38.62
CA VAL A 1065 -3.57 -29.18 -39.82
C VAL A 1065 -4.60 -30.19 -39.38
N THR A 1066 -5.84 -30.02 -39.86
CA THR A 1066 -6.97 -30.80 -39.40
C THR A 1066 -7.87 -31.25 -40.53
N TYR A 1067 -8.31 -32.50 -40.38
CA TYR A 1067 -9.34 -33.09 -41.23
C TYR A 1067 -10.68 -32.43 -40.99
N VAL A 1068 -11.43 -32.22 -42.07
CA VAL A 1068 -12.85 -31.89 -41.96
C VAL A 1068 -13.65 -32.76 -42.94
N PRO A 1069 -14.74 -33.42 -42.51
CA PRO A 1069 -15.53 -34.25 -43.44
C PRO A 1069 -16.38 -33.42 -44.39
N ALA A 1070 -16.82 -34.05 -45.49
CA ALA A 1070 -17.69 -33.35 -46.44
C ALA A 1070 -18.59 -34.28 -47.25
N GLN A 1071 -19.60 -33.65 -47.84
CA GLN A 1071 -20.50 -34.22 -48.85
C GLN A 1071 -21.15 -35.53 -48.40
N GLU A 1072 -21.68 -35.47 -47.20
CA GLU A 1072 -22.42 -36.57 -46.59
C GLU A 1072 -23.84 -36.73 -47.13
N LYS A 1073 -24.35 -37.97 -47.02
CA LYS A 1073 -25.71 -38.31 -47.43
C LYS A 1073 -26.23 -39.40 -46.49
N ASN A 1074 -27.57 -39.50 -46.39
CA ASN A 1074 -28.19 -40.46 -45.48
C ASN A 1074 -28.14 -41.87 -46.02
N PHE A 1075 -28.17 -42.83 -45.09
CA PHE A 1075 -28.41 -44.24 -45.39
C PHE A 1075 -29.16 -44.83 -44.23
N THR A 1076 -29.92 -45.89 -44.51
CA THR A 1076 -30.51 -46.73 -43.48
C THR A 1076 -29.51 -47.81 -43.06
N THR A 1077 -29.65 -48.24 -41.81
CA THR A 1077 -28.62 -48.93 -41.07
C THR A 1077 -29.24 -50.07 -40.27
N ALA A 1078 -28.39 -50.95 -39.77
CA ALA A 1078 -28.76 -52.01 -38.85
C ALA A 1078 -27.70 -52.15 -37.77
N PRO A 1079 -28.06 -52.63 -36.57
CA PRO A 1079 -27.04 -52.82 -35.55
C PRO A 1079 -26.13 -54.00 -35.83
N ALA A 1080 -26.68 -55.06 -36.41
CA ALA A 1080 -25.97 -56.30 -36.65
C ALA A 1080 -26.79 -57.02 -37.68
N ILE A 1081 -26.25 -58.11 -38.21
CA ILE A 1081 -26.93 -58.93 -39.20
C ILE A 1081 -27.12 -60.31 -38.62
N CYS A 1082 -28.27 -60.91 -38.93
CA CYS A 1082 -28.56 -62.30 -38.68
C CYS A 1082 -28.54 -63.06 -39.99
N HIS A 1083 -27.94 -64.25 -39.97
CA HIS A 1083 -27.93 -65.11 -41.14
C HIS A 1083 -28.09 -66.54 -40.69
N ASP A 1084 -29.11 -67.23 -41.20
CA ASP A 1084 -29.39 -68.63 -40.86
C ASP A 1084 -29.55 -68.87 -39.36
N GLY A 1085 -29.87 -67.83 -38.59
CA GLY A 1085 -29.83 -67.87 -37.15
C GLY A 1085 -28.45 -67.72 -36.57
N LYS A 1086 -27.39 -67.80 -37.39
CA LYS A 1086 -26.15 -67.14 -37.04
C LYS A 1086 -26.41 -65.66 -36.99
N ALA A 1087 -25.52 -64.95 -36.32
CA ALA A 1087 -25.57 -63.50 -36.37
C ALA A 1087 -24.16 -62.99 -36.31
N HIS A 1088 -23.99 -61.75 -36.76
CA HIS A 1088 -22.68 -61.19 -37.00
C HIS A 1088 -22.78 -59.70 -36.70
N PHE A 1089 -21.92 -59.25 -35.81
CA PHE A 1089 -21.52 -57.86 -35.75
C PHE A 1089 -20.49 -57.57 -36.82
N PRO A 1090 -20.29 -56.30 -37.17
CA PRO A 1090 -19.26 -55.97 -38.15
C PRO A 1090 -17.88 -56.02 -37.54
N ARG A 1091 -16.94 -56.53 -38.33
CA ARG A 1091 -15.54 -56.53 -37.94
C ARG A 1091 -15.07 -55.12 -37.62
N GLU A 1092 -15.40 -54.15 -38.47
CA GLU A 1092 -15.47 -52.75 -38.10
C GLU A 1092 -16.47 -52.08 -39.05
N GLY A 1093 -17.06 -50.99 -38.59
CA GLY A 1093 -17.95 -50.17 -39.38
C GLY A 1093 -19.39 -50.34 -38.93
N VAL A 1094 -20.30 -49.95 -39.80
CA VAL A 1094 -21.73 -50.10 -39.59
C VAL A 1094 -22.34 -50.69 -40.84
N PHE A 1095 -23.27 -51.60 -40.64
CA PHE A 1095 -24.06 -52.12 -41.75
C PHE A 1095 -25.04 -51.04 -42.22
N VAL A 1096 -25.02 -50.75 -43.51
CA VAL A 1096 -25.75 -49.62 -44.09
C VAL A 1096 -26.24 -50.10 -45.43
N SER A 1097 -27.28 -49.42 -45.95
CA SER A 1097 -27.73 -49.67 -47.31
C SER A 1097 -28.25 -48.45 -48.04
N ASN A 1098 -28.11 -48.53 -49.36
CA ASN A 1098 -28.83 -47.73 -50.33
C ASN A 1098 -29.79 -48.74 -50.97
N GLY A 1099 -31.08 -48.51 -50.75
CA GLY A 1099 -32.13 -49.47 -51.00
C GLY A 1099 -31.94 -50.80 -50.31
N THR A 1100 -31.90 -51.91 -51.04
CA THR A 1100 -31.63 -53.22 -50.46
C THR A 1100 -30.15 -53.59 -50.39
N HIS A 1101 -29.28 -52.80 -50.98
CA HIS A 1101 -27.85 -53.10 -51.06
C HIS A 1101 -27.15 -52.79 -49.75
N TRP A 1102 -27.36 -53.69 -48.80
CA TRP A 1102 -26.66 -53.66 -47.54
C TRP A 1102 -25.17 -53.87 -47.69
N PHE A 1103 -24.40 -52.99 -47.03
CA PHE A 1103 -22.95 -52.92 -47.12
C PHE A 1103 -22.46 -52.40 -45.77
N VAL A 1104 -21.13 -52.33 -45.62
CA VAL A 1104 -20.48 -51.69 -44.49
C VAL A 1104 -19.51 -50.64 -45.01
N THR A 1105 -19.34 -49.57 -44.21
CA THR A 1105 -18.28 -48.60 -44.40
C THR A 1105 -17.55 -48.31 -43.11
N GLN A 1106 -16.35 -47.77 -43.27
CA GLN A 1106 -15.64 -47.15 -42.17
C GLN A 1106 -16.44 -46.01 -41.60
N ARG A 1107 -16.52 -45.96 -40.27
CA ARG A 1107 -17.39 -45.01 -39.57
C ARG A 1107 -17.06 -43.55 -39.85
N ASN A 1108 -15.88 -43.26 -40.37
CA ASN A 1108 -15.52 -41.91 -40.74
C ASN A 1108 -15.95 -41.55 -42.15
N PHE A 1109 -16.15 -42.53 -43.02
CA PHE A 1109 -16.18 -42.23 -44.44
C PHE A 1109 -16.92 -43.30 -45.22
N TYR A 1110 -17.62 -42.86 -46.27
CA TYR A 1110 -18.44 -43.71 -47.09
C TYR A 1110 -17.60 -44.55 -48.04
N GLU A 1111 -17.59 -45.85 -47.78
CA GLU A 1111 -16.82 -46.82 -48.55
C GLU A 1111 -17.54 -48.17 -48.42
N PRO A 1112 -18.55 -48.44 -49.28
CA PRO A 1112 -19.43 -49.61 -49.06
C PRO A 1112 -18.78 -50.92 -49.41
N GLN A 1113 -18.21 -51.60 -48.42
CA GLN A 1113 -17.76 -52.97 -48.64
C GLN A 1113 -18.93 -53.91 -48.85
N ILE A 1114 -18.73 -54.83 -49.81
CA ILE A 1114 -19.53 -56.04 -49.90
C ILE A 1114 -19.53 -56.73 -48.56
N ILE A 1115 -20.66 -57.34 -48.21
CA ILE A 1115 -20.80 -58.07 -46.95
C ILE A 1115 -20.11 -59.41 -47.10
N THR A 1116 -19.06 -59.62 -46.31
CA THR A 1116 -18.21 -60.79 -46.42
C THR A 1116 -17.91 -61.35 -45.06
N THR A 1117 -17.54 -62.63 -45.08
CA THR A 1117 -17.06 -63.34 -43.90
C THR A 1117 -15.94 -62.60 -43.18
N ASP A 1118 -15.08 -61.92 -43.93
CA ASP A 1118 -14.00 -61.19 -43.30
C ASP A 1118 -14.52 -59.93 -42.61
N ASN A 1119 -15.29 -59.12 -43.31
CA ASN A 1119 -15.67 -57.85 -42.72
C ASN A 1119 -16.82 -57.98 -41.76
N THR A 1120 -17.52 -59.10 -41.78
CA THR A 1120 -18.31 -59.49 -40.64
C THR A 1120 -17.43 -60.11 -39.59
N PHE A 1121 -17.97 -60.26 -38.38
CA PHE A 1121 -17.54 -61.35 -37.52
C PHE A 1121 -18.75 -61.95 -36.82
N VAL A 1122 -18.81 -63.28 -36.83
CA VAL A 1122 -19.92 -64.04 -36.25
C VAL A 1122 -19.89 -63.96 -34.73
N SER A 1123 -21.05 -63.70 -34.15
CA SER A 1123 -21.14 -63.28 -32.77
C SER A 1123 -22.59 -63.29 -32.31
N GLY A 1124 -22.86 -63.92 -31.17
CA GLY A 1124 -24.23 -64.12 -30.72
C GLY A 1124 -25.01 -65.07 -31.62
N ASN A 1125 -26.31 -65.17 -31.32
CA ASN A 1125 -27.19 -66.17 -31.92
C ASN A 1125 -28.52 -65.56 -32.33
N CYS A 1126 -28.48 -64.36 -32.89
CA CYS A 1126 -29.63 -63.75 -33.58
C CYS A 1126 -30.83 -63.36 -32.73
N ASP A 1127 -31.30 -64.21 -31.82
CA ASP A 1127 -32.48 -63.90 -31.02
C ASP A 1127 -32.27 -62.78 -30.01
N VAL A 1128 -31.02 -62.36 -29.78
CA VAL A 1128 -30.66 -61.63 -28.58
C VAL A 1128 -31.37 -60.28 -28.48
N VAL A 1129 -31.61 -59.61 -29.60
CA VAL A 1129 -31.74 -58.16 -29.57
C VAL A 1129 -32.54 -57.65 -30.77
N ILE A 1130 -32.99 -56.41 -30.64
CA ILE A 1130 -33.70 -55.66 -31.67
C ILE A 1130 -32.86 -55.39 -32.91
N GLY A 1131 -33.55 -55.00 -33.99
CA GLY A 1131 -32.97 -54.27 -35.10
C GLY A 1131 -32.07 -55.02 -36.08
N ILE A 1132 -31.41 -56.06 -35.59
CA ILE A 1132 -30.71 -56.99 -36.45
C ILE A 1132 -31.65 -57.55 -37.50
N VAL A 1133 -31.11 -57.77 -38.69
CA VAL A 1133 -31.89 -58.17 -39.86
C VAL A 1133 -31.34 -59.42 -40.51
N ASN A 1134 -32.24 -60.15 -41.16
CA ASN A 1134 -31.90 -61.30 -41.97
C ASN A 1134 -31.18 -60.86 -43.24
N ASN A 1135 -29.89 -61.15 -43.36
CA ASN A 1135 -29.22 -60.94 -44.64
C ASN A 1135 -28.07 -61.94 -44.78
N THR A 1136 -27.74 -62.23 -46.04
CA THR A 1136 -26.69 -63.17 -46.38
C THR A 1136 -25.30 -62.60 -46.21
N VAL A 1137 -24.38 -63.44 -45.76
CA VAL A 1137 -22.95 -63.16 -45.76
C VAL A 1137 -22.28 -64.02 -46.81
N TYR A 1138 -21.45 -63.41 -47.63
CA TYR A 1138 -20.68 -64.14 -48.61
C TYR A 1138 -19.54 -64.90 -47.96
N ASP A 1139 -19.29 -66.12 -48.46
CA ASP A 1139 -18.13 -66.91 -48.07
C ASP A 1139 -17.06 -66.89 -49.16
N PRO A 1140 -15.84 -66.37 -48.91
CA PRO A 1140 -14.77 -66.48 -49.93
C PRO A 1140 -14.33 -67.89 -50.28
N LEU A 1141 -14.63 -68.89 -49.46
CA LEU A 1141 -14.41 -70.27 -49.87
C LEU A 1141 -15.44 -70.78 -50.88
N GLN A 1142 -16.46 -69.98 -51.21
CA GLN A 1142 -17.50 -70.36 -52.15
C GLN A 1142 -17.06 -70.88 -53.52
N PRO A 1143 -15.90 -70.52 -54.09
CA PRO A 1143 -15.54 -71.13 -55.39
C PRO A 1143 -15.45 -72.64 -55.36
N GLU A 1144 -14.87 -73.20 -54.31
CA GLU A 1144 -14.82 -74.65 -54.14
C GLU A 1144 -14.74 -74.94 -52.66
N TYR B 28 59.16 -2.84 0.61
CA TYR B 28 57.80 -2.28 0.87
C TYR B 28 56.77 -3.31 0.42
N THR B 29 56.36 -4.19 1.33
CA THR B 29 55.45 -5.25 0.94
C THR B 29 54.02 -4.75 0.83
N ASN B 30 53.17 -5.60 0.23
CA ASN B 30 51.74 -5.56 0.50
C ASN B 30 51.45 -5.95 1.93
N SER B 31 50.22 -5.67 2.36
CA SER B 31 49.79 -6.04 3.70
C SER B 31 49.56 -7.52 3.93
N PHE B 32 49.69 -8.37 2.91
CA PHE B 32 49.42 -9.81 2.99
C PHE B 32 47.99 -10.15 3.42
N THR B 33 47.05 -9.20 3.40
CA THR B 33 45.73 -9.32 4.00
C THR B 33 45.75 -9.61 5.50
N ARG B 34 46.84 -9.30 6.21
CA ARG B 34 46.83 -9.22 7.66
C ARG B 34 46.20 -7.92 8.14
N GLY B 35 46.06 -7.79 9.47
CA GLY B 35 45.53 -6.58 10.09
C GLY B 35 44.04 -6.55 10.41
N VAL B 36 43.39 -7.70 10.58
CA VAL B 36 42.08 -7.77 11.21
C VAL B 36 42.13 -7.45 12.69
N TYR B 37 40.96 -7.25 13.30
CA TYR B 37 40.84 -7.15 14.74
C TYR B 37 39.39 -7.44 15.09
N TYR B 38 39.15 -7.81 16.35
CA TYR B 38 37.79 -7.99 16.84
C TYR B 38 37.19 -6.63 17.18
N PRO B 39 36.17 -6.12 16.43
CA PRO B 39 35.76 -4.72 16.63
C PRO B 39 34.62 -4.54 17.63
N ASP B 40 33.85 -5.59 17.89
CA ASP B 40 32.49 -5.37 18.36
C ASP B 40 32.39 -5.21 19.87
N LYS B 41 33.11 -6.03 20.63
CA LYS B 41 32.79 -6.35 22.02
C LYS B 41 31.40 -6.94 22.26
N VAL B 42 30.67 -7.38 21.22
CA VAL B 42 29.49 -8.24 21.33
C VAL B 42 29.81 -9.53 20.62
N PHE B 43 29.65 -10.65 21.34
CA PHE B 43 29.93 -11.95 20.78
C PHE B 43 29.01 -12.27 19.61
N ARG B 44 29.57 -13.00 18.65
CA ARG B 44 28.86 -13.65 17.57
C ARG B 44 29.55 -14.98 17.32
N SER B 45 28.80 -15.98 16.87
CA SER B 45 29.40 -17.23 16.47
C SER B 45 28.60 -17.89 15.36
N SER B 46 29.30 -18.71 14.58
CA SER B 46 28.75 -19.52 13.51
C SER B 46 27.87 -18.73 12.53
N VAL B 47 28.31 -17.52 12.20
CA VAL B 47 27.56 -16.68 11.27
C VAL B 47 28.53 -15.76 10.56
N LEU B 48 28.18 -15.42 9.32
CA LEU B 48 28.77 -14.27 8.66
C LEU B 48 28.27 -12.99 9.30
N HIS B 49 29.05 -11.93 9.16
CA HIS B 49 28.52 -10.62 9.54
C HIS B 49 29.17 -9.52 8.73
N SER B 50 28.42 -8.43 8.59
CA SER B 50 28.86 -7.25 7.90
C SER B 50 29.93 -6.52 8.68
N THR B 51 30.74 -5.75 7.96
CA THR B 51 31.57 -4.71 8.57
C THR B 51 31.82 -3.63 7.53
N GLN B 52 32.05 -2.41 8.02
CA GLN B 52 32.36 -1.27 7.17
C GLN B 52 33.34 -0.27 7.80
N ASP B 53 33.85 -0.53 8.99
CA ASP B 53 34.64 0.39 9.79
C ASP B 53 36.06 0.52 9.24
N LEU B 54 36.84 1.32 9.96
CA LEU B 54 38.27 1.47 9.69
C LEU B 54 38.99 0.14 9.87
N PHE B 55 39.64 -0.30 8.80
CA PHE B 55 40.38 -1.55 8.80
C PHE B 55 41.57 -1.42 7.89
N LEU B 56 42.50 -2.31 8.10
CA LEU B 56 43.65 -2.43 7.26
C LEU B 56 43.30 -3.05 5.91
N PRO B 57 43.37 -2.35 4.77
CA PRO B 57 43.00 -2.99 3.50
C PRO B 57 43.96 -4.11 3.14
N PHE B 58 43.39 -5.14 2.51
CA PHE B 58 44.18 -6.31 2.16
C PHE B 58 45.12 -6.01 1.02
N PHE B 59 46.40 -6.35 1.22
CA PHE B 59 47.48 -6.04 0.29
C PHE B 59 47.69 -4.56 0.07
N SER B 60 47.20 -3.72 0.97
CA SER B 60 47.63 -2.34 1.01
C SER B 60 49.13 -2.29 1.23
N ASN B 61 49.76 -1.29 0.64
CA ASN B 61 51.22 -1.25 0.62
C ASN B 61 51.72 -0.82 1.98
N VAL B 62 52.83 -1.42 2.40
CA VAL B 62 53.39 -1.24 3.75
C VAL B 62 54.89 -1.26 3.62
N THR B 63 55.57 -0.66 4.60
CA THR B 63 56.97 -0.27 4.48
C THR B 63 57.90 -0.92 5.51
N TRP B 64 58.90 -1.64 4.98
CA TRP B 64 59.99 -2.21 5.77
C TRP B 64 60.91 -1.08 6.19
N PHE B 65 61.30 -1.04 7.46
CA PHE B 65 62.27 -0.06 7.92
C PHE B 65 63.04 -0.63 9.10
N HIS B 66 64.15 0.02 9.44
CA HIS B 66 65.04 -0.51 10.46
C HIS B 66 65.87 0.60 11.09
N ALA B 67 66.47 0.28 12.24
CA ALA B 67 67.28 1.24 12.99
C ALA B 67 68.68 1.42 12.41
N ILE B 68 69.24 0.39 11.78
CA ILE B 68 70.59 0.47 11.26
C ILE B 68 70.81 -0.61 10.22
N ASP B 80 69.34 8.66 13.45
CA ASP B 80 67.98 9.19 13.48
C ASP B 80 66.98 8.14 13.02
N ASN B 81 65.70 8.39 13.31
CA ASN B 81 64.60 7.50 12.94
C ASN B 81 63.32 8.34 12.87
N PRO B 82 62.24 7.81 12.30
CA PRO B 82 61.26 8.68 11.64
C PRO B 82 60.14 9.24 12.52
N VAL B 83 59.37 10.13 11.90
CA VAL B 83 58.07 10.60 12.39
C VAL B 83 57.19 10.82 11.17
N LEU B 84 55.88 10.72 11.36
CA LEU B 84 54.98 10.84 10.21
C LEU B 84 53.57 11.13 10.68
N PRO B 85 52.70 11.65 9.79
CA PRO B 85 51.31 11.92 10.15
C PRO B 85 50.51 10.67 10.44
N PHE B 86 49.36 10.90 11.07
CA PHE B 86 48.28 9.92 11.11
C PHE B 86 47.69 9.88 9.71
N ASN B 87 48.09 8.90 8.91
CA ASN B 87 47.63 8.75 7.52
C ASN B 87 46.25 8.10 7.41
N ASP B 88 45.25 8.75 7.99
CA ASP B 88 43.87 8.28 7.99
C ASP B 88 43.74 6.87 8.57
N GLY B 89 44.35 6.68 9.72
CA GLY B 89 44.44 5.40 10.40
C GLY B 89 45.78 4.76 10.18
N VAL B 90 46.34 4.20 11.24
CA VAL B 90 47.74 3.83 11.28
C VAL B 90 47.81 2.38 11.73
N TYR B 91 48.85 1.67 11.29
CA TYR B 91 49.20 0.35 11.79
C TYR B 91 50.70 0.30 12.00
N PHE B 92 51.13 -0.54 12.94
CA PHE B 92 52.54 -0.75 13.17
C PHE B 92 52.78 -2.17 13.63
N ALA B 93 54.01 -2.64 13.37
CA ALA B 93 54.53 -3.86 13.96
C ALA B 93 56.05 -3.77 14.02
N SER B 94 56.62 -4.50 14.97
CA SER B 94 58.07 -4.58 15.13
C SER B 94 58.45 -5.99 15.55
N THR B 95 59.65 -6.41 15.12
CA THR B 95 60.04 -7.81 15.06
C THR B 95 61.32 -8.08 15.85
N GLU B 96 61.53 -7.36 16.95
CA GLU B 96 62.71 -7.55 17.76
C GLU B 96 62.71 -8.91 18.44
N LYS B 97 63.92 -9.35 18.81
CA LYS B 97 64.07 -10.56 19.62
C LYS B 97 63.59 -10.40 21.06
N SER B 98 63.30 -9.19 21.52
CA SER B 98 62.81 -8.95 22.87
C SER B 98 62.20 -7.55 22.91
N ASN B 99 62.12 -6.97 24.12
CA ASN B 99 61.66 -5.59 24.31
C ASN B 99 62.39 -4.62 23.40
N ILE B 100 61.62 -3.82 22.65
CA ILE B 100 62.12 -3.25 21.41
C ILE B 100 63.15 -2.14 21.60
N ILE B 101 63.38 -1.66 22.82
CA ILE B 101 64.19 -0.46 23.04
C ILE B 101 63.67 0.68 22.19
N ARG B 102 62.34 0.80 22.12
CA ARG B 102 61.63 1.63 21.16
C ARG B 102 60.52 2.34 21.91
N GLY B 103 59.96 3.34 21.25
CA GLY B 103 58.96 4.17 21.90
C GLY B 103 58.17 4.95 20.87
N TRP B 104 56.99 5.41 21.30
CA TRP B 104 55.98 5.93 20.38
C TRP B 104 55.22 7.09 21.02
N ILE B 105 55.26 8.26 20.37
CA ILE B 105 54.61 9.46 20.88
C ILE B 105 53.92 10.21 19.75
N PHE B 106 52.89 10.97 20.13
CA PHE B 106 51.81 11.36 19.23
C PHE B 106 51.40 12.80 19.52
N GLY B 107 51.20 13.59 18.45
CA GLY B 107 50.78 14.98 18.56
C GLY B 107 51.40 15.99 17.61
N THR B 108 52.48 15.62 16.93
CA THR B 108 53.12 16.47 15.91
C THR B 108 53.69 17.77 16.48
N THR B 109 54.49 17.68 17.53
CA THR B 109 55.29 18.82 17.98
C THR B 109 56.55 18.33 18.69
N LEU B 110 57.58 19.18 18.68
CA LEU B 110 58.83 18.86 19.36
C LEU B 110 58.77 19.11 20.86
N ASP B 111 57.94 20.05 21.30
CA ASP B 111 57.81 20.37 22.72
C ASP B 111 56.52 21.12 22.93
N SER B 112 56.13 21.23 24.21
CA SER B 112 54.92 21.94 24.66
C SER B 112 53.70 21.37 23.93
N LYS B 113 52.79 22.21 23.39
CA LYS B 113 51.64 21.81 22.56
C LYS B 113 50.89 20.63 23.19
N THR B 114 50.51 20.83 24.44
CA THR B 114 50.38 19.76 25.42
C THR B 114 49.23 18.80 25.10
N GLN B 115 49.12 17.78 25.96
CA GLN B 115 48.26 16.62 25.78
C GLN B 115 48.65 15.79 24.56
N SER B 116 49.94 15.73 24.26
CA SER B 116 50.46 14.78 23.29
C SER B 116 50.49 13.39 23.91
N LEU B 117 50.19 12.37 23.13
CA LEU B 117 50.17 11.01 23.66
C LEU B 117 51.55 10.40 23.64
N LEU B 118 51.74 9.40 24.50
CA LEU B 118 53.01 8.68 24.56
C LEU B 118 52.81 7.24 25.00
N ILE B 119 53.56 6.35 24.35
CA ILE B 119 53.60 4.92 24.65
C ILE B 119 55.04 4.48 24.45
N VAL B 120 55.51 3.53 25.28
CA VAL B 120 56.85 2.97 25.12
C VAL B 120 56.88 1.49 25.48
N ASN B 121 57.88 0.81 24.94
CA ASN B 121 58.21 -0.57 25.31
C ASN B 121 58.64 -0.63 26.77
N ASN B 122 58.33 -1.74 27.43
CA ASN B 122 58.51 -1.83 28.86
C ASN B 122 58.51 -3.28 29.31
N ALA B 123 58.86 -3.48 30.58
CA ALA B 123 58.57 -4.73 31.25
C ALA B 123 57.08 -4.99 31.33
N THR B 124 56.27 -3.93 31.37
CA THR B 124 54.86 -4.04 31.10
C THR B 124 54.65 -4.14 29.59
N ASN B 125 53.59 -4.85 29.21
CA ASN B 125 53.23 -4.98 27.81
C ASN B 125 52.78 -3.67 27.17
N VAL B 126 52.48 -2.64 27.96
CA VAL B 126 52.13 -1.33 27.45
C VAL B 126 52.47 -0.28 28.50
N VAL B 127 52.71 0.97 28.03
CA VAL B 127 52.99 2.14 28.86
C VAL B 127 52.16 3.30 28.34
N ILE B 128 51.69 4.17 29.25
CA ILE B 128 50.72 5.21 28.94
C ILE B 128 51.30 6.54 29.35
N LYS B 129 51.11 7.54 28.50
CA LYS B 129 51.14 8.92 28.95
C LYS B 129 50.27 9.77 28.04
N VAL B 130 49.73 10.85 28.58
CA VAL B 130 49.31 12.03 27.80
C VAL B 130 49.91 13.23 28.49
N CYS B 131 50.71 14.02 27.74
CA CYS B 131 51.72 14.89 28.36
C CYS B 131 51.99 16.14 27.54
N GLU B 132 52.40 17.21 28.23
CA GLU B 132 53.22 18.27 27.64
C GLU B 132 54.57 17.75 27.16
N PHE B 133 54.90 18.05 25.90
CA PHE B 133 55.91 17.30 25.17
C PHE B 133 57.34 17.70 25.53
N GLN B 134 58.25 16.73 25.39
CA GLN B 134 59.68 16.94 25.17
C GLN B 134 60.35 15.59 24.96
N PHE B 135 61.28 15.55 24.00
CA PHE B 135 62.02 14.35 23.63
C PHE B 135 63.02 13.97 24.74
N CYS B 136 63.54 12.74 24.64
CA CYS B 136 64.42 12.13 25.61
C CYS B 136 65.86 12.63 25.51
N ASN B 137 66.61 12.34 26.58
CA ASN B 137 68.04 12.65 26.67
C ASN B 137 68.94 11.56 26.08
N ASP B 138 68.56 10.26 26.20
CA ASP B 138 69.35 9.17 25.65
C ASP B 138 68.62 7.83 25.62
N PRO B 139 67.57 7.66 24.79
CA PRO B 139 66.71 6.45 24.84
C PRO B 139 67.30 5.23 24.15
N PHE B 140 68.40 4.71 24.69
CA PHE B 140 69.08 3.53 24.13
C PHE B 140 69.68 2.72 25.28
N LEU B 141 69.89 1.43 25.04
CA LEU B 141 70.44 0.51 26.03
C LEU B 141 71.83 0.95 26.50
N PHE B 157 70.60 5.05 33.37
CA PHE B 157 70.32 3.72 32.83
C PHE B 157 68.91 3.56 32.27
N ARG B 158 68.07 4.62 32.37
CA ARG B 158 66.70 4.54 31.84
C ARG B 158 66.16 5.92 31.46
N VAL B 159 67.04 6.86 31.11
CA VAL B 159 66.62 8.22 30.78
C VAL B 159 65.69 8.22 29.57
N TYR B 160 64.72 9.13 29.58
CA TYR B 160 63.59 9.09 28.66
C TYR B 160 63.10 10.51 28.42
N SER B 161 61.92 10.60 27.77
CA SER B 161 61.31 11.85 27.31
C SER B 161 61.29 12.94 28.37
N SER B 162 61.77 14.12 27.98
CA SER B 162 61.68 15.31 28.83
C SER B 162 60.27 15.88 28.97
N ALA B 163 59.25 15.24 28.39
CA ALA B 163 57.86 15.63 28.59
C ALA B 163 57.48 15.71 30.06
N ASN B 164 56.45 16.49 30.38
CA ASN B 164 55.97 16.65 31.75
C ASN B 164 54.49 17.04 31.67
N ASN B 165 53.91 17.37 32.84
CA ASN B 165 52.58 17.98 32.96
C ASN B 165 51.51 17.16 32.25
N CYS B 166 51.10 16.05 32.87
CA CYS B 166 50.42 14.94 32.19
C CYS B 166 49.01 14.67 32.70
N THR B 167 48.16 14.19 31.78
CA THR B 167 46.75 13.90 32.09
C THR B 167 46.54 12.52 32.72
N PHE B 168 47.23 11.50 32.24
CA PHE B 168 47.20 10.17 32.86
C PHE B 168 48.45 9.42 32.38
N GLU B 169 48.90 8.44 33.16
CA GLU B 169 50.00 7.59 32.77
C GLU B 169 49.95 6.28 33.56
N TYR B 170 50.69 5.29 33.05
CA TYR B 170 50.80 3.97 33.67
C TYR B 170 52.09 3.33 33.19
N VAL B 171 52.82 2.70 34.13
CA VAL B 171 54.19 2.25 33.92
C VAL B 171 54.37 0.92 34.67
N SER B 172 55.27 0.08 34.16
CA SER B 172 55.63 -1.18 34.83
C SER B 172 56.28 -0.91 36.17
N LYS B 187 63.49 -12.42 16.85
CA LYS B 187 62.96 -13.65 17.42
C LYS B 187 61.53 -13.53 17.96
N ASN B 188 61.01 -12.31 18.05
CA ASN B 188 59.66 -12.03 18.51
C ASN B 188 59.01 -11.06 17.56
N LEU B 189 57.69 -10.94 17.66
CA LEU B 189 56.99 -9.90 16.93
C LEU B 189 55.74 -9.48 17.70
N ARG B 190 55.35 -8.24 17.49
CA ARG B 190 54.02 -7.80 17.88
C ARG B 190 53.58 -6.75 16.86
N GLU B 191 52.27 -6.63 16.70
CA GLU B 191 51.68 -5.80 15.67
C GLU B 191 50.47 -5.12 16.28
N PHE B 192 50.09 -3.98 15.68
CA PHE B 192 49.43 -2.93 16.45
C PHE B 192 48.48 -2.15 15.56
N VAL B 193 47.21 -2.17 15.93
CA VAL B 193 46.16 -1.34 15.37
C VAL B 193 46.16 0.03 16.04
N PHE B 194 45.84 1.07 15.28
CA PHE B 194 45.71 2.43 15.80
C PHE B 194 44.49 3.11 15.21
N LYS B 195 43.43 3.22 16.00
CA LYS B 195 42.17 3.84 15.60
C LYS B 195 42.04 5.13 16.37
N ASN B 196 41.99 6.26 15.65
CA ASN B 196 41.50 7.52 16.23
C ASN B 196 39.97 7.49 16.19
N ILE B 197 39.41 6.69 17.09
CA ILE B 197 37.95 6.55 17.19
C ILE B 197 37.27 7.85 17.57
N ASP B 198 35.94 7.85 17.48
CA ASP B 198 35.13 9.03 17.76
C ASP B 198 35.27 9.50 19.19
N GLY B 199 36.03 10.59 19.40
CA GLY B 199 36.31 11.05 20.74
C GLY B 199 37.08 10.05 21.59
N TYR B 200 37.80 9.15 20.95
CA TYR B 200 38.22 7.91 21.58
C TYR B 200 39.44 7.43 20.81
N PHE B 201 40.14 6.47 21.40
CA PHE B 201 41.22 5.79 20.71
C PHE B 201 41.13 4.30 21.03
N LYS B 202 41.36 3.46 20.02
CA LYS B 202 41.24 2.02 20.14
C LYS B 202 42.47 1.37 19.54
N ILE B 203 42.98 0.34 20.22
CA ILE B 203 44.24 -0.30 19.87
C ILE B 203 44.01 -1.79 20.03
N TYR B 204 44.63 -2.58 19.14
CA TYR B 204 44.44 -4.01 19.11
C TYR B 204 45.76 -4.68 18.75
N SER B 205 45.98 -5.86 19.32
CA SER B 205 47.26 -6.53 19.17
C SER B 205 47.11 -8.01 19.48
N LYS B 206 48.12 -8.77 19.05
CA LYS B 206 48.37 -10.11 19.57
C LYS B 206 49.88 -10.35 19.52
N HIS B 207 50.40 -11.00 20.56
CA HIS B 207 51.82 -11.32 20.61
C HIS B 207 52.11 -12.50 19.70
N THR B 208 53.28 -12.48 19.09
CA THR B 208 53.63 -13.41 18.02
C THR B 208 55.15 -13.59 17.99
N PRO B 209 55.66 -14.68 17.40
CA PRO B 209 57.10 -14.78 17.14
C PRO B 209 57.53 -13.89 15.98
N ILE B 210 58.84 -13.70 15.88
CA ILE B 210 59.42 -13.07 14.71
C ILE B 210 59.23 -14.03 13.55
N ASP B 215 61.56 -11.01 7.16
CA ASP B 215 60.30 -10.86 6.46
C ASP B 215 59.12 -11.04 7.38
N LEU B 216 57.93 -10.69 6.87
CA LEU B 216 56.69 -10.77 7.62
C LEU B 216 55.86 -11.95 7.13
N PRO B 217 55.38 -12.86 7.99
CA PRO B 217 54.49 -13.90 7.47
C PRO B 217 53.15 -13.33 7.04
N GLN B 218 52.28 -14.21 6.58
CA GLN B 218 51.03 -13.86 5.90
C GLN B 218 49.80 -14.46 6.53
N GLY B 219 49.96 -15.49 7.37
CA GLY B 219 48.83 -16.26 7.87
C GLY B 219 47.83 -15.40 8.64
N PHE B 220 46.55 -15.73 8.45
CA PHE B 220 45.44 -14.92 8.92
C PHE B 220 45.50 -14.74 10.44
N SER B 221 45.13 -13.53 10.88
CA SER B 221 44.89 -13.27 12.29
C SER B 221 44.06 -12.01 12.44
N ALA B 222 43.52 -11.84 13.64
CA ALA B 222 42.87 -10.62 14.08
C ALA B 222 43.45 -10.18 15.41
N LEU B 223 43.82 -8.91 15.52
CA LEU B 223 44.39 -8.41 16.77
C LEU B 223 43.34 -8.41 17.87
N GLU B 224 43.76 -8.87 19.05
CA GLU B 224 42.92 -8.77 20.23
C GLU B 224 42.90 -7.33 20.73
N PRO B 225 41.84 -6.91 21.45
CA PRO B 225 41.82 -5.56 22.04
C PRO B 225 42.97 -5.25 22.97
N LEU B 226 43.79 -4.27 22.55
CA LEU B 226 45.00 -3.86 23.22
C LEU B 226 44.90 -2.52 23.93
N VAL B 227 44.00 -1.63 23.51
CA VAL B 227 43.63 -0.49 24.34
C VAL B 227 42.30 0.06 23.88
N ASP B 228 41.64 0.79 24.77
CA ASP B 228 40.42 1.53 24.46
C ASP B 228 40.28 2.60 25.53
N LEU B 229 40.30 3.87 25.15
CA LEU B 229 40.13 4.95 26.11
C LEU B 229 39.66 6.20 25.38
N PRO B 230 39.06 7.16 26.10
CA PRO B 230 38.64 8.42 25.46
C PRO B 230 39.82 9.24 24.96
N ILE B 231 39.53 10.07 23.97
CA ILE B 231 40.55 10.87 23.30
C ILE B 231 41.19 11.87 24.24
N ILE B 235 45.22 15.04 18.47
CA ILE B 235 46.49 14.71 17.85
C ILE B 235 46.24 14.11 16.49
N THR B 236 47.26 14.21 15.60
CA THR B 236 47.11 13.69 14.25
C THR B 236 48.45 13.30 13.61
N ARG B 237 49.46 12.97 14.39
CA ARG B 237 50.75 12.64 13.83
C ARG B 237 51.57 11.91 14.88
N PHE B 238 52.65 11.30 14.42
CA PHE B 238 53.48 10.42 15.22
C PHE B 238 54.95 10.83 15.14
N GLN B 239 55.69 10.56 16.22
CA GLN B 239 57.14 10.50 16.16
C GLN B 239 57.66 9.35 17.00
N THR B 240 58.74 8.75 16.51
CA THR B 240 59.44 7.68 17.21
C THR B 240 60.22 8.24 18.40
N LEU B 241 60.60 7.33 19.31
CA LEU B 241 61.23 7.70 20.58
C LEU B 241 62.42 6.83 21.00
N LEU B 242 62.72 5.73 20.31
CA LEU B 242 63.80 4.82 20.69
C LEU B 242 63.72 4.33 22.14
N ALA B 262 70.55 -5.15 15.52
CA ALA B 262 69.83 -3.90 15.32
C ALA B 262 68.33 -4.15 15.32
N ALA B 263 67.57 -3.13 15.68
CA ALA B 263 66.12 -3.22 15.66
C ALA B 263 65.58 -3.08 14.25
N ALA B 264 64.40 -3.67 14.02
CA ALA B 264 63.73 -3.59 12.73
C ALA B 264 62.23 -3.58 12.93
N TYR B 265 61.52 -3.00 11.97
CA TYR B 265 60.13 -2.61 12.19
C TYR B 265 59.42 -2.39 10.87
N TYR B 266 58.09 -2.26 10.96
CA TYR B 266 57.20 -2.09 9.83
C TYR B 266 56.23 -0.93 9.99
N VAL B 267 56.01 -0.20 8.89
CA VAL B 267 55.12 0.96 8.84
C VAL B 267 53.87 0.59 8.05
N GLY B 268 52.68 0.91 8.59
CA GLY B 268 51.44 0.60 7.90
C GLY B 268 50.29 1.50 8.32
N TYR B 269 49.11 1.24 7.74
CA TYR B 269 47.99 2.20 7.75
C TYR B 269 46.65 1.46 7.63
N LEU B 270 45.56 2.21 7.83
CA LEU B 270 44.20 1.68 7.83
C LEU B 270 43.35 2.47 6.86
N GLN B 271 42.14 1.96 6.55
CA GLN B 271 41.13 2.75 5.86
C GLN B 271 39.73 2.27 6.21
N PRO B 272 38.68 3.14 6.08
CA PRO B 272 37.29 2.68 6.22
C PRO B 272 36.81 1.82 5.07
N ARG B 273 36.60 0.52 5.30
CA ARG B 273 36.35 -0.44 4.24
C ARG B 273 35.25 -1.42 4.62
N THR B 274 34.44 -1.77 3.62
CA THR B 274 33.51 -2.88 3.71
C THR B 274 34.23 -4.20 3.95
N PHE B 275 33.78 -4.96 4.95
CA PHE B 275 34.41 -6.22 5.32
C PHE B 275 33.36 -7.25 5.75
N LEU B 276 33.11 -8.23 4.89
CA LEU B 276 32.12 -9.27 5.15
C LEU B 276 32.71 -10.33 6.08
N LEU B 277 32.75 -9.99 7.36
CA LEU B 277 33.32 -10.87 8.37
C LEU B 277 32.55 -12.18 8.51
N LYS B 278 33.18 -13.16 9.16
CA LYS B 278 32.46 -14.30 9.70
C LYS B 278 33.13 -14.88 10.93
N TYR B 279 32.30 -15.42 11.82
CA TYR B 279 32.71 -16.04 13.07
C TYR B 279 32.47 -17.54 12.99
N ASN B 280 33.49 -18.32 13.29
CA ASN B 280 33.29 -19.74 13.50
C ASN B 280 32.39 -19.99 14.70
N GLU B 281 31.88 -21.23 14.78
CA GLU B 281 31.07 -21.64 15.92
C GLU B 281 31.82 -21.52 17.25
N ASN B 282 33.15 -21.60 17.21
CA ASN B 282 34.00 -21.36 18.36
C ASN B 282 34.20 -19.88 18.62
N GLY B 283 33.49 -18.98 17.94
CA GLY B 283 33.72 -17.57 17.96
C GLY B 283 34.97 -17.12 17.27
N THR B 284 35.77 -18.03 16.73
CA THR B 284 36.99 -17.68 16.04
C THR B 284 36.62 -17.06 14.71
N ILE B 285 36.99 -15.79 14.51
CA ILE B 285 36.75 -15.17 13.23
C ILE B 285 37.55 -15.91 12.17
N THR B 286 36.85 -16.33 11.10
CA THR B 286 37.50 -17.02 10.01
C THR B 286 38.17 -16.04 9.06
N ASP B 287 37.45 -14.98 8.67
CA ASP B 287 37.96 -14.03 7.71
C ASP B 287 36.95 -12.91 7.50
N ALA B 288 37.27 -11.98 6.61
CA ALA B 288 36.31 -11.03 6.08
C ALA B 288 36.59 -10.79 4.62
N VAL B 289 35.52 -10.63 3.85
CA VAL B 289 35.64 -10.33 2.43
C VAL B 289 36.04 -8.88 2.25
N ASP B 290 37.27 -8.65 1.80
CA ASP B 290 37.76 -7.33 1.45
C ASP B 290 37.24 -6.89 0.07
N CYS B 291 35.91 -6.73 0.00
CA CYS B 291 35.21 -6.59 -1.28
C CYS B 291 35.65 -5.37 -2.08
N ALA B 292 36.26 -4.39 -1.44
CA ALA B 292 36.89 -3.29 -2.16
C ALA B 292 37.98 -3.78 -3.10
N LEU B 293 38.67 -4.85 -2.73
CA LEU B 293 39.87 -5.24 -3.44
C LEU B 293 39.61 -5.96 -4.76
N ASP B 294 38.44 -6.59 -4.94
CA ASP B 294 38.34 -7.72 -5.86
C ASP B 294 36.91 -8.04 -6.28
N PRO B 295 36.62 -8.14 -7.59
CA PRO B 295 35.32 -8.65 -8.02
C PRO B 295 34.93 -9.97 -7.41
N LEU B 296 35.88 -10.87 -7.18
CA LEU B 296 35.56 -12.13 -6.53
C LEU B 296 35.11 -11.93 -5.10
N SER B 297 35.89 -11.17 -4.34
CA SER B 297 35.47 -10.78 -2.99
C SER B 297 34.11 -10.12 -3.01
N GLU B 298 33.94 -9.15 -3.91
CA GLU B 298 32.64 -8.51 -4.12
C GLU B 298 31.54 -9.53 -4.34
N THR B 299 31.82 -10.53 -5.15
CA THR B 299 30.86 -11.60 -5.39
C THR B 299 30.50 -12.31 -4.10
N LYS B 300 31.53 -12.74 -3.36
CA LYS B 300 31.36 -13.45 -2.11
C LYS B 300 30.45 -12.69 -1.15
N CYS B 301 30.80 -11.45 -0.88
CA CYS B 301 29.98 -10.69 0.06
C CYS B 301 28.64 -10.37 -0.54
N THR B 302 28.59 -10.17 -1.85
CA THR B 302 27.31 -9.99 -2.51
C THR B 302 26.43 -11.20 -2.31
N LEU B 303 27.02 -12.39 -2.46
CA LEU B 303 26.30 -13.63 -2.20
C LEU B 303 26.31 -14.03 -0.73
N LYS B 304 26.91 -13.22 0.15
CA LYS B 304 26.96 -13.48 1.58
C LYS B 304 27.54 -14.85 1.95
N SER B 305 28.50 -15.36 1.18
CA SER B 305 29.03 -16.70 1.44
C SER B 305 30.51 -16.80 1.08
N PHE B 306 31.20 -17.69 1.80
CA PHE B 306 32.62 -17.94 1.58
C PHE B 306 32.91 -18.65 0.26
N THR B 307 31.92 -19.23 -0.40
CA THR B 307 32.18 -19.96 -1.64
C THR B 307 30.96 -19.89 -2.53
N VAL B 308 31.22 -19.91 -3.84
CA VAL B 308 30.22 -19.68 -4.87
C VAL B 308 30.35 -20.74 -5.93
N GLU B 309 29.21 -21.21 -6.42
CA GLU B 309 29.16 -22.14 -7.53
C GLU B 309 29.35 -21.41 -8.86
N LYS B 310 29.61 -22.20 -9.88
CA LYS B 310 29.72 -21.69 -11.25
C LYS B 310 28.47 -20.96 -11.67
N GLY B 311 28.64 -19.74 -12.14
CA GLY B 311 27.50 -18.97 -12.61
C GLY B 311 27.85 -17.52 -12.84
N ILE B 312 26.86 -16.81 -13.37
CA ILE B 312 26.93 -15.40 -13.70
C ILE B 312 26.01 -14.64 -12.77
N TYR B 313 26.54 -13.60 -12.12
CA TYR B 313 25.82 -12.87 -11.08
C TYR B 313 26.04 -11.37 -11.26
N GLN B 314 24.94 -10.63 -11.24
CA GLN B 314 24.98 -9.17 -11.27
C GLN B 314 25.61 -8.66 -9.99
N THR B 315 26.24 -7.48 -10.07
CA THR B 315 27.08 -6.98 -9.00
C THR B 315 26.90 -5.51 -8.69
N SER B 316 27.00 -4.64 -9.68
CA SER B 316 26.98 -3.20 -9.43
C SER B 316 26.68 -2.50 -10.73
N ASN B 317 26.85 -1.18 -10.74
CA ASN B 317 26.95 -0.41 -11.97
C ASN B 317 28.12 0.56 -11.89
N PHE B 318 28.80 0.74 -13.02
CA PHE B 318 29.71 1.86 -13.22
C PHE B 318 28.88 3.14 -13.36
N ARG B 319 29.50 4.28 -13.04
CA ARG B 319 28.94 5.57 -13.42
C ARG B 319 30.05 6.59 -13.58
N VAL B 320 30.17 7.16 -14.77
CA VAL B 320 31.16 8.19 -15.04
C VAL B 320 30.87 9.40 -14.16
N GLN B 321 31.90 9.87 -13.44
CA GLN B 321 31.84 10.97 -12.50
C GLN B 321 32.18 12.30 -13.18
N PRO B 322 31.68 13.44 -12.64
CA PRO B 322 31.95 14.74 -13.27
C PRO B 322 33.43 15.06 -13.34
N THR B 323 33.93 15.25 -14.56
CA THR B 323 35.32 15.64 -14.75
C THR B 323 35.59 17.09 -14.40
N GLU B 324 34.56 17.94 -14.36
CA GLU B 324 34.76 19.37 -14.12
C GLU B 324 33.43 19.98 -13.71
N SER B 325 33.46 21.25 -13.31
CA SER B 325 32.26 22.09 -13.27
C SER B 325 32.33 23.15 -14.35
N ILE B 326 31.24 23.31 -15.10
CA ILE B 326 31.06 24.42 -16.02
C ILE B 326 29.66 24.99 -15.82
N VAL B 327 29.57 26.30 -15.62
CA VAL B 327 28.32 26.95 -15.19
C VAL B 327 28.22 28.27 -15.94
N ARG B 328 27.01 28.61 -16.45
CA ARG B 328 26.81 29.82 -17.29
C ARG B 328 25.47 30.45 -16.90
N PHE B 329 25.44 31.12 -15.76
CA PHE B 329 24.37 32.05 -15.43
C PHE B 329 24.11 33.07 -16.52
N PRO B 330 22.95 33.73 -16.54
CA PRO B 330 22.81 34.90 -17.40
C PRO B 330 23.76 36.01 -16.96
N ASN B 331 23.87 37.02 -17.82
CA ASN B 331 24.92 38.02 -17.71
C ASN B 331 24.54 39.22 -16.83
N ILE B 332 23.71 39.02 -15.81
CA ILE B 332 23.34 40.12 -14.90
C ILE B 332 24.57 40.65 -14.20
N THR B 333 24.42 41.83 -13.59
CA THR B 333 25.57 42.64 -13.19
C THR B 333 25.35 43.44 -11.91
N ASN B 334 24.11 43.79 -11.55
CA ASN B 334 23.93 44.75 -10.47
C ASN B 334 24.03 44.09 -9.09
N LEU B 335 24.25 44.93 -8.09
CA LEU B 335 23.84 44.66 -6.72
C LEU B 335 22.34 44.88 -6.53
N CYS B 336 21.80 44.21 -5.54
CA CYS B 336 20.37 44.27 -5.25
C CYS B 336 20.01 45.57 -4.50
N PRO B 337 18.74 46.04 -4.61
CA PRO B 337 18.33 47.32 -3.99
C PRO B 337 18.07 47.29 -2.47
N PHE B 338 18.77 46.44 -1.69
CA PHE B 338 18.43 46.18 -0.29
C PHE B 338 18.32 47.42 0.60
N GLY B 339 19.34 48.28 0.57
CA GLY B 339 19.30 49.49 1.38
C GLY B 339 18.19 50.46 0.98
N GLU B 340 17.87 50.52 -0.31
CA GLU B 340 16.82 51.40 -0.83
C GLU B 340 15.48 51.11 -0.18
N VAL B 341 15.26 49.86 0.18
CA VAL B 341 14.13 49.50 1.03
C VAL B 341 14.50 49.74 2.48
N PHE B 342 15.59 49.10 2.92
CA PHE B 342 15.94 48.98 4.33
C PHE B 342 16.15 50.33 4.99
N ASN B 343 16.51 51.34 4.21
CA ASN B 343 16.68 52.68 4.71
C ASN B 343 15.53 53.61 4.40
N ALA B 344 14.48 53.12 3.72
CA ALA B 344 13.35 53.98 3.33
C ALA B 344 12.73 54.69 4.53
N THR B 345 12.34 55.95 4.28
CA THR B 345 11.97 56.91 5.33
C THR B 345 10.96 56.36 6.31
N ARG B 346 9.93 55.72 5.78
CA ARG B 346 8.97 54.96 6.56
C ARG B 346 8.45 53.88 5.65
N PHE B 347 8.05 52.77 6.26
CA PHE B 347 7.49 51.65 5.52
C PHE B 347 5.97 51.75 5.53
N ALA B 348 5.32 50.88 4.76
CA ALA B 348 3.90 51.04 4.49
C ALA B 348 3.05 50.90 5.76
N SER B 349 1.98 51.67 5.79
CA SER B 349 0.79 51.33 6.55
C SER B 349 0.16 50.09 5.96
N VAL B 350 0.05 49.03 6.75
CA VAL B 350 -0.07 47.68 6.22
C VAL B 350 -1.36 47.49 5.43
N TYR B 351 -2.45 48.13 5.87
CA TYR B 351 -3.67 48.14 5.07
C TYR B 351 -3.45 48.79 3.69
N ALA B 352 -2.46 49.68 3.58
CA ALA B 352 -2.09 50.39 2.36
C ALA B 352 -0.73 49.93 1.85
N TRP B 353 -0.43 48.65 2.06
CA TRP B 353 0.84 48.03 1.66
C TRP B 353 1.27 48.35 0.24
N ASN B 354 2.60 48.38 0.05
CA ASN B 354 3.24 48.78 -1.19
C ASN B 354 4.15 47.68 -1.70
N ARG B 355 3.98 47.30 -2.96
CA ARG B 355 4.85 46.33 -3.59
C ARG B 355 6.18 46.96 -3.96
N LYS B 356 7.23 46.16 -3.90
CA LYS B 356 8.43 46.41 -4.67
C LYS B 356 8.73 45.17 -5.50
N ARG B 357 9.08 45.42 -6.77
CA ARG B 357 9.32 44.38 -7.75
C ARG B 357 10.72 44.53 -8.34
N ILE B 358 11.53 43.49 -8.17
CA ILE B 358 12.98 43.60 -8.25
C ILE B 358 13.50 42.39 -9.01
N SER B 359 14.51 42.59 -9.85
CA SER B 359 15.13 41.47 -10.55
C SER B 359 16.50 41.87 -11.04
N ASN B 360 17.29 40.87 -11.41
CA ASN B 360 18.51 41.03 -12.20
C ASN B 360 19.66 41.75 -11.47
N CYS B 361 19.73 41.67 -10.14
CA CYS B 361 21.02 41.86 -9.47
C CYS B 361 21.79 40.57 -9.49
N VAL B 367 24.07 39.25 0.11
CA VAL B 367 22.85 39.44 0.88
C VAL B 367 23.15 40.18 2.16
N LEU B 368 22.22 41.02 2.62
CA LEU B 368 22.40 41.62 3.92
C LEU B 368 22.35 40.61 5.04
N TYR B 369 21.82 39.41 4.81
CA TYR B 369 21.99 38.31 5.74
C TYR B 369 23.46 37.89 5.93
N ASN B 370 24.39 38.38 5.12
CA ASN B 370 25.81 38.35 5.46
C ASN B 370 26.20 39.15 6.71
N SER B 371 25.24 39.84 7.33
CA SER B 371 25.31 40.35 8.69
C SER B 371 23.99 40.00 9.35
N ALA B 372 23.92 40.21 10.67
CA ALA B 372 22.70 40.00 11.46
C ALA B 372 22.48 41.14 12.44
N SER B 373 22.81 42.36 12.03
CA SER B 373 22.65 43.50 12.91
C SER B 373 21.17 43.78 13.13
N PHE B 374 20.39 43.62 12.07
CA PHE B 374 18.96 43.50 12.19
C PHE B 374 18.59 42.32 13.08
N SER B 375 17.46 42.45 13.78
CA SER B 375 17.15 41.52 14.86
C SER B 375 16.37 40.28 14.45
N THR B 376 15.37 40.40 13.58
CA THR B 376 14.29 39.41 13.46
C THR B 376 14.19 38.94 12.02
N PHE B 377 13.96 37.63 11.87
CA PHE B 377 14.04 37.01 10.56
C PHE B 377 13.25 35.72 10.53
N LYS B 378 12.15 35.71 9.78
CA LYS B 378 11.35 34.51 9.50
C LYS B 378 11.65 34.08 8.09
N CYS B 379 12.01 32.81 7.91
CA CYS B 379 12.53 32.40 6.62
C CYS B 379 12.39 30.92 6.36
N TYR B 380 12.64 30.61 5.10
CA TYR B 380 12.41 29.33 4.47
C TYR B 380 13.62 29.00 3.58
N GLY B 381 14.79 29.49 3.98
CA GLY B 381 15.98 29.47 3.14
C GLY B 381 17.16 30.03 3.91
N VAL B 382 18.31 30.04 3.25
CA VAL B 382 19.49 30.63 3.85
C VAL B 382 20.47 31.05 2.75
N CYS B 391 21.28 31.04 -3.81
CA CYS B 391 20.87 32.16 -4.66
C CYS B 391 19.80 31.76 -5.66
N PHE B 392 18.99 32.74 -6.09
CA PHE B 392 17.85 32.50 -6.98
C PHE B 392 17.54 33.79 -7.73
N THR B 393 16.55 33.70 -8.62
CA THR B 393 16.31 34.70 -9.65
C THR B 393 15.69 36.04 -9.21
N ASN B 394 14.39 36.12 -8.93
CA ASN B 394 13.70 37.40 -8.72
C ASN B 394 12.45 37.21 -7.87
N VAL B 395 11.92 38.34 -7.39
CA VAL B 395 11.17 38.39 -6.13
C VAL B 395 10.14 39.52 -6.14
N TYR B 396 9.04 39.29 -5.42
CA TYR B 396 8.10 40.34 -5.00
C TYR B 396 8.37 40.67 -3.54
N ALA B 397 8.32 41.97 -3.20
CA ALA B 397 8.53 42.40 -1.82
C ALA B 397 7.57 43.47 -1.31
N ASP B 398 7.35 43.44 0.01
CA ASP B 398 6.56 44.41 0.76
C ASP B 398 7.27 44.73 2.08
N SER B 399 6.92 45.87 2.69
CA SER B 399 7.48 46.25 3.98
C SER B 399 6.52 47.13 4.78
N PHE B 400 6.63 47.07 6.12
CA PHE B 400 5.73 47.80 7.02
C PHE B 400 6.48 48.21 8.28
N VAL B 401 5.86 49.12 9.04
CA VAL B 401 6.21 49.41 10.43
C VAL B 401 5.07 48.92 11.31
N ILE B 402 5.37 48.10 12.31
CA ILE B 402 4.36 47.36 13.07
C ILE B 402 4.70 47.37 14.55
N ARG B 403 3.69 47.55 15.40
CA ARG B 403 3.91 47.39 16.83
C ARG B 403 4.23 45.94 17.15
N GLY B 404 5.19 45.75 18.05
CA GLY B 404 5.74 44.44 18.34
C GLY B 404 4.79 43.32 18.71
N ASP B 405 3.62 43.66 19.24
CA ASP B 405 2.64 42.61 19.51
C ASP B 405 2.05 42.01 18.24
N GLU B 406 1.70 42.86 17.29
CA GLU B 406 0.81 42.40 16.25
C GLU B 406 1.48 41.46 15.25
N VAL B 407 2.81 41.42 15.24
CA VAL B 407 3.60 40.51 14.40
C VAL B 407 3.17 39.05 14.45
N ARG B 408 2.54 38.64 15.57
CA ARG B 408 1.92 37.32 15.69
C ARG B 408 1.06 36.98 14.49
N GLN B 409 0.24 37.92 14.05
CA GLN B 409 -0.65 37.65 12.94
C GLN B 409 0.06 37.48 11.61
N ILE B 410 1.34 37.82 11.54
CA ILE B 410 2.12 37.82 10.32
C ILE B 410 2.91 36.54 10.27
N ALA B 411 2.22 35.49 9.84
CA ALA B 411 2.78 34.22 9.44
C ALA B 411 1.75 33.52 8.57
N PRO B 412 2.16 32.54 7.75
CA PRO B 412 1.15 31.64 7.18
C PRO B 412 0.36 30.94 8.27
N GLY B 413 -0.94 30.80 8.06
CA GLY B 413 -1.79 30.18 9.06
C GLY B 413 -1.98 31.03 10.30
N GLN B 414 -2.58 32.21 10.15
CA GLN B 414 -2.68 33.17 11.25
C GLN B 414 -4.07 33.79 11.29
N THR B 415 -4.34 34.38 12.45
CA THR B 415 -5.64 34.90 12.86
C THR B 415 -5.64 36.43 12.90
N GLY B 416 -6.81 36.97 13.22
CA GLY B 416 -6.92 38.34 13.69
C GLY B 416 -6.98 39.38 12.59
N LYS B 417 -7.18 40.63 13.06
CA LYS B 417 -7.49 41.79 12.24
C LYS B 417 -6.56 41.98 11.05
N ILE B 418 -5.29 41.64 11.20
CA ILE B 418 -4.37 41.76 10.07
C ILE B 418 -4.79 40.81 8.98
N ALA B 419 -4.86 39.52 9.31
CA ALA B 419 -5.29 38.51 8.35
C ALA B 419 -6.72 38.76 7.89
N ASP B 420 -7.55 39.37 8.73
CA ASP B 420 -8.88 39.71 8.29
C ASP B 420 -8.88 40.81 7.24
N TYR B 421 -8.23 41.94 7.54
CA TYR B 421 -8.60 43.21 6.93
C TYR B 421 -7.44 44.10 6.50
N ASN B 422 -6.19 43.74 6.77
CA ASN B 422 -5.03 44.56 6.41
C ASN B 422 -4.13 43.88 5.39
N TYR B 423 -3.83 42.61 5.59
CA TYR B 423 -2.95 41.90 4.68
C TYR B 423 -3.27 40.42 4.82
N LYS B 424 -2.76 39.64 3.87
CA LYS B 424 -2.91 38.20 3.93
C LYS B 424 -1.67 37.59 3.30
N LEU B 425 -0.92 36.87 4.14
CA LEU B 425 0.04 35.93 3.64
C LEU B 425 -0.71 34.79 2.95
N PRO B 426 -0.29 34.36 1.76
CA PRO B 426 -0.75 33.06 1.29
C PRO B 426 -0.26 31.99 2.25
N ASP B 427 -1.17 31.08 2.63
CA ASP B 427 -0.78 29.98 3.49
C ASP B 427 0.16 28.98 2.82
N ASP B 428 0.38 29.09 1.51
CA ASP B 428 1.28 28.25 0.73
C ASP B 428 2.34 29.08 0.01
N PHE B 429 2.59 30.31 0.47
CA PHE B 429 3.62 31.13 -0.13
C PHE B 429 5.00 30.47 0.05
N THR B 430 5.99 31.06 -0.60
CA THR B 430 7.39 30.89 -0.23
C THR B 430 8.12 32.22 -0.39
N GLY B 431 9.06 32.46 0.49
CA GLY B 431 9.52 33.81 0.77
C GLY B 431 10.09 33.88 2.16
N CYS B 432 10.54 35.08 2.53
CA CYS B 432 11.09 35.30 3.86
C CYS B 432 10.81 36.74 4.28
N VAL B 433 10.89 36.96 5.59
CA VAL B 433 10.53 38.23 6.23
C VAL B 433 11.61 38.56 7.24
N ILE B 434 12.05 39.81 7.24
CA ILE B 434 13.04 40.32 8.18
C ILE B 434 12.38 41.49 8.90
N ALA B 435 12.63 41.61 10.20
CA ALA B 435 12.12 42.75 10.95
C ALA B 435 13.14 43.19 11.97
N TRP B 436 13.00 44.45 12.37
CA TRP B 436 13.84 45.00 13.41
C TRP B 436 13.13 46.17 14.06
N ASN B 437 13.48 46.40 15.31
CA ASN B 437 12.91 47.49 16.07
C ASN B 437 13.26 48.81 15.43
N SER B 438 12.23 49.59 15.12
CA SER B 438 12.37 50.88 14.48
C SER B 438 11.95 52.05 15.37
N ASN B 439 11.71 51.80 16.66
CA ASN B 439 11.55 52.81 17.69
C ASN B 439 12.50 54.00 17.56
N ASN B 440 13.78 53.69 17.33
CA ASN B 440 14.86 54.68 17.18
C ASN B 440 14.56 55.73 16.13
N LEU B 441 13.91 55.34 15.05
CA LEU B 441 13.52 56.28 14.02
C LEU B 441 12.17 56.89 14.30
N ASP B 442 11.27 56.14 14.93
CA ASP B 442 9.84 56.30 14.74
C ASP B 442 9.03 56.59 16.00
N SER B 443 9.39 56.06 17.16
CA SER B 443 8.45 56.04 18.29
C SER B 443 8.41 57.34 19.10
N LYS B 444 8.11 58.42 18.40
CA LYS B 444 8.37 59.76 18.88
C LYS B 444 7.15 60.36 19.59
N VAL B 445 7.43 61.41 20.37
CA VAL B 445 6.50 62.03 21.30
C VAL B 445 5.19 62.41 20.63
N GLY B 446 4.10 62.11 21.31
CA GLY B 446 2.79 62.57 20.91
C GLY B 446 2.18 61.96 19.67
N GLY B 447 2.89 61.99 18.55
CA GLY B 447 2.30 61.84 17.25
C GLY B 447 2.36 60.42 16.72
N ASN B 448 2.71 60.32 15.44
CA ASN B 448 2.83 59.06 14.69
C ASN B 448 1.46 58.45 14.43
N TYR B 449 0.40 59.27 14.42
CA TYR B 449 -0.92 58.80 14.02
C TYR B 449 -1.06 58.59 12.52
N ASN B 450 -0.06 58.95 11.72
CA ASN B 450 -0.02 58.60 10.31
C ASN B 450 -0.20 57.11 10.06
N TYR B 451 0.33 56.29 10.94
CA TYR B 451 0.57 54.87 10.70
C TYR B 451 -0.70 54.06 10.97
N LEU B 452 -1.48 53.93 9.91
CA LEU B 452 -2.87 53.51 9.87
C LEU B 452 -3.01 52.02 9.57
N TYR B 453 -4.17 51.50 9.93
CA TYR B 453 -4.53 50.12 9.66
C TYR B 453 -6.04 50.02 9.67
N ARG B 454 -6.55 48.94 9.07
CA ARG B 454 -7.99 48.72 8.95
C ARG B 454 -8.47 47.76 10.02
N LEU B 455 -9.49 48.20 10.77
CA LEU B 455 -10.07 47.41 11.84
C LEU B 455 -11.24 46.55 11.39
N PHE B 456 -11.96 46.95 10.35
CA PHE B 456 -13.15 46.24 9.89
C PHE B 456 -13.20 46.23 8.38
N ARG B 457 -13.88 45.23 7.85
CA ARG B 457 -14.33 45.26 6.48
C ARG B 457 -15.54 44.36 6.34
N LYS B 458 -16.26 44.58 5.25
CA LYS B 458 -17.37 43.72 4.89
C LYS B 458 -16.96 42.26 4.72
N SER B 459 -15.70 41.99 4.38
CA SER B 459 -15.26 40.63 4.11
C SER B 459 -13.77 40.49 4.42
N ASN B 460 -13.35 39.23 4.63
CA ASN B 460 -11.95 38.94 4.86
C ASN B 460 -11.13 38.93 3.58
N LEU B 461 -9.85 39.28 3.72
CA LEU B 461 -8.91 39.37 2.61
C LEU B 461 -8.47 38.02 2.06
N LYS B 462 -8.38 37.95 0.73
CA LYS B 462 -7.57 36.97 0.03
C LYS B 462 -6.09 37.36 0.09
N PRO B 463 -5.18 36.42 -0.21
CA PRO B 463 -3.74 36.74 -0.26
C PRO B 463 -3.39 37.95 -1.10
N PHE B 464 -2.59 38.84 -0.51
CA PHE B 464 -2.16 40.11 -1.14
C PHE B 464 -3.33 40.95 -1.62
N GLU B 465 -4.49 40.83 -0.98
CA GLU B 465 -5.58 41.74 -1.22
C GLU B 465 -5.32 43.06 -0.50
N ARG B 466 -6.01 44.11 -0.96
CA ARG B 466 -5.84 45.45 -0.42
C ARG B 466 -7.15 46.21 -0.55
N ASP B 467 -7.37 47.17 0.34
CA ASP B 467 -8.52 48.05 0.25
C ASP B 467 -8.24 49.34 0.99
N ILE B 468 -8.36 50.46 0.28
CA ILE B 468 -8.18 51.78 0.85
C ILE B 468 -9.42 52.65 0.64
N SER B 469 -10.58 52.06 0.32
CA SER B 469 -11.82 52.79 0.49
C SER B 469 -12.13 52.89 1.97
N THR B 470 -12.77 54.00 2.35
CA THR B 470 -12.89 54.41 3.75
C THR B 470 -14.33 54.74 4.14
N GLU B 471 -15.30 54.24 3.38
CA GLU B 471 -16.71 54.31 3.73
C GLU B 471 -16.91 53.83 5.16
N ILE B 472 -17.83 54.47 5.87
CA ILE B 472 -18.14 54.06 7.24
C ILE B 472 -18.68 52.64 7.22
N TYR B 473 -18.08 51.78 8.03
CA TYR B 473 -18.55 50.41 8.11
C TYR B 473 -19.88 50.37 8.83
N GLN B 474 -20.94 50.28 8.07
CA GLN B 474 -22.22 50.00 8.68
C GLN B 474 -22.16 48.60 9.23
N ALA B 475 -22.97 48.36 10.26
CA ALA B 475 -23.09 47.04 10.85
C ALA B 475 -24.56 46.75 11.14
N GLY B 476 -25.00 45.56 10.74
CA GLY B 476 -26.40 45.21 10.70
C GLY B 476 -27.22 45.99 9.70
N SER B 477 -28.50 46.18 10.03
CA SER B 477 -29.44 46.79 9.10
C SER B 477 -29.23 48.27 8.89
N THR B 478 -28.32 48.91 9.62
CA THR B 478 -28.25 50.35 9.70
C THR B 478 -27.91 50.95 8.35
N PRO B 479 -28.81 51.71 7.68
CA PRO B 479 -28.34 52.42 6.48
C PRO B 479 -27.57 53.68 6.88
N CYS B 480 -26.31 53.48 7.27
CA CYS B 480 -25.55 54.52 7.93
C CYS B 480 -25.22 55.69 7.03
N ASN B 481 -25.39 55.56 5.71
CA ASN B 481 -25.35 56.66 4.73
C ASN B 481 -24.11 57.55 4.87
N GLY B 482 -22.98 56.89 5.08
CA GLY B 482 -21.72 57.60 5.13
C GLY B 482 -21.43 58.40 6.38
N VAL B 483 -22.19 58.22 7.46
CA VAL B 483 -21.96 58.94 8.70
C VAL B 483 -21.79 57.92 9.82
N GLU B 484 -20.82 58.20 10.69
CA GLU B 484 -20.57 57.37 11.86
C GLU B 484 -21.69 57.48 12.88
N GLY B 485 -21.96 56.35 13.53
CA GLY B 485 -22.91 56.30 14.62
C GLY B 485 -22.80 54.97 15.34
N PHE B 486 -23.61 54.82 16.39
CA PHE B 486 -23.78 53.52 17.02
C PHE B 486 -24.21 52.50 15.99
N ASN B 487 -23.53 51.36 15.99
CA ASN B 487 -23.68 50.35 14.95
C ASN B 487 -23.39 50.89 13.54
N CYS B 488 -22.53 51.91 13.44
CA CYS B 488 -22.16 52.55 12.19
C CYS B 488 -20.72 53.05 12.32
N TYR B 489 -19.75 52.18 12.08
CA TYR B 489 -18.37 52.40 12.52
C TYR B 489 -17.41 52.75 11.39
N PHE B 490 -16.57 53.74 11.67
CA PHE B 490 -15.50 54.13 10.75
C PHE B 490 -14.47 53.01 10.60
N PRO B 491 -14.04 52.65 9.38
CA PRO B 491 -13.31 51.37 9.21
C PRO B 491 -11.92 51.26 9.80
N LEU B 492 -11.18 52.35 10.04
CA LEU B 492 -9.74 52.28 10.31
C LEU B 492 -9.33 52.66 11.72
N GLN B 493 -8.08 52.30 12.02
CA GLN B 493 -7.36 52.61 13.25
C GLN B 493 -5.88 52.86 12.94
N SER B 494 -5.20 53.54 13.87
CA SER B 494 -3.78 53.83 13.72
C SER B 494 -3.14 53.81 15.10
N TYR B 495 -1.83 53.53 15.11
CA TYR B 495 -1.16 53.26 16.38
C TYR B 495 -0.97 54.51 17.21
N GLY B 496 -0.51 55.59 16.59
CA GLY B 496 -0.07 56.75 17.34
C GLY B 496 1.07 56.41 18.27
N PHE B 497 1.98 55.56 17.78
CA PHE B 497 3.01 54.97 18.64
C PHE B 497 3.99 56.03 19.13
N GLN B 498 4.40 55.89 20.38
CA GLN B 498 5.05 56.95 21.14
C GLN B 498 6.19 56.44 22.02
N PRO B 499 7.02 57.33 22.63
CA PRO B 499 8.25 56.86 23.28
C PRO B 499 8.02 55.99 24.50
N THR B 500 6.92 56.21 25.22
CA THR B 500 6.54 55.39 26.39
C THR B 500 6.17 53.95 26.04
N ASN B 501 6.10 53.59 24.76
CA ASN B 501 5.67 52.28 24.31
C ASN B 501 6.49 51.17 24.92
N GLY B 502 5.79 50.25 25.56
CA GLY B 502 6.36 48.96 25.80
C GLY B 502 6.58 48.27 24.49
N VAL B 503 7.48 47.28 24.51
CA VAL B 503 8.02 46.68 23.30
C VAL B 503 6.92 46.11 22.41
N GLY B 504 5.89 45.53 23.04
CA GLY B 504 4.74 45.08 22.27
C GLY B 504 4.05 46.21 21.53
N TYR B 505 4.09 47.41 22.11
CA TYR B 505 3.62 48.62 21.46
C TYR B 505 4.66 49.27 20.58
N GLN B 506 5.95 49.02 20.82
CA GLN B 506 6.97 49.73 20.07
C GLN B 506 6.99 49.28 18.61
N PRO B 507 7.24 50.20 17.67
CA PRO B 507 7.31 49.81 16.27
C PRO B 507 8.54 48.97 15.95
N TYR B 508 8.30 47.87 15.24
CA TYR B 508 9.34 47.24 14.45
C TYR B 508 9.12 47.61 13.00
N ARG B 509 10.21 47.93 12.32
CA ARG B 509 10.23 47.91 10.88
C ARG B 509 10.37 46.49 10.42
N VAL B 510 9.67 46.18 9.34
CA VAL B 510 9.59 44.84 8.78
C VAL B 510 9.53 44.91 7.27
N VAL B 511 10.22 43.97 6.64
CA VAL B 511 10.31 43.83 5.19
C VAL B 511 9.99 42.39 4.86
N VAL B 512 9.31 42.21 3.74
CA VAL B 512 8.70 40.94 3.37
C VAL B 512 9.11 40.61 1.96
N LEU B 513 9.42 39.34 1.72
CA LEU B 513 9.99 38.87 0.46
C LEU B 513 9.25 37.61 0.02
N SER B 514 8.99 37.49 -1.28
CA SER B 514 8.42 36.26 -1.81
C SER B 514 8.86 36.04 -3.24
N PHE B 515 9.07 34.77 -3.59
CA PHE B 515 10.03 34.41 -4.63
C PHE B 515 9.33 34.02 -5.91
N GLU B 516 9.75 34.64 -7.01
CA GLU B 516 9.26 34.35 -8.36
C GLU B 516 10.02 33.14 -8.92
N LEU B 517 9.73 31.97 -8.37
CA LEU B 517 10.41 30.72 -8.73
C LEU B 517 9.94 30.12 -10.06
N LEU B 518 10.10 30.90 -11.13
CA LEU B 518 10.03 30.40 -12.49
C LEU B 518 11.35 30.73 -13.17
N HIS B 519 11.85 29.78 -13.97
CA HIS B 519 13.27 29.64 -14.18
C HIS B 519 13.75 29.99 -15.59
N ALA B 520 12.85 30.21 -16.53
CA ALA B 520 13.21 30.76 -17.82
C ALA B 520 13.60 32.24 -17.76
N PRO B 521 12.94 33.09 -16.96
CA PRO B 521 13.42 34.47 -16.82
C PRO B 521 14.83 34.52 -16.30
N ALA B 522 15.58 35.50 -16.79
CA ALA B 522 16.91 35.79 -16.31
C ALA B 522 16.82 36.79 -15.16
N THR B 523 17.31 36.39 -13.99
CA THR B 523 17.58 37.32 -12.91
C THR B 523 18.42 36.58 -11.87
N VAL B 524 18.95 37.33 -10.91
CA VAL B 524 19.70 36.70 -9.82
C VAL B 524 19.74 37.61 -8.61
N CYS B 525 20.15 37.06 -7.48
CA CYS B 525 20.57 37.82 -6.32
C CYS B 525 21.86 38.56 -6.63
N GLY B 526 22.30 39.38 -5.69
CA GLY B 526 23.59 40.02 -5.78
C GLY B 526 24.75 39.04 -5.83
N PRO B 527 24.91 38.19 -4.79
CA PRO B 527 26.09 37.29 -4.75
C PRO B 527 26.03 36.03 -5.63
N LYS B 528 26.63 36.07 -6.83
CA LYS B 528 26.67 34.91 -7.71
C LYS B 528 27.82 35.04 -8.70
N LYS B 529 28.14 33.92 -9.34
CA LYS B 529 29.32 33.81 -10.19
C LYS B 529 29.00 32.85 -11.34
N SER B 530 29.86 32.84 -12.35
CA SER B 530 29.84 31.73 -13.31
C SER B 530 31.16 31.57 -14.06
N THR B 531 31.35 30.37 -14.61
CA THR B 531 32.64 29.92 -15.12
C THR B 531 32.64 29.98 -16.64
N ASN B 532 33.75 29.52 -17.22
CA ASN B 532 33.85 29.02 -18.59
C ASN B 532 33.02 27.78 -18.85
N LEU B 533 33.06 27.29 -20.09
CA LEU B 533 32.22 26.18 -20.54
C LEU B 533 33.01 25.22 -21.41
N VAL B 534 32.43 24.02 -21.60
CA VAL B 534 33.01 22.94 -22.38
C VAL B 534 31.86 22.12 -22.95
N LYS B 535 32.14 21.39 -24.03
CA LYS B 535 31.12 20.73 -24.83
C LYS B 535 30.97 19.22 -24.56
N ASN B 536 31.77 18.62 -23.68
CA ASN B 536 31.84 17.17 -23.60
C ASN B 536 32.19 16.70 -22.19
N LYS B 537 31.99 15.40 -21.99
CA LYS B 537 32.23 14.69 -20.74
C LYS B 537 31.28 15.12 -19.61
N CYS B 538 31.30 14.37 -18.53
CA CYS B 538 30.45 14.67 -17.39
C CYS B 538 30.99 15.87 -16.62
N VAL B 539 30.08 16.76 -16.20
CA VAL B 539 30.45 17.99 -15.51
C VAL B 539 29.32 18.39 -14.55
N ASN B 540 29.68 19.20 -13.54
CA ASN B 540 28.74 19.80 -12.60
C ASN B 540 28.35 21.22 -12.97
N PHE B 541 27.05 21.45 -13.10
CA PHE B 541 26.55 22.59 -13.81
C PHE B 541 25.66 23.41 -12.92
N ASN B 542 25.59 24.68 -13.27
CA ASN B 542 24.71 25.63 -12.61
C ASN B 542 24.38 26.75 -13.56
N PHE B 543 23.24 27.35 -13.26
CA PHE B 543 22.62 28.46 -13.95
C PHE B 543 21.77 29.06 -12.84
N ASN B 544 21.41 30.32 -13.00
CA ASN B 544 20.60 30.93 -11.95
C ASN B 544 19.24 30.27 -11.77
N GLY B 545 18.76 29.52 -12.77
CA GLY B 545 17.53 28.76 -12.71
C GLY B 545 17.72 27.27 -12.90
N LEU B 546 18.96 26.77 -12.97
CA LEU B 546 19.17 25.37 -13.25
C LEU B 546 20.53 24.97 -12.71
N THR B 547 20.60 23.79 -12.09
CA THR B 547 21.86 23.31 -11.53
C THR B 547 21.84 21.81 -11.39
N GLY B 548 23.03 21.23 -11.44
CA GLY B 548 23.15 19.80 -11.30
C GLY B 548 24.48 19.31 -11.86
N THR B 549 24.42 18.11 -12.43
CA THR B 549 25.55 17.42 -13.06
C THR B 549 25.10 16.72 -14.33
N GLY B 550 25.93 16.72 -15.37
CA GLY B 550 25.56 16.03 -16.60
C GLY B 550 26.68 15.94 -17.60
N VAL B 551 26.49 15.03 -18.56
CA VAL B 551 27.44 14.78 -19.66
C VAL B 551 26.89 15.42 -20.93
N LEU B 552 27.31 16.64 -21.19
CA LEU B 552 26.76 17.45 -22.26
C LEU B 552 27.32 17.05 -23.63
N THR B 553 26.50 17.27 -24.65
CA THR B 553 26.94 17.28 -26.02
C THR B 553 26.18 18.39 -26.74
N GLU B 554 26.36 18.48 -28.06
CA GLU B 554 25.55 19.34 -28.91
C GLU B 554 24.09 18.93 -28.97
N SER B 555 23.31 19.67 -29.76
CA SER B 555 21.90 19.40 -29.98
C SER B 555 21.62 19.22 -31.47
N ASN B 556 20.66 18.35 -31.76
CA ASN B 556 20.09 18.18 -33.09
C ASN B 556 19.06 19.23 -33.49
N LYS B 557 18.61 20.08 -32.56
CA LYS B 557 17.47 20.97 -32.82
C LYS B 557 17.52 22.15 -31.87
N LYS B 558 16.61 23.10 -32.11
CA LYS B 558 16.45 24.29 -31.28
C LYS B 558 14.98 24.50 -30.95
N PHE B 559 14.76 25.02 -29.74
CA PHE B 559 13.47 25.16 -29.08
C PHE B 559 12.69 26.32 -29.66
N LEU B 560 11.43 26.42 -29.26
CA LEU B 560 10.82 27.73 -29.17
C LEU B 560 11.54 28.46 -28.05
N PRO B 561 12.02 29.67 -28.28
CA PRO B 561 12.99 30.25 -27.36
C PRO B 561 12.38 30.58 -26.04
N PHE B 562 11.07 30.76 -25.98
CA PHE B 562 10.38 30.97 -24.73
C PHE B 562 10.61 29.83 -23.76
N GLN B 563 10.79 28.63 -24.28
CA GLN B 563 11.15 27.52 -23.42
C GLN B 563 12.60 27.68 -23.08
N GLN B 564 12.88 27.69 -21.80
CA GLN B 564 14.24 27.75 -21.32
C GLN B 564 14.97 26.45 -21.60
N PHE B 565 14.24 25.34 -21.57
CA PHE B 565 14.82 24.02 -21.60
C PHE B 565 13.91 23.00 -22.26
N GLY B 566 14.56 22.01 -22.85
CA GLY B 566 13.96 20.75 -23.21
C GLY B 566 14.00 19.74 -22.08
N ARG B 567 12.98 18.88 -22.05
CA ARG B 567 12.81 17.90 -20.99
C ARG B 567 12.46 16.57 -21.63
N ASP B 568 12.86 15.49 -20.95
CA ASP B 568 12.53 14.15 -21.39
C ASP B 568 11.04 13.87 -21.21
N ILE B 569 10.58 12.79 -21.83
CA ILE B 569 9.25 12.24 -21.53
C ILE B 569 9.17 11.83 -20.07
N ALA B 570 10.30 11.46 -19.46
CA ALA B 570 10.45 11.26 -18.04
C ALA B 570 10.48 12.57 -17.24
N ASP B 571 10.30 13.73 -17.87
CA ASP B 571 10.41 15.05 -17.25
C ASP B 571 11.80 15.42 -16.73
N THR B 572 12.81 14.57 -16.86
CA THR B 572 14.16 15.06 -16.59
C THR B 572 14.53 16.11 -17.64
N THR B 573 15.48 16.96 -17.29
CA THR B 573 16.01 17.93 -18.24
C THR B 573 16.71 17.23 -19.40
N ASP B 574 16.62 17.84 -20.58
CA ASP B 574 17.26 17.36 -21.81
C ASP B 574 18.21 18.36 -22.46
N ALA B 575 17.85 19.64 -22.50
CA ALA B 575 18.71 20.70 -23.05
C ALA B 575 18.25 22.02 -22.45
N VAL B 576 19.12 23.04 -22.50
CA VAL B 576 18.78 24.36 -21.97
C VAL B 576 19.42 25.45 -22.81
N ARG B 577 18.78 26.60 -22.82
CA ARG B 577 19.22 27.74 -23.61
C ARG B 577 20.38 28.42 -22.92
N ASP B 578 21.57 27.86 -23.14
CA ASP B 578 22.78 28.28 -22.43
C ASP B 578 23.18 29.74 -22.68
N PRO B 579 23.16 30.66 -21.62
CA PRO B 579 23.37 32.10 -21.83
C PRO B 579 24.60 32.56 -22.58
N GLN B 580 25.58 31.67 -22.79
CA GLN B 580 26.68 31.92 -23.72
C GLN B 580 26.17 32.26 -25.11
N THR B 581 25.01 31.76 -25.49
CA THR B 581 24.32 32.27 -26.67
C THR B 581 22.82 32.04 -26.57
N LEU B 582 22.27 31.83 -25.36
CA LEU B 582 21.06 31.01 -25.14
C LEU B 582 21.12 29.65 -25.83
N GLU B 583 22.33 29.13 -26.07
CA GLU B 583 22.61 28.09 -27.02
C GLU B 583 22.02 26.78 -26.54
N ILE B 584 21.92 25.83 -27.45
CA ILE B 584 21.15 24.61 -27.24
C ILE B 584 22.07 23.44 -27.50
N LEU B 585 22.18 22.57 -26.51
CA LEU B 585 23.14 21.49 -26.43
C LEU B 585 22.47 20.40 -25.64
N ASP B 586 22.74 19.15 -25.97
CA ASP B 586 21.89 18.04 -25.59
C ASP B 586 22.75 17.02 -24.90
N ILE B 587 22.18 16.46 -23.83
CA ILE B 587 22.94 15.96 -22.71
C ILE B 587 22.46 14.56 -22.40
N THR B 588 23.40 13.62 -22.33
CA THR B 588 23.09 12.32 -21.75
C THR B 588 23.26 12.40 -20.24
N PRO B 589 22.55 11.60 -19.45
CA PRO B 589 23.03 11.30 -18.10
C PRO B 589 24.42 10.70 -18.19
N CYS B 590 25.28 11.09 -17.25
CA CYS B 590 26.69 10.68 -17.29
C CYS B 590 26.84 9.16 -17.27
N SER B 591 27.71 8.66 -18.15
CA SER B 591 27.71 7.27 -18.63
C SER B 591 27.76 6.26 -17.50
N PHE B 592 26.70 5.47 -17.37
CA PHE B 592 26.52 4.59 -16.24
C PHE B 592 25.75 3.37 -16.69
N GLY B 593 25.95 2.27 -15.96
CA GLY B 593 25.32 1.03 -16.32
C GLY B 593 25.83 -0.13 -15.51
N GLY B 594 25.03 -1.19 -15.50
CA GLY B 594 25.29 -2.34 -14.68
C GLY B 594 26.61 -3.03 -15.02
N VAL B 595 27.10 -3.79 -14.04
CA VAL B 595 28.28 -4.64 -14.21
C VAL B 595 28.00 -6.00 -13.56
N SER B 596 28.45 -7.07 -14.22
CA SER B 596 28.12 -8.43 -13.86
C SER B 596 29.32 -9.33 -14.15
N VAL B 597 29.46 -10.36 -13.33
CA VAL B 597 30.72 -11.08 -13.12
C VAL B 597 30.50 -12.57 -13.22
N ILE B 598 31.45 -13.26 -13.86
CA ILE B 598 31.37 -14.67 -14.17
C ILE B 598 32.63 -15.34 -13.70
N THR B 599 32.46 -16.52 -13.11
CA THR B 599 33.54 -17.39 -12.69
C THR B 599 33.03 -18.82 -12.67
N PRO B 600 33.92 -19.84 -12.87
CA PRO B 600 33.47 -21.24 -12.75
C PRO B 600 33.14 -21.75 -11.34
N GLY B 601 32.91 -20.86 -10.37
CA GLY B 601 32.68 -21.19 -8.98
C GLY B 601 33.99 -21.07 -8.26
N THR B 602 33.92 -20.41 -7.11
CA THR B 602 35.09 -20.16 -6.30
C THR B 602 35.81 -21.44 -5.92
N ASN B 603 35.03 -22.48 -5.63
CA ASN B 603 35.51 -23.81 -5.29
C ASN B 603 36.66 -24.32 -6.15
N THR B 604 36.54 -24.12 -7.46
CA THR B 604 37.66 -24.47 -8.34
C THR B 604 38.71 -23.38 -8.41
N SER B 605 38.34 -22.14 -8.71
CA SER B 605 39.30 -21.21 -9.27
C SER B 605 38.94 -19.77 -8.94
N ASN B 606 39.97 -18.93 -9.01
CA ASN B 606 39.85 -17.48 -8.93
C ASN B 606 39.78 -16.78 -10.28
N GLN B 607 39.98 -17.48 -11.39
CA GLN B 607 39.92 -16.83 -12.69
C GLN B 607 38.53 -16.29 -12.95
N VAL B 608 38.43 -14.97 -13.12
CA VAL B 608 37.17 -14.26 -13.12
C VAL B 608 37.14 -13.28 -14.28
N ALA B 609 35.96 -13.12 -14.87
CA ALA B 609 35.73 -12.20 -15.98
C ALA B 609 34.43 -11.48 -15.75
N VAL B 610 34.25 -10.37 -16.49
CA VAL B 610 33.29 -9.33 -16.14
C VAL B 610 32.74 -8.73 -17.44
N LEU B 611 31.45 -8.92 -17.66
CA LEU B 611 30.73 -8.15 -18.67
C LEU B 611 30.44 -6.78 -18.10
N TYR B 612 30.56 -5.77 -18.96
CA TYR B 612 29.96 -4.47 -18.71
C TYR B 612 28.91 -4.18 -19.77
N GLN B 613 27.67 -4.00 -19.33
CA GLN B 613 26.54 -3.93 -20.24
C GLN B 613 26.57 -2.68 -21.09
N ASP B 614 26.43 -2.86 -22.41
CA ASP B 614 26.47 -1.83 -23.44
C ASP B 614 27.77 -1.01 -23.50
N VAL B 615 28.83 -1.42 -22.81
CA VAL B 615 30.09 -0.68 -22.85
C VAL B 615 30.73 -0.86 -24.23
N ASN B 616 31.21 0.24 -24.79
CA ASN B 616 31.77 0.30 -26.14
C ASN B 616 33.21 -0.20 -26.25
N CYS B 617 33.74 -0.93 -25.26
CA CYS B 617 35.15 -1.31 -25.17
C CYS B 617 36.08 -0.10 -25.29
N THR B 618 35.63 1.04 -24.74
CA THR B 618 36.36 2.30 -24.89
C THR B 618 36.20 3.17 -23.65
N GLU B 619 35.96 2.55 -22.50
CA GLU B 619 35.56 3.24 -21.29
C GLU B 619 36.37 2.77 -20.10
N VAL B 620 36.64 3.69 -19.19
CA VAL B 620 37.43 3.41 -17.99
C VAL B 620 36.70 2.39 -17.13
N ASN B 641 41.39 -10.10 -20.97
CA ASN B 641 41.14 -10.24 -22.40
C ASN B 641 39.80 -9.60 -22.73
N VAL B 642 39.84 -8.59 -23.59
CA VAL B 642 38.74 -7.65 -23.80
C VAL B 642 38.16 -7.87 -25.18
N PHE B 643 36.83 -8.01 -25.25
CA PHE B 643 36.17 -8.11 -26.53
C PHE B 643 34.75 -7.56 -26.44
N GLN B 644 34.27 -7.07 -27.57
CA GLN B 644 32.93 -6.52 -27.69
C GLN B 644 31.92 -7.63 -27.89
N THR B 645 30.69 -7.40 -27.45
CA THR B 645 29.59 -8.33 -27.70
C THR B 645 28.31 -7.57 -27.96
N ARG B 646 27.33 -8.30 -28.50
CA ARG B 646 25.96 -7.80 -28.58
C ARG B 646 25.35 -7.50 -27.21
N ALA B 647 25.90 -8.07 -26.15
CA ALA B 647 25.52 -7.72 -24.78
C ALA B 647 26.34 -6.55 -24.23
N GLY B 648 27.35 -6.10 -24.95
CA GLY B 648 28.31 -5.12 -24.51
C GLY B 648 29.66 -5.79 -24.24
N CYS B 649 30.62 -4.93 -23.95
CA CYS B 649 31.99 -5.39 -23.86
C CYS B 649 32.20 -6.18 -22.57
N LEU B 650 32.95 -7.27 -22.67
CA LEU B 650 33.44 -8.04 -21.54
C LEU B 650 34.95 -8.04 -21.57
N ILE B 651 35.53 -8.08 -20.37
CA ILE B 651 36.96 -8.22 -20.17
C ILE B 651 37.23 -9.48 -19.38
N GLY B 652 38.38 -10.09 -19.67
CA GLY B 652 38.88 -11.23 -18.94
C GLY B 652 38.75 -12.61 -19.54
N ALA B 653 38.31 -12.77 -20.80
CA ALA B 653 38.13 -14.10 -21.38
C ALA B 653 38.51 -14.10 -22.85
N GLU B 654 39.09 -15.22 -23.28
CA GLU B 654 39.41 -15.42 -24.68
C GLU B 654 38.14 -15.79 -25.42
N HIS B 655 37.68 -14.89 -26.30
CA HIS B 655 36.68 -15.30 -27.26
C HIS B 655 37.34 -16.17 -28.31
N VAL B 656 36.79 -17.36 -28.53
CA VAL B 656 37.48 -18.45 -29.19
C VAL B 656 36.62 -19.08 -30.26
N ASN B 657 37.29 -19.78 -31.17
CA ASN B 657 36.78 -20.05 -32.50
C ASN B 657 35.55 -20.92 -32.52
N ASN B 658 35.68 -22.19 -32.14
CA ASN B 658 34.56 -23.10 -32.32
C ASN B 658 33.54 -22.96 -31.20
N SER B 659 32.33 -23.38 -31.52
CA SER B 659 31.19 -23.40 -30.63
C SER B 659 31.18 -24.63 -29.73
N TYR B 660 30.51 -24.47 -28.57
CA TYR B 660 30.33 -25.53 -27.60
C TYR B 660 28.96 -25.40 -26.97
N GLU B 661 28.53 -26.46 -26.30
CA GLU B 661 27.42 -26.39 -25.37
C GLU B 661 27.73 -25.37 -24.28
N CYS B 662 26.68 -24.78 -23.73
CA CYS B 662 26.84 -23.64 -22.83
C CYS B 662 27.41 -24.09 -21.49
N ASP B 663 28.62 -23.60 -21.18
CA ASP B 663 29.16 -23.80 -19.85
C ASP B 663 28.59 -22.80 -18.86
N ILE B 664 28.49 -21.52 -19.25
CA ILE B 664 27.69 -20.57 -18.49
C ILE B 664 27.06 -19.50 -19.38
N PRO B 665 25.80 -19.08 -19.11
CA PRO B 665 25.14 -18.17 -20.05
C PRO B 665 25.66 -16.74 -19.95
N ILE B 666 26.47 -16.35 -20.90
CA ILE B 666 26.75 -14.94 -21.13
C ILE B 666 25.53 -14.24 -21.68
N GLY B 667 24.73 -14.95 -22.47
CA GLY B 667 23.70 -14.31 -23.25
C GLY B 667 24.26 -13.96 -24.61
N ALA B 668 23.42 -13.26 -25.37
CA ALA B 668 23.74 -12.75 -26.70
C ALA B 668 24.27 -13.86 -27.61
N GLY B 669 23.59 -15.01 -27.57
CA GLY B 669 24.00 -16.18 -28.32
C GLY B 669 25.31 -16.83 -27.90
N ILE B 670 25.93 -16.35 -26.83
CA ILE B 670 27.30 -16.68 -26.46
C ILE B 670 27.25 -17.23 -25.04
N CYS B 671 28.18 -18.14 -24.73
CA CYS B 671 28.38 -18.65 -23.39
C CYS B 671 29.84 -18.59 -23.00
N ALA B 672 30.05 -18.50 -21.70
CA ALA B 672 31.36 -18.62 -21.08
C ALA B 672 31.73 -20.06 -20.84
N SER B 673 33.04 -20.27 -20.66
CA SER B 673 33.52 -21.48 -20.00
C SER B 673 34.87 -21.21 -19.39
N TYR B 674 35.26 -22.11 -18.49
CA TYR B 674 36.65 -22.35 -18.20
C TYR B 674 37.26 -23.11 -19.38
N GLN B 675 38.59 -23.02 -19.52
CA GLN B 675 39.31 -23.72 -20.56
C GLN B 675 40.71 -24.00 -20.02
N THR B 676 41.39 -24.91 -20.69
CA THR B 676 42.79 -25.24 -20.41
C THR B 676 43.08 -25.60 -18.96
N GLN B 690 44.88 -23.18 -17.97
CA GLN B 690 43.72 -22.62 -17.31
C GLN B 690 43.34 -21.27 -17.92
N SER B 691 42.13 -21.19 -18.46
CA SER B 691 41.61 -19.92 -18.97
C SER B 691 40.10 -19.91 -18.86
N ILE B 692 39.57 -18.71 -18.68
CA ILE B 692 38.18 -18.43 -19.05
C ILE B 692 38.12 -18.22 -20.54
N ILE B 693 37.00 -18.65 -21.12
CA ILE B 693 36.80 -18.59 -22.57
C ILE B 693 35.37 -18.18 -22.84
N ALA B 694 35.14 -17.72 -24.06
CA ALA B 694 33.81 -17.30 -24.52
C ALA B 694 33.63 -17.78 -25.94
N TYR B 695 32.39 -18.13 -26.28
CA TYR B 695 32.14 -18.74 -27.57
C TYR B 695 30.67 -18.59 -27.94
N THR B 696 30.44 -18.63 -29.24
CA THR B 696 29.09 -18.78 -29.78
C THR B 696 28.53 -20.15 -29.44
N MET B 697 27.26 -20.17 -29.08
CA MET B 697 26.58 -21.42 -28.73
C MET B 697 26.63 -22.44 -29.86
N SER B 698 26.97 -23.67 -29.50
CA SER B 698 26.90 -24.81 -30.40
C SER B 698 25.51 -25.41 -30.28
N LEU B 699 24.62 -25.04 -31.18
CA LEU B 699 23.27 -25.57 -31.11
C LEU B 699 23.18 -27.06 -31.41
N GLY B 700 24.20 -27.64 -32.04
CA GLY B 700 24.14 -29.02 -32.48
C GLY B 700 24.87 -29.19 -33.78
N ALA B 701 24.50 -30.18 -34.58
CA ALA B 701 25.06 -30.42 -35.90
C ALA B 701 23.98 -30.33 -36.97
N GLU B 702 24.40 -29.92 -38.16
CA GLU B 702 23.51 -29.83 -39.32
C GLU B 702 23.09 -31.21 -39.82
N ASN B 703 22.40 -32.01 -39.00
CA ASN B 703 22.44 -33.46 -39.08
C ASN B 703 21.93 -33.98 -40.41
N SER B 704 22.80 -34.73 -41.10
CA SER B 704 22.60 -35.19 -42.47
C SER B 704 21.67 -36.41 -42.52
N VAL B 705 20.43 -36.23 -42.07
CA VAL B 705 19.43 -37.26 -42.28
C VAL B 705 19.20 -37.48 -43.77
N ALA B 706 19.13 -38.74 -44.16
CA ALA B 706 18.83 -39.07 -45.53
C ALA B 706 17.39 -38.73 -45.85
N TYR B 707 17.09 -38.63 -47.14
CA TYR B 707 15.72 -38.77 -47.60
C TYR B 707 15.71 -39.46 -48.95
N SER B 708 14.61 -40.16 -49.22
CA SER B 708 14.28 -40.71 -50.52
C SER B 708 12.77 -40.69 -50.60
N ASN B 709 12.28 -40.52 -51.81
CA ASN B 709 10.89 -40.72 -52.10
C ASN B 709 10.50 -42.18 -52.21
N ASN B 710 11.45 -43.11 -52.05
CA ASN B 710 11.24 -44.52 -52.36
C ASN B 710 11.62 -45.48 -51.24
N SER B 711 12.50 -45.11 -50.31
CA SER B 711 13.03 -46.05 -49.31
C SER B 711 12.98 -45.46 -47.91
N ILE B 712 12.64 -46.33 -46.97
CA ILE B 712 12.57 -46.01 -45.56
C ILE B 712 13.83 -46.57 -44.91
N ALA B 713 14.01 -46.26 -43.62
CA ALA B 713 14.72 -47.13 -42.70
C ALA B 713 13.79 -47.56 -41.56
N ILE B 714 14.06 -48.75 -41.01
CA ILE B 714 13.32 -49.30 -39.87
C ILE B 714 14.29 -49.60 -38.74
N PRO B 715 13.93 -49.40 -37.47
CA PRO B 715 14.72 -49.98 -36.38
C PRO B 715 14.83 -51.49 -36.47
N THR B 716 15.99 -51.99 -36.05
CA THR B 716 16.30 -53.41 -36.02
C THR B 716 16.70 -53.92 -34.65
N ASN B 717 16.98 -53.04 -33.70
CA ASN B 717 17.22 -53.42 -32.32
C ASN B 717 16.82 -52.22 -31.50
N PHE B 718 17.00 -52.29 -30.19
CA PHE B 718 16.46 -51.23 -29.36
C PHE B 718 17.17 -51.17 -28.03
N THR B 719 17.08 -50.00 -27.42
CA THR B 719 17.27 -49.77 -26.01
C THR B 719 15.91 -49.72 -25.34
N ILE B 720 15.93 -49.90 -24.04
CA ILE B 720 14.88 -49.39 -23.17
C ILE B 720 15.48 -48.35 -22.25
N SER B 721 14.83 -47.19 -22.19
CA SER B 721 15.32 -46.10 -21.38
C SER B 721 14.89 -46.27 -19.95
N VAL B 722 15.52 -45.49 -19.08
CA VAL B 722 14.88 -45.06 -17.86
C VAL B 722 14.99 -43.56 -17.80
N THR B 723 13.89 -42.91 -17.43
CA THR B 723 13.82 -41.47 -17.28
C THR B 723 13.38 -41.16 -15.86
N THR B 724 13.86 -40.02 -15.36
CA THR B 724 13.88 -39.70 -13.94
C THR B 724 13.29 -38.29 -13.76
N GLU B 725 11.97 -38.19 -13.90
CA GLU B 725 11.32 -36.90 -13.70
C GLU B 725 11.34 -36.51 -12.24
N ILE B 726 11.52 -35.22 -11.98
CA ILE B 726 11.54 -34.63 -10.66
C ILE B 726 10.54 -33.50 -10.60
N LEU B 727 9.72 -33.46 -9.53
CA LEU B 727 8.76 -32.35 -9.28
C LEU B 727 8.61 -31.91 -7.83
N PRO B 728 8.52 -30.60 -7.54
CA PRO B 728 8.09 -30.17 -6.21
C PRO B 728 6.61 -30.42 -5.98
N VAL B 729 6.27 -30.61 -4.70
CA VAL B 729 4.94 -31.06 -4.30
C VAL B 729 4.40 -30.27 -3.11
N SER B 730 5.26 -29.78 -2.23
CA SER B 730 4.80 -29.10 -1.02
C SER B 730 5.77 -28.00 -0.64
N MET B 731 5.50 -27.39 0.51
CA MET B 731 6.42 -26.41 1.08
C MET B 731 6.09 -26.33 2.57
N THR B 732 7.06 -25.82 3.34
CA THR B 732 6.96 -25.77 4.79
C THR B 732 5.73 -24.98 5.27
N LYS B 733 5.04 -25.54 6.25
CA LYS B 733 3.88 -24.89 6.85
C LYS B 733 4.36 -23.79 7.78
N THR B 734 4.77 -22.69 7.17
CA THR B 734 5.16 -21.49 7.89
C THR B 734 4.02 -20.94 8.73
N SER B 735 4.40 -20.30 9.83
CA SER B 735 3.43 -19.61 10.68
C SER B 735 4.14 -18.48 11.39
N VAL B 736 3.36 -17.47 11.79
CA VAL B 736 3.88 -16.35 12.57
C VAL B 736 2.92 -16.00 13.69
N ASP B 737 3.47 -15.83 14.90
CA ASP B 737 2.80 -15.22 16.03
C ASP B 737 2.68 -13.71 15.85
N CYS B 738 1.91 -13.32 14.82
CA CYS B 738 1.95 -11.99 14.22
C CYS B 738 1.92 -10.84 15.21
N THR B 739 0.97 -10.87 16.13
CA THR B 739 0.85 -9.84 17.15
C THR B 739 2.10 -9.72 18.02
N MET B 740 2.52 -10.85 18.60
CA MET B 740 3.73 -10.88 19.41
C MET B 740 4.95 -10.52 18.58
N TYR B 741 4.98 -11.00 17.35
CA TYR B 741 6.02 -10.61 16.42
C TYR B 741 6.08 -9.11 16.20
N ILE B 742 4.94 -8.45 16.22
CA ILE B 742 4.95 -7.01 16.09
C ILE B 742 5.40 -6.34 17.37
N CYS B 743 4.76 -6.66 18.49
CA CYS B 743 4.76 -5.78 19.65
C CYS B 743 5.59 -6.27 20.81
N GLY B 744 6.01 -7.53 20.81
CA GLY B 744 6.73 -8.07 21.98
C GLY B 744 5.97 -7.92 23.27
N ASP B 745 4.66 -8.13 23.23
CA ASP B 745 3.73 -7.85 24.32
C ASP B 745 3.67 -6.37 24.73
N SER B 746 4.23 -5.45 23.95
CA SER B 746 4.04 -4.03 24.27
C SER B 746 2.57 -3.66 24.15
N THR B 747 2.03 -3.18 25.25
CA THR B 747 0.66 -2.70 25.28
C THR B 747 0.45 -1.51 24.37
N GLU B 748 1.34 -0.53 24.47
CA GLU B 748 1.25 0.68 23.64
C GLU B 748 1.28 0.36 22.15
N CYS B 749 2.18 -0.54 21.75
CA CYS B 749 2.22 -1.00 20.38
C CYS B 749 0.91 -1.60 19.94
N SER B 750 0.36 -2.49 20.76
CA SER B 750 -0.93 -3.10 20.48
C SER B 750 -2.01 -2.04 20.29
N ASN B 751 -2.03 -1.05 21.17
CA ASN B 751 -3.03 0.01 21.09
C ASN B 751 -2.91 0.78 19.78
N LEU B 752 -1.69 1.13 19.39
CA LEU B 752 -1.51 1.81 18.12
C LEU B 752 -1.82 0.87 16.98
N LEU B 753 -1.34 -0.37 17.10
CA LEU B 753 -1.60 -1.41 16.11
C LEU B 753 -3.10 -1.63 15.93
N LEU B 754 -3.86 -1.53 17.01
CA LEU B 754 -5.30 -1.69 16.92
C LEU B 754 -6.00 -0.61 16.13
N GLN B 755 -5.32 0.46 15.73
CA GLN B 755 -5.83 1.28 14.66
C GLN B 755 -5.86 0.56 13.30
N TYR B 756 -5.18 -0.58 13.16
CA TYR B 756 -5.01 -1.26 11.87
C TYR B 756 -5.37 -2.73 11.95
N GLY B 757 -4.75 -3.43 12.91
CA GLY B 757 -5.21 -4.74 13.34
C GLY B 757 -5.30 -5.86 12.33
N SER B 758 -6.53 -6.10 11.89
CA SER B 758 -6.95 -7.37 11.31
C SER B 758 -6.23 -7.78 10.04
N PHE B 759 -5.43 -6.89 9.44
CA PHE B 759 -4.39 -7.30 8.49
C PHE B 759 -3.62 -8.48 9.02
N CYS B 760 -3.22 -8.37 10.29
CA CYS B 760 -2.49 -9.40 11.00
C CYS B 760 -3.27 -10.71 10.95
N THR B 761 -4.55 -10.63 11.28
CA THR B 761 -5.40 -11.81 11.24
C THR B 761 -5.64 -12.25 9.82
N GLN B 762 -5.84 -11.29 8.91
CA GLN B 762 -6.04 -11.62 7.50
C GLN B 762 -4.84 -12.35 6.94
N LEU B 763 -3.66 -11.85 7.26
CA LEU B 763 -2.42 -12.49 6.84
C LEU B 763 -2.30 -13.89 7.41
N ASN B 764 -2.57 -14.05 8.70
CA ASN B 764 -2.56 -15.37 9.30
C ASN B 764 -3.57 -16.31 8.66
N ARG B 765 -4.72 -15.77 8.29
CA ARG B 765 -5.72 -16.54 7.54
C ARG B 765 -5.15 -17.03 6.22
N ALA B 766 -4.48 -16.14 5.50
CA ALA B 766 -3.87 -16.51 4.23
C ALA B 766 -2.82 -17.59 4.42
N LEU B 767 -1.95 -17.43 5.43
CA LEU B 767 -0.97 -18.46 5.76
C LEU B 767 -1.65 -19.80 6.02
N THR B 768 -2.72 -19.77 6.80
CA THR B 768 -3.47 -20.95 7.15
C THR B 768 -4.00 -21.65 5.91
N GLY B 769 -4.57 -20.84 5.01
CA GLY B 769 -5.02 -21.31 3.74
C GLY B 769 -3.95 -22.01 2.95
N ILE B 770 -2.86 -21.31 2.63
CA ILE B 770 -1.80 -21.85 1.77
C ILE B 770 -1.23 -23.13 2.33
N ALA B 771 -1.14 -23.20 3.66
CA ALA B 771 -0.68 -24.44 4.30
C ALA B 771 -1.63 -25.58 4.00
N VAL B 772 -2.93 -25.32 4.21
CA VAL B 772 -3.93 -26.34 3.91
C VAL B 772 -3.90 -26.75 2.43
N GLU B 773 -3.66 -25.79 1.51
CA GLU B 773 -3.46 -26.23 0.11
C GLU B 773 -2.29 -27.18 -0.02
N GLN B 774 -1.16 -26.90 0.64
CA GLN B 774 -0.01 -27.81 0.58
C GLN B 774 -0.40 -29.21 1.00
N ASP B 775 -1.11 -29.28 2.12
CA ASP B 775 -1.50 -30.55 2.69
C ASP B 775 -2.39 -31.35 1.75
N LYS B 776 -3.49 -30.74 1.29
CA LYS B 776 -4.36 -31.45 0.37
C LYS B 776 -3.66 -31.78 -0.94
N ASN B 777 -2.77 -30.93 -1.42
CA ASN B 777 -2.07 -31.22 -2.67
C ASN B 777 -1.25 -32.49 -2.55
N THR B 778 -0.52 -32.61 -1.44
CA THR B 778 0.21 -33.82 -1.18
C THR B 778 -0.72 -35.02 -1.15
N GLN B 779 -1.84 -34.87 -0.44
CA GLN B 779 -2.82 -35.94 -0.39
C GLN B 779 -3.35 -36.28 -1.78
N GLU B 780 -3.65 -35.24 -2.54
CA GLU B 780 -4.28 -35.37 -3.84
C GLU B 780 -3.40 -36.07 -4.85
N VAL B 781 -2.09 -35.94 -4.71
CA VAL B 781 -1.22 -36.74 -5.57
C VAL B 781 -1.00 -38.13 -5.02
N PHE B 782 -0.96 -38.30 -3.70
CA PHE B 782 -0.56 -39.57 -3.11
C PHE B 782 -1.70 -40.47 -2.67
N ALA B 783 -2.74 -39.93 -2.04
CA ALA B 783 -3.70 -40.76 -1.32
C ALA B 783 -4.80 -41.27 -2.25
N GLN B 784 -4.37 -42.01 -3.28
CA GLN B 784 -5.27 -42.37 -4.36
C GLN B 784 -6.18 -43.54 -4.08
N VAL B 785 -5.79 -44.47 -3.22
CA VAL B 785 -6.52 -45.73 -3.06
C VAL B 785 -6.63 -46.12 -1.60
N LYS B 786 -7.83 -46.53 -1.20
CA LYS B 786 -8.08 -46.96 0.16
C LYS B 786 -7.48 -48.33 0.44
N GLN B 787 -7.51 -49.22 -0.55
CA GLN B 787 -6.86 -50.51 -0.38
C GLN B 787 -5.35 -50.34 -0.35
N ILE B 788 -4.78 -50.63 0.81
CA ILE B 788 -3.35 -50.58 1.04
C ILE B 788 -2.75 -51.89 0.55
N TYR B 789 -2.66 -52.02 -0.76
CA TYR B 789 -1.93 -53.10 -1.43
C TYR B 789 -0.50 -53.24 -0.94
N LYS B 790 0.08 -54.43 -1.08
CA LYS B 790 1.41 -54.71 -0.58
C LYS B 790 2.02 -55.84 -1.38
N THR B 791 3.33 -55.96 -1.31
CA THR B 791 4.00 -57.01 -2.04
C THR B 791 3.65 -58.37 -1.41
N PRO B 792 3.40 -59.40 -2.20
CA PRO B 792 3.57 -60.75 -1.69
C PRO B 792 5.02 -61.01 -1.32
N PRO B 793 5.30 -61.98 -0.44
CA PRO B 793 6.69 -62.37 -0.20
C PRO B 793 7.26 -63.27 -1.28
N ILE B 794 6.42 -64.13 -1.84
CA ILE B 794 6.82 -64.85 -3.04
C ILE B 794 6.97 -63.88 -4.18
N LYS B 795 7.85 -64.23 -5.12
CA LYS B 795 8.30 -63.33 -6.18
C LYS B 795 8.08 -63.92 -7.57
N ASP B 796 9.15 -64.30 -8.28
CA ASP B 796 9.05 -64.74 -9.67
C ASP B 796 8.44 -63.64 -10.55
N PHE B 797 8.82 -62.40 -10.28
CA PHE B 797 8.38 -61.25 -11.07
C PHE B 797 9.19 -61.14 -12.36
N GLY B 798 9.15 -62.19 -13.18
CA GLY B 798 10.07 -62.34 -14.29
C GLY B 798 11.55 -62.41 -13.94
N GLY B 799 11.89 -62.53 -12.66
CA GLY B 799 13.26 -62.36 -12.22
C GLY B 799 13.74 -60.94 -12.25
N PHE B 800 12.88 -59.95 -12.48
CA PHE B 800 13.30 -58.57 -12.54
C PHE B 800 13.65 -58.08 -11.14
N ASN B 801 14.86 -57.56 -10.97
CA ASN B 801 15.31 -57.13 -9.65
C ASN B 801 14.71 -55.80 -9.28
N PHE B 802 13.67 -55.83 -8.47
CA PHE B 802 13.02 -54.64 -7.96
C PHE B 802 13.46 -54.29 -6.55
N SER B 803 14.46 -55.00 -6.01
CA SER B 803 14.87 -54.83 -4.62
C SER B 803 15.28 -53.40 -4.29
N GLN B 804 15.75 -52.67 -5.28
CA GLN B 804 16.18 -51.30 -5.11
C GLN B 804 15.00 -50.37 -4.88
N ILE B 805 13.84 -50.69 -5.46
CA ILE B 805 12.62 -49.90 -5.31
C ILE B 805 11.66 -50.46 -4.26
N LEU B 806 11.78 -51.72 -3.90
CA LEU B 806 10.96 -52.24 -2.83
C LEU B 806 11.31 -51.59 -1.50
N PRO B 807 10.34 -51.49 -0.58
CA PRO B 807 10.66 -50.96 0.75
C PRO B 807 11.66 -51.88 1.45
N ASP B 808 12.63 -51.28 2.11
CA ASP B 808 13.69 -52.06 2.72
C ASP B 808 13.15 -52.90 3.89
N PRO B 809 13.64 -54.16 4.07
CA PRO B 809 13.16 -54.99 5.19
C PRO B 809 13.39 -54.38 6.55
N SER B 810 14.38 -53.50 6.69
CA SER B 810 14.64 -52.74 7.91
C SER B 810 13.56 -51.72 8.25
N LYS B 811 12.52 -51.55 7.44
CA LYS B 811 11.56 -50.46 7.55
C LYS B 811 12.23 -49.10 7.77
N PRO B 812 13.23 -48.76 6.98
CA PRO B 812 14.02 -47.58 7.33
C PRO B 812 13.23 -46.32 6.97
N SER B 813 12.35 -45.89 7.88
CA SER B 813 11.17 -45.10 7.50
C SER B 813 10.38 -45.71 6.34
N LYS B 814 10.36 -47.04 6.26
CA LYS B 814 9.93 -47.85 5.12
C LYS B 814 10.58 -47.55 3.78
N ARG B 815 11.64 -46.72 3.74
CA ARG B 815 12.22 -46.26 2.48
C ARG B 815 12.68 -47.41 1.60
N SER B 816 12.56 -47.21 0.29
CA SER B 816 13.34 -48.00 -0.63
C SER B 816 14.79 -47.57 -0.56
N PHE B 817 15.65 -48.44 -1.12
CA PHE B 817 17.06 -48.12 -1.28
C PHE B 817 17.20 -46.83 -2.07
N ILE B 818 16.46 -46.72 -3.15
CA ILE B 818 16.48 -45.48 -3.88
C ILE B 818 16.01 -44.34 -2.99
N GLU B 819 14.97 -44.61 -2.21
CA GLU B 819 14.50 -43.63 -1.25
C GLU B 819 15.53 -43.22 -0.20
N ASP B 820 16.35 -44.16 0.34
CA ASP B 820 17.36 -43.71 1.31
C ASP B 820 18.38 -42.82 0.61
N LEU B 821 18.80 -43.24 -0.60
CA LEU B 821 19.73 -42.43 -1.38
C LEU B 821 19.18 -41.05 -1.61
N LEU B 822 17.91 -40.96 -1.95
CA LEU B 822 17.29 -39.66 -2.11
C LEU B 822 17.36 -38.85 -0.82
N PHE B 823 16.79 -39.41 0.25
CA PHE B 823 16.66 -38.68 1.50
C PHE B 823 17.96 -38.32 2.19
N ASN B 824 19.08 -38.93 1.82
CA ASN B 824 20.37 -38.51 2.32
C ASN B 824 21.12 -37.70 1.27
N LYS B 825 20.66 -37.75 0.01
CA LYS B 825 21.08 -36.77 -0.98
C LYS B 825 20.53 -35.38 -0.67
N VAL B 826 19.52 -35.29 0.21
CA VAL B 826 19.01 -34.02 0.70
C VAL B 826 20.16 -33.21 1.28
N THR B 827 20.29 -31.96 0.83
CA THR B 827 21.31 -31.08 1.39
C THR B 827 20.85 -30.40 2.67
N LEU B 828 19.54 -30.29 2.88
CA LEU B 828 19.01 -29.72 4.12
C LEU B 828 19.43 -30.56 5.31
N PHE B 855 14.27 -21.25 15.60
CA PHE B 855 13.57 -20.00 15.32
C PHE B 855 12.55 -19.71 16.41
N ASN B 856 12.10 -18.46 16.48
CA ASN B 856 11.09 -18.06 17.45
C ASN B 856 10.25 -16.92 16.90
N GLY B 857 9.05 -16.79 17.44
CA GLY B 857 8.09 -15.81 16.97
C GLY B 857 7.51 -16.15 15.62
N LEU B 858 8.35 -16.10 14.61
CA LEU B 858 8.14 -16.92 13.43
C LEU B 858 8.26 -18.37 13.81
N THR B 859 7.50 -19.21 13.11
CA THR B 859 7.45 -20.62 13.45
C THR B 859 6.91 -21.40 12.26
N VAL B 860 6.95 -22.72 12.40
CA VAL B 860 6.54 -23.66 11.36
C VAL B 860 5.73 -24.74 12.02
N LEU B 861 4.96 -25.45 11.20
CA LEU B 861 4.05 -26.49 11.66
C LEU B 861 4.43 -27.81 10.99
N PRO B 862 4.19 -28.96 11.65
CA PRO B 862 4.48 -30.23 10.99
C PRO B 862 3.52 -30.45 9.84
N PRO B 863 3.94 -31.19 8.80
CA PRO B 863 2.96 -31.59 7.78
C PRO B 863 1.88 -32.49 8.36
N LEU B 864 0.86 -32.69 7.52
CA LEU B 864 -0.21 -33.61 7.85
C LEU B 864 0.31 -34.99 8.19
N LEU B 865 1.28 -35.46 7.41
CA LEU B 865 1.79 -36.82 7.54
C LEU B 865 3.29 -36.81 7.44
N THR B 866 3.90 -37.83 8.03
CA THR B 866 5.28 -38.12 7.77
C THR B 866 5.46 -38.76 6.40
N ASP B 867 6.71 -38.72 5.96
CA ASP B 867 7.16 -39.40 4.76
C ASP B 867 6.87 -40.89 4.75
N GLU B 868 6.80 -41.53 5.94
CA GLU B 868 6.56 -42.96 6.01
C GLU B 868 5.28 -43.37 5.34
N MET B 869 4.22 -42.60 5.53
CA MET B 869 2.98 -42.90 4.85
C MET B 869 3.13 -42.78 3.35
N ILE B 870 3.97 -41.86 2.90
CA ILE B 870 4.20 -41.77 1.46
C ILE B 870 4.96 -42.99 0.99
N ALA B 871 5.89 -43.46 1.80
CA ALA B 871 6.55 -44.74 1.52
C ALA B 871 5.54 -45.87 1.42
N GLN B 872 4.55 -45.88 2.29
CA GLN B 872 3.48 -46.86 2.20
C GLN B 872 2.72 -46.71 0.89
N TYR B 873 2.27 -45.50 0.59
CA TYR B 873 1.49 -45.24 -0.61
C TYR B 873 2.25 -45.67 -1.86
N THR B 874 3.48 -45.20 -1.97
CA THR B 874 4.34 -45.56 -3.09
C THR B 874 4.51 -47.05 -3.20
N SER B 875 4.86 -47.69 -2.08
CA SER B 875 5.03 -49.13 -2.04
C SER B 875 3.79 -49.86 -2.52
N ALA B 876 2.64 -49.45 -2.01
CA ALA B 876 1.39 -50.07 -2.40
C ALA B 876 1.12 -49.86 -3.88
N LEU B 877 1.40 -48.67 -4.37
CA LEU B 877 1.18 -48.37 -5.78
C LEU B 877 2.03 -49.23 -6.68
N LEU B 878 3.31 -49.37 -6.31
CA LEU B 878 4.21 -50.29 -6.98
C LEU B 878 3.64 -51.69 -6.99
N ALA B 879 3.28 -52.19 -5.81
CA ALA B 879 2.77 -53.54 -5.65
C ALA B 879 1.56 -53.78 -6.52
N GLY B 880 0.62 -52.84 -6.49
CA GLY B 880 -0.60 -52.97 -7.28
C GLY B 880 -0.30 -53.02 -8.76
N THR B 881 0.48 -52.06 -9.23
CA THR B 881 0.89 -52.01 -10.63
C THR B 881 1.56 -53.30 -11.03
N ILE B 882 2.46 -53.76 -10.17
CA ILE B 882 3.17 -55.01 -10.39
C ILE B 882 2.19 -56.15 -10.55
N THR B 883 1.32 -56.32 -9.56
CA THR B 883 0.54 -57.54 -9.52
C THR B 883 -0.54 -57.54 -10.57
N SER B 884 -0.99 -56.36 -11.00
CA SER B 884 -2.25 -56.26 -11.72
C SER B 884 -2.22 -55.17 -12.78
N GLY B 885 -1.09 -54.53 -13.05
CA GLY B 885 -1.04 -53.41 -13.96
C GLY B 885 -1.93 -52.26 -13.57
N TRP B 886 -2.50 -51.63 -14.59
CA TRP B 886 -3.44 -50.52 -14.43
C TRP B 886 -4.73 -50.88 -13.71
N THR B 887 -5.06 -52.17 -13.60
CA THR B 887 -6.43 -52.60 -13.34
C THR B 887 -6.90 -52.11 -11.98
N PHE B 888 -6.01 -52.10 -10.99
CA PHE B 888 -6.38 -51.51 -9.71
C PHE B 888 -6.58 -49.99 -9.75
N GLY B 889 -6.48 -49.30 -10.89
CA GLY B 889 -7.04 -47.98 -10.99
C GLY B 889 -8.55 -47.96 -10.81
N ALA B 890 -9.23 -48.99 -11.30
CA ALA B 890 -10.51 -49.37 -10.74
C ALA B 890 -10.25 -50.06 -9.43
N GLY B 891 -11.11 -49.78 -8.44
CA GLY B 891 -10.84 -50.14 -7.04
C GLY B 891 -10.47 -51.59 -6.82
N ALA B 892 -11.07 -52.49 -7.58
CA ALA B 892 -10.67 -53.90 -7.60
C ALA B 892 -9.55 -54.10 -8.61
N ALA B 893 -8.41 -54.58 -8.13
CA ALA B 893 -7.35 -55.04 -9.01
C ALA B 893 -7.83 -56.23 -9.82
N LEU B 894 -7.18 -56.45 -10.95
CA LEU B 894 -7.30 -57.70 -11.71
C LEU B 894 -5.89 -58.22 -11.87
N GLN B 895 -5.48 -59.06 -10.93
CA GLN B 895 -4.16 -59.63 -10.96
C GLN B 895 -3.95 -60.49 -12.21
N ILE B 896 -2.74 -60.43 -12.74
CA ILE B 896 -2.40 -61.05 -14.02
C ILE B 896 -0.90 -61.30 -14.04
N PRO B 897 -0.39 -62.32 -14.73
CA PRO B 897 1.05 -62.56 -14.70
C PRO B 897 1.87 -61.51 -15.43
N PHE B 898 2.89 -61.00 -14.71
CA PHE B 898 3.72 -59.83 -14.97
C PHE B 898 4.01 -59.60 -16.45
N ALA B 899 4.45 -60.66 -17.11
CA ALA B 899 4.82 -60.61 -18.52
C ALA B 899 3.66 -60.14 -19.37
N MET B 900 2.44 -60.44 -18.94
CA MET B 900 1.29 -60.06 -19.72
C MET B 900 1.11 -58.57 -19.69
N GLN B 901 1.38 -57.95 -18.54
CA GLN B 901 1.46 -56.49 -18.45
C GLN B 901 2.43 -55.95 -19.47
N MET B 902 3.61 -56.53 -19.55
CA MET B 902 4.57 -55.89 -20.45
C MET B 902 4.20 -56.14 -21.89
N ALA B 903 3.60 -57.28 -22.18
CA ALA B 903 3.07 -57.50 -23.51
C ALA B 903 2.01 -56.48 -23.88
N TYR B 904 1.05 -56.24 -22.99
CA TYR B 904 0.05 -55.22 -23.27
C TYR B 904 0.67 -53.86 -23.44
N ARG B 905 1.73 -53.58 -22.68
CA ARG B 905 2.47 -52.35 -22.89
C ARG B 905 3.09 -52.31 -24.28
N PHE B 906 3.66 -53.44 -24.70
CA PHE B 906 4.18 -53.54 -26.06
C PHE B 906 3.05 -53.35 -27.03
N ASN B 907 1.91 -53.96 -26.73
CA ASN B 907 0.74 -53.77 -27.56
C ASN B 907 0.29 -52.32 -27.52
N GLY B 908 0.52 -51.65 -26.39
CA GLY B 908 0.27 -50.22 -26.33
C GLY B 908 1.07 -49.41 -27.33
N ILE B 909 2.30 -49.83 -27.63
CA ILE B 909 3.07 -49.21 -28.70
C ILE B 909 2.90 -49.94 -30.02
N GLY B 910 1.92 -50.83 -30.10
CA GLY B 910 1.75 -51.52 -31.36
C GLY B 910 2.79 -52.54 -31.66
N VAL B 911 3.53 -53.02 -30.65
CA VAL B 911 4.57 -54.03 -30.85
C VAL B 911 4.01 -55.37 -30.39
N THR B 912 4.26 -56.40 -31.18
CA THR B 912 3.69 -57.70 -30.90
C THR B 912 4.40 -58.43 -29.78
N GLN B 913 3.60 -59.12 -28.99
CA GLN B 913 4.02 -59.84 -27.79
C GLN B 913 5.16 -60.80 -28.06
N ASN B 914 5.16 -61.43 -29.23
CA ASN B 914 6.19 -62.38 -29.62
C ASN B 914 7.58 -61.78 -29.55
N VAL B 915 7.69 -60.47 -29.80
CA VAL B 915 8.95 -59.76 -29.70
C VAL B 915 9.50 -59.88 -28.28
N LEU B 916 8.63 -59.65 -27.30
CA LEU B 916 8.97 -59.73 -25.89
C LEU B 916 9.59 -61.06 -25.56
N TYR B 917 8.88 -62.13 -25.89
CA TYR B 917 9.36 -63.46 -25.61
C TYR B 917 10.60 -63.74 -26.42
N GLU B 918 10.71 -63.15 -27.62
CA GLU B 918 11.93 -63.27 -28.39
C GLU B 918 13.12 -62.58 -27.74
N ASN B 919 12.90 -61.66 -26.80
CA ASN B 919 13.94 -60.80 -26.25
C ASN B 919 13.99 -60.82 -24.73
N GLN B 920 13.23 -61.72 -24.10
CA GLN B 920 12.75 -61.56 -22.74
C GLN B 920 13.88 -61.42 -21.72
N LYS B 921 14.79 -62.40 -21.71
CA LYS B 921 15.93 -62.32 -20.80
C LYS B 921 16.80 -61.12 -21.11
N LEU B 922 16.96 -60.82 -22.40
CA LEU B 922 17.72 -59.64 -22.79
C LEU B 922 17.04 -58.37 -22.33
N ILE B 923 15.71 -58.30 -22.46
CA ILE B 923 14.96 -57.16 -21.95
C ILE B 923 15.22 -56.98 -20.47
N ALA B 924 15.07 -58.07 -19.73
CA ALA B 924 15.31 -58.05 -18.30
C ALA B 924 16.70 -57.57 -17.96
N ASN B 925 17.69 -58.00 -18.70
CA ASN B 925 19.04 -57.55 -18.40
C ASN B 925 19.27 -56.10 -18.78
N GLN B 926 18.62 -55.61 -19.84
CA GLN B 926 18.58 -54.18 -20.09
C GLN B 926 18.00 -53.43 -18.91
N PHE B 927 16.87 -53.91 -18.40
CA PHE B 927 16.26 -53.31 -17.22
C PHE B 927 17.22 -53.26 -16.06
N ASN B 928 17.85 -54.39 -15.76
CA ASN B 928 18.82 -54.48 -14.68
C ASN B 928 19.91 -53.45 -14.85
N SER B 929 20.48 -53.41 -16.04
CA SER B 929 21.59 -52.51 -16.33
C SER B 929 21.18 -51.06 -16.22
N ALA B 930 20.01 -50.74 -16.73
CA ALA B 930 19.51 -49.37 -16.67
C ALA B 930 19.30 -48.93 -15.24
N ILE B 931 18.61 -49.76 -14.46
CA ILE B 931 18.42 -49.47 -13.04
C ILE B 931 19.76 -49.28 -12.34
N GLY B 932 20.73 -50.14 -12.65
CA GLY B 932 22.08 -49.97 -12.13
C GLY B 932 22.68 -48.62 -12.45
N LYS B 933 22.71 -48.27 -13.73
CA LYS B 933 23.24 -46.99 -14.18
C LYS B 933 22.52 -45.83 -13.52
N ILE B 934 21.20 -45.97 -13.36
CA ILE B 934 20.39 -44.93 -12.77
C ILE B 934 20.77 -44.70 -11.33
N GLN B 935 20.80 -45.76 -10.53
CA GLN B 935 21.18 -45.58 -9.13
C GLN B 935 22.62 -45.14 -8.99
N ASP B 936 23.48 -45.58 -9.91
CA ASP B 936 24.85 -45.06 -9.97
C ASP B 936 24.84 -43.55 -10.13
N SER B 937 24.06 -43.05 -11.09
CA SER B 937 23.89 -41.61 -11.23
C SER B 937 23.30 -41.01 -9.97
N LEU B 938 22.35 -41.71 -9.36
CA LEU B 938 21.74 -41.28 -8.13
C LEU B 938 22.72 -41.21 -6.98
N SER B 939 23.83 -41.95 -7.05
CA SER B 939 24.73 -42.11 -5.92
C SER B 939 25.41 -40.80 -5.52
N SER B 940 25.66 -39.91 -6.47
CA SER B 940 26.34 -38.67 -6.14
C SER B 940 26.13 -37.65 -7.24
N THR B 941 26.37 -36.37 -6.87
CA THR B 941 26.19 -35.22 -7.77
C THR B 941 24.81 -35.19 -8.41
N ALA B 942 23.79 -35.59 -7.66
CA ALA B 942 22.43 -35.70 -8.16
C ALA B 942 21.76 -34.33 -8.34
N SER B 943 22.35 -33.48 -9.18
CA SER B 943 22.00 -32.07 -9.28
C SER B 943 20.56 -31.81 -9.73
N ALA B 944 19.87 -32.81 -10.30
CA ALA B 944 18.45 -32.65 -10.61
C ALA B 944 17.61 -32.35 -9.39
N LEU B 945 18.04 -32.81 -8.22
CA LEU B 945 17.40 -32.45 -6.96
C LEU B 945 17.60 -30.98 -6.60
N GLY B 946 18.51 -30.28 -7.29
CA GLY B 946 18.80 -28.89 -7.00
C GLY B 946 17.59 -27.98 -7.04
N LYS B 947 16.66 -28.23 -7.95
CA LYS B 947 15.44 -27.43 -8.01
C LYS B 947 14.64 -27.57 -6.74
N LEU B 948 14.50 -28.80 -6.27
CA LEU B 948 13.76 -29.06 -5.04
C LEU B 948 14.48 -28.42 -3.87
N GLN B 949 15.78 -28.66 -3.80
CA GLN B 949 16.61 -28.02 -2.80
C GLN B 949 16.52 -26.52 -2.93
N ASP B 950 16.53 -26.02 -4.17
CA ASP B 950 16.46 -24.58 -4.44
C ASP B 950 15.19 -23.95 -3.88
N VAL B 951 14.04 -24.57 -4.14
CA VAL B 951 12.79 -23.99 -3.64
C VAL B 951 12.78 -24.00 -2.12
N VAL B 952 13.36 -25.03 -1.52
CA VAL B 952 13.52 -25.03 -0.07
C VAL B 952 14.44 -23.89 0.36
N ASN B 953 15.55 -23.72 -0.36
CA ASN B 953 16.49 -22.62 -0.11
C ASN B 953 15.77 -21.30 -0.18
N GLN B 954 14.95 -21.13 -1.20
CA GLN B 954 14.20 -19.90 -1.39
C GLN B 954 13.28 -19.62 -0.22
N ASN B 955 12.53 -20.63 0.20
CA ASN B 955 11.64 -20.48 1.35
C ASN B 955 12.42 -20.07 2.60
N ALA B 956 13.48 -20.81 2.89
CA ALA B 956 14.31 -20.52 4.05
C ALA B 956 14.93 -19.13 3.96
N GLN B 957 15.43 -18.80 2.77
CA GLN B 957 16.01 -17.49 2.53
C GLN B 957 15.00 -16.40 2.74
N ALA B 958 13.77 -16.63 2.31
CA ALA B 958 12.70 -15.66 2.51
C ALA B 958 12.46 -15.42 3.99
N LEU B 959 12.34 -16.51 4.74
CA LEU B 959 12.17 -16.43 6.19
C LEU B 959 13.29 -15.63 6.84
N ASN B 960 14.51 -16.09 6.68
CA ASN B 960 15.62 -15.47 7.38
C ASN B 960 15.90 -14.06 6.87
N THR B 961 15.53 -13.79 5.63
CA THR B 961 15.65 -12.46 5.10
C THR B 961 14.69 -11.54 5.80
N LEU B 962 13.45 -11.97 5.95
CA LEU B 962 12.50 -11.19 6.73
C LEU B 962 13.03 -10.97 8.13
N VAL B 963 13.56 -12.03 8.73
CA VAL B 963 14.14 -11.96 10.06
C VAL B 963 15.27 -10.95 10.11
N LYS B 964 16.15 -11.00 9.10
CA LYS B 964 17.26 -10.07 9.01
C LYS B 964 16.80 -8.62 9.01
N GLN B 965 15.72 -8.32 8.29
CA GLN B 965 15.19 -6.96 8.25
C GLN B 965 14.78 -6.44 9.62
N LEU B 966 14.44 -7.32 10.55
CA LEU B 966 13.99 -6.91 11.87
C LEU B 966 15.06 -6.24 12.72
N SER B 967 16.32 -6.33 12.31
CA SER B 967 17.38 -5.52 12.90
C SER B 967 17.22 -4.03 12.65
N SER B 968 16.45 -3.63 11.66
CA SER B 968 16.40 -2.22 11.27
C SER B 968 15.69 -1.39 12.31
N ASN B 969 16.08 -0.12 12.40
CA ASN B 969 15.29 0.90 13.09
C ASN B 969 14.23 1.52 12.19
N PHE B 970 14.30 1.30 10.87
CA PHE B 970 13.47 2.00 9.89
C PHE B 970 13.58 3.52 10.04
N GLY B 971 14.76 3.98 10.39
CA GLY B 971 15.01 5.36 10.66
C GLY B 971 14.54 5.82 12.01
N ALA B 972 13.94 4.93 12.82
CA ALA B 972 13.62 5.32 14.17
C ALA B 972 14.89 5.50 14.99
N ILE B 973 14.70 6.05 16.18
CA ILE B 973 15.82 6.37 17.08
C ILE B 973 16.63 5.12 17.38
N SER B 974 15.97 3.98 17.56
CA SER B 974 16.67 2.73 17.76
C SER B 974 15.80 1.60 17.24
N SER B 975 16.46 0.51 16.87
CA SER B 975 15.74 -0.70 16.50
C SER B 975 15.19 -1.44 17.72
N VAL B 976 15.81 -1.25 18.90
CA VAL B 976 15.29 -1.93 20.08
C VAL B 976 13.99 -1.28 20.53
N LEU B 977 12.92 -2.05 20.45
CA LEU B 977 11.61 -1.60 20.91
C LEU B 977 11.62 -1.33 22.40
N ASN B 978 12.24 -2.25 23.15
CA ASN B 978 12.44 -2.04 24.58
C ASN B 978 13.27 -0.80 24.86
N ASP B 979 14.22 -0.49 23.97
CA ASP B 979 15.02 0.72 24.15
C ASP B 979 14.16 1.97 24.10
N ILE B 980 13.38 2.12 23.03
CA ILE B 980 12.57 3.32 22.88
C ILE B 980 11.58 3.48 24.02
N LEU B 981 10.85 2.41 24.36
CA LEU B 981 9.94 2.54 25.49
C LEU B 981 10.67 2.74 26.80
N SER B 982 11.90 2.25 26.90
CA SER B 982 12.72 2.53 28.04
C SER B 982 13.13 4.00 28.09
N ARG B 983 13.41 4.58 26.94
CA ARG B 983 13.98 5.91 26.79
C ARG B 983 12.99 7.06 26.79
N LEU B 984 11.76 6.91 26.27
CA LEU B 984 10.92 8.07 25.94
C LEU B 984 9.52 7.92 26.52
N ASP B 985 8.91 9.08 26.74
CA ASP B 985 7.54 9.13 27.22
C ASP B 985 6.64 8.72 26.06
N PRO B 986 5.40 8.29 26.36
CA PRO B 986 4.49 7.75 25.29
C PRO B 986 4.30 8.68 24.10
N PRO B 987 4.12 10.00 24.29
CA PRO B 987 3.95 10.85 23.10
C PRO B 987 5.16 10.90 22.19
N GLU B 988 6.34 11.03 22.77
CA GLU B 988 7.56 11.04 21.98
C GLU B 988 7.79 9.69 21.31
N ALA B 989 7.61 8.61 22.07
CA ALA B 989 7.79 7.28 21.53
C ALA B 989 6.84 6.98 20.38
N GLU B 990 5.62 7.52 20.45
CA GLU B 990 4.51 7.19 19.55
C GLU B 990 4.87 7.25 18.06
N VAL B 991 5.44 8.36 17.62
CA VAL B 991 5.77 8.48 16.20
C VAL B 991 6.84 7.47 15.79
N GLN B 992 7.77 7.19 16.69
CA GLN B 992 8.78 6.19 16.41
C GLN B 992 8.16 4.82 16.31
N ILE B 993 7.23 4.54 17.20
CA ILE B 993 6.47 3.30 17.20
C ILE B 993 5.72 3.16 15.89
N ASP B 994 5.11 4.25 15.43
CA ASP B 994 4.43 4.26 14.14
C ASP B 994 5.38 3.87 13.02
N ARG B 995 6.58 4.46 13.01
CA ARG B 995 7.60 4.12 12.03
C ARG B 995 7.91 2.63 12.01
N LEU B 996 8.17 2.07 13.19
CA LEU B 996 8.46 0.64 13.28
C LEU B 996 7.29 -0.18 12.78
N ILE B 997 6.09 0.20 13.21
CA ILE B 997 4.89 -0.53 12.85
C ILE B 997 4.73 -0.60 11.35
N THR B 998 4.76 0.55 10.68
CA THR B 998 4.58 0.53 9.24
C THR B 998 5.68 -0.22 8.52
N GLY B 999 6.91 -0.10 8.99
CA GLY B 999 7.99 -0.89 8.42
C GLY B 999 7.77 -2.39 8.56
N ARG B 1000 7.41 -2.83 9.76
CA ARG B 1000 7.19 -4.26 9.96
C ARG B 1000 5.97 -4.75 9.22
N LEU B 1001 4.97 -3.89 9.07
CA LEU B 1001 3.84 -4.25 8.23
C LEU B 1001 4.26 -4.42 6.79
N GLN B 1002 5.09 -3.49 6.31
CA GLN B 1002 5.61 -3.52 4.95
C GLN B 1002 6.33 -4.82 4.68
N SER B 1003 7.13 -5.23 5.67
CA SER B 1003 7.84 -6.49 5.59
C SER B 1003 6.86 -7.66 5.48
N LEU B 1004 5.85 -7.68 6.35
CA LEU B 1004 4.89 -8.78 6.33
C LEU B 1004 4.16 -8.90 4.99
N GLN B 1005 3.57 -7.79 4.49
CA GLN B 1005 2.79 -7.94 3.25
C GLN B 1005 3.70 -8.33 2.10
N THR B 1006 4.95 -7.86 2.16
CA THR B 1006 5.91 -8.30 1.16
C THR B 1006 6.12 -9.80 1.25
N TYR B 1007 6.41 -10.31 2.44
CA TYR B 1007 6.76 -11.72 2.58
C TYR B 1007 5.62 -12.63 2.13
N VAL B 1008 4.42 -12.32 2.60
CA VAL B 1008 3.26 -13.13 2.26
C VAL B 1008 2.98 -13.11 0.77
N THR B 1009 3.27 -11.98 0.11
CA THR B 1009 3.04 -11.92 -1.33
C THR B 1009 3.82 -13.00 -2.07
N GLN B 1010 5.11 -13.11 -1.75
CA GLN B 1010 5.94 -14.16 -2.31
C GLN B 1010 5.42 -15.52 -1.94
N GLN B 1011 4.96 -15.66 -0.69
CA GLN B 1011 4.44 -16.96 -0.27
C GLN B 1011 3.24 -17.35 -1.11
N LEU B 1012 2.36 -16.40 -1.38
CA LEU B 1012 1.21 -16.67 -2.23
C LEU B 1012 1.63 -17.09 -3.62
N ILE B 1013 2.58 -16.36 -4.20
CA ILE B 1013 3.06 -16.66 -5.54
C ILE B 1013 3.67 -18.05 -5.57
N ARG B 1014 4.54 -18.31 -4.60
CA ARG B 1014 5.22 -19.58 -4.48
C ARG B 1014 4.23 -20.71 -4.36
N ALA B 1015 3.20 -20.53 -3.54
CA ALA B 1015 2.14 -21.51 -3.40
C ALA B 1015 1.43 -21.77 -4.72
N ALA B 1016 1.20 -20.72 -5.49
CA ALA B 1016 0.50 -20.88 -6.77
C ALA B 1016 1.30 -21.75 -7.72
N GLU B 1017 2.57 -21.43 -7.88
CA GLU B 1017 3.41 -22.24 -8.77
C GLU B 1017 3.59 -23.65 -8.23
N ILE B 1018 3.66 -23.79 -6.91
CA ILE B 1018 3.69 -25.12 -6.29
C ILE B 1018 2.44 -25.89 -6.67
N ARG B 1019 1.29 -25.25 -6.55
CA ARG B 1019 0.03 -25.91 -6.86
C ARG B 1019 -0.02 -26.38 -8.30
N ALA B 1020 0.41 -25.51 -9.21
CA ALA B 1020 0.48 -25.89 -10.62
C ALA B 1020 1.38 -27.11 -10.81
N SER B 1021 2.55 -27.09 -10.19
CA SER B 1021 3.43 -28.25 -10.21
C SER B 1021 2.75 -29.47 -9.63
N ALA B 1022 2.00 -29.30 -8.55
CA ALA B 1022 1.28 -30.41 -7.92
C ALA B 1022 0.27 -31.01 -8.86
N ASN B 1023 -0.48 -30.16 -9.55
CA ASN B 1023 -1.43 -30.61 -10.55
C ASN B 1023 -0.73 -31.42 -11.62
N LEU B 1024 0.39 -30.90 -12.10
CA LEU B 1024 1.19 -31.63 -13.08
C LEU B 1024 1.67 -32.96 -12.55
N ALA B 1025 2.17 -32.98 -11.33
CA ALA B 1025 2.68 -34.21 -10.75
C ALA B 1025 1.60 -35.25 -10.60
N ALA B 1026 0.46 -34.83 -10.08
CA ALA B 1026 -0.71 -35.69 -10.01
C ALA B 1026 -1.10 -36.17 -11.39
N THR B 1027 -1.01 -35.31 -12.38
CA THR B 1027 -1.31 -35.71 -13.74
C THR B 1027 -0.33 -36.74 -14.26
N LYS B 1028 0.96 -36.53 -13.97
CA LYS B 1028 2.01 -37.46 -14.38
C LYS B 1028 1.74 -38.85 -13.85
N MET B 1029 1.47 -38.92 -12.55
CA MET B 1029 0.98 -40.16 -11.96
C MET B 1029 -0.24 -40.65 -12.71
N SER B 1030 -1.21 -39.76 -12.89
CA SER B 1030 -2.52 -40.07 -13.42
C SER B 1030 -2.51 -40.68 -14.80
N GLU B 1031 -1.42 -40.52 -15.54
CA GLU B 1031 -1.22 -41.20 -16.82
C GLU B 1031 -0.09 -42.21 -16.71
N CYS B 1032 1.16 -41.74 -16.59
CA CYS B 1032 2.33 -42.58 -16.75
C CYS B 1032 2.39 -43.70 -15.71
N VAL B 1033 1.75 -43.52 -14.57
CA VAL B 1033 1.69 -44.56 -13.55
C VAL B 1033 0.42 -45.37 -13.67
N LEU B 1034 -0.72 -44.70 -13.76
CA LEU B 1034 -1.96 -45.43 -13.77
C LEU B 1034 -2.13 -46.29 -15.00
N GLY B 1035 -1.51 -45.91 -16.12
CA GLY B 1035 -1.70 -46.63 -17.35
C GLY B 1035 -0.54 -46.41 -18.31
N GLN B 1036 -0.86 -46.21 -19.58
CA GLN B 1036 0.15 -45.95 -20.59
C GLN B 1036 -0.36 -44.87 -21.52
N SER B 1037 0.51 -43.91 -21.84
CA SER B 1037 0.12 -42.68 -22.50
C SER B 1037 0.51 -42.66 -23.96
N LYS B 1038 -0.40 -42.18 -24.79
CA LYS B 1038 -0.07 -41.79 -26.14
C LYS B 1038 0.61 -40.44 -26.21
N ARG B 1039 0.63 -39.65 -25.14
CA ARG B 1039 1.12 -38.28 -25.23
C ARG B 1039 2.63 -38.28 -25.37
N VAL B 1040 3.08 -37.93 -26.59
CA VAL B 1040 4.33 -38.37 -27.22
C VAL B 1040 5.53 -38.25 -26.30
N ASP B 1041 5.79 -37.05 -25.78
CA ASP B 1041 6.96 -36.76 -24.96
C ASP B 1041 6.64 -36.61 -23.49
N PHE B 1042 5.39 -36.86 -23.09
CA PHE B 1042 4.93 -36.41 -21.79
C PHE B 1042 5.65 -37.13 -20.66
N CYS B 1043 5.85 -38.44 -20.77
CA CYS B 1043 6.63 -39.21 -19.82
C CYS B 1043 8.11 -39.25 -20.19
N GLY B 1044 8.61 -38.26 -20.93
CA GLY B 1044 9.95 -38.24 -21.48
C GLY B 1044 10.07 -38.82 -22.87
N LYS B 1045 11.32 -38.80 -23.34
CA LYS B 1045 11.65 -39.27 -24.69
C LYS B 1045 11.56 -40.78 -24.81
N GLY B 1046 11.42 -41.23 -26.05
CA GLY B 1046 11.11 -42.62 -26.35
C GLY B 1046 9.70 -43.00 -25.99
N TYR B 1047 9.19 -44.07 -26.59
CA TYR B 1047 7.80 -44.45 -26.38
C TYR B 1047 7.65 -44.98 -24.97
N HIS B 1048 6.75 -44.36 -24.21
CA HIS B 1048 6.53 -44.70 -22.81
C HIS B 1048 6.16 -46.16 -22.63
N LEU B 1049 6.73 -46.77 -21.61
CA LEU B 1049 6.42 -48.15 -21.25
C LEU B 1049 5.77 -48.20 -19.89
N MET B 1050 6.40 -47.66 -18.87
CA MET B 1050 5.87 -47.72 -17.52
C MET B 1050 6.57 -46.64 -16.75
N SER B 1051 6.10 -46.40 -15.53
CA SER B 1051 6.81 -45.49 -14.64
C SER B 1051 6.51 -45.82 -13.20
N PHE B 1052 7.38 -45.31 -12.31
CA PHE B 1052 7.27 -45.49 -10.87
C PHE B 1052 7.46 -44.17 -10.13
N PRO B 1053 6.62 -43.85 -9.13
CA PRO B 1053 6.89 -42.69 -8.29
C PRO B 1053 7.87 -43.00 -7.18
N GLN B 1054 8.61 -41.98 -6.78
CA GLN B 1054 9.28 -41.98 -5.48
C GLN B 1054 9.07 -40.66 -4.78
N SER B 1055 8.83 -40.75 -3.48
CA SER B 1055 8.66 -39.57 -2.67
C SER B 1055 9.96 -38.80 -2.56
N ALA B 1056 9.82 -37.51 -2.28
CA ALA B 1056 10.94 -36.68 -1.85
C ALA B 1056 10.41 -35.69 -0.83
N PRO B 1057 11.27 -35.12 0.00
CA PRO B 1057 10.82 -34.04 0.89
C PRO B 1057 10.18 -32.91 0.09
N HIS B 1058 8.96 -32.55 0.46
CA HIS B 1058 8.16 -31.57 -0.28
C HIS B 1058 7.91 -31.91 -1.75
N GLY B 1059 8.21 -33.13 -2.21
CA GLY B 1059 8.38 -33.37 -3.63
C GLY B 1059 8.24 -34.82 -4.01
N VAL B 1060 8.50 -35.09 -5.28
CA VAL B 1060 8.36 -36.43 -5.84
C VAL B 1060 9.37 -36.63 -6.96
N VAL B 1061 9.72 -37.88 -7.18
CA VAL B 1061 10.46 -38.35 -8.34
C VAL B 1061 9.59 -39.33 -9.10
N PHE B 1062 9.68 -39.28 -10.42
CA PHE B 1062 9.10 -40.29 -11.31
C PHE B 1062 10.18 -41.01 -12.08
N LEU B 1063 10.23 -42.34 -11.95
CA LEU B 1063 11.14 -43.21 -12.67
C LEU B 1063 10.41 -43.72 -13.90
N HIS B 1064 10.46 -42.96 -14.99
CA HIS B 1064 9.83 -43.41 -16.22
C HIS B 1064 10.64 -44.50 -16.91
N VAL B 1065 9.93 -45.27 -17.71
CA VAL B 1065 10.49 -46.33 -18.54
C VAL B 1065 9.92 -46.18 -19.94
N THR B 1066 10.80 -46.22 -20.95
CA THR B 1066 10.41 -46.02 -22.34
C THR B 1066 11.22 -46.91 -23.27
N TYR B 1067 10.61 -47.19 -24.41
CA TYR B 1067 11.22 -47.89 -25.52
C TYR B 1067 12.04 -46.94 -26.38
N VAL B 1068 13.12 -47.46 -26.95
CA VAL B 1068 14.08 -46.64 -27.70
C VAL B 1068 14.55 -47.33 -28.99
N PRO B 1069 14.46 -46.70 -30.17
CA PRO B 1069 14.91 -47.37 -31.40
C PRO B 1069 16.42 -47.49 -31.48
N ALA B 1070 16.90 -48.55 -32.16
CA ALA B 1070 18.33 -48.69 -32.39
C ALA B 1070 18.62 -49.56 -33.61
N GLN B 1071 19.88 -49.49 -34.05
CA GLN B 1071 20.47 -50.40 -35.05
C GLN B 1071 19.71 -50.42 -36.38
N GLU B 1072 19.04 -49.32 -36.70
CA GLU B 1072 18.18 -49.18 -37.87
C GLU B 1072 18.90 -49.43 -39.19
N LYS B 1073 18.12 -49.81 -40.21
CA LYS B 1073 18.63 -50.18 -41.53
C LYS B 1073 17.64 -49.79 -42.60
N ASN B 1074 18.14 -49.51 -43.81
CA ASN B 1074 17.29 -49.10 -44.92
C ASN B 1074 16.42 -50.22 -45.46
N PHE B 1075 15.25 -49.83 -45.98
CA PHE B 1075 14.49 -50.68 -46.89
C PHE B 1075 13.82 -49.83 -47.95
N THR B 1076 13.75 -50.38 -49.16
CA THR B 1076 12.80 -49.87 -50.13
C THR B 1076 11.38 -50.32 -49.77
N THR B 1077 10.43 -49.47 -50.14
CA THR B 1077 9.06 -49.53 -49.68
C THR B 1077 8.16 -49.13 -50.83
N ALA B 1078 6.93 -49.65 -50.80
CA ALA B 1078 5.92 -49.38 -51.82
C ALA B 1078 4.60 -49.10 -51.12
N PRO B 1079 3.80 -48.14 -51.59
CA PRO B 1079 2.47 -47.98 -50.99
C PRO B 1079 1.58 -49.17 -51.25
N ALA B 1080 1.84 -49.95 -52.30
CA ALA B 1080 0.94 -51.06 -52.66
C ALA B 1080 1.68 -52.07 -53.51
N ILE B 1081 1.02 -53.21 -53.66
CA ILE B 1081 1.39 -54.25 -54.61
C ILE B 1081 0.12 -54.50 -55.39
N CYS B 1082 0.25 -54.74 -56.69
CA CYS B 1082 -0.81 -55.38 -57.47
C CYS B 1082 -0.50 -56.84 -57.71
N HIS B 1083 -1.53 -57.66 -57.53
CA HIS B 1083 -1.44 -59.08 -57.84
C HIS B 1083 -2.77 -59.50 -58.42
N ASP B 1084 -2.71 -60.42 -59.40
CA ASP B 1084 -3.89 -60.91 -60.12
C ASP B 1084 -4.72 -59.78 -60.70
N GLY B 1085 -4.08 -58.68 -61.06
CA GLY B 1085 -4.81 -57.54 -61.54
C GLY B 1085 -5.64 -56.85 -60.50
N LYS B 1086 -5.36 -57.08 -59.21
CA LYS B 1086 -6.01 -56.38 -58.12
C LYS B 1086 -4.94 -55.74 -57.26
N ALA B 1087 -5.25 -54.58 -56.68
CA ALA B 1087 -4.36 -53.88 -55.76
C ALA B 1087 -4.58 -54.30 -54.31
N HIS B 1088 -3.47 -54.42 -53.57
CA HIS B 1088 -3.46 -54.98 -52.22
C HIS B 1088 -2.59 -54.14 -51.31
N PHE B 1089 -2.89 -54.18 -50.01
CA PHE B 1089 -2.47 -53.17 -49.04
C PHE B 1089 -2.20 -53.78 -47.68
N PRO B 1090 -1.34 -53.17 -46.86
CA PRO B 1090 -1.05 -53.79 -45.57
C PRO B 1090 -2.23 -53.64 -44.64
N ARG B 1091 -2.72 -54.75 -44.13
CA ARG B 1091 -3.70 -54.68 -43.06
C ARG B 1091 -3.10 -54.02 -41.83
N GLU B 1092 -1.80 -54.21 -41.60
CA GLU B 1092 -1.05 -53.52 -40.56
C GLU B 1092 0.42 -53.66 -40.89
N GLY B 1093 1.25 -52.91 -40.19
CA GLY B 1093 2.68 -52.91 -40.49
C GLY B 1093 2.97 -52.19 -41.81
N VAL B 1094 4.09 -52.55 -42.43
CA VAL B 1094 4.60 -51.82 -43.60
C VAL B 1094 5.20 -52.75 -44.64
N PHE B 1095 4.95 -52.41 -45.90
CA PHE B 1095 5.50 -53.10 -47.06
C PHE B 1095 6.96 -52.69 -47.25
N VAL B 1096 7.85 -53.68 -47.40
CA VAL B 1096 9.29 -53.43 -47.38
C VAL B 1096 9.99 -54.40 -48.31
N SER B 1097 11.14 -53.98 -48.82
CA SER B 1097 12.18 -54.93 -49.20
C SER B 1097 13.55 -54.32 -49.20
N ASN B 1098 14.50 -55.23 -49.18
CA ASN B 1098 15.91 -55.00 -49.44
C ASN B 1098 16.31 -55.50 -50.82
N GLY B 1099 15.38 -56.06 -51.60
CA GLY B 1099 15.62 -56.56 -52.94
C GLY B 1099 14.30 -56.81 -53.63
N THR B 1100 14.19 -57.96 -54.30
CA THR B 1100 12.88 -58.47 -54.74
C THR B 1100 12.10 -59.13 -53.62
N HIS B 1101 12.70 -59.28 -52.45
CA HIS B 1101 12.21 -60.08 -51.34
C HIS B 1101 11.15 -59.31 -50.57
N TRP B 1102 10.09 -58.96 -51.27
CA TRP B 1102 9.09 -58.09 -50.71
C TRP B 1102 8.24 -58.81 -49.70
N PHE B 1103 8.22 -58.25 -48.49
CA PHE B 1103 7.64 -58.82 -47.31
C PHE B 1103 6.90 -57.66 -46.68
N VAL B 1104 6.02 -57.96 -45.75
CA VAL B 1104 5.60 -56.95 -44.80
C VAL B 1104 6.45 -57.08 -43.55
N THR B 1105 6.51 -55.99 -42.79
CA THR B 1105 7.00 -56.02 -41.43
C THR B 1105 6.17 -55.08 -40.58
N GLN B 1106 6.25 -55.31 -39.28
CA GLN B 1106 5.70 -54.44 -38.26
C GLN B 1106 6.15 -53.01 -38.46
N ARG B 1107 5.26 -52.07 -38.14
CA ARG B 1107 5.36 -50.66 -38.50
C ARG B 1107 6.54 -49.90 -37.88
N ASN B 1108 7.36 -50.52 -37.02
CA ASN B 1108 8.41 -49.86 -36.24
C ASN B 1108 9.66 -50.70 -36.05
N PHE B 1109 9.66 -51.97 -36.44
CA PHE B 1109 10.75 -52.86 -36.12
C PHE B 1109 10.79 -53.93 -37.21
N TYR B 1110 11.98 -54.47 -37.46
CA TYR B 1110 12.19 -55.47 -38.49
C TYR B 1110 11.76 -56.85 -38.01
N GLU B 1111 10.47 -57.06 -38.09
CA GLU B 1111 9.81 -58.35 -37.99
C GLU B 1111 9.28 -58.73 -39.37
N PRO B 1112 10.14 -59.14 -40.31
CA PRO B 1112 9.68 -59.40 -41.69
C PRO B 1112 8.74 -60.59 -41.82
N GLN B 1113 7.77 -60.50 -42.75
CA GLN B 1113 7.04 -61.71 -43.08
C GLN B 1113 6.35 -61.55 -44.43
N ILE B 1114 5.94 -62.70 -44.96
CA ILE B 1114 5.52 -62.83 -46.34
C ILE B 1114 4.25 -62.04 -46.63
N ILE B 1115 4.22 -61.43 -47.81
CA ILE B 1115 3.01 -60.78 -48.32
C ILE B 1115 1.99 -61.86 -48.68
N THR B 1116 0.84 -61.81 -48.02
CA THR B 1116 -0.17 -62.85 -48.19
C THR B 1116 -1.55 -62.26 -48.10
N THR B 1117 -2.52 -63.00 -48.60
CA THR B 1117 -3.92 -62.64 -48.40
C THR B 1117 -4.31 -62.51 -46.92
N ASP B 1118 -3.59 -63.14 -46.01
CA ASP B 1118 -3.92 -63.09 -44.60
C ASP B 1118 -3.50 -61.79 -43.96
N ASN B 1119 -2.31 -61.33 -44.30
CA ASN B 1119 -1.76 -60.11 -43.72
C ASN B 1119 -1.92 -58.92 -44.63
N THR B 1120 -2.01 -59.14 -45.93
CA THR B 1120 -2.40 -58.09 -46.85
C THR B 1120 -3.90 -58.14 -47.08
N PHE B 1121 -4.43 -57.08 -47.68
CA PHE B 1121 -5.82 -57.08 -48.11
C PHE B 1121 -5.97 -56.25 -49.37
N VAL B 1122 -6.95 -56.63 -50.17
CA VAL B 1122 -7.26 -55.98 -51.43
C VAL B 1122 -8.06 -54.72 -51.17
N SER B 1123 -7.88 -53.72 -52.03
CA SER B 1123 -8.85 -52.64 -52.13
C SER B 1123 -8.62 -51.89 -53.44
N GLY B 1124 -9.57 -51.01 -53.75
CA GLY B 1124 -9.44 -50.08 -54.87
C GLY B 1124 -9.35 -50.78 -56.20
N ASN B 1125 -8.31 -50.43 -56.97
CA ASN B 1125 -8.03 -51.14 -58.21
C ASN B 1125 -6.54 -51.14 -58.49
N CYS B 1126 -6.14 -52.14 -59.25
CA CYS B 1126 -4.74 -52.36 -59.58
C CYS B 1126 -4.10 -51.19 -60.35
N ASP B 1127 -4.87 -50.40 -61.08
CA ASP B 1127 -4.36 -49.28 -61.86
C ASP B 1127 -4.41 -47.94 -61.14
N VAL B 1128 -4.79 -47.93 -59.87
CA VAL B 1128 -5.31 -46.72 -59.25
C VAL B 1128 -4.24 -45.66 -59.09
N VAL B 1129 -3.10 -46.00 -58.46
CA VAL B 1129 -2.20 -45.01 -57.89
C VAL B 1129 -0.75 -45.45 -58.08
N ILE B 1130 0.13 -44.44 -58.09
CA ILE B 1130 1.57 -44.54 -58.21
C ILE B 1130 2.22 -45.52 -57.23
N GLY B 1131 3.43 -45.94 -57.56
CA GLY B 1131 4.29 -46.70 -56.69
C GLY B 1131 3.92 -48.14 -56.46
N ILE B 1132 2.77 -48.59 -56.94
CA ILE B 1132 2.42 -50.00 -56.87
C ILE B 1132 3.43 -50.82 -57.64
N VAL B 1133 3.60 -52.07 -57.20
CA VAL B 1133 4.54 -53.01 -57.79
C VAL B 1133 3.83 -54.32 -58.14
N ASN B 1134 4.35 -54.99 -59.16
CA ASN B 1134 3.87 -56.28 -59.61
C ASN B 1134 4.62 -57.39 -58.88
N ASN B 1135 3.95 -58.06 -57.94
CA ASN B 1135 4.54 -59.20 -57.23
C ASN B 1135 3.50 -60.27 -56.99
N THR B 1136 3.98 -61.51 -56.89
CA THR B 1136 3.14 -62.62 -56.50
C THR B 1136 2.69 -62.52 -55.05
N VAL B 1137 1.42 -62.84 -54.81
CA VAL B 1137 0.82 -62.87 -53.48
C VAL B 1137 0.00 -64.14 -53.37
N TYR B 1138 0.01 -64.73 -52.18
CA TYR B 1138 -0.35 -66.12 -51.97
C TYR B 1138 -1.56 -66.24 -51.08
N ASP B 1139 -2.37 -67.25 -51.36
CA ASP B 1139 -3.54 -67.60 -50.60
C ASP B 1139 -3.30 -68.87 -49.81
N PRO B 1140 -3.52 -68.89 -48.49
CA PRO B 1140 -3.61 -70.17 -47.79
C PRO B 1140 -4.67 -71.08 -48.40
N LEU B 1141 -4.52 -72.37 -48.14
CA LEU B 1141 -5.31 -73.42 -48.77
C LEU B 1141 -5.18 -73.45 -50.29
N GLN B 1142 -4.08 -72.93 -50.82
CA GLN B 1142 -3.61 -73.40 -52.10
C GLN B 1142 -3.58 -74.92 -52.19
N PRO B 1143 -3.09 -75.67 -51.19
CA PRO B 1143 -3.22 -77.12 -51.29
C PRO B 1143 -4.66 -77.60 -51.20
N GLU B 1144 -4.92 -78.71 -51.86
CA GLU B 1144 -6.23 -79.35 -51.85
C GLU B 1144 -6.60 -79.77 -50.43
N ALA C 27 -23.79 -17.22 51.27
CA ALA C 27 -24.84 -17.78 50.38
C ALA C 27 -24.61 -17.34 48.94
N TYR C 28 -24.76 -18.26 47.98
CA TYR C 28 -24.34 -18.05 46.60
C TYR C 28 -25.30 -18.75 45.65
N THR C 29 -25.22 -18.36 44.39
CA THR C 29 -25.77 -19.10 43.26
C THR C 29 -24.91 -18.74 42.05
N ASN C 30 -25.44 -18.99 40.85
CA ASN C 30 -24.76 -18.73 39.58
C ASN C 30 -25.52 -17.66 38.82
N SER C 31 -24.79 -16.88 38.04
CA SER C 31 -25.37 -16.16 36.92
C SER C 31 -25.72 -17.14 35.80
N PHE C 32 -26.34 -16.60 34.74
CA PHE C 32 -26.60 -17.34 33.51
C PHE C 32 -26.04 -16.53 32.35
N THR C 33 -26.70 -16.57 31.18
CA THR C 33 -26.64 -15.53 30.16
C THR C 33 -27.52 -14.33 30.52
N ARG C 34 -27.21 -13.70 31.65
CA ARG C 34 -28.05 -12.69 32.26
C ARG C 34 -27.15 -11.61 32.84
N GLY C 35 -27.75 -10.47 33.18
CA GLY C 35 -26.94 -9.35 33.58
C GLY C 35 -26.26 -8.76 32.37
N VAL C 36 -27.10 -8.27 31.46
CA VAL C 36 -26.69 -7.91 30.12
C VAL C 36 -27.59 -6.76 29.70
N TYR C 37 -27.08 -5.90 28.82
CA TYR C 37 -27.72 -4.61 28.61
C TYR C 37 -27.50 -4.12 27.19
N TYR C 38 -28.42 -3.27 26.77
CA TYR C 38 -28.26 -2.58 25.50
C TYR C 38 -27.09 -1.61 25.60
N PRO C 39 -25.95 -1.83 24.91
CA PRO C 39 -24.76 -1.07 25.27
C PRO C 39 -24.54 0.17 24.41
N ASP C 40 -24.92 0.12 23.15
CA ASP C 40 -24.44 1.08 22.18
C ASP C 40 -25.31 2.32 22.06
N LYS C 41 -26.61 2.22 22.35
CA LYS C 41 -27.57 3.24 21.94
C LYS C 41 -27.56 3.51 20.43
N VAL C 42 -27.16 2.52 19.62
CA VAL C 42 -27.21 2.60 18.17
C VAL C 42 -28.14 1.51 17.70
N PHE C 43 -29.19 1.90 16.99
CA PHE C 43 -30.08 0.92 16.40
C PHE C 43 -29.35 0.12 15.34
N ARG C 44 -29.48 -1.19 15.43
CA ARG C 44 -28.99 -2.12 14.43
C ARG C 44 -29.96 -3.27 14.49
N SER C 45 -30.08 -4.01 13.40
CA SER C 45 -30.99 -5.14 13.39
C SER C 45 -30.46 -6.23 12.47
N SER C 46 -30.91 -7.45 12.76
CA SER C 46 -30.63 -8.64 11.96
C SER C 46 -29.14 -8.78 11.63
N VAL C 47 -28.30 -8.56 12.63
CA VAL C 47 -26.87 -8.36 12.41
C VAL C 47 -26.15 -8.75 13.68
N LEU C 48 -24.84 -8.94 13.56
CA LEU C 48 -23.94 -9.25 14.67
C LEU C 48 -22.88 -8.17 14.82
N HIS C 49 -22.53 -7.86 16.07
CA HIS C 49 -21.45 -6.93 16.35
C HIS C 49 -21.01 -7.21 17.78
N SER C 50 -19.81 -6.76 18.14
CA SER C 50 -19.19 -7.12 19.40
C SER C 50 -18.59 -5.90 20.08
N THR C 51 -18.34 -6.09 21.38
CA THR C 51 -18.14 -5.05 22.36
C THR C 51 -17.06 -5.51 23.32
N GLN C 52 -16.57 -4.56 24.15
CA GLN C 52 -15.55 -4.82 25.15
C GLN C 52 -15.89 -4.23 26.51
N ASP C 53 -17.14 -3.88 26.76
CA ASP C 53 -17.50 -3.15 27.97
C ASP C 53 -17.36 -4.01 29.22
N LEU C 54 -17.65 -3.39 30.36
CA LEU C 54 -17.74 -4.12 31.61
C LEU C 54 -19.01 -4.95 31.62
N PHE C 55 -18.87 -6.22 31.99
CA PHE C 55 -20.01 -7.13 32.11
C PHE C 55 -19.69 -8.15 33.19
N LEU C 56 -20.75 -8.71 33.77
CA LEU C 56 -20.57 -9.95 34.52
C LEU C 56 -20.40 -11.12 33.54
N PRO C 57 -19.45 -12.03 33.76
CA PRO C 57 -19.32 -13.20 32.88
C PRO C 57 -20.57 -14.06 32.85
N PHE C 58 -20.73 -14.77 31.74
CA PHE C 58 -21.73 -15.82 31.63
C PHE C 58 -21.49 -16.89 32.67
N PHE C 59 -22.53 -17.22 33.44
CA PHE C 59 -22.45 -18.19 34.52
C PHE C 59 -21.36 -17.88 35.55
N SER C 60 -21.06 -16.60 35.72
CA SER C 60 -20.36 -16.12 36.90
C SER C 60 -21.13 -16.42 38.19
N ASN C 61 -20.52 -16.09 39.32
CA ASN C 61 -21.21 -16.22 40.59
C ASN C 61 -22.37 -15.26 40.69
N VAL C 62 -23.31 -15.60 41.55
CA VAL C 62 -24.11 -14.59 42.23
C VAL C 62 -24.13 -14.90 43.72
N THR C 63 -23.94 -13.87 44.52
CA THR C 63 -24.20 -13.90 45.95
C THR C 63 -25.69 -13.72 46.21
N TRP C 64 -26.19 -14.35 47.28
CA TRP C 64 -27.57 -14.27 47.70
C TRP C 64 -27.63 -13.65 49.09
N PHE C 65 -28.73 -12.96 49.37
CA PHE C 65 -28.84 -12.04 50.49
C PHE C 65 -30.27 -12.09 51.01
N HIS C 66 -30.42 -11.78 52.30
CA HIS C 66 -31.74 -11.60 52.89
C HIS C 66 -31.56 -10.52 53.97
N ALA C 67 -32.64 -9.80 54.25
CA ALA C 67 -32.61 -8.78 55.30
C ALA C 67 -32.55 -9.35 56.73
N ILE C 68 -33.58 -10.11 57.10
CA ILE C 68 -33.76 -10.64 58.45
C ILE C 68 -33.40 -12.13 58.60
N HIS C 69 -33.37 -12.89 57.51
CA HIS C 69 -33.21 -14.34 57.51
C HIS C 69 -34.20 -14.98 58.47
N VAL C 70 -35.47 -14.68 58.20
CA VAL C 70 -36.54 -14.67 59.20
C VAL C 70 -36.69 -16.00 59.91
N SER C 71 -36.39 -17.09 59.21
CA SER C 71 -36.41 -18.43 59.79
C SER C 71 -35.50 -18.55 61.01
N ASN C 81 -29.31 -7.79 56.99
CA ASN C 81 -29.63 -6.40 56.71
C ASN C 81 -28.42 -5.72 56.04
N PRO C 82 -28.10 -6.09 54.80
CA PRO C 82 -26.74 -5.87 54.29
C PRO C 82 -26.37 -4.41 54.03
N VAL C 83 -25.09 -4.13 54.20
CA VAL C 83 -24.42 -2.92 53.74
C VAL C 83 -23.13 -3.38 53.10
N LEU C 84 -22.70 -2.72 52.01
CA LEU C 84 -21.91 -3.38 50.98
C LEU C 84 -20.77 -2.52 50.44
N PRO C 85 -19.79 -3.14 49.77
CA PRO C 85 -18.84 -2.36 48.95
C PRO C 85 -19.48 -1.87 47.65
N PHE C 86 -18.73 -1.02 46.94
CA PHE C 86 -18.98 -0.78 45.52
C PHE C 86 -17.67 -0.58 44.79
N ASN C 87 -17.39 -1.47 43.84
CA ASN C 87 -16.20 -1.40 43.00
C ASN C 87 -16.54 -2.03 41.65
N ASP C 88 -15.86 -1.55 40.62
CA ASP C 88 -15.85 -2.14 39.28
C ASP C 88 -17.23 -2.31 38.63
N GLY C 89 -18.28 -1.65 39.12
CA GLY C 89 -19.62 -1.82 38.56
C GLY C 89 -20.32 -3.08 39.02
N VAL C 90 -21.65 -3.03 39.07
CA VAL C 90 -22.46 -3.96 39.84
C VAL C 90 -23.69 -4.37 39.05
N TYR C 91 -24.18 -5.58 39.36
CA TYR C 91 -25.45 -6.13 38.91
C TYR C 91 -26.24 -6.47 40.15
N PHE C 92 -27.52 -6.13 40.15
CA PHE C 92 -28.50 -6.56 41.14
C PHE C 92 -29.62 -7.35 40.48
N ALA C 93 -30.16 -8.33 41.19
CA ALA C 93 -31.54 -8.69 40.94
C ALA C 93 -32.23 -9.19 42.19
N SER C 94 -33.56 -9.10 42.18
CA SER C 94 -34.34 -9.70 43.23
C SER C 94 -35.76 -9.91 42.74
N THR C 95 -36.46 -10.80 43.44
CA THR C 95 -37.85 -11.17 43.16
C THR C 95 -38.76 -10.85 44.35
N GLU C 96 -39.80 -10.06 44.11
CA GLU C 96 -40.83 -9.78 45.11
C GLU C 96 -41.85 -8.83 44.51
N LYS C 97 -42.85 -8.43 45.31
CA LYS C 97 -43.86 -7.46 44.90
C LYS C 97 -44.13 -6.36 45.94
N SER C 98 -43.69 -6.52 47.19
CA SER C 98 -43.80 -5.43 48.14
C SER C 98 -42.81 -4.33 47.81
N ASN C 99 -41.61 -4.72 47.41
CA ASN C 99 -40.55 -3.80 46.98
C ASN C 99 -40.24 -2.74 48.03
N ILE C 100 -40.29 -3.15 49.31
CA ILE C 100 -40.14 -2.23 50.44
C ILE C 100 -38.79 -1.55 50.38
N ILE C 101 -37.79 -2.26 49.90
CA ILE C 101 -36.46 -1.73 49.66
C ILE C 101 -36.59 -0.70 48.55
N ARG C 102 -36.37 0.57 48.88
CA ARG C 102 -36.60 1.67 47.96
C ARG C 102 -35.51 2.72 48.02
N GLY C 103 -34.34 2.40 48.59
CA GLY C 103 -33.28 3.37 48.75
C GLY C 103 -31.94 2.71 48.56
N TRP C 104 -30.99 3.49 48.05
CA TRP C 104 -29.71 3.00 47.55
C TRP C 104 -28.73 4.15 47.72
N ILE C 105 -27.64 3.92 48.45
CA ILE C 105 -26.70 4.99 48.77
C ILE C 105 -25.30 4.43 48.73
N PHE C 106 -24.36 5.30 48.36
CA PHE C 106 -23.02 4.95 47.93
C PHE C 106 -21.99 5.94 48.43
N GLY C 107 -20.79 5.44 48.68
CA GLY C 107 -19.72 6.27 49.22
C GLY C 107 -18.50 5.45 49.54
N THR C 108 -17.78 5.88 50.58
CA THR C 108 -16.67 5.17 51.19
C THR C 108 -16.83 5.16 52.69
N THR C 109 -17.99 4.68 53.16
CA THR C 109 -18.39 4.81 54.55
C THR C 109 -18.43 6.27 55.00
N LEU C 110 -18.86 7.16 54.10
CA LEU C 110 -18.95 8.58 54.42
C LEU C 110 -19.91 8.87 55.56
N GLN C 115 -21.64 14.43 50.88
CA GLN C 115 -20.26 14.13 50.55
C GLN C 115 -20.12 13.17 49.36
N SER C 116 -21.13 12.35 49.11
CA SER C 116 -21.06 11.38 48.02
C SER C 116 -22.45 10.82 47.78
N LEU C 117 -22.55 10.06 46.69
CA LEU C 117 -23.79 9.67 46.01
C LEU C 117 -24.91 9.16 46.92
N LEU C 118 -26.15 9.55 46.61
CA LEU C 118 -27.32 9.22 47.42
C LEU C 118 -28.58 9.23 46.56
N ILE C 119 -29.29 8.09 46.47
CA ILE C 119 -30.38 7.90 45.50
C ILE C 119 -31.57 7.23 46.18
N VAL C 120 -32.78 7.64 45.78
CA VAL C 120 -34.03 7.16 46.36
C VAL C 120 -35.05 7.09 45.23
N ASN C 121 -36.04 6.19 45.38
CA ASN C 121 -37.18 6.11 44.46
C ASN C 121 -38.43 5.69 45.24
N ASN C 122 -39.17 6.68 45.74
CA ASN C 122 -40.30 6.41 46.60
C ASN C 122 -41.24 7.62 46.64
N ALA C 123 -42.43 7.39 47.17
CA ALA C 123 -43.52 8.38 47.27
C ALA C 123 -43.81 9.06 45.93
N THR C 124 -43.91 8.24 44.89
CA THR C 124 -44.09 8.70 43.51
C THR C 124 -42.97 9.60 42.99
N ASN C 125 -41.80 9.61 43.64
CA ASN C 125 -40.68 10.47 43.27
C ASN C 125 -39.41 9.66 43.17
N VAL C 126 -38.64 9.91 42.12
CA VAL C 126 -37.28 9.39 41.98
C VAL C 126 -36.31 10.52 42.27
N VAL C 127 -35.36 10.24 43.16
CA VAL C 127 -34.63 11.26 43.89
C VAL C 127 -33.15 10.87 43.85
N ILE C 128 -32.28 11.85 43.61
CA ILE C 128 -30.84 11.65 43.75
C ILE C 128 -30.20 12.91 44.31
N LYS C 129 -29.23 12.70 45.19
CA LYS C 129 -28.44 13.74 45.83
C LYS C 129 -27.16 13.07 46.29
N VAL C 130 -26.35 13.76 47.12
CA VAL C 130 -25.03 13.26 47.52
C VAL C 130 -24.70 13.55 48.99
N CYS C 131 -25.69 13.55 49.88
CA CYS C 131 -25.48 13.98 51.27
C CYS C 131 -24.84 12.90 52.16
N GLU C 132 -23.69 12.38 51.76
CA GLU C 132 -23.04 11.30 52.49
C GLU C 132 -22.32 11.74 53.77
N PHE C 133 -22.16 13.03 54.03
CA PHE C 133 -21.33 13.50 55.14
C PHE C 133 -21.88 13.16 56.53
N GLN C 134 -23.08 12.57 56.65
CA GLN C 134 -23.62 12.18 57.94
C GLN C 134 -24.54 10.96 57.79
N PHE C 135 -24.11 10.01 56.97
CA PHE C 135 -24.91 8.88 56.52
C PHE C 135 -25.52 8.06 57.67
N CYS C 136 -26.56 7.31 57.31
CA CYS C 136 -27.20 6.33 58.19
C CYS C 136 -27.91 5.32 57.30
N ASN C 137 -28.40 4.22 57.92
CA ASN C 137 -29.07 3.15 57.16
C ASN C 137 -30.10 2.43 58.04
N ASP C 138 -31.25 3.08 58.25
CA ASP C 138 -32.30 2.50 59.07
C ASP C 138 -33.69 3.08 58.79
N PRO C 139 -34.25 2.90 57.59
CA PRO C 139 -35.71 3.00 57.43
C PRO C 139 -36.44 1.85 58.10
N PHE C 140 -37.76 1.81 57.97
CA PHE C 140 -38.57 0.69 58.44
C PHE C 140 -39.67 0.47 57.41
N LEU C 141 -40.31 -0.71 57.48
CA LEU C 141 -41.49 -1.01 56.69
C LEU C 141 -42.57 0.05 56.92
N GLY C 142 -42.93 0.75 55.85
CA GLY C 142 -44.01 1.74 55.90
C GLY C 142 -43.76 2.88 56.87
N ARG C 158 -38.79 9.39 59.44
CA ARG C 158 -39.49 9.67 58.19
C ARG C 158 -38.66 9.44 56.94
N VAL C 159 -37.38 9.09 57.10
CA VAL C 159 -36.49 8.84 55.99
C VAL C 159 -35.47 7.83 56.46
N TYR C 160 -34.82 7.18 55.50
CA TYR C 160 -33.97 6.05 55.80
C TYR C 160 -32.64 6.42 56.43
N SER C 161 -32.19 7.67 56.31
CA SER C 161 -30.85 8.03 56.77
C SER C 161 -30.77 9.47 57.22
N SER C 162 -29.92 9.68 58.23
CA SER C 162 -29.25 10.95 58.38
C SER C 162 -28.33 11.17 57.19
N ALA C 163 -28.11 12.44 56.86
CA ALA C 163 -27.35 12.81 55.68
C ALA C 163 -26.76 14.18 55.92
N ASN C 164 -25.67 14.50 55.22
CA ASN C 164 -25.11 15.84 55.34
C ASN C 164 -24.31 16.24 54.10
N ASN C 165 -24.24 17.56 53.92
CA ASN C 165 -23.42 18.29 52.93
C ASN C 165 -23.49 17.72 51.50
N CYS C 166 -24.66 17.91 50.88
CA CYS C 166 -24.78 17.73 49.43
C CYS C 166 -24.16 18.89 48.65
N THR C 167 -23.73 18.56 47.45
CA THR C 167 -23.43 19.47 46.37
C THR C 167 -24.32 19.23 45.15
N PHE C 168 -25.26 18.29 45.20
CA PHE C 168 -26.14 17.97 44.07
C PHE C 168 -27.49 17.53 44.64
N GLU C 169 -28.55 17.86 43.91
CA GLU C 169 -29.87 17.28 44.15
C GLU C 169 -30.61 17.12 42.82
N TYR C 170 -31.39 16.04 42.74
CA TYR C 170 -32.35 15.79 41.67
C TYR C 170 -33.62 15.20 42.25
N VAL C 171 -34.77 15.61 41.71
CA VAL C 171 -36.02 14.88 41.92
C VAL C 171 -36.85 14.90 40.64
N SER C 172 -37.28 13.71 40.21
CA SER C 172 -38.33 13.59 39.20
C SER C 172 -39.07 12.29 39.48
N GLN C 173 -40.36 12.28 39.18
CA GLN C 173 -41.19 11.08 39.30
C GLN C 173 -40.51 9.87 38.63
N PRO C 174 -40.60 8.66 39.22
CA PRO C 174 -39.76 7.58 38.69
C PRO C 174 -40.24 7.04 37.33
N LYS C 187 -43.92 -11.15 43.36
CA LYS C 187 -43.64 -12.11 42.30
C LYS C 187 -43.08 -11.48 41.02
N ASN C 188 -42.93 -10.15 41.00
CA ASN C 188 -42.15 -9.53 39.94
C ASN C 188 -40.69 -9.82 40.19
N LEU C 189 -39.98 -10.16 39.12
CA LEU C 189 -38.54 -10.39 39.14
C LEU C 189 -37.83 -9.18 38.54
N ARG C 190 -36.87 -8.67 39.30
CA ARG C 190 -36.46 -7.28 39.27
C ARG C 190 -34.94 -7.22 39.20
N GLU C 191 -34.40 -6.34 38.34
CA GLU C 191 -32.95 -6.24 38.18
C GLU C 191 -32.52 -4.83 37.80
N PHE C 192 -31.28 -4.49 38.19
CA PHE C 192 -30.67 -3.19 37.93
C PHE C 192 -29.16 -3.36 37.79
N VAL C 193 -28.54 -2.45 37.03
CA VAL C 193 -27.10 -2.48 36.73
C VAL C 193 -26.56 -1.06 36.78
N PHE C 194 -25.28 -0.95 37.15
CA PHE C 194 -24.65 0.28 37.65
C PHE C 194 -23.23 0.36 37.13
N LYS C 195 -22.83 1.51 36.58
CA LYS C 195 -21.44 1.71 36.17
C LYS C 195 -21.11 3.20 36.04
N ASN C 196 -20.02 3.60 36.69
CA ASN C 196 -19.49 4.97 36.59
C ASN C 196 -18.66 5.17 35.33
N ILE C 197 -18.85 6.31 34.68
CA ILE C 197 -18.07 6.61 33.49
C ILE C 197 -18.15 8.07 33.09
N ASP C 198 -17.00 8.64 32.70
CA ASP C 198 -16.88 10.00 32.14
C ASP C 198 -17.44 11.08 33.06
N GLY C 199 -17.43 10.86 34.36
CA GLY C 199 -18.10 11.81 35.24
C GLY C 199 -19.61 11.77 35.13
N TYR C 200 -20.18 10.78 34.45
CA TYR C 200 -21.57 10.37 34.55
C TYR C 200 -21.59 8.98 35.14
N PHE C 201 -22.78 8.39 35.20
CA PHE C 201 -22.92 7.06 35.79
C PHE C 201 -24.11 6.42 35.11
N LYS C 202 -23.86 5.33 34.38
CA LYS C 202 -24.91 4.60 33.68
C LYS C 202 -25.76 3.78 34.62
N ILE C 203 -27.09 3.84 34.42
CA ILE C 203 -28.05 3.05 35.18
C ILE C 203 -28.93 2.34 34.18
N TYR C 204 -29.26 1.09 34.49
CA TYR C 204 -29.96 0.18 33.60
C TYR C 204 -30.96 -0.61 34.41
N SER C 205 -32.02 -1.07 33.75
CA SER C 205 -33.00 -1.89 34.45
C SER C 205 -33.77 -2.75 33.46
N LYS C 206 -34.34 -3.81 34.01
CA LYS C 206 -35.48 -4.50 33.42
C LYS C 206 -36.14 -5.27 34.55
N HIS C 207 -37.40 -5.62 34.34
CA HIS C 207 -38.08 -6.50 35.27
C HIS C 207 -39.21 -7.20 34.54
N THR C 208 -39.63 -8.33 35.09
CA THR C 208 -40.78 -9.03 34.52
C THR C 208 -41.19 -10.13 35.50
N PRO C 209 -42.46 -10.27 35.86
CA PRO C 209 -42.86 -11.41 36.71
C PRO C 209 -42.75 -12.76 36.00
N ILE C 210 -42.58 -13.79 36.82
CA ILE C 210 -42.50 -15.16 36.35
C ILE C 210 -43.85 -15.62 35.86
N ASP C 215 -34.30 -20.99 42.14
CA ASP C 215 -35.38 -20.03 41.93
C ASP C 215 -34.98 -18.82 41.07
N LEU C 216 -33.72 -18.75 40.63
CA LEU C 216 -33.28 -17.67 39.77
C LEU C 216 -34.00 -17.74 38.41
N PRO C 217 -34.22 -16.61 37.74
CA PRO C 217 -34.49 -16.65 36.30
C PRO C 217 -33.24 -17.02 35.52
N GLN C 218 -33.42 -17.88 34.52
CA GLN C 218 -32.34 -18.33 33.66
C GLN C 218 -32.29 -17.62 32.32
N GLY C 219 -33.42 -17.07 31.85
CA GLY C 219 -33.51 -16.61 30.48
C GLY C 219 -32.82 -15.30 30.18
N PHE C 220 -32.35 -15.18 28.94
CA PHE C 220 -31.73 -13.96 28.45
C PHE C 220 -32.76 -12.86 28.20
N SER C 221 -32.42 -11.64 28.61
CA SER C 221 -32.92 -10.42 27.99
C SER C 221 -32.02 -9.29 28.43
N ALA C 222 -32.08 -8.17 27.70
CA ALA C 222 -31.23 -7.01 27.96
C ALA C 222 -31.97 -5.91 28.70
N LEU C 223 -31.33 -5.38 29.74
CA LEU C 223 -31.82 -4.22 30.46
C LEU C 223 -31.80 -2.98 29.58
N GLU C 224 -32.85 -2.19 29.65
CA GLU C 224 -32.83 -0.87 29.07
C GLU C 224 -32.10 0.10 30.01
N PRO C 225 -31.47 1.16 29.50
CA PRO C 225 -30.94 2.21 30.37
C PRO C 225 -32.05 2.97 31.06
N LEU C 226 -31.93 3.11 32.38
CA LEU C 226 -32.71 4.10 33.09
C LEU C 226 -32.19 5.49 32.80
N VAL C 227 -30.88 5.66 32.88
CA VAL C 227 -30.29 6.97 32.68
C VAL C 227 -28.78 6.81 32.59
N ASP C 228 -28.08 7.90 32.28
CA ASP C 228 -26.64 7.98 32.49
C ASP C 228 -26.32 9.41 32.94
N LEU C 229 -26.07 9.57 34.24
CA LEU C 229 -26.34 10.79 34.97
C LEU C 229 -25.07 11.35 35.60
N PRO C 230 -24.97 12.68 35.73
CA PRO C 230 -23.70 13.31 36.12
C PRO C 230 -23.19 12.95 37.51
N ILE C 231 -21.97 12.44 37.56
CA ILE C 231 -21.26 12.31 38.83
C ILE C 231 -21.02 13.73 39.30
N ILE C 235 -15.89 6.96 45.17
CA ILE C 235 -16.90 6.06 45.73
C ILE C 235 -16.25 4.69 45.85
N THR C 236 -16.51 4.01 46.98
CA THR C 236 -16.02 2.66 47.22
C THR C 236 -16.99 1.74 47.96
N ARG C 237 -18.19 2.21 48.31
CA ARG C 237 -19.03 1.53 49.29
C ARG C 237 -20.49 1.79 48.96
N PHE C 238 -21.37 0.95 49.52
CA PHE C 238 -22.78 0.97 49.12
C PHE C 238 -23.66 0.44 50.25
N GLN C 239 -24.89 0.93 50.31
CA GLN C 239 -25.92 0.32 51.14
C GLN C 239 -27.29 0.64 50.58
N THR C 240 -28.25 -0.15 51.03
CA THR C 240 -29.61 -0.13 50.52
C THR C 240 -30.58 -0.53 51.60
N LEU C 241 -31.82 -0.03 51.51
CA LEU C 241 -32.69 -0.08 52.67
C LEU C 241 -34.15 0.03 52.29
N LEU C 242 -35.00 -0.34 53.26
CA LEU C 242 -36.45 -0.51 53.11
C LEU C 242 -37.26 0.13 54.24
N ALA C 262 -36.75 -9.80 55.94
CA ALA C 262 -38.07 -10.14 55.42
C ALA C 262 -38.14 -10.29 53.90
N ALA C 263 -37.02 -10.04 53.19
CA ALA C 263 -36.97 -10.17 51.75
C ALA C 263 -35.53 -10.42 51.35
N ALA C 264 -35.35 -10.89 50.13
CA ALA C 264 -34.08 -11.44 49.67
C ALA C 264 -33.75 -10.91 48.29
N TYR C 265 -32.48 -11.05 47.94
CA TYR C 265 -32.02 -10.59 46.65
C TYR C 265 -30.67 -11.21 46.32
N TYR C 266 -30.27 -10.99 45.06
CA TYR C 266 -28.96 -11.29 44.54
C TYR C 266 -28.26 -10.02 44.05
N VAL C 267 -26.92 -10.03 44.13
CA VAL C 267 -26.07 -8.97 43.57
C VAL C 267 -24.85 -9.64 42.96
N GLY C 268 -24.27 -8.99 41.96
CA GLY C 268 -23.01 -9.41 41.36
C GLY C 268 -22.24 -8.23 40.80
N TYR C 269 -21.05 -8.52 40.30
CA TYR C 269 -20.04 -7.52 39.96
C TYR C 269 -19.48 -7.76 38.56
N LEU C 270 -19.38 -6.69 37.77
CA LEU C 270 -19.00 -6.75 36.38
C LEU C 270 -17.48 -6.80 36.23
N GLN C 271 -17.00 -7.18 35.05
CA GLN C 271 -15.59 -7.13 34.71
C GLN C 271 -15.43 -6.73 33.25
N PRO C 272 -14.29 -6.12 32.88
CA PRO C 272 -14.08 -5.71 31.49
C PRO C 272 -13.95 -6.91 30.57
N ARG C 273 -14.91 -7.06 29.66
CA ARG C 273 -15.06 -8.30 28.91
C ARG C 273 -15.41 -8.05 27.45
N THR C 274 -14.76 -8.81 26.57
CA THR C 274 -15.18 -8.89 25.19
C THR C 274 -16.49 -9.64 25.10
N PHE C 275 -17.47 -9.08 24.39
CA PHE C 275 -18.82 -9.64 24.28
C PHE C 275 -19.37 -9.42 22.87
N LEU C 276 -19.69 -10.51 22.20
CA LEU C 276 -20.38 -10.48 20.92
C LEU C 276 -21.87 -10.29 21.11
N LEU C 277 -22.49 -9.61 20.14
CA LEU C 277 -23.93 -9.40 20.10
C LEU C 277 -24.52 -9.99 18.83
N LYS C 278 -25.79 -10.39 18.94
CA LYS C 278 -26.67 -10.68 17.82
C LYS C 278 -27.95 -9.87 17.98
N TYR C 279 -28.41 -9.29 16.87
CA TYR C 279 -29.60 -8.46 16.84
C TYR C 279 -30.77 -9.17 16.20
N ASN C 280 -31.94 -9.04 16.83
CA ASN C 280 -33.18 -9.39 16.19
C ASN C 280 -33.39 -8.58 14.91
N GLU C 281 -34.22 -9.12 14.01
CA GLU C 281 -34.58 -8.41 12.78
C GLU C 281 -35.30 -7.10 13.07
N ASN C 282 -35.99 -7.01 14.19
CA ASN C 282 -36.59 -5.77 14.65
C ASN C 282 -35.59 -4.88 15.36
N GLY C 283 -34.36 -5.35 15.57
CA GLY C 283 -33.33 -4.59 16.18
C GLY C 283 -33.27 -4.70 17.67
N THR C 284 -34.06 -5.60 18.26
CA THR C 284 -33.72 -6.05 19.60
C THR C 284 -32.36 -6.72 19.53
N ILE C 285 -31.64 -6.71 20.64
CA ILE C 285 -30.51 -7.64 20.75
C ILE C 285 -31.11 -9.03 20.93
N THR C 286 -31.03 -9.83 19.88
CA THR C 286 -31.58 -11.17 19.95
C THR C 286 -30.69 -12.12 20.74
N ASP C 287 -29.38 -11.90 20.74
CA ASP C 287 -28.48 -12.85 21.38
C ASP C 287 -27.14 -12.17 21.60
N ALA C 288 -26.29 -12.86 22.35
CA ALA C 288 -24.94 -12.39 22.63
C ALA C 288 -24.10 -13.60 23.00
N VAL C 289 -22.78 -13.41 23.01
CA VAL C 289 -21.85 -14.41 23.53
C VAL C 289 -20.82 -13.72 24.41
N ASP C 290 -20.60 -14.29 25.58
CA ASP C 290 -19.42 -14.01 26.39
C ASP C 290 -18.17 -14.51 25.70
N CYS C 291 -17.47 -13.61 25.01
CA CYS C 291 -16.30 -13.99 24.23
C CYS C 291 -15.04 -14.21 25.08
N ALA C 292 -15.18 -14.35 26.40
CA ALA C 292 -14.15 -14.92 27.25
C ALA C 292 -14.72 -15.99 28.17
N LEU C 293 -15.93 -16.49 27.86
CA LEU C 293 -16.57 -17.47 28.72
C LEU C 293 -15.78 -18.78 28.76
N ASP C 294 -15.40 -19.30 27.60
CA ASP C 294 -14.52 -20.46 27.55
C ASP C 294 -13.88 -20.51 26.18
N PRO C 295 -12.84 -21.33 26.00
CA PRO C 295 -12.15 -21.39 24.71
C PRO C 295 -13.04 -21.71 23.52
N LEU C 296 -14.07 -22.53 23.66
CA LEU C 296 -14.99 -22.73 22.55
C LEU C 296 -15.80 -21.47 22.29
N SER C 297 -16.33 -20.88 23.37
CA SER C 297 -17.02 -19.61 23.27
C SER C 297 -16.15 -18.56 22.60
N GLU C 298 -14.91 -18.46 23.09
CA GLU C 298 -13.91 -17.57 22.51
C GLU C 298 -13.70 -17.86 21.03
N THR C 299 -13.66 -19.13 20.67
CA THR C 299 -13.51 -19.50 19.28
C THR C 299 -14.70 -19.08 18.46
N LYS C 300 -15.90 -19.33 18.97
CA LYS C 300 -17.12 -18.95 18.30
C LYS C 300 -17.16 -17.46 18.00
N CYS C 301 -16.80 -16.65 18.99
CA CYS C 301 -16.68 -15.22 18.78
C CYS C 301 -15.60 -14.91 17.75
N THR C 302 -14.48 -15.63 17.79
CA THR C 302 -13.42 -15.43 16.81
C THR C 302 -13.92 -15.69 15.40
N LEU C 303 -14.72 -16.73 15.24
CA LEU C 303 -15.35 -17.02 13.98
C LEU C 303 -16.53 -16.13 13.65
N LYS C 304 -16.95 -15.26 14.56
CA LYS C 304 -18.09 -14.37 14.36
C LYS C 304 -19.36 -15.12 13.97
N SER C 305 -19.62 -16.26 14.61
CA SER C 305 -20.86 -16.97 14.37
C SER C 305 -21.22 -17.81 15.57
N PHE C 306 -22.52 -18.03 15.73
CA PHE C 306 -23.01 -19.03 16.68
C PHE C 306 -22.83 -20.43 16.11
N THR C 307 -23.29 -20.62 14.89
CA THR C 307 -23.13 -21.87 14.17
C THR C 307 -21.69 -22.03 13.68
N VAL C 308 -21.09 -23.18 14.00
CA VAL C 308 -19.74 -23.52 13.57
C VAL C 308 -19.75 -24.98 13.14
N GLU C 309 -19.11 -25.25 12.01
CA GLU C 309 -19.03 -26.60 11.50
C GLU C 309 -18.01 -27.42 12.28
N LYS C 310 -18.04 -28.71 12.01
CA LYS C 310 -16.96 -29.60 12.44
C LYS C 310 -15.64 -29.18 11.84
N GLY C 311 -14.68 -28.85 12.69
CA GLY C 311 -13.40 -28.40 12.17
C GLY C 311 -12.43 -28.01 13.27
N ILE C 312 -11.29 -27.50 12.82
CA ILE C 312 -10.14 -27.15 13.68
C ILE C 312 -9.72 -25.76 13.31
N TYR C 313 -9.53 -24.92 14.31
CA TYR C 313 -9.42 -23.49 14.12
C TYR C 313 -8.28 -23.01 14.99
N GLN C 314 -7.42 -22.20 14.42
CA GLN C 314 -6.35 -21.59 15.20
C GLN C 314 -7.00 -20.57 16.12
N THR C 315 -6.78 -20.71 17.42
CA THR C 315 -7.43 -19.84 18.39
C THR C 315 -6.56 -18.62 18.72
N SER C 316 -5.37 -18.84 19.24
CA SER C 316 -4.45 -17.74 19.48
C SER C 316 -3.05 -18.30 19.67
N ASN C 317 -2.08 -17.40 19.56
CA ASN C 317 -0.83 -17.56 20.27
C ASN C 317 -1.02 -17.24 21.74
N PHE C 318 -0.31 -17.97 22.61
CA PHE C 318 -0.36 -17.71 24.05
C PHE C 318 1.04 -17.80 24.62
N ARG C 319 1.38 -16.79 25.43
CA ARG C 319 2.62 -16.74 26.20
C ARG C 319 2.27 -16.92 27.67
N VAL C 320 2.85 -17.94 28.30
CA VAL C 320 2.84 -18.01 29.76
C VAL C 320 3.80 -16.95 30.30
N GLN C 321 3.34 -16.23 31.32
CA GLN C 321 4.07 -15.10 31.86
C GLN C 321 5.39 -15.52 32.52
N PRO C 322 6.36 -14.60 32.62
CA PRO C 322 7.53 -14.87 33.47
C PRO C 322 7.13 -15.23 34.89
N THR C 323 7.85 -16.20 35.45
CA THR C 323 7.57 -16.63 36.81
C THR C 323 7.87 -15.56 37.85
N GLU C 324 8.76 -14.61 37.54
CA GLU C 324 9.13 -13.57 38.49
C GLU C 324 9.82 -12.48 37.69
N SER C 325 10.43 -11.53 38.39
CA SER C 325 11.33 -10.59 37.76
C SER C 325 12.51 -10.24 38.67
N ILE C 326 13.59 -9.79 38.03
CA ILE C 326 14.86 -9.51 38.69
C ILE C 326 15.46 -8.23 38.13
N VAL C 327 16.39 -7.68 38.89
CA VAL C 327 17.34 -6.68 38.41
C VAL C 327 18.74 -7.08 38.83
N ARG C 328 19.68 -6.90 37.91
CA ARG C 328 21.11 -7.00 38.16
C ARG C 328 21.74 -5.67 37.82
N PHE C 329 22.73 -5.29 38.60
CA PHE C 329 23.30 -3.96 38.58
C PHE C 329 24.80 -4.10 38.66
N PRO C 330 25.58 -3.10 38.19
CA PRO C 330 26.98 -3.36 37.89
C PRO C 330 27.93 -3.31 39.10
N ASN C 331 27.49 -3.63 40.31
CA ASN C 331 28.32 -3.57 41.53
C ASN C 331 28.81 -2.14 41.86
N ILE C 332 28.30 -1.10 41.17
CA ILE C 332 28.76 0.27 41.38
C ILE C 332 28.31 0.78 42.74
N THR C 333 29.04 1.77 43.25
CA THR C 333 28.84 2.28 44.60
C THR C 333 29.04 3.78 44.76
N ASN C 334 30.14 4.33 44.22
CA ASN C 334 30.47 5.74 44.49
C ASN C 334 29.48 6.69 43.83
N LEU C 335 29.05 7.69 44.60
CA LEU C 335 28.11 8.68 44.11
C LEU C 335 28.76 9.55 43.04
N CYS C 336 27.94 10.00 42.06
CA CYS C 336 28.37 11.04 41.13
C CYS C 336 28.35 12.43 41.79
N PRO C 337 29.25 13.36 41.37
CA PRO C 337 29.44 14.58 42.16
C PRO C 337 28.35 15.63 41.98
N PHE C 338 27.72 15.64 40.81
CA PHE C 338 26.69 16.61 40.45
C PHE C 338 27.13 18.07 40.68
N GLY C 339 26.43 18.85 41.54
CA GLY C 339 26.80 20.25 41.80
C GLY C 339 28.22 20.48 42.24
N GLU C 340 28.85 19.48 42.87
CA GLU C 340 30.25 19.52 43.24
C GLU C 340 31.20 19.77 42.08
N VAL C 341 30.78 19.55 40.83
CA VAL C 341 31.53 19.96 39.65
C VAL C 341 30.74 20.95 38.82
N PHE C 342 29.40 20.89 38.85
CA PHE C 342 28.64 21.84 38.05
C PHE C 342 28.77 23.27 38.56
N ASN C 343 29.06 23.47 39.84
CA ASN C 343 29.17 24.82 40.39
C ASN C 343 30.60 25.29 40.20
N ALA C 344 30.87 25.89 39.04
CA ALA C 344 32.20 26.39 38.74
C ALA C 344 32.57 27.55 39.67
N THR C 345 33.86 27.64 39.99
CA THR C 345 34.36 28.78 40.74
C THR C 345 34.20 30.07 39.96
N ARG C 346 34.43 30.01 38.65
CA ARG C 346 33.84 30.95 37.70
C ARG C 346 33.40 30.19 36.47
N PHE C 347 32.19 30.47 36.01
CA PHE C 347 31.66 29.79 34.85
C PHE C 347 32.38 30.29 33.60
N ALA C 348 32.75 29.37 32.72
CA ALA C 348 33.75 29.65 31.69
C ALA C 348 33.22 30.49 30.53
N SER C 349 34.15 31.02 29.75
CA SER C 349 33.82 31.61 28.47
C SER C 349 33.29 30.55 27.53
N VAL C 350 32.28 30.89 26.75
CA VAL C 350 31.81 29.97 25.71
C VAL C 350 32.85 29.82 24.61
N TYR C 351 33.53 30.89 24.24
CA TYR C 351 34.72 30.73 23.43
C TYR C 351 35.79 30.03 24.23
N ALA C 352 36.40 29.01 23.62
CA ALA C 352 37.27 28.07 24.30
C ALA C 352 36.59 27.50 25.54
N TRP C 353 35.32 27.10 25.35
CA TRP C 353 34.54 26.42 26.39
C TRP C 353 35.31 25.25 26.99
N ASN C 354 35.02 24.99 28.26
CA ASN C 354 35.78 24.06 29.08
C ASN C 354 34.97 22.78 29.28
N ARG C 355 35.51 21.68 28.82
CA ARG C 355 34.91 20.37 29.02
C ARG C 355 35.28 19.84 30.41
N LYS C 356 34.40 19.01 30.95
CA LYS C 356 34.74 18.11 32.03
C LYS C 356 34.11 16.78 31.68
N ARG C 357 34.58 15.70 32.33
CA ARG C 357 34.08 14.35 32.11
C ARG C 357 33.85 13.65 33.43
N ILE C 358 32.75 12.90 33.52
CA ILE C 358 32.38 12.15 34.72
C ILE C 358 32.02 10.74 34.31
N SER C 359 32.51 9.77 35.07
CA SER C 359 32.28 8.36 34.79
C SER C 359 32.57 7.57 36.06
N ASN C 360 32.15 6.30 36.04
CA ASN C 360 32.32 5.39 37.17
C ASN C 360 31.76 5.95 38.47
N CYS C 361 30.46 6.17 38.46
CA CYS C 361 29.80 6.72 39.64
C CYS C 361 28.32 6.37 39.56
N VAL C 362 27.64 6.52 40.70
CA VAL C 362 26.21 6.29 40.83
C VAL C 362 25.52 7.64 40.93
N ALA C 363 24.56 7.88 40.05
CA ALA C 363 23.93 9.19 39.92
C ALA C 363 22.62 9.24 40.72
N ASP C 364 22.08 10.46 40.81
CA ASP C 364 20.68 10.68 41.18
C ASP C 364 20.23 11.89 40.37
N TYR C 365 19.85 11.62 39.12
CA TYR C 365 19.46 12.66 38.18
C TYR C 365 18.27 13.50 38.68
N SER C 366 17.43 12.91 39.53
CA SER C 366 16.33 13.62 40.17
C SER C 366 16.76 14.87 40.92
N VAL C 367 17.98 14.90 41.44
CA VAL C 367 18.47 16.10 42.13
C VAL C 367 18.59 17.26 41.17
N LEU C 368 19.38 17.09 40.10
CA LEU C 368 19.53 18.13 39.09
C LEU C 368 18.20 18.42 38.41
N TYR C 369 17.39 17.39 38.24
CA TYR C 369 16.05 17.56 37.72
C TYR C 369 15.21 18.43 38.63
N ASN C 370 15.41 18.30 39.93
CA ASN C 370 14.77 19.12 40.93
C ASN C 370 15.41 20.49 41.09
N SER C 371 16.61 20.71 40.54
CA SER C 371 17.25 22.02 40.62
C SER C 371 16.62 23.07 39.71
N ALA C 372 15.32 23.33 39.88
CA ALA C 372 14.50 24.10 38.94
C ALA C 372 14.95 25.54 38.77
N SER C 373 15.80 26.05 39.67
CA SER C 373 16.46 27.34 39.47
C SER C 373 17.28 27.36 38.19
N PHE C 374 17.78 26.21 37.74
CA PHE C 374 18.37 26.07 36.41
C PHE C 374 17.30 25.88 35.34
N SER C 375 16.32 26.79 35.31
CA SER C 375 15.12 26.65 34.49
C SER C 375 15.40 26.90 33.01
N THR C 376 16.55 27.47 32.67
CA THR C 376 16.98 27.50 31.28
C THR C 376 17.46 26.09 31.01
N PHE C 377 16.50 25.27 30.59
CA PHE C 377 16.57 23.82 30.69
C PHE C 377 16.13 23.21 29.38
N LYS C 378 16.90 22.27 28.86
CA LYS C 378 16.54 21.64 27.60
C LYS C 378 17.30 20.34 27.47
N CYS C 379 16.58 19.21 27.52
CA CYS C 379 17.17 17.88 27.46
C CYS C 379 16.57 17.18 26.25
N TYR C 380 17.38 16.31 25.66
CA TYR C 380 17.13 15.80 24.32
C TYR C 380 17.54 14.35 24.26
N GLY C 381 16.84 13.60 23.41
CA GLY C 381 16.92 12.17 23.43
C GLY C 381 16.30 11.46 24.62
N VAL C 382 15.66 12.16 25.55
CA VAL C 382 15.26 11.53 26.79
C VAL C 382 14.06 12.23 27.37
N SER C 383 13.22 11.46 28.05
CA SER C 383 12.30 12.03 29.01
C SER C 383 13.11 12.19 30.30
N PRO C 384 13.20 13.40 30.88
CA PRO C 384 13.98 13.51 32.12
C PRO C 384 13.48 12.67 33.28
N THR C 385 12.17 12.42 33.32
CA THR C 385 11.59 11.56 34.36
C THR C 385 12.13 10.14 34.33
N LYS C 386 12.54 9.65 33.17
CA LYS C 386 13.03 8.28 33.07
C LYS C 386 14.51 8.13 33.44
N LEU C 387 15.26 9.23 33.54
CA LEU C 387 16.72 9.18 33.68
C LEU C 387 17.17 8.36 34.88
N ASN C 388 16.45 8.46 36.00
CA ASN C 388 16.81 7.72 37.21
C ASN C 388 16.78 6.19 37.05
N ASP C 389 16.12 5.67 36.01
CA ASP C 389 16.16 4.25 35.70
C ASP C 389 17.29 3.83 34.76
N LEU C 390 17.94 4.75 34.06
CA LEU C 390 18.82 4.39 32.95
C LEU C 390 20.29 4.46 33.35
N CYS C 391 21.15 4.05 32.41
CA CYS C 391 22.58 3.99 32.59
C CYS C 391 23.28 4.38 31.29
N PHE C 392 24.47 4.96 31.40
CA PHE C 392 25.08 5.75 30.32
C PHE C 392 26.58 5.69 30.38
N THR C 393 27.20 6.02 29.24
CA THR C 393 28.63 6.26 29.12
C THR C 393 29.04 7.52 29.88
N ASN C 394 30.35 7.82 29.80
CA ASN C 394 30.93 9.00 30.45
C ASN C 394 30.19 10.26 30.03
N VAL C 395 29.79 11.03 31.03
CA VAL C 395 29.09 12.28 30.85
C VAL C 395 30.17 13.35 30.68
N TYR C 396 30.25 13.91 29.49
CA TYR C 396 31.15 15.03 29.22
C TYR C 396 30.40 16.31 29.52
N ALA C 397 30.70 16.88 30.69
CA ALA C 397 30.09 18.12 31.14
C ALA C 397 30.87 19.30 30.59
N ASP C 398 30.29 19.97 29.60
CA ASP C 398 30.86 21.16 29.00
C ASP C 398 30.18 22.39 29.57
N SER C 399 30.99 23.33 30.08
CA SER C 399 30.55 24.39 30.98
C SER C 399 31.04 25.75 30.51
N PHE C 400 30.15 26.75 30.57
CA PHE C 400 30.50 28.09 30.08
C PHE C 400 29.39 29.08 30.41
N VAL C 401 29.38 30.26 29.76
CA VAL C 401 28.33 31.27 29.92
C VAL C 401 27.99 31.89 28.57
N ILE C 402 26.71 32.24 28.39
CA ILE C 402 26.21 32.88 27.17
C ILE C 402 25.27 34.00 27.55
N ARG C 403 25.00 34.87 26.56
CA ARG C 403 23.84 35.73 26.63
C ARG C 403 22.56 34.90 26.59
N GLY C 404 21.56 35.36 27.34
CA GLY C 404 20.31 34.63 27.49
C GLY C 404 19.61 34.32 26.18
N ASP C 405 19.74 35.19 25.19
CA ASP C 405 19.17 34.97 23.86
C ASP C 405 20.02 34.10 22.95
N GLU C 406 21.21 33.66 23.39
CA GLU C 406 22.12 32.92 22.51
C GLU C 406 21.50 31.63 22.00
N VAL C 407 20.61 31.00 22.78
CA VAL C 407 19.87 29.81 22.37
C VAL C 407 18.98 29.99 21.14
N ARG C 408 18.78 31.22 20.66
CA ARG C 408 18.28 31.44 19.30
C ARG C 408 19.09 30.72 18.23
N GLN C 409 20.38 30.50 18.49
CA GLN C 409 21.24 29.61 17.71
C GLN C 409 21.84 28.47 18.52
N ILE C 410 22.13 28.70 19.80
CA ILE C 410 22.81 27.72 20.65
C ILE C 410 21.86 26.61 21.07
N ALA C 411 21.65 25.65 20.18
CA ALA C 411 20.87 24.46 20.50
C ALA C 411 21.34 23.33 19.58
N PRO C 412 21.19 22.05 19.99
CA PRO C 412 21.67 20.96 19.13
C PRO C 412 20.83 20.82 17.88
N GLY C 413 21.49 20.47 16.77
CA GLY C 413 20.87 20.42 15.45
C GLY C 413 20.51 21.76 14.87
N GLN C 414 19.83 22.61 15.63
CA GLN C 414 19.76 24.03 15.38
C GLN C 414 21.18 24.56 15.27
N THR C 415 21.34 25.69 14.59
CA THR C 415 22.66 26.15 14.19
C THR C 415 22.60 27.66 14.00
N GLY C 416 23.77 28.26 13.83
CA GLY C 416 23.80 29.58 13.22
C GLY C 416 25.16 30.24 13.31
N LYS C 417 25.18 31.46 12.76
CA LYS C 417 26.39 32.24 12.54
C LYS C 417 27.20 32.53 13.79
N ILE C 418 26.61 32.41 14.98
CA ILE C 418 27.34 32.40 16.24
C ILE C 418 27.58 30.94 16.62
N ALA C 419 26.48 30.20 16.81
CA ALA C 419 26.53 28.87 17.42
C ALA C 419 27.47 27.94 16.69
N ASP C 420 27.31 27.81 15.36
CA ASP C 420 28.15 26.91 14.59
C ASP C 420 29.60 27.33 14.61
N TYR C 421 29.86 28.60 14.84
CA TYR C 421 31.19 29.19 14.84
C TYR C 421 31.79 29.21 16.24
N ASN C 422 30.99 29.01 17.28
CA ASN C 422 31.39 29.10 18.67
C ASN C 422 31.39 27.74 19.34
N TYR C 423 30.34 26.94 19.13
CA TYR C 423 30.28 25.62 19.74
C TYR C 423 29.25 24.81 18.95
N LYS C 424 29.74 24.12 17.92
CA LYS C 424 28.88 23.29 17.11
C LYS C 424 28.39 22.11 17.93
N LEU C 425 27.13 21.73 17.71
CA LEU C 425 26.46 20.64 18.37
C LEU C 425 25.74 19.79 17.33
N PRO C 426 25.74 18.46 17.46
CA PRO C 426 25.09 17.64 16.45
C PRO C 426 23.58 17.63 16.60
N ASP C 427 22.91 17.39 15.47
CA ASP C 427 21.50 17.03 15.53
C ASP C 427 21.31 15.68 16.22
N ASP C 428 22.30 14.82 16.14
CA ASP C 428 22.32 13.55 16.86
C ASP C 428 22.54 13.68 18.38
N PHE C 429 22.51 14.87 18.99
CA PHE C 429 22.80 15.03 20.40
C PHE C 429 21.90 14.20 21.30
N THR C 430 22.49 13.68 22.39
CA THR C 430 21.74 13.09 23.48
C THR C 430 22.41 13.53 24.77
N GLY C 431 21.63 13.56 25.84
CA GLY C 431 21.97 14.21 27.08
C GLY C 431 21.21 15.51 27.26
N CYS C 432 21.79 16.51 27.94
CA CYS C 432 21.03 17.72 28.27
C CYS C 432 21.88 18.98 28.30
N VAL C 433 21.19 20.08 28.02
CA VAL C 433 21.67 21.46 28.13
C VAL C 433 21.00 22.10 29.33
N ILE C 434 21.78 22.75 30.19
CA ILE C 434 21.33 23.27 31.47
C ILE C 434 21.89 24.66 31.64
N ALA C 435 21.04 25.60 32.07
CA ALA C 435 21.48 26.98 32.25
C ALA C 435 20.52 27.75 33.15
N TRP C 436 21.01 28.90 33.59
CA TRP C 436 20.28 29.84 34.43
C TRP C 436 20.88 31.20 34.17
N ASN C 437 20.11 32.25 34.46
CA ASN C 437 20.67 33.60 34.46
C ASN C 437 21.70 33.73 35.57
N SER C 438 22.97 33.69 35.23
CA SER C 438 24.06 33.91 36.17
C SER C 438 24.29 35.41 36.38
N ASN C 439 23.29 36.05 36.98
CA ASN C 439 23.45 37.39 37.54
C ASN C 439 23.97 37.37 38.97
N ASN C 440 23.46 36.44 39.77
CA ASN C 440 23.84 36.35 41.17
C ASN C 440 25.29 35.94 41.34
N LEU C 441 25.84 35.22 40.35
CA LEU C 441 27.27 34.94 40.28
C LEU C 441 27.64 34.95 38.81
N ASP C 442 28.93 35.09 38.53
CA ASP C 442 29.42 35.27 37.16
C ASP C 442 28.85 36.53 36.50
N SER C 443 28.53 37.55 37.29
CA SER C 443 28.20 38.86 36.75
C SER C 443 28.48 39.87 37.84
N LYS C 444 28.67 41.12 37.42
CA LYS C 444 29.01 42.16 38.38
C LYS C 444 28.62 43.52 37.82
N VAL C 445 28.51 44.49 38.74
CA VAL C 445 28.46 45.89 38.34
C VAL C 445 29.72 46.21 37.56
N GLY C 446 29.58 47.04 36.54
CA GLY C 446 30.59 47.22 35.51
C GLY C 446 30.68 46.10 34.49
N GLY C 447 30.48 44.85 34.88
CA GLY C 447 30.30 43.72 33.98
C GLY C 447 31.46 42.75 34.06
N ASN C 448 31.41 41.78 33.16
CA ASN C 448 32.52 40.84 32.95
C ASN C 448 32.68 40.67 31.45
N TYR C 449 33.92 40.79 30.98
CA TYR C 449 34.21 40.98 29.56
C TYR C 449 35.14 39.93 28.97
N ASN C 450 35.68 39.02 29.79
CA ASN C 450 36.32 37.81 29.28
C ASN C 450 35.39 36.95 28.42
N TYR C 451 34.07 37.11 28.57
CA TYR C 451 33.03 36.38 27.84
C TYR C 451 32.87 36.85 26.39
N LEU C 452 33.95 36.72 25.63
CA LEU C 452 33.86 36.89 24.20
C LEU C 452 33.02 35.77 23.60
N TYR C 453 32.08 36.15 22.72
CA TYR C 453 31.64 35.27 21.66
C TYR C 453 32.37 35.63 20.38
N ARG C 454 31.91 35.08 19.25
CA ARG C 454 32.59 35.27 17.97
C ARG C 454 31.98 36.31 17.05
N LEU C 455 32.87 37.10 16.47
CA LEU C 455 32.55 37.91 15.31
C LEU C 455 32.26 37.04 14.10
N PHE C 456 33.26 36.29 13.65
CA PHE C 456 33.12 35.52 12.42
C PHE C 456 34.10 34.36 12.46
N ARG C 457 33.79 33.33 11.66
CA ARG C 457 34.65 32.21 11.35
C ARG C 457 34.48 31.95 9.88
N LYS C 458 35.57 31.58 9.23
CA LYS C 458 35.55 31.23 7.82
C LYS C 458 34.63 30.06 7.50
N SER C 459 34.35 29.19 8.47
CA SER C 459 33.49 28.04 8.26
C SER C 459 33.00 27.55 9.60
N ASN C 460 31.96 26.73 9.57
CA ASN C 460 31.40 26.23 10.82
C ASN C 460 32.36 25.27 11.48
N LEU C 461 32.25 25.20 12.80
CA LEU C 461 32.94 24.18 13.56
C LEU C 461 32.31 22.81 13.29
N LYS C 462 33.10 21.76 13.50
CA LYS C 462 32.54 20.44 13.68
C LYS C 462 31.88 20.38 15.07
N PRO C 463 30.95 19.45 15.27
CA PRO C 463 30.38 19.28 16.62
C PRO C 463 31.46 18.97 17.63
N PHE C 464 31.51 19.79 18.68
CA PHE C 464 32.55 19.75 19.71
C PHE C 464 33.98 19.97 19.19
N GLU C 465 34.16 20.40 17.95
CA GLU C 465 35.48 20.72 17.43
C GLU C 465 35.90 22.06 18.01
N ARG C 466 36.38 22.00 19.26
CA ARG C 466 36.83 23.17 19.99
C ARG C 466 37.87 23.95 19.20
N ASP C 467 37.78 25.28 19.28
CA ASP C 467 38.60 26.21 18.51
C ASP C 467 39.09 27.30 19.43
N ILE C 468 40.39 27.60 19.36
CA ILE C 468 41.09 28.48 20.28
C ILE C 468 42.10 29.30 19.48
N SER C 469 41.63 30.36 18.82
CA SER C 469 42.49 31.19 17.97
C SER C 469 41.85 32.56 17.80
N THR C 470 42.66 33.52 17.32
CA THR C 470 42.30 34.94 17.25
C THR C 470 42.65 35.60 15.91
N GLU C 471 42.97 34.82 14.88
CA GLU C 471 43.31 35.39 13.58
C GLU C 471 42.15 36.14 12.94
N ILE C 472 42.48 37.28 12.35
CA ILE C 472 41.50 38.10 11.63
C ILE C 472 41.10 37.39 10.33
N TYR C 473 39.86 37.63 9.89
CA TYR C 473 39.31 37.10 8.65
C TYR C 473 38.90 38.24 7.73
N GLN C 474 38.96 38.02 6.42
CA GLN C 474 38.38 38.93 5.45
C GLN C 474 37.94 38.19 4.19
N ALA C 475 36.93 38.75 3.52
CA ALA C 475 36.40 38.21 2.27
C ALA C 475 35.74 39.35 1.50
N GLY C 476 35.95 39.39 0.18
CA GLY C 476 35.66 40.59 -0.58
C GLY C 476 36.42 41.83 -0.14
N SER C 477 37.51 41.66 0.62
CA SER C 477 38.26 42.72 1.25
C SER C 477 39.62 42.16 1.63
N THR C 478 40.58 43.06 1.86
CA THR C 478 41.95 42.66 2.11
C THR C 478 42.08 41.92 3.45
N PRO C 479 43.03 40.97 3.58
CA PRO C 479 43.16 40.20 4.85
C PRO C 479 43.40 41.07 6.07
N CYS C 480 43.97 42.25 5.88
CA CYS C 480 43.90 43.40 6.80
C CYS C 480 44.28 43.11 8.25
N ASN C 481 45.24 42.20 8.46
CA ASN C 481 45.72 41.86 9.79
C ASN C 481 46.24 43.08 10.52
N GLY C 482 45.80 43.28 11.77
CA GLY C 482 46.16 44.47 12.52
C GLY C 482 45.48 45.76 12.11
N VAL C 483 44.66 45.76 11.06
CA VAL C 483 44.02 46.95 10.49
C VAL C 483 42.57 46.56 10.22
N GLU C 484 41.96 46.01 11.27
CA GLU C 484 40.66 45.34 11.29
C GLU C 484 39.52 46.29 10.93
N GLY C 485 38.36 45.71 10.60
CA GLY C 485 37.16 46.47 10.28
C GLY C 485 36.07 45.71 9.55
N PHE C 486 35.41 46.43 8.65
CA PHE C 486 34.28 45.94 7.89
C PHE C 486 34.66 44.79 6.96
N ASN C 487 34.02 43.62 7.15
CA ASN C 487 34.39 42.41 6.41
C ASN C 487 35.87 42.06 6.56
N CYS C 488 36.39 42.30 7.76
CA CYS C 488 37.81 42.34 8.01
C CYS C 488 38.08 42.02 9.49
N TYR C 489 37.19 41.19 10.06
CA TYR C 489 36.94 41.11 11.49
C TYR C 489 38.05 40.39 12.24
N PHE C 490 38.42 40.94 13.38
CA PHE C 490 39.06 40.19 14.45
C PHE C 490 37.99 39.32 15.10
N PRO C 491 38.28 38.06 15.44
CA PRO C 491 37.17 37.11 15.59
C PRO C 491 36.43 37.12 16.92
N LEU C 492 36.73 37.99 17.90
CA LEU C 492 36.05 37.94 19.21
C LEU C 492 35.40 39.25 19.60
N GLN C 493 34.23 39.14 20.26
CA GLN C 493 33.56 40.24 20.94
C GLN C 493 32.75 39.67 22.10
N SER C 494 32.53 40.48 23.15
CA SER C 494 31.89 40.04 24.39
C SER C 494 30.62 40.85 24.66
N TYR C 495 29.61 40.16 25.22
CA TYR C 495 28.38 40.83 25.64
C TYR C 495 28.57 41.64 26.93
N GLY C 496 29.65 41.41 27.67
CA GLY C 496 30.04 42.25 28.77
C GLY C 496 29.28 42.11 30.07
N PHE C 497 28.08 41.50 30.04
CA PHE C 497 27.40 40.85 31.18
C PHE C 497 27.41 41.62 32.50
N GLN C 498 27.09 42.92 32.41
CA GLN C 498 26.54 43.59 33.56
C GLN C 498 25.19 42.99 33.93
N PRO C 499 24.75 43.12 35.19
CA PRO C 499 23.32 42.89 35.47
C PRO C 499 22.40 43.86 34.73
N THR C 500 22.89 45.02 34.33
CA THR C 500 22.17 45.95 33.49
C THR C 500 21.99 45.46 32.06
N ASN C 501 22.61 44.35 31.66
CA ASN C 501 22.33 43.77 30.37
C ASN C 501 20.86 43.38 30.24
N GLY C 502 20.27 43.74 29.10
CA GLY C 502 18.89 43.41 28.80
C GLY C 502 18.68 41.93 28.54
N VAL C 503 17.39 41.57 28.45
CA VAL C 503 16.93 40.18 28.50
C VAL C 503 17.56 39.34 27.39
N GLY C 504 17.82 39.95 26.24
CA GLY C 504 18.52 39.22 25.19
C GLY C 504 19.98 38.95 25.51
N TYR C 505 20.54 39.65 26.50
CA TYR C 505 21.97 39.87 26.66
C TYR C 505 22.47 39.59 28.07
N GLN C 506 21.58 39.28 29.02
CA GLN C 506 21.97 39.00 30.39
C GLN C 506 22.87 37.78 30.48
N PRO C 507 23.81 37.74 31.45
CA PRO C 507 24.65 36.54 31.61
C PRO C 507 23.83 35.32 31.98
N TYR C 508 23.95 34.28 31.16
CA TYR C 508 23.45 32.95 31.49
C TYR C 508 24.60 31.97 31.53
N ARG C 509 24.85 31.40 32.71
CA ARG C 509 25.86 30.35 32.85
C ARG C 509 25.26 29.02 32.43
N VAL C 510 26.12 28.17 31.86
CA VAL C 510 25.68 27.02 31.07
C VAL C 510 26.48 25.79 31.47
N VAL C 511 25.79 24.67 31.55
CA VAL C 511 26.39 23.35 31.49
C VAL C 511 25.62 22.56 30.44
N VAL C 512 26.36 21.82 29.62
CA VAL C 512 25.82 20.79 28.74
C VAL C 512 26.39 19.45 29.17
N LEU C 513 25.50 18.53 29.52
CA LEU C 513 25.85 17.15 29.80
C LEU C 513 25.68 16.35 28.52
N SER C 514 26.80 16.10 27.84
CA SER C 514 26.82 15.18 26.71
C SER C 514 26.94 13.74 27.21
N PHE C 515 25.91 12.93 26.97
CA PHE C 515 25.97 11.54 27.38
C PHE C 515 24.94 10.72 26.65
N GLU C 516 25.15 9.41 26.67
CA GLU C 516 24.21 8.45 26.10
C GLU C 516 24.56 7.07 26.65
N LEU C 517 23.63 6.14 26.44
CA LEU C 517 23.87 4.70 26.54
C LEU C 517 24.43 4.10 25.26
N LEU C 518 25.16 4.89 24.46
CA LEU C 518 25.52 4.52 23.10
C LEU C 518 26.45 3.31 23.02
N HIS C 519 27.17 2.99 24.09
CA HIS C 519 27.97 1.77 24.13
C HIS C 519 28.06 1.28 25.56
N ALA C 520 28.26 -0.03 25.70
CA ALA C 520 28.62 -0.61 26.97
C ALA C 520 30.12 -0.44 27.20
N PRO C 521 30.59 -0.42 28.46
CA PRO C 521 29.86 -0.37 29.73
C PRO C 521 29.28 1.00 29.98
N ALA C 522 28.25 1.04 30.80
CA ALA C 522 27.80 2.30 31.36
C ALA C 522 28.87 2.83 32.30
N THR C 523 29.18 4.11 32.16
CA THR C 523 30.00 4.78 33.15
C THR C 523 29.23 5.07 34.43
N VAL C 524 27.90 5.20 34.35
CA VAL C 524 27.08 5.49 35.51
C VAL C 524 25.67 4.96 35.33
N CYS C 525 24.96 4.88 36.45
CA CYS C 525 23.58 4.41 36.51
C CYS C 525 22.83 5.29 37.50
N GLY C 526 21.53 5.42 37.28
CA GLY C 526 20.64 5.92 38.29
C GLY C 526 20.51 4.98 39.46
N PRO C 527 19.87 5.43 40.54
CA PRO C 527 19.80 4.60 41.76
C PRO C 527 18.92 3.39 41.54
N LYS C 528 19.47 2.20 41.83
CA LYS C 528 18.73 0.97 41.66
C LYS C 528 19.22 -0.10 42.61
N LYS C 529 18.34 -1.05 42.90
CA LYS C 529 18.67 -2.28 43.60
C LYS C 529 19.18 -3.35 42.63
N SER C 530 19.52 -4.51 43.20
CA SER C 530 19.81 -5.72 42.45
C SER C 530 19.24 -6.92 43.18
N THR C 531 18.97 -7.98 42.44
CA THR C 531 18.31 -9.18 42.94
C THR C 531 19.07 -10.42 42.49
N ASN C 532 19.15 -11.41 43.37
CA ASN C 532 19.69 -12.71 42.97
C ASN C 532 18.90 -13.29 41.81
N LEU C 533 19.53 -14.21 41.07
CA LEU C 533 18.94 -14.75 39.85
C LEU C 533 19.33 -16.21 39.67
N VAL C 534 18.44 -16.93 38.97
CA VAL C 534 18.65 -18.33 38.65
C VAL C 534 17.94 -18.62 37.34
N LYS C 535 18.48 -19.59 36.60
CA LYS C 535 18.12 -19.78 35.21
C LYS C 535 16.76 -20.41 34.98
N ASN C 536 16.25 -21.16 35.96
CA ASN C 536 15.15 -22.08 35.69
C ASN C 536 13.86 -21.37 35.34
N LYS C 537 13.51 -20.30 36.04
CA LYS C 537 12.32 -19.56 35.68
C LYS C 537 12.61 -18.71 34.45
N CYS C 538 11.60 -18.57 33.58
CA CYS C 538 11.53 -17.35 32.78
C CYS C 538 11.18 -16.19 33.68
N VAL C 539 11.91 -15.09 33.52
CA VAL C 539 11.68 -13.88 34.28
C VAL C 539 11.79 -12.71 33.33
N ASN C 540 11.07 -11.64 33.64
CA ASN C 540 11.47 -10.32 33.15
C ASN C 540 12.73 -9.92 33.88
N PHE C 541 13.65 -9.26 33.19
CA PHE C 541 14.98 -9.06 33.75
C PHE C 541 15.54 -7.72 33.33
N ASN C 542 16.47 -7.23 34.17
CA ASN C 542 17.29 -6.10 33.81
C ASN C 542 18.74 -6.37 34.16
N PHE C 543 19.62 -6.00 33.25
CA PHE C 543 21.07 -6.01 33.42
C PHE C 543 21.58 -4.61 33.11
N ASN C 544 21.79 -3.81 34.16
CA ASN C 544 22.41 -2.50 34.06
C ASN C 544 21.70 -1.57 33.08
N GLY C 545 20.38 -1.70 33.00
CA GLY C 545 19.56 -0.96 32.07
C GLY C 545 19.26 -1.71 30.78
N LEU C 546 20.10 -2.68 30.40
CA LEU C 546 19.63 -3.66 29.45
C LEU C 546 18.56 -4.47 30.13
N THR C 547 17.58 -4.94 29.37
CA THR C 547 16.44 -5.61 29.98
C THR C 547 15.70 -6.46 28.97
N GLY C 548 14.93 -7.41 29.50
CA GLY C 548 14.15 -8.26 28.63
C GLY C 548 13.33 -9.24 29.44
N THR C 549 12.82 -10.27 28.75
CA THR C 549 12.15 -11.38 29.40
C THR C 549 12.46 -12.69 28.67
N GLY C 550 12.74 -13.73 29.45
CA GLY C 550 13.15 -15.00 28.88
C GLY C 550 13.68 -15.92 29.97
N VAL C 551 13.98 -17.15 29.54
CA VAL C 551 14.57 -18.17 30.39
C VAL C 551 16.08 -17.99 30.38
N LEU C 552 16.64 -17.55 31.50
CA LEU C 552 18.04 -17.14 31.58
C LEU C 552 19.00 -18.31 31.80
N THR C 553 18.89 -19.31 30.93
CA THR C 553 19.66 -20.56 31.00
C THR C 553 21.15 -20.34 31.20
N GLU C 554 21.77 -21.27 31.92
CA GLU C 554 23.21 -21.37 31.90
C GLU C 554 23.70 -21.64 30.49
N SER C 555 24.99 -21.41 30.27
CA SER C 555 25.60 -21.65 28.98
C SER C 555 27.02 -22.14 29.14
N ASN C 556 27.49 -22.89 28.14
CA ASN C 556 28.89 -23.18 27.91
C ASN C 556 29.59 -22.08 27.12
N LYS C 557 28.96 -20.93 26.94
CA LYS C 557 29.46 -19.89 26.05
C LYS C 557 30.73 -19.27 26.60
N LYS C 558 31.86 -19.80 26.18
CA LYS C 558 33.18 -19.28 26.53
C LYS C 558 33.47 -17.99 25.79
N PHE C 559 32.71 -16.95 26.11
CA PHE C 559 32.93 -15.60 25.57
C PHE C 559 34.36 -15.15 25.82
N LEU C 560 34.95 -14.53 24.79
CA LEU C 560 36.14 -13.74 25.01
C LEU C 560 35.88 -12.71 26.11
N PRO C 561 36.83 -12.48 27.04
CA PRO C 561 36.51 -11.68 28.26
C PRO C 561 35.97 -10.29 28.00
N PHE C 562 36.36 -9.68 26.89
CA PHE C 562 35.88 -8.36 26.52
C PHE C 562 34.44 -8.35 26.04
N GLN C 563 33.83 -9.51 25.81
CA GLN C 563 32.43 -9.57 25.40
C GLN C 563 31.54 -9.38 26.62
N GLN C 564 30.66 -8.37 26.56
CA GLN C 564 29.63 -8.20 27.57
C GLN C 564 28.39 -8.99 27.22
N PHE C 565 28.07 -9.08 25.92
CA PHE C 565 26.84 -9.69 25.43
C PHE C 565 27.20 -10.49 24.18
N GLY C 566 26.26 -11.31 23.76
CA GLY C 566 26.36 -12.00 22.48
C GLY C 566 25.03 -12.02 21.79
N ARG C 567 25.08 -11.98 20.45
CA ARG C 567 23.89 -11.94 19.62
C ARG C 567 23.94 -13.03 18.57
N ASP C 568 22.79 -13.65 18.33
CA ASP C 568 22.69 -14.76 17.38
C ASP C 568 22.40 -14.28 15.97
N ILE C 569 21.24 -13.68 15.76
CA ILE C 569 20.90 -13.08 14.48
C ILE C 569 19.77 -12.09 14.73
N ALA C 570 19.58 -11.17 13.77
CA ALA C 570 18.54 -10.14 13.81
C ALA C 570 18.49 -9.40 15.15
N ASP C 571 19.66 -9.08 15.69
CA ASP C 571 19.86 -8.46 17.00
C ASP C 571 19.38 -9.31 18.18
N THR C 572 19.02 -10.58 17.96
CA THR C 572 18.60 -11.44 19.06
C THR C 572 19.79 -11.76 19.93
N THR C 573 19.76 -11.27 21.18
CA THR C 573 20.82 -11.55 22.14
C THR C 573 20.75 -13.02 22.52
N ASP C 574 21.74 -13.79 22.12
CA ASP C 574 21.79 -15.19 22.51
C ASP C 574 22.12 -15.35 23.98
N ALA C 575 23.08 -14.58 24.49
CA ALA C 575 23.56 -14.78 25.84
C ALA C 575 24.20 -13.49 26.35
N VAL C 576 24.36 -13.44 27.66
CA VAL C 576 24.83 -12.26 28.37
C VAL C 576 25.84 -12.73 29.40
N ARG C 577 26.92 -11.97 29.54
CA ARG C 577 27.76 -12.12 30.71
C ARG C 577 27.02 -11.58 31.92
N ASP C 578 26.80 -12.46 32.86
CA ASP C 578 26.22 -12.19 34.17
C ASP C 578 27.01 -11.07 34.85
N PRO C 579 26.49 -9.82 34.89
CA PRO C 579 27.37 -8.66 35.18
C PRO C 579 28.07 -8.71 36.52
N GLN C 580 27.47 -9.35 37.51
CA GLN C 580 27.97 -9.36 38.86
C GLN C 580 28.82 -10.58 39.17
N THR C 581 29.08 -11.42 38.17
CA THR C 581 29.95 -12.59 38.27
C THR C 581 30.78 -12.82 37.03
N LEU C 582 30.42 -12.25 35.88
CA LEU C 582 30.94 -12.54 34.55
C LEU C 582 30.74 -13.98 34.09
N GLU C 583 29.91 -14.79 34.76
CA GLU C 583 29.44 -16.01 34.13
C GLU C 583 28.58 -15.62 32.93
N ILE C 584 28.34 -16.58 32.03
CA ILE C 584 27.55 -16.33 30.83
C ILE C 584 26.23 -17.04 31.01
N LEU C 585 25.14 -16.28 30.96
CA LEU C 585 23.80 -16.82 30.90
C LEU C 585 23.30 -16.83 29.46
N ASP C 586 22.91 -18.01 28.98
CA ASP C 586 22.16 -18.12 27.74
C ASP C 586 20.71 -17.77 27.99
N ILE C 587 20.04 -17.25 26.96
CA ILE C 587 18.64 -16.86 27.06
C ILE C 587 17.83 -17.75 26.13
N THR C 588 16.92 -18.53 26.71
CA THR C 588 15.86 -19.18 25.96
C THR C 588 14.71 -18.19 25.75
N PRO C 589 14.02 -18.21 24.61
CA PRO C 589 12.80 -17.39 24.50
C PRO C 589 11.77 -17.85 25.52
N CYS C 590 11.01 -16.89 26.05
CA CYS C 590 10.10 -17.19 27.14
C CYS C 590 8.98 -18.14 26.72
N SER C 591 8.38 -18.74 27.73
CA SER C 591 7.31 -19.73 27.64
C SER C 591 6.16 -19.32 26.75
N PHE C 592 6.06 -19.94 25.58
CA PHE C 592 5.08 -19.56 24.58
C PHE C 592 4.71 -20.79 23.77
N GLY C 593 3.49 -20.80 23.23
CA GLY C 593 3.14 -21.77 22.22
C GLY C 593 1.84 -21.43 21.53
N GLY C 594 1.67 -22.05 20.36
CA GLY C 594 0.38 -22.05 19.70
C GLY C 594 -0.61 -22.98 20.36
N VAL C 595 -1.88 -22.59 20.29
CA VAL C 595 -3.00 -23.34 20.84
C VAL C 595 -4.18 -23.32 19.87
N SER C 596 -4.86 -24.46 19.73
CA SER C 596 -5.89 -24.66 18.72
C SER C 596 -6.92 -25.66 19.24
N VAL C 597 -8.16 -25.53 18.75
CA VAL C 597 -9.30 -26.31 19.25
C VAL C 597 -10.08 -26.98 18.12
N ILE C 598 -10.66 -28.11 18.48
CA ILE C 598 -11.27 -29.09 17.58
C ILE C 598 -12.68 -29.37 18.08
N THR C 599 -13.63 -29.46 17.14
CA THR C 599 -15.00 -29.81 17.47
C THR C 599 -15.69 -30.49 16.31
N PRO C 600 -16.74 -31.37 16.58
CA PRO C 600 -17.69 -31.76 15.52
C PRO C 600 -18.66 -30.66 15.08
N GLY C 601 -18.48 -29.43 15.53
CA GLY C 601 -19.29 -28.30 15.17
C GLY C 601 -20.27 -28.03 16.28
N THR C 602 -20.50 -26.74 16.53
CA THR C 602 -21.32 -26.31 17.66
C THR C 602 -22.73 -26.87 17.55
N ASN C 603 -23.26 -26.87 16.34
CA ASN C 603 -24.55 -27.47 16.07
C ASN C 603 -24.57 -28.94 16.47
N THR C 604 -23.50 -29.65 16.17
CA THR C 604 -23.45 -31.05 16.53
C THR C 604 -23.34 -31.23 18.03
N SER C 605 -22.49 -30.44 18.69
CA SER C 605 -22.30 -30.64 20.10
C SER C 605 -21.64 -29.43 20.72
N ASN C 606 -21.84 -29.30 22.03
CA ASN C 606 -21.06 -28.39 22.85
C ASN C 606 -19.63 -28.86 23.08
N GLN C 607 -19.34 -30.15 22.93
CA GLN C 607 -18.05 -30.66 23.37
C GLN C 607 -16.92 -30.09 22.54
N VAL C 608 -15.78 -29.85 23.19
CA VAL C 608 -14.59 -29.33 22.53
C VAL C 608 -13.37 -30.03 23.11
N ALA C 609 -12.33 -30.11 22.30
CA ALA C 609 -11.01 -30.54 22.72
C ALA C 609 -10.01 -29.58 22.11
N VAL C 610 -8.77 -29.70 22.55
CA VAL C 610 -7.77 -28.65 22.34
C VAL C 610 -6.40 -29.29 22.11
N LEU C 611 -5.57 -28.55 21.39
CA LEU C 611 -4.19 -28.86 21.11
C LEU C 611 -3.30 -27.73 21.58
N TYR C 612 -2.14 -28.09 22.11
CA TYR C 612 -1.08 -27.17 22.46
C TYR C 612 0.13 -27.60 21.66
N GLN C 613 0.19 -27.03 20.47
CA GLN C 613 1.03 -27.54 19.39
C GLN C 613 2.50 -27.62 19.77
N ASP C 614 3.01 -26.58 20.39
CA ASP C 614 4.45 -26.36 20.45
C ASP C 614 5.18 -27.04 21.61
N VAL C 615 4.49 -27.70 22.54
CA VAL C 615 4.99 -27.81 23.91
C VAL C 615 4.75 -29.18 24.52
N ASN C 616 5.50 -29.44 25.58
CA ASN C 616 5.08 -30.40 26.58
C ASN C 616 3.83 -29.90 27.28
N CYS C 617 3.07 -30.84 27.82
CA CYS C 617 1.89 -30.53 28.63
C CYS C 617 2.18 -29.67 29.87
N THR C 618 3.46 -29.58 30.29
CA THR C 618 3.89 -28.71 31.37
C THR C 618 3.51 -27.24 31.24
N GLU C 619 3.14 -26.77 30.05
CA GLU C 619 2.62 -25.41 29.91
C GLU C 619 1.39 -25.17 30.77
N VAL C 620 0.57 -26.20 30.96
CA VAL C 620 -0.59 -26.21 31.87
C VAL C 620 -1.48 -24.97 31.79
N ASN C 641 -9.53 -34.98 30.20
CA ASN C 641 -8.46 -35.89 29.83
C ASN C 641 -7.28 -35.10 29.32
N VAL C 642 -6.08 -35.66 29.40
CA VAL C 642 -4.84 -34.99 28.99
C VAL C 642 -3.92 -35.99 28.32
N PHE C 643 -3.23 -35.56 27.25
CA PHE C 643 -2.40 -36.50 26.48
C PHE C 643 -1.36 -35.74 25.67
N GLN C 644 -0.09 -36.04 25.89
CA GLN C 644 0.99 -35.48 25.10
C GLN C 644 1.09 -36.17 23.74
N THR C 645 1.48 -35.40 22.73
CA THR C 645 1.90 -35.96 21.45
C THR C 645 3.11 -35.24 20.90
N ARG C 646 3.73 -35.88 19.90
CA ARG C 646 4.73 -35.22 19.08
C ARG C 646 4.16 -34.00 18.35
N ALA C 647 2.86 -33.97 18.10
CA ALA C 647 2.21 -32.81 17.54
C ALA C 647 1.99 -31.70 18.57
N GLY C 648 2.20 -31.97 19.84
CA GLY C 648 1.86 -31.09 20.93
C GLY C 648 1.07 -31.83 21.98
N CYS C 649 0.72 -31.09 23.04
CA CYS C 649 -0.17 -31.65 24.05
C CYS C 649 -1.64 -31.52 23.67
N LEU C 650 -2.40 -32.56 23.99
CA LEU C 650 -3.83 -32.66 23.74
C LEU C 650 -4.54 -32.79 25.07
N ILE C 651 -5.74 -32.19 25.14
CA ILE C 651 -6.57 -32.29 26.32
C ILE C 651 -7.99 -32.52 25.85
N GLY C 652 -8.74 -33.23 26.67
CA GLY C 652 -10.17 -33.39 26.52
C GLY C 652 -10.57 -34.68 25.84
N ALA C 653 -10.10 -34.89 24.62
CA ALA C 653 -10.45 -36.10 23.88
C ALA C 653 -9.84 -37.33 24.53
N GLU C 654 -10.54 -38.45 24.38
CA GLU C 654 -9.94 -39.75 24.67
C GLU C 654 -9.01 -40.13 23.53
N HIS C 655 -7.76 -40.41 23.86
CA HIS C 655 -6.87 -41.02 22.90
C HIS C 655 -7.29 -42.46 22.69
N VAL C 656 -7.11 -42.97 21.48
CA VAL C 656 -7.19 -44.40 21.24
C VAL C 656 -6.14 -44.78 20.22
N ASN C 657 -5.57 -45.97 20.41
CA ASN C 657 -4.55 -46.46 19.50
C ASN C 657 -5.18 -46.95 18.20
N ASN C 658 -6.36 -47.57 18.29
CA ASN C 658 -7.06 -48.06 17.11
C ASN C 658 -7.35 -46.96 16.13
N SER C 659 -7.27 -47.29 14.84
CA SER C 659 -7.06 -46.33 13.78
C SER C 659 -8.20 -46.38 12.78
N TYR C 660 -8.50 -45.22 12.19
CA TYR C 660 -9.68 -45.00 11.37
C TYR C 660 -9.34 -43.97 10.31
N GLU C 661 -10.20 -43.90 9.29
CA GLU C 661 -10.18 -42.77 8.38
C GLU C 661 -10.45 -41.48 9.15
N CYS C 662 -9.95 -40.37 8.61
CA CYS C 662 -10.00 -39.08 9.31
C CYS C 662 -11.39 -38.48 9.19
N ASP C 663 -12.13 -38.45 10.30
CA ASP C 663 -13.37 -37.69 10.34
C ASP C 663 -13.10 -36.19 10.30
N ILE C 664 -12.23 -35.71 11.19
CA ILE C 664 -11.60 -34.40 11.04
C ILE C 664 -10.12 -34.63 11.32
N PRO C 665 -9.20 -34.15 10.48
CA PRO C 665 -7.79 -34.42 10.73
C PRO C 665 -7.18 -33.53 11.79
N ILE C 666 -6.08 -34.05 12.31
CA ILE C 666 -5.18 -33.29 13.17
C ILE C 666 -3.80 -33.16 12.56
N GLY C 667 -3.43 -34.05 11.64
CA GLY C 667 -2.10 -34.03 11.05
C GLY C 667 -1.14 -34.77 11.93
N ALA C 668 0.10 -34.85 11.44
CA ALA C 668 1.11 -35.77 11.96
C ALA C 668 0.59 -37.22 12.04
N GLY C 669 -0.26 -37.61 11.09
CA GLY C 669 -0.91 -38.90 11.12
C GLY C 669 -2.06 -38.99 12.11
N ILE C 670 -2.42 -37.91 12.78
CA ILE C 670 -3.45 -37.89 13.80
C ILE C 670 -4.72 -37.30 13.21
N CYS C 671 -5.86 -37.87 13.59
CA CYS C 671 -7.17 -37.38 13.19
C CYS C 671 -8.07 -37.66 14.39
N ALA C 672 -9.25 -37.06 14.39
CA ALA C 672 -10.17 -37.18 15.52
C ALA C 672 -11.62 -37.21 15.04
N SER C 673 -12.49 -37.64 15.94
CA SER C 673 -13.92 -37.67 15.68
C SER C 673 -14.67 -37.77 16.99
N TYR C 674 -15.98 -37.53 16.91
CA TYR C 674 -16.89 -38.09 17.89
C TYR C 674 -17.12 -39.56 17.58
N GLN C 675 -17.24 -40.36 18.65
CA GLN C 675 -17.84 -41.68 18.56
C GLN C 675 -18.76 -41.86 19.75
N THR C 676 -19.91 -42.46 19.49
CA THR C 676 -20.91 -42.70 20.53
C THR C 676 -20.49 -43.82 21.46
N GLN C 690 -18.20 -42.66 23.28
CA GLN C 690 -19.22 -41.76 23.80
C GLN C 690 -18.66 -40.36 23.96
N SER C 691 -17.73 -40.00 23.09
CA SER C 691 -16.96 -38.79 23.29
C SER C 691 -16.35 -38.37 21.97
N ILE C 692 -15.89 -37.12 21.92
CA ILE C 692 -14.79 -36.77 21.04
C ILE C 692 -13.59 -37.65 21.37
N ILE C 693 -12.94 -38.14 20.33
CA ILE C 693 -11.84 -39.07 20.46
C ILE C 693 -10.79 -38.74 19.42
N ALA C 694 -9.56 -39.10 19.74
CA ALA C 694 -8.40 -38.84 18.90
C ALA C 694 -7.59 -40.11 18.73
N TYR C 695 -7.06 -40.26 17.52
CA TYR C 695 -6.47 -41.51 17.08
C TYR C 695 -5.41 -41.23 16.04
N THR C 696 -4.45 -42.15 15.95
CA THR C 696 -3.65 -42.23 14.75
C THR C 696 -4.52 -42.74 13.62
N MET C 697 -4.51 -42.05 12.49
CA MET C 697 -5.37 -42.43 11.38
C MET C 697 -4.94 -43.77 10.81
N SER C 698 -5.89 -44.43 10.15
CA SER C 698 -5.64 -45.64 9.37
C SER C 698 -5.74 -45.30 7.90
N LEU C 699 -4.70 -45.62 7.14
CA LEU C 699 -4.74 -45.38 5.71
C LEU C 699 -5.83 -46.18 5.03
N GLY C 700 -6.07 -47.40 5.48
CA GLY C 700 -7.15 -48.20 4.96
C GLY C 700 -6.89 -49.68 5.17
N ALA C 701 -7.84 -50.48 4.73
CA ALA C 701 -7.64 -51.92 4.68
C ALA C 701 -6.52 -52.28 3.71
N GLU C 702 -5.78 -53.34 4.05
CA GLU C 702 -4.57 -53.70 3.33
C GLU C 702 -4.61 -55.14 2.83
N ASN C 703 -3.93 -55.40 1.72
CA ASN C 703 -3.77 -56.75 1.21
C ASN C 703 -2.39 -56.80 0.57
N SER C 704 -1.97 -58.02 0.24
CA SER C 704 -0.97 -58.26 -0.79
C SER C 704 -1.53 -59.31 -1.74
N VAL C 705 -2.54 -58.90 -2.52
CA VAL C 705 -3.36 -59.79 -3.36
C VAL C 705 -2.48 -60.68 -4.22
N ALA C 706 -2.82 -61.96 -4.24
CA ALA C 706 -1.91 -63.02 -4.66
C ALA C 706 -1.43 -62.84 -6.10
N TYR C 707 -0.12 -62.77 -6.24
CA TYR C 707 0.51 -62.90 -7.54
C TYR C 707 0.59 -64.37 -7.94
N SER C 708 0.70 -64.61 -9.24
CA SER C 708 1.03 -65.89 -9.83
C SER C 708 1.77 -65.63 -11.11
N ASN C 709 2.69 -66.52 -11.43
CA ASN C 709 3.30 -66.53 -12.76
C ASN C 709 2.41 -67.28 -13.76
N ASN C 710 1.23 -67.76 -13.36
CA ASN C 710 0.47 -68.76 -14.10
C ASN C 710 -1.03 -68.53 -14.15
N SER C 711 -1.58 -67.57 -13.41
CA SER C 711 -3.02 -67.46 -13.23
C SER C 711 -3.43 -66.00 -13.16
N ILE C 712 -4.68 -65.76 -13.52
CA ILE C 712 -5.23 -64.44 -13.76
C ILE C 712 -6.60 -64.36 -13.13
N ALA C 713 -6.93 -63.16 -12.66
CA ALA C 713 -8.29 -62.79 -12.33
C ALA C 713 -8.88 -62.06 -13.53
N ILE C 714 -10.13 -62.41 -13.87
CA ILE C 714 -10.88 -61.78 -14.96
C ILE C 714 -12.23 -61.31 -14.42
N PRO C 715 -12.79 -60.16 -14.84
CA PRO C 715 -14.18 -59.85 -14.49
C PRO C 715 -15.17 -60.60 -15.35
N THR C 716 -16.29 -61.02 -14.73
CA THR C 716 -17.34 -61.78 -15.40
C THR C 716 -18.70 -61.12 -15.34
N ASN C 717 -18.86 -60.03 -14.62
CA ASN C 717 -19.98 -59.12 -14.77
C ASN C 717 -19.37 -57.74 -14.79
N PHE C 718 -20.20 -56.73 -15.00
CA PHE C 718 -19.71 -55.39 -15.18
C PHE C 718 -20.82 -54.42 -14.85
N THR C 719 -20.45 -53.15 -14.77
CA THR C 719 -21.33 -52.13 -14.27
C THR C 719 -21.09 -50.83 -15.00
N ILE C 720 -22.09 -50.01 -14.96
CA ILE C 720 -21.99 -48.59 -15.20
C ILE C 720 -21.53 -47.91 -13.92
N SER C 721 -20.78 -46.83 -14.07
CA SER C 721 -20.32 -46.00 -12.97
C SER C 721 -20.57 -44.54 -13.31
N VAL C 722 -21.09 -43.80 -12.34
CA VAL C 722 -21.51 -42.42 -12.52
C VAL C 722 -20.68 -41.55 -11.60
N THR C 723 -20.00 -40.56 -12.19
CA THR C 723 -19.16 -39.61 -11.50
C THR C 723 -19.91 -38.31 -11.30
N THR C 724 -19.33 -37.42 -10.50
CA THR C 724 -19.96 -36.15 -10.11
C THR C 724 -18.92 -35.04 -9.98
N GLU C 725 -18.12 -34.82 -11.01
CA GLU C 725 -17.14 -33.75 -10.96
C GLU C 725 -17.81 -32.38 -10.95
N ILE C 726 -17.14 -31.42 -10.32
CA ILE C 726 -17.57 -30.03 -10.26
C ILE C 726 -16.34 -29.15 -10.38
N LEU C 727 -16.45 -28.03 -11.10
CA LEU C 727 -15.38 -27.02 -11.18
C LEU C 727 -15.89 -25.57 -11.21
N PRO C 728 -15.19 -24.63 -10.57
CA PRO C 728 -15.52 -23.21 -10.73
C PRO C 728 -14.98 -22.61 -12.02
N VAL C 729 -15.60 -21.50 -12.42
CA VAL C 729 -15.32 -20.86 -13.71
C VAL C 729 -15.09 -19.36 -13.59
N SER C 730 -15.69 -18.69 -12.60
CA SER C 730 -15.73 -17.22 -12.62
C SER C 730 -15.93 -16.68 -11.22
N MET C 731 -15.75 -15.36 -11.08
CA MET C 731 -16.30 -14.61 -9.97
C MET C 731 -17.02 -13.39 -10.51
N THR C 732 -17.90 -12.86 -9.68
CA THR C 732 -18.56 -11.61 -10.00
C THR C 732 -17.54 -10.48 -10.04
N LYS C 733 -17.48 -9.78 -11.16
CA LYS C 733 -16.60 -8.64 -11.34
C LYS C 733 -17.18 -7.40 -10.64
N THR C 734 -16.32 -6.42 -10.40
CA THR C 734 -16.64 -5.31 -9.54
C THR C 734 -15.80 -4.12 -9.96
N SER C 735 -16.28 -2.92 -9.63
CA SER C 735 -15.45 -1.73 -9.69
C SER C 735 -15.76 -0.83 -8.52
N VAL C 736 -14.83 0.11 -8.30
CA VAL C 736 -14.91 1.09 -7.22
C VAL C 736 -14.61 2.46 -7.81
N ASP C 737 -15.47 3.44 -7.51
CA ASP C 737 -15.13 4.83 -7.74
C ASP C 737 -14.14 5.20 -6.66
N CYS C 738 -12.87 4.92 -6.92
CA CYS C 738 -11.83 5.09 -5.92
C CYS C 738 -11.77 6.50 -5.37
N THR C 739 -12.05 7.49 -6.20
CA THR C 739 -12.18 8.85 -5.71
C THR C 739 -13.27 8.99 -4.66
N MET C 740 -14.45 8.42 -4.95
CA MET C 740 -15.53 8.41 -3.98
C MET C 740 -15.14 7.62 -2.74
N TYR C 741 -14.47 6.50 -2.93
CA TYR C 741 -14.01 5.70 -1.81
C TYR C 741 -13.00 6.47 -0.95
N ILE C 742 -12.18 7.27 -1.57
CA ILE C 742 -11.13 7.96 -0.84
C ILE C 742 -11.66 9.26 -0.28
N CYS C 743 -12.32 10.05 -1.12
CA CYS C 743 -12.65 11.43 -0.80
C CYS C 743 -14.13 11.72 -0.65
N GLY C 744 -15.02 10.86 -1.16
CA GLY C 744 -16.45 11.02 -0.97
C GLY C 744 -17.00 12.39 -1.30
N ASP C 745 -16.68 12.89 -2.51
CA ASP C 745 -16.99 14.25 -2.96
C ASP C 745 -16.21 15.35 -2.26
N SER C 746 -15.23 15.04 -1.40
CA SER C 746 -14.38 16.12 -0.88
C SER C 746 -13.47 16.60 -1.99
N THR C 747 -13.72 17.83 -2.45
CA THR C 747 -12.82 18.49 -3.38
C THR C 747 -11.45 18.69 -2.77
N GLU C 748 -11.40 19.13 -1.51
CA GLU C 748 -10.14 19.36 -0.80
C GLU C 748 -9.29 18.10 -0.77
N CYS C 749 -9.91 16.99 -0.40
CA CYS C 749 -9.26 15.68 -0.42
C CYS C 749 -8.67 15.36 -1.78
N SER C 750 -9.42 15.65 -2.84
CA SER C 750 -8.95 15.36 -4.18
C SER C 750 -7.65 16.08 -4.50
N ASN C 751 -7.46 17.27 -3.92
CA ASN C 751 -6.19 17.97 -4.07
C ASN C 751 -5.05 17.16 -3.50
N LEU C 752 -5.24 16.64 -2.29
CA LEU C 752 -4.21 15.80 -1.69
C LEU C 752 -4.02 14.53 -2.50
N LEU C 753 -5.13 13.95 -2.95
CA LEU C 753 -5.09 12.79 -3.82
C LEU C 753 -4.27 13.09 -5.07
N LEU C 754 -4.54 14.22 -5.71
CA LEU C 754 -3.81 14.59 -6.91
C LEU C 754 -2.34 14.89 -6.67
N GLN C 755 -1.87 14.95 -5.43
CA GLN C 755 -0.44 14.84 -5.19
C GLN C 755 0.14 13.51 -5.64
N TYR C 756 -0.69 12.48 -5.84
CA TYR C 756 -0.25 11.12 -6.13
C TYR C 756 -1.02 10.56 -7.32
N GLY C 757 -2.34 10.65 -7.29
CA GLY C 757 -3.15 10.51 -8.49
C GLY C 757 -3.23 9.14 -9.16
N SER C 758 -2.57 9.02 -10.31
CA SER C 758 -2.89 8.06 -11.39
C SER C 758 -2.87 6.59 -10.99
N PHE C 759 -2.38 6.27 -9.79
CA PHE C 759 -2.41 4.92 -9.23
C PHE C 759 -3.75 4.25 -9.40
N CYS C 760 -4.81 4.93 -8.96
CA CYS C 760 -6.17 4.45 -9.11
C CYS C 760 -6.49 4.08 -10.54
N THR C 761 -6.10 4.95 -11.47
CA THR C 761 -6.36 4.72 -12.89
C THR C 761 -5.81 3.38 -13.36
N GLN C 762 -4.53 3.12 -13.13
CA GLN C 762 -3.96 1.85 -13.58
C GLN C 762 -4.51 0.68 -12.78
N LEU C 763 -4.83 0.89 -11.50
CA LEU C 763 -5.42 -0.19 -10.73
C LEU C 763 -6.78 -0.58 -11.27
N ASN C 764 -7.58 0.41 -11.59
CA ASN C 764 -8.85 0.17 -12.26
C ASN C 764 -8.63 -0.52 -13.59
N ARG C 765 -7.57 -0.14 -14.29
CA ARG C 765 -7.17 -0.83 -15.51
C ARG C 765 -6.96 -2.32 -15.27
N ALA C 766 -6.16 -2.66 -14.27
CA ALA C 766 -5.90 -4.07 -13.97
C ALA C 766 -7.19 -4.79 -13.58
N LEU C 767 -7.99 -4.16 -12.74
CA LEU C 767 -9.28 -4.70 -12.37
C LEU C 767 -10.15 -4.93 -13.59
N THR C 768 -10.14 -4.00 -14.51
CA THR C 768 -10.88 -4.16 -15.75
C THR C 768 -10.37 -5.36 -16.52
N GLY C 769 -9.04 -5.51 -16.53
CA GLY C 769 -8.43 -6.67 -17.15
C GLY C 769 -8.97 -7.97 -16.62
N ILE C 770 -8.96 -8.13 -15.30
CA ILE C 770 -9.45 -9.39 -14.73
C ILE C 770 -10.96 -9.53 -14.90
N ALA C 771 -11.69 -8.43 -14.87
CA ALA C 771 -13.13 -8.47 -15.08
C ALA C 771 -13.45 -9.00 -16.46
N VAL C 772 -12.79 -8.42 -17.46
CA VAL C 772 -12.90 -8.91 -18.82
C VAL C 772 -12.48 -10.36 -18.89
N GLU C 773 -11.41 -10.70 -18.18
CA GLU C 773 -10.93 -12.08 -18.12
C GLU C 773 -11.99 -13.06 -17.70
N GLN C 774 -12.88 -12.65 -16.77
CA GLN C 774 -13.98 -13.52 -16.35
C GLN C 774 -14.83 -13.97 -17.51
N ASP C 775 -15.37 -13.01 -18.25
CA ASP C 775 -16.23 -13.32 -19.37
C ASP C 775 -15.45 -13.97 -20.49
N LYS C 776 -14.20 -13.55 -20.69
CA LYS C 776 -13.32 -14.16 -21.68
C LYS C 776 -13.20 -15.66 -21.44
N ASN C 777 -12.88 -16.02 -20.20
CA ASN C 777 -12.83 -17.41 -19.81
C ASN C 777 -14.17 -18.09 -20.02
N THR C 778 -15.24 -17.42 -19.64
CA THR C 778 -16.58 -18.00 -19.75
C THR C 778 -16.92 -18.36 -21.20
N GLN C 779 -16.71 -17.42 -22.10
CA GLN C 779 -16.91 -17.67 -23.52
C GLN C 779 -16.01 -18.80 -23.99
N GLU C 780 -14.75 -18.78 -23.56
CA GLU C 780 -13.81 -19.83 -23.90
C GLU C 780 -14.32 -21.20 -23.49
N VAL C 781 -14.88 -21.32 -22.29
CA VAL C 781 -15.31 -22.63 -21.84
C VAL C 781 -16.61 -23.08 -22.48
N PHE C 782 -17.51 -22.16 -22.85
CA PHE C 782 -18.83 -22.57 -23.32
C PHE C 782 -19.07 -22.41 -24.81
N ALA C 783 -18.49 -21.44 -25.47
CA ALA C 783 -18.99 -21.02 -26.78
C ALA C 783 -18.59 -21.94 -27.94
N GLN C 784 -18.81 -23.25 -27.79
CA GLN C 784 -18.16 -24.19 -28.69
C GLN C 784 -18.75 -24.24 -30.08
N VAL C 785 -19.94 -23.69 -30.33
CA VAL C 785 -20.61 -23.94 -31.60
C VAL C 785 -21.52 -22.79 -31.96
N LYS C 786 -21.63 -22.57 -33.27
CA LYS C 786 -22.56 -21.61 -33.86
C LYS C 786 -23.93 -22.24 -34.05
N GLN C 787 -23.96 -23.51 -34.42
CA GLN C 787 -25.21 -24.24 -34.56
C GLN C 787 -25.88 -24.41 -33.20
N ILE C 788 -27.15 -24.03 -33.15
CA ILE C 788 -27.98 -24.09 -31.95
C ILE C 788 -28.99 -25.21 -32.15
N TYR C 789 -28.55 -26.40 -31.80
CA TYR C 789 -29.32 -27.62 -32.00
C TYR C 789 -30.56 -27.63 -31.13
N LYS C 790 -31.72 -27.56 -31.76
CA LYS C 790 -32.93 -28.02 -31.11
C LYS C 790 -32.84 -29.51 -30.84
N THR C 791 -33.31 -29.93 -29.67
CA THR C 791 -33.38 -31.35 -29.38
C THR C 791 -34.41 -32.02 -30.28
N PRO C 792 -34.21 -33.27 -30.68
CA PRO C 792 -35.35 -34.08 -31.06
C PRO C 792 -36.30 -34.25 -29.89
N PRO C 793 -37.61 -34.32 -30.15
CA PRO C 793 -38.56 -34.37 -29.04
C PRO C 793 -38.83 -35.76 -28.50
N ILE C 794 -38.71 -36.77 -29.35
CA ILE C 794 -39.44 -38.02 -29.13
C ILE C 794 -38.90 -38.84 -27.98
N LYS C 795 -37.68 -38.57 -27.49
CA LYS C 795 -37.07 -39.34 -26.41
C LYS C 795 -36.93 -40.83 -26.73
N ASP C 796 -36.95 -41.23 -28.01
CA ASP C 796 -36.82 -42.65 -28.40
C ASP C 796 -35.36 -43.08 -28.27
N PHE C 797 -34.94 -43.22 -27.02
CA PHE C 797 -33.58 -43.57 -26.65
C PHE C 797 -33.57 -44.74 -25.71
N GLY C 798 -34.29 -45.80 -26.10
CA GLY C 798 -34.29 -47.06 -25.38
C GLY C 798 -34.65 -46.97 -23.92
N GLY C 799 -35.44 -45.98 -23.53
CA GLY C 799 -35.73 -45.77 -22.13
C GLY C 799 -34.60 -45.20 -21.33
N PHE C 800 -33.49 -44.82 -21.96
CA PHE C 800 -32.46 -44.07 -21.28
C PHE C 800 -33.04 -42.69 -21.00
N ASN C 801 -33.29 -42.40 -19.73
CA ASN C 801 -34.28 -41.40 -19.33
C ASN C 801 -33.55 -40.13 -18.90
N PHE C 802 -33.14 -39.37 -19.90
CA PHE C 802 -32.35 -38.16 -19.68
C PHE C 802 -33.13 -36.98 -19.09
N SER C 803 -34.41 -37.16 -18.77
CA SER C 803 -35.33 -36.15 -18.29
C SER C 803 -34.78 -35.22 -17.23
N GLN C 804 -34.03 -35.75 -16.27
CA GLN C 804 -33.56 -34.89 -15.19
C GLN C 804 -32.52 -33.90 -15.68
N ILE C 805 -31.80 -34.24 -16.75
CA ILE C 805 -30.72 -33.41 -17.28
C ILE C 805 -31.09 -32.76 -18.60
N LEU C 806 -32.09 -33.28 -19.30
CA LEU C 806 -32.62 -32.57 -20.44
C LEU C 806 -33.17 -31.20 -20.03
N PRO C 807 -33.13 -30.21 -20.93
CA PRO C 807 -33.81 -28.95 -20.63
C PRO C 807 -35.29 -29.20 -20.44
N ASP C 808 -35.84 -28.56 -19.43
CA ASP C 808 -37.24 -28.79 -19.08
C ASP C 808 -38.16 -28.41 -20.24
N PRO C 809 -39.12 -29.26 -20.63
CA PRO C 809 -40.14 -28.80 -21.59
C PRO C 809 -40.95 -27.64 -21.06
N SER C 810 -41.18 -27.58 -19.76
CA SER C 810 -41.72 -26.37 -19.16
C SER C 810 -40.64 -25.30 -19.16
N LYS C 811 -39.60 -25.51 -18.35
CA LYS C 811 -38.45 -24.62 -18.15
C LYS C 811 -38.82 -23.13 -18.20
N PRO C 812 -39.64 -22.65 -17.25
CA PRO C 812 -39.90 -21.19 -17.16
C PRO C 812 -38.63 -20.39 -17.06
N SER C 813 -37.66 -20.93 -16.33
CA SER C 813 -36.26 -20.69 -16.59
C SER C 813 -35.74 -21.92 -17.31
N LYS C 814 -34.95 -21.68 -18.33
CA LYS C 814 -34.31 -22.78 -19.04
C LYS C 814 -33.34 -23.48 -18.10
N ARG C 815 -33.74 -24.64 -17.57
CA ARG C 815 -32.90 -25.41 -16.67
C ARG C 815 -33.15 -26.89 -16.87
N SER C 816 -32.12 -27.69 -16.64
CA SER C 816 -32.35 -29.07 -16.30
C SER C 816 -32.95 -29.14 -14.91
N PHE C 817 -33.62 -30.27 -14.65
CA PHE C 817 -34.16 -30.53 -13.32
C PHE C 817 -33.06 -30.45 -12.29
N ILE C 818 -31.93 -31.06 -12.63
CA ILE C 818 -30.71 -30.99 -11.83
C ILE C 818 -30.32 -29.55 -11.59
N GLU C 819 -30.30 -28.76 -12.66
CA GLU C 819 -29.96 -27.36 -12.53
C GLU C 819 -30.97 -26.62 -11.70
N ASP C 820 -32.24 -27.01 -11.79
CA ASP C 820 -33.24 -26.47 -10.88
C ASP C 820 -32.89 -26.78 -9.44
N LEU C 821 -32.44 -28.01 -9.15
CA LEU C 821 -31.95 -28.32 -7.81
C LEU C 821 -30.71 -27.50 -7.47
N LEU C 822 -29.73 -27.49 -8.37
CA LEU C 822 -28.44 -26.86 -8.08
C LEU C 822 -28.56 -25.40 -7.71
N PHE C 823 -29.24 -24.61 -8.55
CA PHE C 823 -29.36 -23.18 -8.25
C PHE C 823 -30.22 -22.84 -7.04
N ASN C 824 -30.81 -23.83 -6.38
CA ASN C 824 -31.47 -23.68 -5.10
C ASN C 824 -30.81 -24.53 -4.03
N LYS C 825 -30.01 -25.52 -4.42
CA LYS C 825 -29.14 -26.17 -3.46
C LYS C 825 -28.06 -25.20 -3.02
N VAL C 826 -27.53 -24.43 -3.96
CA VAL C 826 -26.64 -23.33 -3.62
C VAL C 826 -27.43 -22.22 -2.95
N THR C 827 -26.71 -21.31 -2.32
CA THR C 827 -27.28 -20.10 -1.75
C THR C 827 -26.31 -18.96 -1.97
N LEU C 828 -26.81 -17.75 -1.92
CA LEU C 828 -25.96 -16.56 -2.08
C LEU C 828 -24.98 -16.45 -0.92
N LYS C 854 -26.18 -3.86 -0.83
CA LYS C 854 -25.25 -4.55 0.06
C LYS C 854 -23.86 -3.87 0.14
N PHE C 855 -23.67 -2.75 -0.55
CA PHE C 855 -22.37 -2.08 -0.54
C PHE C 855 -22.55 -0.66 -1.04
N ASN C 856 -21.50 0.15 -0.84
CA ASN C 856 -21.46 1.48 -1.42
C ASN C 856 -20.00 1.82 -1.74
N GLY C 857 -19.82 2.68 -2.75
CA GLY C 857 -18.52 3.03 -3.27
C GLY C 857 -17.87 1.98 -4.16
N LEU C 858 -17.92 0.71 -3.75
CA LEU C 858 -17.62 -0.44 -4.58
C LEU C 858 -18.93 -1.08 -5.01
N THR C 859 -18.99 -1.49 -6.28
CA THR C 859 -20.21 -2.05 -6.85
C THR C 859 -19.89 -3.30 -7.65
N VAL C 860 -20.64 -4.36 -7.36
CA VAL C 860 -20.67 -5.53 -8.21
C VAL C 860 -21.33 -5.17 -9.52
N LEU C 861 -20.93 -5.87 -10.58
CA LEU C 861 -21.30 -5.56 -11.94
C LEU C 861 -21.75 -6.87 -12.60
N PRO C 862 -22.85 -6.86 -13.35
CA PRO C 862 -23.40 -8.12 -13.83
C PRO C 862 -22.52 -8.76 -14.88
N PRO C 863 -22.39 -10.09 -14.91
CA PRO C 863 -21.63 -10.73 -15.99
C PRO C 863 -22.30 -10.51 -17.33
N LEU C 864 -21.53 -10.85 -18.37
CA LEU C 864 -21.97 -10.57 -19.72
C LEU C 864 -23.22 -11.35 -20.11
N LEU C 865 -23.36 -12.59 -19.64
CA LEU C 865 -24.41 -13.49 -20.10
C LEU C 865 -25.23 -14.03 -18.95
N THR C 866 -26.54 -14.12 -19.16
CA THR C 866 -27.41 -14.73 -18.16
C THR C 866 -27.28 -16.24 -18.19
N ASP C 867 -27.40 -16.83 -17.01
CA ASP C 867 -27.48 -18.27 -16.84
C ASP C 867 -28.49 -18.95 -17.75
N GLU C 868 -29.62 -18.31 -18.04
CA GLU C 868 -30.61 -18.90 -18.92
C GLU C 868 -30.08 -19.19 -20.33
N MET C 869 -29.51 -18.19 -20.98
CA MET C 869 -29.00 -18.38 -22.33
C MET C 869 -27.82 -19.32 -22.32
N ILE C 870 -27.03 -19.29 -21.25
CA ILE C 870 -25.92 -20.22 -21.10
C ILE C 870 -26.44 -21.64 -21.02
N ALA C 871 -27.48 -21.84 -20.21
CA ALA C 871 -28.09 -23.14 -20.06
C ALA C 871 -28.69 -23.61 -21.36
N GLN C 872 -29.34 -22.70 -22.08
CA GLN C 872 -29.87 -22.99 -23.40
C GLN C 872 -28.78 -23.52 -24.30
N TYR C 873 -27.65 -22.80 -24.33
CA TYR C 873 -26.48 -23.21 -25.08
C TYR C 873 -26.05 -24.60 -24.68
N THR C 874 -25.95 -24.82 -23.38
CA THR C 874 -25.56 -26.12 -22.85
C THR C 874 -26.50 -27.21 -23.30
N SER C 875 -27.79 -26.94 -23.22
CA SER C 875 -28.79 -27.91 -23.64
C SER C 875 -28.60 -28.30 -25.10
N ALA C 876 -28.37 -27.30 -25.96
CA ALA C 876 -28.09 -27.61 -27.35
C ALA C 876 -26.84 -28.44 -27.52
N LEU C 877 -25.82 -28.19 -26.68
CA LEU C 877 -24.64 -29.02 -26.69
C LEU C 877 -24.98 -30.47 -26.38
N LEU C 878 -25.73 -30.67 -25.32
CA LEU C 878 -26.10 -32.02 -24.91
C LEU C 878 -26.93 -32.74 -25.98
N ALA C 879 -27.86 -32.02 -26.59
CA ALA C 879 -28.62 -32.56 -27.71
C ALA C 879 -27.68 -33.07 -28.79
N GLY C 880 -26.67 -32.26 -29.10
CA GLY C 880 -25.63 -32.69 -30.01
C GLY C 880 -24.96 -33.98 -29.56
N THR C 881 -24.59 -34.04 -28.28
CA THR C 881 -23.92 -35.23 -27.75
C THR C 881 -24.76 -36.46 -27.95
N ILE C 882 -26.02 -36.37 -27.57
CA ILE C 882 -26.84 -37.57 -27.56
C ILE C 882 -27.11 -37.99 -28.99
N THR C 883 -27.52 -37.06 -29.84
CA THR C 883 -27.87 -37.48 -31.18
C THR C 883 -26.63 -37.77 -32.01
N SER C 884 -25.75 -36.79 -32.14
CA SER C 884 -24.53 -36.86 -32.93
C SER C 884 -23.26 -37.32 -32.20
N GLY C 885 -23.13 -37.05 -30.92
CA GLY C 885 -21.83 -37.25 -30.28
C GLY C 885 -20.75 -36.38 -30.91
N TRP C 886 -19.52 -36.89 -30.92
CA TRP C 886 -18.35 -36.14 -31.38
C TRP C 886 -18.42 -35.50 -32.77
N THR C 887 -19.25 -35.99 -33.68
CA THR C 887 -19.38 -35.33 -34.98
C THR C 887 -19.84 -33.89 -34.89
N PHE C 888 -20.74 -33.55 -33.95
CA PHE C 888 -21.06 -32.13 -33.77
C PHE C 888 -19.83 -31.40 -33.25
N GLY C 889 -19.11 -32.02 -32.30
CA GLY C 889 -17.87 -31.44 -31.82
C GLY C 889 -16.90 -31.20 -32.95
N ALA C 890 -16.87 -32.13 -33.90
CA ALA C 890 -16.06 -31.93 -35.10
C ALA C 890 -16.60 -30.81 -36.02
N GLY C 891 -17.75 -30.20 -35.73
CA GLY C 891 -18.34 -29.18 -36.56
C GLY C 891 -19.06 -29.71 -37.78
N ALA C 892 -19.46 -30.99 -37.75
CA ALA C 892 -20.15 -31.66 -38.85
C ALA C 892 -21.10 -32.68 -38.23
N ALA C 893 -22.15 -32.18 -37.57
CA ALA C 893 -23.07 -33.05 -36.85
C ALA C 893 -23.76 -34.03 -37.80
N LEU C 894 -23.53 -35.31 -37.54
CA LEU C 894 -24.18 -36.41 -38.23
C LEU C 894 -25.18 -37.07 -37.30
N GLN C 895 -26.35 -37.40 -37.82
CA GLN C 895 -27.25 -38.23 -37.06
C GLN C 895 -26.63 -39.62 -36.95
N ILE C 896 -26.90 -40.27 -35.83
CA ILE C 896 -26.55 -41.67 -35.67
C ILE C 896 -27.51 -42.28 -34.66
N PRO C 897 -27.91 -43.54 -34.79
CA PRO C 897 -28.71 -44.15 -33.72
C PRO C 897 -27.85 -44.39 -32.49
N PHE C 898 -28.38 -43.93 -31.35
CA PHE C 898 -27.61 -43.69 -30.13
C PHE C 898 -26.84 -44.92 -29.65
N ALA C 899 -27.46 -46.10 -29.79
CA ALA C 899 -26.83 -47.35 -29.41
C ALA C 899 -25.56 -47.60 -30.19
N MET C 900 -25.52 -47.17 -31.44
CA MET C 900 -24.31 -47.33 -32.22
C MET C 900 -23.18 -46.51 -31.63
N GLN C 901 -23.49 -45.28 -31.19
CA GLN C 901 -22.50 -44.46 -30.51
C GLN C 901 -21.99 -45.16 -29.27
N MET C 902 -22.88 -45.73 -28.48
CA MET C 902 -22.42 -46.41 -27.27
C MET C 902 -21.65 -47.67 -27.59
N ALA C 903 -22.02 -48.37 -28.66
CA ALA C 903 -21.23 -49.50 -29.11
C ALA C 903 -19.80 -49.09 -29.47
N TYR C 904 -19.65 -48.01 -30.23
CA TYR C 904 -18.31 -47.48 -30.46
C TYR C 904 -17.61 -47.08 -29.17
N ARG C 905 -18.34 -46.53 -28.21
CA ARG C 905 -17.72 -46.21 -26.94
C ARG C 905 -17.20 -47.45 -26.25
N PHE C 906 -17.98 -48.52 -26.27
CA PHE C 906 -17.53 -49.78 -25.70
C PHE C 906 -16.32 -50.30 -26.47
N ASN C 907 -16.43 -50.29 -27.80
CA ASN C 907 -15.33 -50.63 -28.68
C ASN C 907 -14.17 -49.67 -28.51
N GLY C 908 -14.43 -48.45 -28.03
CA GLY C 908 -13.35 -47.58 -27.66
C GLY C 908 -12.51 -48.14 -26.53
N ILE C 909 -13.14 -48.88 -25.62
CA ILE C 909 -12.43 -49.66 -24.60
C ILE C 909 -12.10 -51.05 -25.15
N GLY C 910 -12.26 -51.26 -26.47
CA GLY C 910 -12.11 -52.56 -27.05
C GLY C 910 -13.20 -53.54 -26.71
N VAL C 911 -14.22 -53.14 -25.96
CA VAL C 911 -15.26 -54.05 -25.57
C VAL C 911 -16.09 -54.42 -26.78
N THR C 912 -16.34 -55.71 -26.96
CA THR C 912 -17.15 -56.17 -28.08
C THR C 912 -18.60 -55.82 -27.85
N GLN C 913 -19.22 -55.24 -28.86
CA GLN C 913 -20.51 -54.59 -28.66
C GLN C 913 -21.65 -55.57 -28.46
N ASN C 914 -21.45 -56.85 -28.77
CA ASN C 914 -22.36 -57.88 -28.29
C ASN C 914 -22.52 -57.87 -26.78
N VAL C 915 -21.52 -57.41 -26.05
CA VAL C 915 -21.64 -57.23 -24.62
C VAL C 915 -22.75 -56.24 -24.31
N LEU C 916 -22.73 -55.10 -25.00
CA LEU C 916 -23.79 -54.11 -24.86
C LEU C 916 -25.13 -54.74 -25.22
N TYR C 917 -25.20 -55.27 -26.43
CA TYR C 917 -26.48 -55.73 -26.95
C TYR C 917 -26.93 -57.01 -26.29
N GLU C 918 -26.02 -57.77 -25.70
CA GLU C 918 -26.48 -58.87 -24.84
C GLU C 918 -27.18 -58.37 -23.58
N ASN C 919 -27.00 -57.09 -23.20
CA ASN C 919 -27.38 -56.58 -21.88
C ASN C 919 -28.06 -55.23 -21.94
N GLN C 920 -28.46 -54.78 -23.14
CA GLN C 920 -28.83 -53.39 -23.41
C GLN C 920 -29.89 -52.87 -22.45
N LYS C 921 -30.98 -53.61 -22.31
CA LYS C 921 -32.04 -53.21 -21.40
C LYS C 921 -31.54 -53.18 -19.97
N LEU C 922 -30.72 -54.16 -19.62
CA LEU C 922 -30.18 -54.24 -18.27
C LEU C 922 -29.25 -53.08 -18.00
N ILE C 923 -28.41 -52.79 -18.99
CA ILE C 923 -27.50 -51.65 -18.93
C ILE C 923 -28.28 -50.38 -18.71
N ALA C 924 -29.33 -50.21 -19.52
CA ALA C 924 -30.19 -49.04 -19.42
C ALA C 924 -30.78 -48.91 -18.04
N ASN C 925 -31.31 -50.01 -17.51
CA ASN C 925 -31.91 -50.00 -16.17
C ASN C 925 -30.91 -49.57 -15.12
N GLN C 926 -29.73 -50.19 -15.12
CA GLN C 926 -28.71 -49.85 -14.14
C GLN C 926 -28.28 -48.41 -14.30
N PHE C 927 -28.13 -47.98 -15.54
CA PHE C 927 -27.83 -46.58 -15.84
C PHE C 927 -28.84 -45.65 -15.22
N ASN C 928 -30.12 -45.87 -15.53
CA ASN C 928 -31.21 -45.05 -15.02
C ASN C 928 -31.18 -45.00 -13.52
N SER C 929 -30.95 -46.16 -12.91
CA SER C 929 -30.86 -46.26 -11.47
C SER C 929 -29.73 -45.41 -10.94
N ALA C 930 -28.59 -45.47 -11.61
CA ALA C 930 -27.45 -44.66 -11.20
C ALA C 930 -27.73 -43.18 -11.35
N ILE C 931 -28.44 -42.78 -12.39
CA ILE C 931 -28.85 -41.39 -12.50
C ILE C 931 -29.77 -41.00 -11.36
N GLY C 932 -30.69 -41.88 -11.00
CA GLY C 932 -31.52 -41.65 -9.83
C GLY C 932 -30.69 -41.44 -8.57
N LYS C 933 -29.71 -42.31 -8.37
CA LYS C 933 -28.76 -42.14 -7.27
C LYS C 933 -28.01 -40.83 -7.36
N ILE C 934 -27.67 -40.42 -8.57
CA ILE C 934 -27.01 -39.14 -8.79
C ILE C 934 -27.88 -37.99 -8.32
N GLN C 935 -29.14 -38.00 -8.70
CA GLN C 935 -30.06 -36.96 -8.22
C GLN C 935 -30.25 -37.05 -6.72
N ASP C 936 -30.27 -38.26 -6.18
CA ASP C 936 -30.28 -38.46 -4.75
C ASP C 936 -29.08 -37.79 -4.09
N SER C 937 -27.91 -37.99 -4.68
CA SER C 937 -26.72 -37.28 -4.22
C SER C 937 -26.86 -35.78 -4.34
N LEU C 938 -27.50 -35.33 -5.42
CA LEU C 938 -27.72 -33.90 -5.62
C LEU C 938 -28.57 -33.31 -4.52
N SER C 939 -29.58 -34.03 -4.07
CA SER C 939 -30.35 -33.59 -2.91
C SER C 939 -29.55 -33.74 -1.62
N SER C 940 -28.87 -34.86 -1.46
CA SER C 940 -28.21 -35.22 -0.21
C SER C 940 -26.95 -34.42 0.06
N THR C 941 -26.06 -34.30 -0.94
CA THR C 941 -24.67 -33.95 -0.68
C THR C 941 -24.47 -32.44 -0.46
N ALA C 942 -25.10 -31.97 0.62
CA ALA C 942 -25.11 -30.54 0.96
C ALA C 942 -23.71 -29.95 1.10
N SER C 943 -22.76 -30.76 1.60
CA SER C 943 -21.38 -30.30 1.71
C SER C 943 -20.66 -30.22 0.37
N ALA C 944 -21.01 -31.08 -0.59
CA ALA C 944 -20.25 -31.17 -1.84
C ALA C 944 -20.31 -29.90 -2.66
N LEU C 945 -21.34 -29.08 -2.49
CA LEU C 945 -21.40 -27.78 -3.14
C LEU C 945 -20.27 -26.84 -2.73
N GLY C 946 -19.63 -27.08 -1.57
CA GLY C 946 -18.62 -26.19 -1.03
C GLY C 946 -17.48 -25.86 -1.97
N LYS C 947 -17.10 -26.81 -2.84
CA LYS C 947 -16.03 -26.61 -3.82
C LYS C 947 -16.24 -25.38 -4.70
N LEU C 948 -17.49 -24.99 -4.93
CA LEU C 948 -17.84 -23.72 -5.55
C LEU C 948 -18.26 -22.71 -4.50
N GLN C 949 -19.18 -23.10 -3.62
CA GLN C 949 -19.81 -22.16 -2.71
C GLN C 949 -18.75 -21.49 -1.84
N ASP C 950 -17.75 -22.25 -1.40
CA ASP C 950 -16.69 -21.70 -0.57
C ASP C 950 -15.93 -20.60 -1.29
N VAL C 951 -15.51 -20.83 -2.53
CA VAL C 951 -14.76 -19.79 -3.24
C VAL C 951 -15.62 -18.56 -3.45
N VAL C 952 -16.91 -18.78 -3.72
CA VAL C 952 -17.84 -17.65 -3.81
C VAL C 952 -17.84 -16.86 -2.52
N ASN C 953 -17.99 -17.58 -1.40
CA ASN C 953 -17.99 -16.97 -0.08
C ASN C 953 -16.69 -16.23 0.17
N GLN C 954 -15.58 -16.85 -0.20
CA GLN C 954 -14.27 -16.26 0.00
C GLN C 954 -14.16 -14.94 -0.72
N ASN C 955 -14.55 -14.92 -1.99
CA ASN C 955 -14.50 -13.68 -2.76
C ASN C 955 -15.37 -12.60 -2.11
N ALA C 956 -16.61 -12.96 -1.77
CA ALA C 956 -17.53 -12.00 -1.19
C ALA C 956 -17.05 -11.44 0.15
N GLN C 957 -16.67 -12.33 1.07
CA GLN C 957 -16.23 -11.86 2.38
C GLN C 957 -14.93 -11.08 2.26
N ALA C 958 -14.05 -11.50 1.37
CA ALA C 958 -12.79 -10.79 1.15
C ALA C 958 -13.08 -9.36 0.74
N LEU C 959 -13.97 -9.20 -0.23
CA LEU C 959 -14.44 -7.88 -0.61
C LEU C 959 -15.01 -7.12 0.58
N ASN C 960 -15.88 -7.77 1.33
CA ASN C 960 -16.53 -7.18 2.49
C ASN C 960 -15.55 -6.63 3.52
N THR C 961 -14.47 -7.35 3.76
CA THR C 961 -13.49 -6.94 4.76
C THR C 961 -12.87 -5.58 4.47
N LEU C 962 -12.75 -5.21 3.20
CA LEU C 962 -12.20 -3.90 2.91
C LEU C 962 -13.14 -2.81 3.39
N VAL C 963 -14.42 -3.00 3.15
CA VAL C 963 -15.43 -2.09 3.67
C VAL C 963 -15.37 -2.09 5.18
N LYS C 964 -15.14 -3.27 5.75
CA LYS C 964 -14.90 -3.38 7.18
C LYS C 964 -13.72 -2.52 7.60
N GLN C 965 -12.56 -2.74 6.98
CA GLN C 965 -11.36 -1.99 7.34
C GLN C 965 -11.53 -0.49 7.17
N LEU C 966 -12.24 -0.08 6.11
CA LEU C 966 -12.48 1.33 5.83
C LEU C 966 -13.09 2.10 6.99
N SER C 967 -13.85 1.44 7.84
CA SER C 967 -14.40 2.11 9.01
C SER C 967 -13.33 2.54 10.01
N SER C 968 -12.12 2.00 9.93
CA SER C 968 -11.13 2.31 10.96
C SER C 968 -10.68 3.76 10.87
N ASN C 969 -10.30 4.29 12.02
CA ASN C 969 -9.60 5.57 12.09
C ASN C 969 -8.16 5.49 11.59
N PHE C 970 -7.54 4.31 11.61
CA PHE C 970 -6.15 4.14 11.17
C PHE C 970 -5.19 5.08 11.90
N GLY C 971 -5.47 5.37 13.15
CA GLY C 971 -4.62 6.24 13.93
C GLY C 971 -4.62 7.68 13.51
N ALA C 972 -5.49 8.10 12.60
CA ALA C 972 -5.76 9.51 12.38
C ALA C 972 -6.53 10.06 13.59
N ILE C 973 -7.05 11.28 13.46
CA ILE C 973 -7.89 11.82 14.52
C ILE C 973 -9.21 11.02 14.62
N SER C 974 -9.91 10.83 13.50
CA SER C 974 -11.06 9.94 13.49
C SER C 974 -11.41 9.58 12.05
N SER C 975 -12.21 8.52 11.90
CA SER C 975 -12.44 7.94 10.58
C SER C 975 -13.42 8.72 9.69
N VAL C 976 -14.37 9.46 10.25
CA VAL C 976 -15.40 10.09 9.42
C VAL C 976 -14.86 11.30 8.70
N LEU C 977 -14.08 11.04 7.64
CA LEU C 977 -13.19 12.00 6.95
C LEU C 977 -13.84 13.35 6.70
N ASN C 978 -15.09 13.33 6.25
CA ASN C 978 -15.80 14.57 6.00
C ASN C 978 -16.00 15.37 7.28
N ASP C 979 -16.41 14.71 8.36
CA ASP C 979 -16.56 15.43 9.63
C ASP C 979 -15.24 15.98 10.18
N ILE C 980 -14.14 15.27 9.92
CA ILE C 980 -12.84 15.78 10.33
C ILE C 980 -12.44 16.97 9.46
N LEU C 981 -12.62 16.86 8.15
CA LEU C 981 -12.42 18.01 7.28
C LEU C 981 -13.27 19.19 7.73
N SER C 982 -14.50 18.91 8.15
CA SER C 982 -15.40 19.95 8.64
C SER C 982 -14.81 20.67 9.85
N ARG C 983 -14.33 19.94 10.86
CA ARG C 983 -13.87 20.67 12.04
C ARG C 983 -12.50 21.32 11.89
N LEU C 984 -11.59 20.76 11.09
CA LEU C 984 -10.22 21.25 11.12
C LEU C 984 -10.06 22.63 10.50
N ASP C 985 -8.91 23.23 10.80
CA ASP C 985 -8.28 24.27 10.03
C ASP C 985 -7.42 23.62 8.94
N PRO C 986 -7.25 24.30 7.80
CA PRO C 986 -6.65 23.68 6.60
C PRO C 986 -5.31 22.98 6.79
N PRO C 987 -4.36 23.52 7.58
CA PRO C 987 -3.04 22.87 7.58
C PRO C 987 -3.07 21.51 8.23
N GLU C 988 -3.63 21.49 9.42
CA GLU C 988 -3.81 20.24 10.12
C GLU C 988 -4.76 19.35 9.36
N ALA C 989 -5.71 19.93 8.64
CA ALA C 989 -6.54 19.15 7.76
C ALA C 989 -5.70 18.43 6.72
N GLU C 990 -4.80 19.17 6.09
CA GLU C 990 -3.89 18.59 5.12
C GLU C 990 -3.04 17.48 5.72
N VAL C 991 -2.56 17.71 6.94
CA VAL C 991 -1.80 16.68 7.65
C VAL C 991 -2.63 15.43 7.89
N GLN C 992 -3.80 15.60 8.46
CA GLN C 992 -4.64 14.46 8.81
C GLN C 992 -5.10 13.66 7.61
N ILE C 993 -5.38 14.34 6.50
CA ILE C 993 -5.83 13.69 5.27
C ILE C 993 -4.88 12.59 4.83
N ASP C 994 -3.57 12.86 4.89
CA ASP C 994 -2.53 11.91 4.50
C ASP C 994 -2.68 10.55 5.16
N ARG C 995 -3.06 10.55 6.43
CA ARG C 995 -3.20 9.32 7.20
C ARG C 995 -4.21 8.36 6.54
N LEU C 996 -5.40 8.88 6.26
CA LEU C 996 -6.40 8.06 5.59
C LEU C 996 -5.94 7.69 4.21
N ILE C 997 -5.37 8.65 3.48
CA ILE C 997 -4.97 8.41 2.10
C ILE C 997 -4.03 7.22 2.02
N THR C 998 -2.97 7.23 2.82
CA THR C 998 -2.00 6.14 2.76
C THR C 998 -2.63 4.82 3.19
N GLY C 999 -3.41 4.81 4.27
CA GLY C 999 -4.04 3.57 4.70
C GLY C 999 -4.99 3.01 3.66
N ARG C 1000 -5.88 3.85 3.16
CA ARG C 1000 -6.87 3.46 2.16
C ARG C 1000 -6.21 2.96 0.89
N LEU C 1001 -5.16 3.65 0.44
CA LEU C 1001 -4.45 3.25 -0.76
C LEU C 1001 -3.85 1.87 -0.59
N GLN C 1002 -3.06 1.69 0.47
CA GLN C 1002 -2.38 0.43 0.73
C GLN C 1002 -3.37 -0.71 0.78
N SER C 1003 -4.44 -0.52 1.53
CA SER C 1003 -5.39 -1.58 1.75
C SER C 1003 -6.14 -1.93 0.48
N LEU C 1004 -6.54 -0.91 -0.28
CA LEU C 1004 -7.22 -1.14 -1.54
C LEU C 1004 -6.34 -1.92 -2.49
N GLN C 1005 -5.10 -1.49 -2.64
CA GLN C 1005 -4.15 -2.17 -3.50
C GLN C 1005 -3.98 -3.62 -3.06
N THR C 1006 -3.90 -3.81 -1.76
CA THR C 1006 -3.76 -5.14 -1.21
C THR C 1006 -4.90 -6.03 -1.64
N TYR C 1007 -6.13 -5.56 -1.44
CA TYR C 1007 -7.31 -6.30 -1.86
C TYR C 1007 -7.26 -6.68 -3.32
N VAL C 1008 -6.94 -5.69 -4.15
CA VAL C 1008 -6.78 -5.93 -5.58
C VAL C 1008 -5.73 -7.00 -5.85
N THR C 1009 -4.65 -7.00 -5.07
CA THR C 1009 -3.63 -8.03 -5.22
C THR C 1009 -4.19 -9.42 -4.98
N GLN C 1010 -4.98 -9.57 -3.92
CA GLN C 1010 -5.64 -10.86 -3.66
C GLN C 1010 -6.53 -11.25 -4.83
N GLN C 1011 -7.26 -10.29 -5.37
CA GLN C 1011 -8.10 -10.57 -6.51
C GLN C 1011 -7.29 -11.02 -7.71
N LEU C 1012 -6.13 -10.41 -7.93
CA LEU C 1012 -5.24 -10.86 -9.00
C LEU C 1012 -4.85 -12.31 -8.81
N ILE C 1013 -4.46 -12.65 -7.60
CA ILE C 1013 -4.06 -14.02 -7.28
C ILE C 1013 -5.18 -14.99 -7.58
N ARG C 1014 -6.36 -14.67 -7.06
CA ARG C 1014 -7.54 -15.48 -7.27
C ARG C 1014 -7.85 -15.60 -8.76
N ALA C 1015 -7.79 -14.49 -9.46
CA ALA C 1015 -8.08 -14.48 -10.89
C ALA C 1015 -7.14 -15.37 -11.68
N ALA C 1016 -5.85 -15.34 -11.35
CA ALA C 1016 -4.92 -16.24 -12.01
C ALA C 1016 -5.24 -17.70 -11.78
N GLU C 1017 -5.46 -18.09 -10.53
CA GLU C 1017 -5.81 -19.48 -10.24
C GLU C 1017 -7.10 -19.87 -10.92
N ILE C 1018 -8.11 -19.00 -10.86
CA ILE C 1018 -9.38 -19.24 -11.53
C ILE C 1018 -9.17 -19.42 -13.01
N ARG C 1019 -8.33 -18.59 -13.62
CA ARG C 1019 -8.02 -18.71 -15.03
C ARG C 1019 -7.51 -20.10 -15.35
N ALA C 1020 -6.52 -20.56 -14.58
CA ALA C 1020 -5.99 -21.91 -14.73
C ALA C 1020 -7.08 -22.96 -14.58
N SER C 1021 -7.92 -22.79 -13.56
CA SER C 1021 -9.05 -23.67 -13.33
C SER C 1021 -9.98 -23.71 -14.53
N ALA C 1022 -10.28 -22.54 -15.08
CA ALA C 1022 -11.15 -22.46 -16.24
C ALA C 1022 -10.55 -23.18 -17.43
N ASN C 1023 -9.25 -23.02 -17.62
CA ASN C 1023 -8.57 -23.67 -18.74
C ASN C 1023 -8.65 -25.18 -18.59
N LEU C 1024 -8.37 -25.65 -17.38
CA LEU C 1024 -8.56 -27.04 -17.01
C LEU C 1024 -9.97 -27.49 -17.30
N ALA C 1025 -10.94 -26.70 -16.87
CA ALA C 1025 -12.34 -27.06 -17.05
C ALA C 1025 -12.72 -27.19 -18.51
N ALA C 1026 -12.38 -26.19 -19.30
CA ALA C 1026 -12.71 -26.18 -20.73
C ALA C 1026 -12.08 -27.37 -21.42
N THR C 1027 -10.83 -27.63 -21.10
CA THR C 1027 -10.12 -28.75 -21.70
C THR C 1027 -10.75 -30.08 -21.30
N LYS C 1028 -10.95 -30.27 -19.99
CA LYS C 1028 -11.57 -31.48 -19.48
C LYS C 1028 -12.94 -31.71 -20.09
N MET C 1029 -13.75 -30.66 -20.12
CA MET C 1029 -15.05 -30.70 -20.75
C MET C 1029 -14.92 -31.17 -22.18
N SER C 1030 -14.02 -30.52 -22.91
CA SER C 1030 -13.83 -30.81 -24.32
C SER C 1030 -13.52 -32.28 -24.54
N GLU C 1031 -12.54 -32.77 -23.78
CA GLU C 1031 -12.14 -34.17 -23.83
C GLU C 1031 -13.29 -35.10 -23.47
N CYS C 1032 -13.79 -35.00 -22.25
CA CYS C 1032 -14.66 -36.05 -21.74
C CYS C 1032 -16.06 -35.98 -22.33
N VAL C 1033 -16.54 -34.78 -22.64
CA VAL C 1033 -17.87 -34.66 -23.21
C VAL C 1033 -17.82 -34.92 -24.69
N LEU C 1034 -16.95 -34.21 -25.38
CA LEU C 1034 -17.05 -34.23 -26.83
C LEU C 1034 -16.38 -35.46 -27.40
N GLY C 1035 -15.27 -35.90 -26.81
CA GLY C 1035 -14.59 -37.11 -27.23
C GLY C 1035 -14.67 -38.16 -26.15
N GLN C 1036 -13.71 -39.10 -26.15
CA GLN C 1036 -13.68 -40.15 -25.12
C GLN C 1036 -12.22 -40.47 -24.82
N SER C 1037 -11.68 -39.79 -23.82
CA SER C 1037 -10.26 -39.87 -23.53
C SER C 1037 -9.85 -41.25 -23.05
N LYS C 1038 -8.70 -41.70 -23.51
CA LYS C 1038 -8.03 -42.84 -22.90
C LYS C 1038 -7.30 -42.46 -21.63
N ARG C 1039 -7.20 -41.18 -21.29
CA ARG C 1039 -6.37 -40.73 -20.19
C ARG C 1039 -7.01 -41.14 -18.85
N VAL C 1040 -6.23 -41.89 -18.06
CA VAL C 1040 -6.75 -42.81 -17.04
C VAL C 1040 -7.63 -42.11 -16.01
N ASP C 1041 -7.06 -41.17 -15.28
CA ASP C 1041 -7.83 -40.46 -14.25
C ASP C 1041 -8.66 -39.32 -14.78
N PHE C 1042 -8.64 -39.10 -16.09
CA PHE C 1042 -8.87 -37.77 -16.62
C PHE C 1042 -10.33 -37.39 -16.45
N CYS C 1043 -11.23 -38.29 -16.83
CA CYS C 1043 -12.66 -38.15 -16.59
C CYS C 1043 -13.07 -38.84 -15.31
N GLY C 1044 -12.23 -38.78 -14.30
CA GLY C 1044 -12.47 -39.51 -13.07
C GLY C 1044 -12.24 -41.01 -13.17
N LYS C 1045 -12.68 -41.68 -12.11
CA LYS C 1045 -12.57 -43.12 -11.98
C LYS C 1045 -13.51 -43.86 -12.94
N GLY C 1046 -13.23 -45.14 -13.12
CA GLY C 1046 -13.93 -45.96 -14.09
C GLY C 1046 -13.46 -45.67 -15.50
N TYR C 1047 -13.68 -46.65 -16.39
CA TYR C 1047 -13.29 -46.48 -17.77
C TYR C 1047 -14.29 -45.56 -18.43
N HIS C 1048 -13.83 -44.36 -18.74
CA HIS C 1048 -14.65 -43.28 -19.23
C HIS C 1048 -15.40 -43.65 -20.50
N LEU C 1049 -16.67 -43.27 -20.53
CA LEU C 1049 -17.52 -43.48 -21.69
C LEU C 1049 -17.93 -42.16 -22.33
N MET C 1050 -18.50 -41.27 -21.53
CA MET C 1050 -18.92 -39.96 -21.97
C MET C 1050 -19.12 -39.15 -20.71
N SER C 1051 -19.37 -37.85 -20.88
CA SER C 1051 -19.81 -37.02 -19.79
C SER C 1051 -20.91 -36.06 -20.19
N PHE C 1052 -21.73 -35.68 -19.19
CA PHE C 1052 -22.69 -34.61 -19.31
C PHE C 1052 -22.19 -33.42 -18.52
N PRO C 1053 -22.08 -32.22 -19.08
CA PRO C 1053 -21.88 -31.03 -18.25
C PRO C 1053 -23.20 -30.50 -17.72
N GLN C 1054 -23.10 -29.73 -16.63
CA GLN C 1054 -24.21 -28.93 -16.14
C GLN C 1054 -23.67 -27.59 -15.67
N SER C 1055 -24.43 -26.53 -15.93
CA SER C 1055 -24.06 -25.19 -15.50
C SER C 1055 -24.21 -25.04 -14.00
N ALA C 1056 -23.44 -24.12 -13.42
CA ALA C 1056 -23.53 -23.80 -12.01
C ALA C 1056 -23.22 -22.32 -11.81
N PRO C 1057 -23.62 -21.73 -10.67
CA PRO C 1057 -23.65 -20.25 -10.52
C PRO C 1057 -22.35 -19.54 -10.81
N HIS C 1058 -21.22 -20.18 -10.56
CA HIS C 1058 -19.92 -19.64 -10.96
C HIS C 1058 -19.04 -20.76 -11.50
N GLY C 1059 -19.64 -21.83 -12.00
CA GLY C 1059 -18.89 -23.01 -12.31
C GLY C 1059 -19.75 -23.94 -13.13
N VAL C 1060 -19.39 -25.22 -13.12
CA VAL C 1060 -20.22 -26.23 -13.74
C VAL C 1060 -19.97 -27.57 -13.10
N VAL C 1061 -20.90 -28.50 -13.33
CA VAL C 1061 -20.82 -29.87 -12.86
C VAL C 1061 -20.71 -30.75 -14.08
N PHE C 1062 -20.01 -31.88 -13.92
CA PHE C 1062 -19.52 -32.69 -15.03
C PHE C 1062 -19.70 -34.15 -14.66
N LEU C 1063 -20.76 -34.73 -15.20
CA LEU C 1063 -21.19 -36.07 -14.87
C LEU C 1063 -20.57 -37.00 -15.89
N HIS C 1064 -19.29 -37.34 -15.67
CA HIS C 1064 -18.72 -38.46 -16.41
C HIS C 1064 -19.46 -39.73 -16.04
N VAL C 1065 -19.63 -40.59 -17.03
CA VAL C 1065 -20.17 -41.93 -16.85
C VAL C 1065 -19.18 -42.90 -17.44
N THR C 1066 -18.99 -44.02 -16.74
CA THR C 1066 -17.92 -44.94 -17.03
C THR C 1066 -18.38 -46.37 -16.80
N TYR C 1067 -17.65 -47.28 -17.40
CA TYR C 1067 -17.67 -48.67 -17.00
C TYR C 1067 -17.10 -48.82 -15.60
N VAL C 1068 -17.58 -49.83 -14.88
CA VAL C 1068 -16.82 -50.38 -13.75
C VAL C 1068 -16.90 -51.91 -13.77
N PRO C 1069 -15.83 -52.57 -13.31
CA PRO C 1069 -15.80 -54.03 -13.31
C PRO C 1069 -16.66 -54.63 -12.23
N ALA C 1070 -16.93 -55.94 -12.39
CA ALA C 1070 -17.57 -56.69 -11.32
C ALA C 1070 -17.29 -58.18 -11.47
N GLN C 1071 -17.59 -58.91 -10.39
CA GLN C 1071 -17.90 -60.34 -10.40
C GLN C 1071 -16.77 -61.18 -11.04
N GLU C 1072 -15.66 -61.22 -10.32
CA GLU C 1072 -14.40 -61.69 -10.85
C GLU C 1072 -14.23 -63.19 -10.58
N LYS C 1073 -13.28 -63.81 -11.27
CA LYS C 1073 -12.89 -65.19 -10.94
C LYS C 1073 -11.43 -65.42 -11.31
N ASN C 1074 -10.80 -66.38 -10.62
CA ASN C 1074 -9.46 -66.82 -10.98
C ASN C 1074 -9.52 -67.71 -12.20
N PHE C 1075 -8.52 -67.59 -13.06
CA PHE C 1075 -8.33 -68.54 -14.15
C PHE C 1075 -6.86 -68.75 -14.41
N THR C 1076 -6.57 -69.92 -14.97
CA THR C 1076 -5.24 -70.26 -15.44
C THR C 1076 -4.99 -69.67 -16.82
N THR C 1077 -3.72 -69.42 -17.09
CA THR C 1077 -3.31 -68.84 -18.35
C THR C 1077 -1.83 -69.13 -18.56
N ALA C 1078 -1.40 -68.97 -19.81
CA ALA C 1078 0.00 -69.02 -20.20
C ALA C 1078 0.22 -68.00 -21.29
N PRO C 1079 1.45 -67.49 -21.46
CA PRO C 1079 1.70 -66.55 -22.55
C PRO C 1079 1.37 -67.03 -23.96
N ALA C 1080 1.48 -68.32 -24.23
CA ALA C 1080 1.29 -68.80 -25.60
C ALA C 1080 0.97 -70.29 -25.59
N ILE C 1081 0.59 -70.78 -26.76
CA ILE C 1081 0.50 -72.22 -27.01
C ILE C 1081 1.33 -72.49 -28.26
N CYS C 1082 1.99 -73.65 -28.26
CA CYS C 1082 2.56 -74.24 -29.46
C CYS C 1082 1.68 -75.40 -29.93
N HIS C 1083 1.39 -75.40 -31.23
CA HIS C 1083 0.51 -76.34 -31.89
C HIS C 1083 1.07 -76.61 -33.28
N ASP C 1084 0.95 -77.85 -33.73
CA ASP C 1084 1.55 -78.31 -34.98
C ASP C 1084 3.06 -78.04 -35.05
N GLY C 1085 3.73 -78.04 -33.89
CA GLY C 1085 5.14 -77.72 -33.86
C GLY C 1085 5.48 -76.28 -34.14
N LYS C 1086 4.50 -75.38 -34.13
CA LYS C 1086 4.69 -73.95 -34.32
C LYS C 1086 4.07 -73.26 -33.14
N ALA C 1087 4.58 -72.08 -32.81
CA ALA C 1087 4.08 -71.28 -31.70
C ALA C 1087 2.97 -70.32 -32.11
N HIS C 1088 2.12 -69.98 -31.14
CA HIS C 1088 0.86 -69.27 -31.39
C HIS C 1088 0.54 -68.39 -30.21
N PHE C 1089 -0.25 -67.35 -30.49
CA PHE C 1089 -0.37 -66.18 -29.65
C PHE C 1089 -1.81 -65.67 -29.65
N PRO C 1090 -2.26 -65.02 -28.57
CA PRO C 1090 -3.61 -64.47 -28.57
C PRO C 1090 -3.74 -63.22 -29.42
N ARG C 1091 -4.49 -63.33 -30.49
CA ARG C 1091 -4.75 -62.17 -31.34
C ARG C 1091 -5.66 -61.21 -30.59
N GLU C 1092 -5.08 -60.13 -30.09
CA GLU C 1092 -5.80 -59.08 -29.36
C GLU C 1092 -6.60 -59.60 -28.16
N GLY C 1093 -6.05 -60.55 -27.41
CA GLY C 1093 -6.82 -61.12 -26.32
C GLY C 1093 -6.01 -61.88 -25.28
N VAL C 1094 -6.54 -63.00 -24.79
CA VAL C 1094 -5.83 -63.81 -23.82
C VAL C 1094 -6.30 -65.25 -23.89
N PHE C 1095 -5.35 -66.18 -23.87
CA PHE C 1095 -5.63 -67.61 -23.71
C PHE C 1095 -5.96 -67.91 -22.26
N VAL C 1096 -6.98 -68.73 -22.03
CA VAL C 1096 -7.41 -69.07 -20.67
C VAL C 1096 -7.95 -70.49 -20.59
N SER C 1097 -7.91 -71.02 -19.38
CA SER C 1097 -8.40 -72.36 -19.13
C SER C 1097 -8.69 -72.56 -17.66
N ASN C 1098 -9.38 -73.66 -17.38
CA ASN C 1098 -9.24 -74.40 -16.14
C ASN C 1098 -8.58 -75.76 -16.36
N GLY C 1099 -8.08 -76.03 -17.57
CA GLY C 1099 -7.46 -77.28 -17.92
C GLY C 1099 -8.44 -78.40 -18.23
N THR C 1100 -9.68 -78.33 -17.75
CA THR C 1100 -10.75 -79.08 -18.38
C THR C 1100 -10.95 -78.64 -19.82
N HIS C 1101 -10.97 -77.34 -20.06
CA HIS C 1101 -11.10 -76.78 -21.40
C HIS C 1101 -10.12 -75.61 -21.54
N TRP C 1102 -10.02 -75.11 -22.77
CA TRP C 1102 -9.15 -74.00 -23.12
C TRP C 1102 -9.88 -73.07 -24.06
N PHE C 1103 -9.67 -71.76 -23.88
CA PHE C 1103 -10.36 -70.74 -24.67
C PHE C 1103 -9.49 -69.52 -24.79
N VAL C 1104 -9.88 -68.64 -25.72
CA VAL C 1104 -9.53 -67.23 -25.64
C VAL C 1104 -10.64 -66.47 -24.93
N THR C 1105 -10.30 -65.30 -24.36
CA THR C 1105 -11.25 -64.21 -24.14
C THR C 1105 -10.63 -62.89 -24.60
N GLN C 1106 -11.52 -61.91 -24.75
CA GLN C 1106 -11.08 -60.53 -24.88
C GLN C 1106 -10.28 -60.12 -23.66
N ARG C 1107 -9.41 -59.14 -23.89
CA ARG C 1107 -8.29 -58.85 -23.01
C ARG C 1107 -8.70 -58.41 -21.62
N ASN C 1108 -9.96 -58.01 -21.38
CA ASN C 1108 -10.40 -57.48 -20.09
C ASN C 1108 -11.74 -58.01 -19.61
N PHE C 1109 -12.34 -58.98 -20.27
CA PHE C 1109 -13.62 -59.52 -19.83
C PHE C 1109 -13.73 -60.98 -20.20
N TYR C 1110 -14.37 -61.74 -19.33
CA TYR C 1110 -14.57 -63.16 -19.57
C TYR C 1110 -15.63 -63.33 -20.63
N GLU C 1111 -15.24 -63.87 -21.75
CA GLU C 1111 -16.15 -64.37 -22.74
C GLU C 1111 -15.38 -65.39 -23.56
N PRO C 1112 -15.75 -66.67 -23.56
CA PRO C 1112 -14.86 -67.66 -24.15
C PRO C 1112 -14.97 -67.68 -25.65
N GLN C 1113 -13.86 -68.03 -26.29
CA GLN C 1113 -13.84 -68.37 -27.71
C GLN C 1113 -13.07 -69.65 -27.93
N ILE C 1114 -13.58 -70.45 -28.86
CA ILE C 1114 -12.86 -71.65 -29.28
C ILE C 1114 -11.58 -71.22 -29.98
N ILE C 1115 -10.47 -71.77 -29.52
CA ILE C 1115 -9.14 -71.42 -29.99
C ILE C 1115 -9.02 -71.94 -31.42
N THR C 1116 -8.92 -71.02 -32.39
CA THR C 1116 -9.05 -71.40 -33.80
C THR C 1116 -8.30 -70.41 -34.67
N THR C 1117 -7.98 -70.91 -35.88
CA THR C 1117 -7.00 -70.34 -36.79
C THR C 1117 -7.03 -68.82 -36.96
N ASP C 1118 -8.22 -68.25 -37.14
CA ASP C 1118 -8.31 -66.81 -37.32
C ASP C 1118 -8.12 -66.07 -36.00
N ASN C 1119 -8.85 -66.47 -34.98
CA ASN C 1119 -8.73 -65.79 -33.70
C ASN C 1119 -7.38 -66.05 -33.08
N THR C 1120 -6.79 -67.19 -33.38
CA THR C 1120 -5.40 -67.40 -33.04
C THR C 1120 -4.55 -66.59 -34.00
N PHE C 1121 -3.37 -66.19 -33.52
CA PHE C 1121 -2.24 -65.83 -34.37
C PHE C 1121 -1.09 -66.80 -34.14
N VAL C 1122 -0.33 -67.07 -35.23
CA VAL C 1122 0.72 -68.07 -35.25
C VAL C 1122 1.99 -67.43 -35.78
N SER C 1123 3.10 -67.68 -35.09
CA SER C 1123 4.39 -67.14 -35.45
C SER C 1123 5.46 -67.82 -34.59
N GLY C 1124 6.72 -67.58 -34.96
CA GLY C 1124 7.85 -67.69 -34.06
C GLY C 1124 8.43 -69.07 -33.80
N ASN C 1125 8.42 -69.96 -34.80
CA ASN C 1125 8.90 -71.35 -34.69
C ASN C 1125 8.18 -72.05 -33.54
N CYS C 1126 8.88 -72.82 -32.70
CA CYS C 1126 8.31 -73.37 -31.48
C CYS C 1126 9.46 -73.62 -30.52
N ASP C 1127 9.12 -73.83 -29.26
CA ASP C 1127 10.06 -73.91 -28.14
C ASP C 1127 10.87 -72.65 -27.88
N VAL C 1128 10.53 -71.53 -28.51
CA VAL C 1128 11.26 -70.31 -28.27
C VAL C 1128 10.89 -69.62 -26.96
N VAL C 1129 9.74 -69.97 -26.36
CA VAL C 1129 9.15 -69.20 -25.27
C VAL C 1129 9.24 -69.97 -23.97
N ILE C 1130 9.63 -69.28 -22.91
CA ILE C 1130 9.72 -69.90 -21.60
C ILE C 1130 8.34 -70.28 -21.08
N GLY C 1131 7.39 -69.35 -21.10
CA GLY C 1131 6.04 -69.64 -20.65
C GLY C 1131 5.11 -70.12 -21.73
N ILE C 1132 4.81 -71.42 -21.73
CA ILE C 1132 4.23 -72.08 -22.87
C ILE C 1132 3.43 -73.30 -22.42
N VAL C 1133 2.46 -73.70 -23.24
CA VAL C 1133 1.74 -74.97 -23.08
C VAL C 1133 1.44 -75.54 -24.46
N ASN C 1134 1.03 -76.79 -24.48
CA ASN C 1134 0.62 -77.50 -25.68
C ASN C 1134 -0.90 -77.62 -25.71
N ASN C 1135 -1.49 -77.37 -26.87
CA ASN C 1135 -2.93 -77.56 -27.03
C ASN C 1135 -3.26 -77.70 -28.50
N THR C 1136 -4.46 -78.22 -28.77
CA THR C 1136 -4.98 -78.29 -30.12
C THR C 1136 -5.62 -76.97 -30.56
N VAL C 1137 -5.58 -76.72 -31.86
CA VAL C 1137 -6.25 -75.61 -32.52
C VAL C 1137 -6.88 -76.13 -33.81
N TYR C 1138 -8.12 -75.75 -34.07
CA TYR C 1138 -8.81 -76.08 -35.32
C TYR C 1138 -8.53 -74.98 -36.35
N ASP C 1139 -8.56 -75.35 -37.63
CA ASP C 1139 -8.68 -74.42 -38.73
C ASP C 1139 -9.54 -75.03 -39.81
N PRO C 1140 -10.18 -74.19 -40.66
CA PRO C 1140 -11.39 -74.62 -41.41
C PRO C 1140 -11.32 -75.80 -42.38
N LEU C 1141 -10.28 -76.63 -42.37
CA LEU C 1141 -10.16 -77.68 -43.38
C LEU C 1141 -11.19 -78.80 -43.22
N GLN C 1142 -11.81 -78.94 -42.05
CA GLN C 1142 -12.63 -80.12 -41.73
C GLN C 1142 -13.74 -80.49 -42.71
N PRO C 1143 -14.46 -79.57 -43.38
CA PRO C 1143 -15.53 -80.02 -44.27
C PRO C 1143 -15.07 -80.79 -45.50
N GLU C 1144 -13.78 -80.80 -45.81
CA GLU C 1144 -13.26 -81.45 -47.03
C GLU C 1144 -13.60 -82.94 -47.13
N VAL D 1 -4.41 65.57 32.30
CA VAL D 1 -4.80 65.68 30.87
C VAL D 1 -4.87 67.15 30.54
N GLN D 2 -4.51 67.47 29.30
CA GLN D 2 -4.43 68.84 28.79
C GLN D 2 -5.59 69.11 27.82
N LEU D 3 -6.22 70.27 27.98
CA LEU D 3 -6.98 70.83 26.87
C LEU D 3 -6.99 72.35 26.94
N VAL D 4 -6.91 73.01 25.78
CA VAL D 4 -6.89 74.47 25.69
C VAL D 4 -7.61 74.91 24.40
N GLN D 5 -8.14 76.15 24.42
CA GLN D 5 -8.61 76.80 23.20
C GLN D 5 -8.53 78.32 23.30
N SER D 6 -8.65 78.94 22.13
CA SER D 6 -8.71 80.39 21.97
C SER D 6 -9.89 80.99 22.73
N GLY D 7 -9.71 82.25 23.14
CA GLY D 7 -10.65 82.99 23.96
C GLY D 7 -11.66 83.90 23.27
N ALA D 8 -11.67 85.20 23.60
CA ALA D 8 -12.61 86.18 23.05
C ALA D 8 -12.09 86.82 21.75
N GLU D 9 -12.28 86.11 20.63
CA GLU D 9 -12.03 86.63 19.27
C GLU D 9 -13.17 87.58 18.83
N VAL D 10 -13.22 88.72 19.53
CA VAL D 10 -14.27 89.74 19.41
C VAL D 10 -14.40 90.31 18.00
N LYS D 11 -15.60 90.82 17.66
CA LYS D 11 -15.84 91.36 16.33
C LYS D 11 -16.59 92.68 16.46
N LYS D 12 -17.03 93.18 15.35
CA LYS D 12 -18.17 94.01 15.24
C LYS D 12 -19.14 93.27 14.37
N PRO D 13 -20.43 93.47 14.56
CA PRO D 13 -21.41 92.43 14.19
C PRO D 13 -21.55 92.21 12.68
N GLY D 14 -22.02 91.00 12.33
CA GLY D 14 -22.30 90.58 10.95
C GLY D 14 -21.35 89.53 10.37
N ALA D 15 -20.18 89.36 10.96
CA ALA D 15 -18.98 88.86 10.32
C ALA D 15 -18.64 87.44 10.74
N SER D 16 -17.51 87.00 10.22
CA SER D 16 -16.86 85.73 10.48
C SER D 16 -15.89 85.78 11.67
N VAL D 17 -15.74 84.65 12.37
CA VAL D 17 -14.79 84.50 13.47
C VAL D 17 -14.20 83.10 13.50
N ARG D 18 -12.91 82.99 13.80
CA ARG D 18 -12.20 81.72 13.90
C ARG D 18 -11.93 81.34 15.35
N VAL D 19 -11.65 80.05 15.53
CA VAL D 19 -11.43 79.41 16.81
C VAL D 19 -10.32 78.39 16.60
N SER D 20 -9.57 78.11 17.66
CA SER D 20 -8.83 76.86 17.72
C SER D 20 -8.91 76.28 19.11
N CYS D 21 -8.97 74.96 19.14
CA CYS D 21 -8.87 74.17 20.34
C CYS D 21 -7.73 73.19 20.21
N LYS D 22 -7.22 72.80 21.36
CA LYS D 22 -6.07 71.92 21.52
C LYS D 22 -6.29 70.96 22.66
N ALA D 23 -5.99 69.68 22.43
CA ALA D 23 -6.01 68.66 23.47
C ALA D 23 -4.87 67.67 23.24
N SER D 24 -4.39 67.09 24.33
CA SER D 24 -3.17 66.30 24.34
C SER D 24 -3.10 65.57 25.68
N GLY D 25 -2.09 64.70 25.81
CA GLY D 25 -1.98 63.78 26.93
C GLY D 25 -2.85 62.57 26.70
N TYR D 26 -4.13 62.82 26.57
CA TYR D 26 -4.95 61.95 25.76
C TYR D 26 -4.38 61.85 24.36
N THR D 27 -4.35 60.64 23.85
CA THR D 27 -3.93 60.42 22.48
C THR D 27 -4.96 61.07 21.58
N PHE D 28 -4.63 62.33 21.27
CA PHE D 28 -5.58 63.36 20.81
C PHE D 28 -6.52 62.87 19.73
N THR D 29 -6.02 62.02 18.82
CA THR D 29 -6.82 61.55 17.71
C THR D 29 -7.90 60.55 18.10
N GLY D 30 -7.81 59.98 19.30
CA GLY D 30 -8.48 58.72 19.64
C GLY D 30 -9.96 58.58 19.32
N TYR D 31 -10.72 59.68 19.31
CA TYR D 31 -12.11 59.57 18.87
C TYR D 31 -12.63 60.92 18.42
N TYR D 32 -13.81 60.90 17.78
CA TYR D 32 -14.35 62.15 17.22
C TYR D 32 -14.63 63.16 18.32
N MET D 33 -14.47 64.44 17.96
CA MET D 33 -14.53 65.55 18.90
C MET D 33 -15.68 66.49 18.56
N HIS D 34 -16.35 67.01 19.58
CA HIS D 34 -17.62 67.70 19.54
C HIS D 34 -17.48 69.16 19.93
N TRP D 35 -18.29 69.98 19.28
CA TRP D 35 -18.50 71.40 19.54
C TRP D 35 -19.74 71.69 20.36
N VAL D 36 -19.59 72.62 21.32
CA VAL D 36 -20.66 72.99 22.23
C VAL D 36 -20.54 74.48 22.58
N ARG D 37 -21.70 75.06 22.89
CA ARG D 37 -21.92 76.47 23.17
C ARG D 37 -22.98 76.56 24.24
N GLN D 38 -22.94 77.65 25.00
CA GLN D 38 -23.95 78.02 25.98
C GLN D 38 -23.76 79.52 26.19
N ALA D 39 -24.76 80.16 26.80
CA ALA D 39 -24.66 81.54 27.24
C ALA D 39 -25.25 81.67 28.64
N PRO D 40 -24.91 82.77 29.40
CA PRO D 40 -25.25 82.82 30.83
C PRO D 40 -26.74 82.76 31.12
N GLY D 41 -27.18 81.63 31.67
CA GLY D 41 -28.58 81.41 31.93
C GLY D 41 -29.32 80.77 30.78
N GLN D 42 -28.65 80.56 29.66
CA GLN D 42 -29.18 79.87 28.51
C GLN D 42 -28.72 78.44 28.56
N GLY D 43 -29.31 77.61 27.70
CA GLY D 43 -28.93 76.22 27.63
C GLY D 43 -27.66 76.02 26.85
N LEU D 44 -27.25 74.75 26.76
CA LEU D 44 -26.06 74.35 26.02
C LEU D 44 -26.43 73.64 24.73
N GLU D 45 -25.93 74.19 23.63
CA GLU D 45 -25.92 73.57 22.31
C GLU D 45 -24.76 72.61 22.11
N TRP D 46 -25.03 71.56 21.36
CA TRP D 46 -24.06 70.82 20.55
C TRP D 46 -24.33 71.09 19.08
N MET D 47 -23.26 71.27 18.29
CA MET D 47 -23.39 71.66 16.88
C MET D 47 -22.81 70.66 15.89
N GLY D 48 -22.06 69.65 16.31
CA GLY D 48 -21.49 68.69 15.38
C GLY D 48 -20.26 68.02 15.96
N TRP D 49 -19.60 67.22 15.12
CA TRP D 49 -18.30 66.67 15.48
C TRP D 49 -17.44 66.42 14.26
N ILE D 50 -16.14 66.29 14.52
CA ILE D 50 -15.12 65.92 13.56
C ILE D 50 -14.45 64.64 14.06
N ASN D 51 -14.08 63.76 13.14
CA ASN D 51 -13.28 62.60 13.49
C ASN D 51 -11.82 62.91 13.21
N PRO D 52 -10.91 62.88 14.20
CA PRO D 52 -9.49 63.07 13.87
C PRO D 52 -8.93 62.04 12.95
N ILE D 53 -9.31 60.78 13.14
CA ILE D 53 -8.77 59.69 12.33
C ILE D 53 -9.53 59.54 11.02
N SER D 54 -10.29 60.56 10.62
CA SER D 54 -10.69 60.69 9.26
C SER D 54 -10.88 62.18 9.02
N ASP D 55 -11.69 62.52 8.03
CA ASP D 55 -12.25 63.85 7.88
C ASP D 55 -13.76 63.85 8.10
N GLY D 56 -14.29 62.80 8.73
CA GLY D 56 -15.73 62.63 8.80
C GLY D 56 -16.33 63.42 9.94
N THR D 57 -17.61 63.78 9.76
CA THR D 57 -18.30 64.70 10.66
C THR D 57 -19.74 64.29 10.89
N ASN D 58 -20.33 64.89 11.91
CA ASN D 58 -21.76 65.13 11.99
C ASN D 58 -21.96 66.60 12.28
N TYR D 59 -23.20 67.05 12.12
CA TYR D 59 -23.65 68.40 12.40
C TYR D 59 -25.02 68.30 13.06
N ALA D 60 -25.41 69.35 13.77
CA ALA D 60 -26.83 69.67 13.92
C ALA D 60 -27.24 70.59 12.78
N GLN D 61 -28.26 70.19 12.02
CA GLN D 61 -28.62 70.91 10.80
C GLN D 61 -29.12 72.32 11.02
N LYS D 62 -29.35 72.73 12.27
CA LYS D 62 -29.48 74.12 12.64
C LYS D 62 -28.31 74.97 12.19
N PHE D 63 -27.10 74.39 12.18
CA PHE D 63 -25.84 75.11 12.12
C PHE D 63 -25.10 75.03 10.79
N GLN D 64 -25.23 73.91 10.07
CA GLN D 64 -24.62 73.75 8.75
C GLN D 64 -24.99 74.87 7.81
N GLY D 65 -24.02 75.24 6.98
CA GLY D 65 -24.15 76.39 6.13
C GLY D 65 -23.69 77.66 6.77
N TRP D 66 -23.37 77.65 8.06
CA TRP D 66 -22.69 78.80 8.63
C TRP D 66 -21.72 78.45 9.76
N VAL D 67 -21.40 77.17 10.00
CA VAL D 67 -20.33 76.79 10.91
C VAL D 67 -19.33 75.87 10.22
N THR D 68 -18.07 75.90 10.69
CA THR D 68 -16.93 75.55 9.81
C THR D 68 -15.79 74.88 10.60
N MET D 69 -16.05 73.66 11.05
CA MET D 69 -15.05 72.85 11.73
C MET D 69 -13.90 72.39 10.84
N THR D 70 -12.73 72.20 11.47
CA THR D 70 -11.60 71.49 10.85
C THR D 70 -10.61 71.07 11.93
N ARG D 71 -9.70 70.18 11.54
CA ARG D 71 -8.81 69.51 12.48
C ARG D 71 -7.42 69.30 11.89
N ASP D 72 -6.45 69.15 12.80
CA ASP D 72 -5.03 69.06 12.48
C ASP D 72 -4.42 67.83 13.13
N THR D 73 -3.36 67.34 12.50
CA THR D 73 -2.47 66.32 13.04
C THR D 73 -1.01 66.75 13.05
N SER D 74 -0.67 67.89 12.47
CA SER D 74 0.71 68.35 12.49
C SER D 74 1.10 68.88 13.86
N ILE D 75 0.14 69.41 14.61
CA ILE D 75 0.38 70.04 15.89
C ILE D 75 -0.74 69.69 16.85
N SER D 76 -1.39 68.52 16.64
CA SER D 76 -2.40 67.96 17.52
C SER D 76 -3.55 68.92 17.82
N THR D 77 -3.98 69.68 16.81
CA THR D 77 -4.81 70.85 17.03
C THR D 77 -6.13 70.66 16.29
N VAL D 78 -7.15 71.37 16.76
CA VAL D 78 -8.45 71.39 16.10
C VAL D 78 -8.96 72.83 16.05
N TYR D 79 -9.87 73.07 15.10
CA TYR D 79 -10.27 74.42 14.74
C TYR D 79 -11.72 74.47 14.30
N MET D 80 -12.26 75.68 14.39
CA MET D 80 -13.61 76.04 13.99
C MET D 80 -13.61 77.49 13.54
N GLU D 81 -14.50 77.75 12.60
CA GLU D 81 -14.87 79.08 12.18
C GLU D 81 -16.38 79.24 12.19
N LEU D 82 -16.84 80.30 12.82
CA LEU D 82 -18.24 80.70 12.85
C LEU D 82 -18.38 81.95 11.98
N SER D 83 -19.27 81.91 11.01
CA SER D 83 -19.12 82.68 9.79
C SER D 83 -20.26 83.66 9.55
N ARG D 84 -19.89 84.88 9.13
CA ARG D 84 -20.80 85.97 8.70
C ARG D 84 -22.06 86.07 9.51
N LEU D 85 -21.89 86.09 10.82
CA LEU D 85 -23.00 85.77 11.69
C LEU D 85 -24.11 86.80 11.59
N ARG D 86 -25.32 86.35 11.96
CA ARG D 86 -26.36 87.22 12.45
C ARG D 86 -25.80 88.20 13.45
N SER D 87 -26.27 89.44 13.36
CA SER D 87 -26.08 90.41 14.42
C SER D 87 -26.48 89.80 15.77
N ASP D 88 -25.70 90.15 16.78
CA ASP D 88 -25.78 89.71 18.19
C ASP D 88 -25.85 88.19 18.35
N ASP D 89 -25.28 87.44 17.41
CA ASP D 89 -24.79 86.13 17.79
C ASP D 89 -23.66 86.34 18.80
N THR D 90 -23.88 86.02 20.07
CA THR D 90 -22.83 86.25 21.06
C THR D 90 -23.08 85.37 22.28
N ALA D 91 -22.04 84.65 22.68
CA ALA D 91 -22.13 83.67 23.73
C ALA D 91 -20.73 83.23 24.10
N VAL D 92 -20.61 82.05 24.71
CA VAL D 92 -19.34 81.36 24.84
C VAL D 92 -19.49 79.97 24.24
N TYR D 93 -18.39 79.48 23.67
CA TYR D 93 -18.33 78.41 22.68
C TYR D 93 -17.13 77.55 23.03
N TYR D 94 -17.23 76.24 22.77
CA TYR D 94 -16.35 75.28 23.46
C TYR D 94 -16.15 74.03 22.62
N CYS D 95 -15.17 73.22 23.06
CA CYS D 95 -14.81 71.92 22.48
C CYS D 95 -14.98 70.79 23.50
N ALA D 96 -15.30 69.59 23.01
CA ALA D 96 -15.51 68.41 23.86
C ALA D 96 -15.28 67.19 23.00
N ARG D 97 -15.05 66.00 23.64
CA ARG D 97 -14.63 64.77 22.89
C ARG D 97 -15.23 63.49 23.48
N GLY D 98 -16.54 63.33 23.25
CA GLY D 98 -17.30 62.15 23.58
C GLY D 98 -17.76 61.44 22.30
N GLY D 99 -18.74 60.54 22.48
CA GLY D 99 -19.34 59.84 21.35
C GLY D 99 -19.76 58.42 21.69
N SER D 100 -19.83 57.60 20.64
CA SER D 100 -20.45 56.28 20.72
C SER D 100 -19.59 55.07 21.10
N ARG D 101 -18.26 55.09 20.95
CA ARG D 101 -17.48 53.84 20.85
C ARG D 101 -16.13 53.91 21.54
N CYS D 102 -15.69 52.72 21.93
CA CYS D 102 -14.46 52.52 22.70
C CYS D 102 -13.21 52.96 22.00
N SER D 103 -13.03 52.57 20.74
CA SER D 103 -11.79 52.77 20.01
C SER D 103 -10.55 52.36 20.82
N GLY D 104 -10.67 51.28 21.58
CA GLY D 104 -9.53 50.78 22.33
C GLY D 104 -9.13 51.70 23.49
N GLY D 105 -7.86 51.58 23.85
CA GLY D 105 -7.24 52.36 24.90
C GLY D 105 -7.92 52.24 26.25
N ASN D 106 -8.04 53.37 26.93
CA ASN D 106 -9.05 53.52 27.97
C ASN D 106 -10.37 53.37 27.27
N CYS D 107 -11.01 52.22 27.49
CA CYS D 107 -12.12 51.88 26.64
C CYS D 107 -13.37 52.72 26.88
N TYR D 108 -13.38 53.61 27.85
CA TYR D 108 -14.35 54.68 27.83
C TYR D 108 -13.69 55.99 28.25
N GLY D 109 -12.50 56.24 27.73
CA GLY D 109 -11.95 57.58 27.77
C GLY D 109 -12.78 58.46 26.86
N TRP D 110 -13.64 59.29 27.45
CA TRP D 110 -14.83 59.74 26.74
C TRP D 110 -14.97 61.26 27.04
N ALA D 111 -16.18 61.79 26.90
CA ALA D 111 -16.55 63.21 26.77
C ALA D 111 -15.87 64.18 27.74
N TYR D 112 -16.04 63.94 29.03
CA TYR D 112 -15.53 64.92 29.99
C TYR D 112 -14.06 64.73 30.31
N ASP D 113 -13.39 63.81 29.62
CA ASP D 113 -11.94 63.94 29.45
C ASP D 113 -11.55 65.22 28.71
N ALA D 114 -12.48 65.86 27.96
CA ALA D 114 -12.18 67.00 27.10
C ALA D 114 -13.29 68.03 27.04
N PHE D 115 -14.38 67.87 27.77
CA PHE D 115 -15.48 68.83 27.77
C PHE D 115 -15.08 70.09 28.53
N ASP D 116 -14.30 70.99 27.88
CA ASP D 116 -13.39 71.87 28.64
C ASP D 116 -13.41 73.39 28.32
N ILE D 117 -12.26 74.01 27.97
CA ILE D 117 -11.91 75.43 28.09
C ILE D 117 -12.82 76.28 27.18
N TRP D 118 -12.82 77.62 27.30
CA TRP D 118 -13.93 78.45 26.86
C TRP D 118 -13.41 79.64 26.07
N GLY D 119 -14.27 80.26 25.26
CA GLY D 119 -13.94 81.50 24.56
C GLY D 119 -15.19 82.25 24.15
N GLN D 120 -15.03 83.55 23.85
CA GLN D 120 -16.18 84.46 23.82
C GLN D 120 -16.27 85.23 22.50
N GLY D 121 -16.99 84.66 21.55
CA GLY D 121 -17.44 85.35 20.35
C GLY D 121 -18.38 86.48 20.72
N THR D 122 -18.06 87.70 20.30
CA THR D 122 -18.49 88.93 20.96
C THR D 122 -18.30 90.15 20.06
N MET D 123 -18.91 91.26 20.49
CA MET D 123 -18.52 92.61 20.12
C MET D 123 -18.28 93.38 21.43
N ILE D 124 -17.40 94.41 21.45
CA ILE D 124 -17.11 95.10 22.73
C ILE D 124 -16.83 96.57 22.39
N THR D 125 -16.24 97.31 23.32
CA THR D 125 -15.69 98.61 23.08
C THR D 125 -14.55 98.78 24.08
N VAL D 126 -13.63 99.70 23.82
CA VAL D 126 -12.59 100.02 24.78
C VAL D 126 -13.23 100.59 26.01
N SER E 1 -34.46 71.64 19.67
CA SER E 1 -34.95 70.82 20.81
C SER E 1 -36.06 71.52 21.55
N ALA E 2 -37.05 70.73 21.97
CA ALA E 2 -38.05 71.15 22.96
C ALA E 2 -38.03 70.28 24.21
N LEU E 3 -36.98 69.47 24.39
CA LEU E 3 -36.92 68.56 25.52
C LEU E 3 -36.64 69.34 26.81
N THR E 4 -37.36 68.99 27.89
CA THR E 4 -37.62 69.94 28.96
C THR E 4 -37.62 69.21 30.32
N GLN E 5 -37.36 70.00 31.35
CA GLN E 5 -37.49 69.55 32.73
C GLN E 5 -37.63 70.79 33.61
N PRO E 6 -38.07 70.64 34.88
CA PRO E 6 -38.43 71.83 35.67
C PRO E 6 -37.29 72.75 36.11
N ALA E 7 -37.60 73.63 37.08
CA ALA E 7 -36.67 74.56 37.69
C ALA E 7 -36.76 74.57 39.21
N SER E 8 -35.61 74.69 39.84
CA SER E 8 -35.48 74.83 41.29
C SER E 8 -36.11 73.69 42.09
N VAL E 9 -35.98 72.46 41.60
CA VAL E 9 -36.40 71.28 42.38
C VAL E 9 -35.39 71.10 43.52
N SER E 10 -35.90 70.95 44.75
CA SER E 10 -35.14 71.33 45.93
C SER E 10 -35.58 70.50 47.12
N GLY E 11 -34.77 70.49 48.17
CA GLY E 11 -35.18 69.85 49.41
C GLY E 11 -34.09 69.91 50.47
N SER E 12 -34.47 69.53 51.68
CA SER E 12 -33.50 69.40 52.73
C SER E 12 -32.63 68.18 52.47
N PRO E 13 -31.40 68.15 53.02
CA PRO E 13 -30.47 67.05 52.72
C PRO E 13 -31.03 65.63 52.93
N GLY E 14 -30.48 64.70 52.17
CA GLY E 14 -30.83 63.29 52.19
C GLY E 14 -32.12 62.91 51.50
N GLN E 15 -33.13 63.77 51.57
CA GLN E 15 -34.23 63.68 50.63
C GLN E 15 -33.65 63.75 49.24
N SER E 16 -34.03 62.79 48.44
CA SER E 16 -33.35 62.46 47.22
C SER E 16 -34.14 62.86 45.97
N ILE E 17 -34.26 64.19 45.74
CA ILE E 17 -35.10 64.76 44.67
C ILE E 17 -34.66 64.15 43.34
N THR E 18 -35.63 63.97 42.44
CA THR E 18 -35.50 63.12 41.27
C THR E 18 -35.94 63.85 40.01
N ILE E 19 -35.22 63.59 38.93
CA ILE E 19 -35.15 64.43 37.76
C ILE E 19 -35.63 63.65 36.55
N SER E 20 -36.88 63.90 36.16
CA SER E 20 -37.50 63.34 34.96
C SER E 20 -37.04 64.05 33.69
N CYS E 21 -35.74 63.95 33.41
CA CYS E 21 -35.23 64.33 32.10
C CYS E 21 -36.05 63.54 31.10
N THR E 22 -36.89 64.26 30.37
CA THR E 22 -37.97 63.65 29.60
C THR E 22 -38.03 64.23 28.21
N GLY E 23 -38.31 63.34 27.25
CA GLY E 23 -38.34 63.65 25.83
C GLY E 23 -39.31 62.75 25.12
N THR E 24 -38.83 61.83 24.29
CA THR E 24 -39.64 61.22 23.26
C THR E 24 -39.17 59.79 23.08
N SER E 25 -40.05 58.93 22.58
CA SER E 25 -39.65 57.59 22.20
C SER E 25 -38.80 57.54 20.94
N SER E 26 -38.53 58.68 20.30
CA SER E 26 -37.57 58.88 19.24
C SER E 26 -36.22 59.37 19.72
N ASP E 27 -36.09 59.75 21.00
CA ASP E 27 -34.83 60.21 21.56
C ASP E 27 -34.58 59.47 22.87
N VAL E 28 -35.26 59.83 23.96
CA VAL E 28 -35.00 59.17 25.23
C VAL E 28 -35.46 57.73 25.19
N GLY E 29 -36.72 57.49 24.83
CA GLY E 29 -37.13 56.14 24.50
C GLY E 29 -36.74 55.70 23.12
N GLY E 30 -36.10 56.57 22.34
CA GLY E 30 -35.54 56.15 21.08
C GLY E 30 -34.27 55.39 21.28
N TYR E 31 -33.50 55.73 22.32
CA TYR E 31 -32.11 55.32 22.39
C TYR E 31 -31.78 54.93 23.81
N ASN E 32 -30.92 53.92 23.89
CA ASN E 32 -30.28 53.40 25.08
C ASN E 32 -29.05 54.18 25.44
N PHE E 33 -29.01 55.51 25.25
CA PHE E 33 -27.78 56.30 25.15
C PHE E 33 -27.89 57.69 25.83
N VAL E 34 -28.76 57.83 26.82
CA VAL E 34 -29.10 59.10 27.47
C VAL E 34 -28.12 59.47 28.59
N SER E 35 -27.95 60.78 28.81
CA SER E 35 -26.79 61.36 29.49
C SER E 35 -27.21 62.55 30.36
N TRP E 36 -26.49 62.80 31.47
CA TRP E 36 -26.91 63.77 32.48
C TRP E 36 -25.75 64.51 33.14
N TYR E 37 -26.02 65.73 33.64
CA TYR E 37 -24.95 66.66 33.95
C TYR E 37 -25.43 67.56 35.09
N GLN E 38 -24.49 68.11 35.86
CA GLN E 38 -24.79 69.18 36.83
C GLN E 38 -23.60 70.10 37.04
N GLN E 39 -23.83 71.29 37.63
CA GLN E 39 -22.69 72.06 38.14
C GLN E 39 -23.04 73.22 39.06
N HIS E 40 -21.98 73.68 39.74
CA HIS E 40 -21.94 75.03 40.27
C HIS E 40 -21.73 75.93 39.05
N PRO E 41 -22.67 76.85 38.71
CA PRO E 41 -22.53 77.74 37.55
C PRO E 41 -21.18 78.37 37.20
N GLY E 42 -20.88 78.41 35.90
CA GLY E 42 -19.65 79.00 35.38
C GLY E 42 -18.51 78.04 35.15
N LYS E 43 -18.46 76.98 35.94
CA LYS E 43 -17.49 75.94 35.71
C LYS E 43 -17.82 75.18 34.44
N ALA E 44 -16.85 74.42 33.95
CA ALA E 44 -17.23 73.33 33.08
C ALA E 44 -18.18 72.40 33.85
N PRO E 45 -19.13 71.75 33.18
CA PRO E 45 -20.17 70.98 33.91
C PRO E 45 -19.66 69.73 34.58
N LYS E 46 -20.54 68.99 35.28
CA LYS E 46 -20.18 67.70 35.84
C LYS E 46 -21.22 66.67 35.41
N LEU E 47 -20.78 65.80 34.51
CA LEU E 47 -21.50 64.59 34.15
C LEU E 47 -21.56 63.55 35.23
N MET E 48 -22.75 63.03 35.46
CA MET E 48 -22.97 61.89 36.34
C MET E 48 -23.45 60.63 35.64
N ILE E 49 -24.19 60.74 34.54
CA ILE E 49 -24.66 59.56 33.84
C ILE E 49 -24.41 59.79 32.37
N TYR E 50 -23.96 58.73 31.72
CA TYR E 50 -23.76 58.68 30.29
C TYR E 50 -24.73 57.77 29.55
N ASP E 51 -25.22 56.73 30.20
CA ASP E 51 -26.17 55.83 29.56
C ASP E 51 -27.14 55.37 30.63
N VAL E 52 -28.36 55.90 30.61
CA VAL E 52 -29.51 55.50 31.43
C VAL E 52 -29.19 55.72 32.92
N SER E 53 -28.24 54.93 33.45
CA SER E 53 -27.83 54.99 34.85
C SER E 53 -26.34 54.73 35.09
N LYS E 54 -25.58 54.29 34.10
CA LYS E 54 -24.17 53.92 34.29
C LYS E 54 -23.35 55.20 34.51
N ARG E 55 -22.89 55.34 35.72
CA ARG E 55 -22.01 56.39 36.18
C ARG E 55 -20.58 56.17 35.67
N PRO E 56 -19.87 57.22 35.26
CA PRO E 56 -18.42 57.11 35.06
C PRO E 56 -17.69 56.64 36.29
N SER E 57 -16.41 56.35 36.04
CA SER E 57 -15.42 56.23 37.11
C SER E 57 -15.48 57.47 37.98
N GLY E 58 -15.30 57.25 39.29
CA GLY E 58 -15.36 58.26 40.34
C GLY E 58 -16.76 58.78 40.69
N VAL E 59 -17.67 58.75 39.73
CA VAL E 59 -19.06 59.10 39.95
C VAL E 59 -19.70 57.95 40.70
N SER E 60 -19.99 58.15 41.98
CA SER E 60 -20.73 57.16 42.76
C SER E 60 -21.56 57.85 43.84
N ASN E 61 -20.88 58.69 44.60
CA ASN E 61 -21.39 59.35 45.80
C ASN E 61 -22.72 60.08 45.65
N ARG E 62 -23.77 59.60 46.30
CA ARG E 62 -25.09 60.26 46.31
C ARG E 62 -25.68 60.46 44.93
N PHE E 63 -25.44 59.52 44.04
CA PHE E 63 -25.99 59.54 42.69
C PHE E 63 -26.91 58.36 42.47
N SER E 64 -28.03 58.60 41.76
CA SER E 64 -28.95 57.53 41.41
C SER E 64 -29.61 57.87 40.07
N GLY E 65 -28.81 57.77 39.01
CA GLY E 65 -29.33 57.89 37.66
C GLY E 65 -30.29 56.80 37.28
N SER E 66 -31.23 57.11 36.40
CA SER E 66 -32.06 56.07 35.83
C SER E 66 -32.72 56.58 34.56
N LYS E 67 -33.35 55.66 33.85
CA LYS E 67 -34.27 55.97 32.79
C LYS E 67 -35.39 54.96 32.87
N SER E 68 -36.58 55.38 32.46
CA SER E 68 -37.54 54.46 31.89
C SER E 68 -38.20 55.14 30.70
N GLY E 69 -38.28 54.43 29.58
CA GLY E 69 -38.85 54.92 28.34
C GLY E 69 -38.40 56.31 27.90
N ASN E 70 -39.36 57.20 27.73
CA ASN E 70 -39.09 58.55 27.27
C ASN E 70 -38.65 59.50 28.39
N THR E 71 -38.40 58.99 29.60
CA THR E 71 -37.91 59.77 30.73
C THR E 71 -36.58 59.20 31.19
N ALA E 72 -35.54 60.01 31.10
CA ALA E 72 -34.44 59.84 32.03
C ALA E 72 -34.87 60.33 33.39
N SER E 73 -34.54 59.55 34.40
CA SER E 73 -35.18 59.58 35.70
C SER E 73 -34.11 59.46 36.78
N LEU E 74 -33.17 60.39 36.77
CA LEU E 74 -32.12 60.41 37.78
C LEU E 74 -32.64 60.88 39.12
N THR E 75 -32.44 60.04 40.12
CA THR E 75 -32.45 60.48 41.50
C THR E 75 -31.07 60.98 41.88
N ILE E 76 -30.99 62.24 42.30
CA ILE E 76 -29.91 62.62 43.20
C ILE E 76 -30.17 61.91 44.52
N SER E 77 -29.27 61.03 44.90
CA SER E 77 -29.55 60.06 45.96
C SER E 77 -29.36 60.68 47.34
N GLY E 78 -30.13 61.73 47.60
CA GLY E 78 -30.11 62.52 48.81
C GLY E 78 -29.21 63.73 48.73
N LEU E 79 -29.79 64.90 48.96
CA LEU E 79 -29.03 66.15 48.94
C LEU E 79 -28.08 66.19 50.12
N GLN E 80 -27.03 67.00 50.02
CA GLN E 80 -26.11 67.12 51.15
C GLN E 80 -25.50 68.52 51.17
N ALA E 81 -26.34 69.54 50.95
CA ALA E 81 -25.88 70.94 50.93
C ALA E 81 -24.76 71.21 49.95
N GLU E 82 -24.71 70.46 48.88
CA GLU E 82 -23.53 70.34 48.06
C GLU E 82 -23.49 71.38 46.96
N ASP E 83 -24.47 72.30 46.96
CA ASP E 83 -24.98 72.91 45.72
C ASP E 83 -25.29 74.42 45.74
N GLU E 84 -24.29 75.29 45.56
CA GLU E 84 -24.53 76.61 44.92
C GLU E 84 -24.59 76.36 43.40
N ALA E 85 -25.60 75.59 42.96
CA ALA E 85 -25.52 74.77 41.75
C ALA E 85 -26.78 74.67 40.90
N ASP E 86 -26.62 74.07 39.73
CA ASP E 86 -27.66 73.84 38.73
C ASP E 86 -27.41 72.54 37.98
N CYS E 87 -28.47 71.99 37.35
CA CYS E 87 -28.56 70.59 36.95
C CYS E 87 -29.14 70.48 35.56
N TYR E 88 -28.75 69.46 34.80
CA TYR E 88 -28.86 69.44 33.33
C TYR E 88 -28.90 68.01 32.79
N CYS E 89 -29.30 67.91 31.50
CA CYS E 89 -29.52 66.62 30.84
C CYS E 89 -29.30 66.67 29.33
N SER E 90 -29.11 65.47 28.76
CA SER E 90 -28.79 65.32 27.35
C SER E 90 -29.05 63.89 26.86
N SER E 91 -29.03 63.73 25.54
CA SER E 91 -28.95 62.39 24.98
C SER E 91 -28.34 62.45 23.58
N TYR E 92 -27.79 61.30 23.17
CA TYR E 92 -27.69 60.91 21.76
C TYR E 92 -29.07 60.73 21.11
N THR E 93 -29.15 61.02 19.81
CA THR E 93 -30.42 61.07 19.11
C THR E 93 -30.26 60.62 17.65
N SER E 94 -31.43 60.47 17.00
CA SER E 94 -31.59 59.97 15.64
C SER E 94 -30.68 60.66 14.65
N SER E 95 -30.36 59.95 13.57
CA SER E 95 -29.32 60.35 12.63
C SER E 95 -28.02 60.65 13.34
N SER E 96 -27.71 59.85 14.37
CA SER E 96 -26.56 60.03 15.25
C SER E 96 -26.43 61.43 15.84
N THR E 97 -27.52 62.20 15.93
CA THR E 97 -27.48 63.51 16.53
C THR E 97 -27.30 63.39 18.04
N PHE E 98 -27.34 64.54 18.71
CA PHE E 98 -27.36 64.63 20.15
C PHE E 98 -28.39 65.68 20.55
N VAL E 99 -28.84 65.65 21.82
CA VAL E 99 -29.89 66.54 22.32
C VAL E 99 -29.54 66.99 23.73
N PHE E 100 -30.11 68.13 24.15
CA PHE E 100 -29.96 68.65 25.50
C PHE E 100 -31.28 69.06 26.14
N GLY E 101 -31.29 69.01 27.48
CA GLY E 101 -32.44 69.43 28.25
C GLY E 101 -32.42 70.88 28.64
N THR E 102 -33.60 71.34 29.09
CA THR E 102 -33.72 72.62 29.78
C THR E 102 -32.85 72.76 31.01
N GLY E 103 -32.53 71.66 31.65
CA GLY E 103 -31.92 71.66 32.95
C GLY E 103 -32.81 72.26 34.02
N THR E 104 -32.30 72.36 35.25
CA THR E 104 -33.16 72.56 36.42
C THR E 104 -32.32 73.08 37.56
N LYS E 105 -32.60 74.30 38.01
CA LYS E 105 -32.04 74.81 39.27
C LYS E 105 -32.33 73.86 40.42
N VAL E 106 -31.44 73.86 41.42
CA VAL E 106 -31.61 73.16 42.69
C VAL E 106 -31.49 74.15 43.85
N THR E 107 -32.20 73.87 44.94
CA THR E 107 -32.07 74.63 46.18
C THR E 107 -32.18 73.60 47.31
N VAL E 108 -31.70 73.97 48.51
CA VAL E 108 -31.60 73.08 49.65
C VAL E 108 -32.28 73.69 50.86
N LEU E 109 -32.95 72.85 51.62
CA LEU E 109 -33.82 73.28 52.69
C LEU E 109 -33.27 72.77 54.00
N GLY E 110 -33.91 73.22 55.08
CA GLY E 110 -33.40 72.97 56.39
C GLY E 110 -33.67 71.53 56.74
C1 NAG F . -27.79 -48.52 -54.71
C2 NAG F . -26.77 -49.37 -55.40
C3 NAG F . -27.31 -49.81 -56.75
C4 NAG F . -28.62 -50.55 -56.54
C5 NAG F . -29.59 -49.73 -55.70
C6 NAG F . -30.78 -50.53 -55.22
C7 NAG F . -24.34 -49.33 -55.66
C8 NAG F . -23.12 -48.48 -55.82
N2 NAG F . -25.50 -48.69 -55.55
O3 NAG F . -26.34 -50.66 -57.36
O4 NAG F . -29.27 -50.92 -57.75
O5 NAG F . -28.97 -49.25 -54.51
O6 NAG F . -30.70 -50.78 -53.82
O7 NAG F . -24.27 -50.56 -55.65
C1 NAG F . -28.66 -51.94 -58.60
C2 NAG F . -28.16 -51.22 -59.84
C3 NAG F . -27.44 -52.18 -60.76
C4 NAG F . -26.31 -52.87 -60.00
C5 NAG F . -26.87 -53.55 -58.75
C6 NAG F . -25.80 -54.12 -57.86
C7 NAG F . -29.73 -49.37 -60.23
C8 NAG F . -30.87 -48.87 -61.06
N2 NAG F . -29.26 -50.58 -60.55
O3 NAG F . -26.88 -51.46 -61.86
O4 NAG F . -25.69 -53.84 -60.82
O5 NAG F . -27.58 -52.58 -57.96
O6 NAG F . -25.61 -53.29 -56.72
O7 NAG F . -29.25 -48.70 -59.32
C1 NAG G . -14.51 -33.75 -53.34
C2 NAG G . -14.89 -34.07 -54.78
C3 NAG G . -14.10 -33.19 -55.74
C4 NAG G . -14.29 -31.72 -55.37
C5 NAG G . -13.93 -31.52 -53.91
C6 NAG G . -14.18 -30.11 -53.43
C7 NAG G . -15.53 -36.44 -54.76
C8 NAG G . -15.14 -37.82 -55.17
N2 NAG G . -14.67 -35.47 -55.09
O3 NAG G . -14.56 -33.41 -57.06
O4 NAG G . -13.39 -30.90 -56.12
O5 NAG G . -14.72 -32.39 -53.08
O6 NAG G . -15.35 -29.55 -54.01
O7 NAG G . -16.54 -36.20 -54.13
C1 NAG G . -13.86 -30.48 -57.40
C2 NAG G . -12.91 -29.39 -57.90
C3 NAG G . -13.26 -28.98 -59.32
C4 NAG G . -13.31 -30.20 -60.23
C5 NAG G . -14.28 -31.22 -59.64
C6 NAG G . -14.32 -32.51 -60.43
C7 NAG G . -12.23 -28.19 -55.88
C8 NAG G . -12.34 -26.92 -55.09
N2 NAG G . -12.91 -28.24 -57.02
O3 NAG G . -12.30 -28.05 -59.79
O4 NAG G . -13.75 -29.81 -61.53
O5 NAG G . -13.87 -31.57 -58.32
O6 NAG G . -13.30 -33.40 -60.03
O7 NAG G . -11.55 -29.13 -55.49
C1 NAG H . -17.68 39.57 31.97
C2 NAG H . -18.08 39.12 30.57
C3 NAG H . -17.50 40.08 29.54
C4 NAG H . -18.00 41.48 29.82
C5 NAG H . -17.52 41.87 31.20
C6 NAG H . -17.98 43.25 31.61
C7 NAG H . -18.28 36.98 29.41
C8 NAG H . -17.69 35.64 29.14
N2 NAG H . -17.65 37.76 30.29
O3 NAG H . -17.82 39.63 28.23
O4 NAG H . -17.51 42.43 28.88
O5 NAG H . -18.07 40.96 32.17
O6 NAG H . -19.38 43.40 31.45
O7 NAG H . -19.30 37.36 28.85
C1 NAG H . -18.24 42.46 27.61
C2 NAG H . -18.96 43.80 27.40
C3 NAG H . -19.65 43.80 26.03
C4 NAG H . -18.71 43.35 24.91
C5 NAG H . -17.99 42.07 25.28
C6 NAG H . -16.93 41.67 24.28
C7 NAG H . -20.63 45.14 28.61
C8 NAG H . -21.56 45.17 29.79
N2 NAG H . -19.92 44.01 28.46
O3 NAG H . -20.13 45.11 25.71
O4 NAG H . -19.45 43.09 23.73
O5 NAG H . -17.34 42.22 26.54
O6 NAG H . -16.75 40.27 24.24
O7 NAG H . -20.53 46.07 27.83
C1 BMA H . -19.73 44.17 22.78
C2 BMA H . -21.24 44.32 22.81
C3 BMA H . -21.70 45.30 21.74
C4 BMA H . -20.86 46.59 21.76
C5 BMA H . -19.36 46.37 22.06
C6 BMA H . -18.74 47.62 22.56
O2 BMA H . -21.60 44.89 24.03
O3 BMA H . -23.04 45.74 21.90
O4 BMA H . -20.99 47.19 20.50
O5 BMA H . -19.19 45.43 23.10
O6 BMA H . -19.16 47.77 23.89
C1 MAN H . -24.02 44.68 22.02
C2 MAN H . -25.36 45.25 21.53
C3 MAN H . -25.82 46.34 22.54
C4 MAN H . -25.89 45.77 23.94
C5 MAN H . -24.52 45.26 24.31
C6 MAN H . -24.44 44.64 25.68
O2 MAN H . -26.35 44.19 21.50
O3 MAN H . -27.07 46.96 22.20
O4 MAN H . -26.27 46.79 24.85
O5 MAN H . -24.14 44.25 23.36
O6 MAN H . -23.06 44.32 25.92
C1 NAG H . -27.47 44.42 20.61
C2 NAG H . -27.28 43.60 19.35
C3 NAG H . -28.48 43.79 18.42
C4 NAG H . -29.77 43.50 19.15
C5 NAG H . -29.86 44.32 20.43
C6 NAG H . -31.07 44.00 21.26
C7 NAG H . -24.88 43.36 18.89
C8 NAG H . -23.71 43.90 18.12
N2 NAG H . -26.05 43.97 18.68
O3 NAG H . -28.34 42.91 17.31
O4 NAG H . -30.88 43.81 18.33
O5 NAG H . -28.71 44.06 21.24
O6 NAG H . -31.16 42.62 21.53
O7 NAG H . -24.77 42.42 19.66
C1 NAG I . 20.50 -56.07 -29.84
C2 NAG I . 21.44 -57.20 -30.23
C3 NAG I . 22.05 -57.83 -28.99
C4 NAG I . 22.76 -56.75 -28.18
C5 NAG I . 21.78 -55.62 -27.89
C6 NAG I . 22.42 -54.44 -27.20
C7 NAG I . 19.74 -58.93 -30.66
C8 NAG I . 19.21 -59.91 -31.67
N2 NAG I . 20.78 -58.20 -31.05
O3 NAG I . 22.96 -58.85 -29.40
O4 NAG I . 23.18 -57.23 -26.91
O5 NAG I . 21.21 -55.12 -29.10
O6 NAG I . 23.76 -54.24 -27.62
O7 NAG I . 19.23 -58.82 -29.55
C1 NAG I . 24.32 -58.10 -26.89
C2 NAG I . 25.11 -57.79 -25.63
C3 NAG I . 26.25 -58.76 -25.46
C4 NAG I . 25.72 -60.18 -25.48
C5 NAG I . 24.91 -60.40 -26.76
C6 NAG I . 24.22 -61.74 -26.79
C7 NAG I . 24.97 -55.39 -25.10
C8 NAG I . 25.65 -54.05 -25.24
N2 NAG I . 25.61 -56.42 -25.66
O3 NAG I . 26.92 -58.51 -24.24
O4 NAG I . 26.80 -61.11 -25.42
O5 NAG I . 23.87 -59.42 -26.84
O6 NAG I . 22.84 -61.60 -26.53
O7 NAG I . 23.92 -55.53 -24.50
C1 NAG J . 17.26 -59.38 -49.11
C2 NAG J . 18.40 -60.18 -49.78
C3 NAG J . 18.09 -61.68 -49.75
C4 NAG J . 17.56 -62.16 -48.41
C5 NAG J . 16.50 -61.23 -47.87
C6 NAG J . 16.06 -61.58 -46.46
C7 NAG J . 18.93 -58.52 -51.55
C8 NAG J . 19.11 -58.32 -53.03
N2 NAG J . 18.62 -59.76 -51.16
O3 NAG J . 19.28 -62.41 -50.08
O4 NAG J . 16.87 -63.37 -48.65
O5 NAG J . 17.00 -59.90 -47.83
O6 NAG J . 17.15 -61.92 -45.62
O7 NAG J . 19.01 -57.58 -50.76
C1 NAG J . 17.67 -64.56 -48.59
C2 NAG J . 16.71 -65.69 -48.91
C3 NAG J . 17.45 -67.01 -48.94
C4 NAG J . 18.62 -66.93 -49.91
C5 NAG J . 19.50 -65.74 -49.56
C6 NAG J . 20.59 -65.48 -50.59
C7 NAG J . 14.50 -65.00 -48.06
C8 NAG J . 13.49 -65.19 -46.98
N2 NAG J . 15.62 -65.74 -47.95
O3 NAG J . 16.56 -68.05 -49.34
O4 NAG J . 19.40 -68.12 -49.85
O5 NAG J . 18.71 -64.55 -49.54
O6 NAG J . 20.17 -64.49 -51.52
O7 NAG J . 14.34 -64.21 -48.97
C1 NAG K . 21.48 52.49 5.17
C2 NAG K . 22.22 53.07 6.37
C3 NAG K . 23.64 52.55 6.39
C4 NAG K . 23.64 51.03 6.38
C5 NAG K . 22.82 50.56 5.18
C6 NAG K . 22.69 49.05 5.10
C7 NAG K . 21.29 55.24 7.01
C8 NAG K . 21.42 56.73 6.89
N2 NAG K . 22.20 54.51 6.36
O3 NAG K . 24.32 53.03 7.53
O4 NAG K . 24.97 50.56 6.27
O5 NAG K . 21.50 51.08 5.24
O6 NAG K . 21.69 48.70 4.15
O7 NAG K . 20.38 54.73 7.65
C1 NAG K . 25.53 49.73 7.33
C2 NAG K . 26.54 50.64 8.02
C3 NAG K . 27.27 49.86 9.10
C4 NAG K . 26.29 49.24 10.09
C5 NAG K . 25.28 48.40 9.33
C6 NAG K . 24.23 47.81 10.25
C7 NAG K . 27.40 52.41 6.53
C8 NAG K . 28.46 52.79 5.55
N2 NAG K . 27.48 51.19 7.05
O3 NAG K . 28.17 50.76 9.76
O4 NAG K . 26.88 48.33 11.00
O5 NAG K . 24.60 49.19 8.34
O6 NAG K . 24.82 47.35 11.45
O7 NAG K . 26.50 53.19 6.84
C1 BMA K . 27.71 48.89 12.02
C2 BMA K . 27.69 47.92 13.21
C3 BMA K . 29.03 47.88 13.96
C4 BMA K . 30.19 47.98 13.02
C5 BMA K . 29.99 49.26 12.24
C6 BMA K . 31.14 49.65 11.32
O2 BMA K . 27.45 46.63 12.72
O3 BMA K . 29.15 46.68 14.67
O4 BMA K . 31.49 48.06 13.68
O5 BMA K . 28.94 49.00 11.41
O6 BMA K . 30.80 50.88 10.69
C1 NAG K . 32.24 46.90 14.13
C2 NAG K . 33.05 46.26 13.02
C3 NAG K . 33.96 45.18 13.56
C4 NAG K . 34.83 45.74 14.67
C5 NAG K . 33.95 46.40 15.73
C6 NAG K . 34.76 47.10 16.80
C7 NAG K . 32.10 46.13 10.76
C8 NAG K . 31.05 45.46 9.91
N2 NAG K . 32.16 45.71 12.03
O3 NAG K . 34.79 44.73 12.50
O4 NAG K . 35.58 44.69 15.28
O5 NAG K . 33.11 47.38 15.14
O6 NAG K . 35.88 46.32 17.19
O7 NAG K . 32.84 47.00 10.33
C1 NAG L . 25.89 23.64 43.98
C2 NAG L . 24.55 23.86 43.34
C3 NAG L . 23.46 23.68 44.39
C4 NAG L . 23.63 22.37 45.16
C5 NAG L . 25.09 22.04 45.50
C6 NAG L . 25.31 20.60 45.86
C7 NAG L . 24.59 26.33 43.27
C8 NAG L . 24.44 27.53 42.39
N2 NAG L . 24.44 25.14 42.67
O3 NAG L . 22.18 23.68 43.75
O4 NAG L . 22.99 22.53 46.42
O5 NAG L . 25.99 22.32 44.41
O6 NAG L . 26.68 20.23 45.75
O7 NAG L . 24.82 26.44 44.48
C1 NAG L . 21.74 21.83 46.56
C2 NAG L . 21.28 22.02 48.00
C3 NAG L . 19.92 21.37 48.20
C4 NAG L . 18.93 21.89 47.17
C5 NAG L . 19.50 21.69 45.77
C6 NAG L . 18.61 22.29 44.69
C7 NAG L . 23.30 22.17 49.39
C8 NAG L . 24.19 21.45 50.36
N2 NAG L . 22.25 21.48 48.94
O3 NAG L . 19.46 21.66 49.52
O4 NAG L . 17.70 21.18 47.29
O5 NAG L . 20.77 22.34 45.67
O6 NAG L . 18.33 23.65 44.96
O7 NAG L . 23.54 23.32 49.01
C1 NAG M . -24.76 -58.79 -13.56
C2 NAG M . -25.82 -59.89 -13.35
C3 NAG M . -27.21 -59.29 -13.25
C4 NAG M . -27.22 -58.23 -12.17
C5 NAG M . -26.20 -57.17 -12.52
C6 NAG M . -26.13 -56.05 -11.52
C7 NAG M . -24.86 -61.85 -14.46
C8 NAG M . -24.95 -62.78 -15.63
N2 NAG M . -25.77 -60.87 -14.41
O3 NAG M . -28.14 -60.33 -12.96
O4 NAG M . -28.51 -57.61 -12.07
O5 NAG M . -24.91 -57.78 -12.57
O6 NAG M . -24.85 -55.43 -11.53
O7 NAG M . -23.99 -61.97 -13.60
C1 NAG M . -29.44 -58.29 -11.20
C2 NAG M . -30.58 -57.34 -10.86
C3 NAG M . -31.65 -58.07 -10.06
C4 NAG M . -32.07 -59.36 -10.76
C5 NAG M . -30.84 -60.19 -11.10
C6 NAG M . -31.16 -61.40 -11.94
C7 NAG M . -29.48 -55.16 -10.70
C8 NAG M . -29.01 -54.07 -9.78
N2 NAG M . -30.09 -56.20 -10.12
O3 NAG M . -32.79 -57.23 -9.91
O4 NAG M . -32.93 -60.10 -9.90
O5 NAG M . -29.93 -59.40 -11.87
O6 NAG M . -30.63 -61.24 -13.24
O7 NAG M . -29.29 -55.13 -11.91
C1 NAG N . -13.97 -75.47 -16.83
C2 NAG N . -13.89 -75.05 -18.27
C3 NAG N . -15.22 -75.31 -18.94
C4 NAG N . -15.59 -76.77 -18.77
C5 NAG N . -15.49 -77.20 -17.31
C6 NAG N . -15.66 -78.69 -17.12
C7 NAG N . -12.27 -73.29 -18.82
C8 NAG N . -12.02 -71.81 -18.90
N2 NAG N . -13.48 -73.66 -18.41
O3 NAG N . -15.15 -74.98 -20.31
O4 NAG N . -16.94 -76.99 -19.19
O5 NAG N . -14.22 -76.84 -16.75
O6 NAG N . -15.89 -79.35 -18.35
O7 NAG N . -11.38 -74.10 -19.10
C1 NAG N . -17.10 -77.24 -20.61
C2 NAG N . -18.24 -78.23 -20.72
C3 NAG N . -18.45 -78.59 -22.18
C4 NAG N . -18.63 -77.34 -23.02
C5 NAG N . -17.54 -76.31 -22.74
C6 NAG N . -17.82 -74.98 -23.38
C7 NAG N . -18.92 -80.27 -19.56
C8 NAG N . -18.47 -81.44 -18.73
N2 NAG N . -17.97 -79.42 -19.93
O3 NAG N . -19.61 -79.41 -22.31
O4 NAG N . -18.61 -77.68 -24.40
O5 NAG N . -17.42 -76.07 -21.33
O6 NAG N . -19.05 -74.45 -22.94
O7 NAG N . -20.10 -80.12 -19.87
C1 NAG O . -35.86 -63.82 -40.38
C2 NAG O . -37.04 -62.95 -40.08
C3 NAG O . -37.86 -63.58 -38.97
C4 NAG O . -38.26 -65.00 -39.35
C5 NAG O . -37.03 -65.80 -39.79
C6 NAG O . -37.41 -67.11 -40.42
C7 NAG O . -36.51 -60.61 -40.59
C8 NAG O . -36.08 -59.29 -40.03
N2 NAG O . -36.65 -61.60 -39.71
O3 NAG O . -39.03 -62.80 -38.76
O4 NAG O . -38.84 -65.65 -38.24
O5 NAG O . -36.29 -65.09 -40.80
O6 NAG O . -38.16 -66.89 -41.61
O7 NAG O . -36.69 -60.78 -41.79
C1 NAG P . -31.65 -37.10 -44.37
C2 NAG P . -31.06 -35.85 -45.00
C3 NAG P . -31.86 -34.63 -44.57
C4 NAG P . -33.33 -34.81 -44.91
C5 NAG P . -33.86 -36.11 -44.30
C6 NAG P . -35.26 -36.44 -44.74
C7 NAG P . -28.63 -36.03 -45.41
C8 NAG P . -27.28 -35.79 -44.86
N2 NAG P . -29.66 -35.69 -44.62
O3 NAG P . -31.34 -33.48 -45.24
O4 NAG P . -34.07 -33.72 -44.39
O5 NAG P . -33.03 -37.20 -44.70
O6 NAG P . -35.33 -37.76 -45.26
O7 NAG P . -28.81 -36.54 -46.52
C1 NAG Q . 5.75 -23.08 -54.64
C2 NAG Q . 5.45 -23.33 -56.10
C3 NAG Q . 6.35 -22.47 -56.97
C4 NAG Q . 6.19 -21.01 -56.57
C5 NAG Q . 6.42 -20.83 -55.08
C6 NAG Q . 6.15 -19.43 -54.59
C7 NAG Q . 4.56 -25.58 -56.52
C8 NAG Q . 4.90 -26.98 -56.89
N2 NAG Q . 5.58 -24.73 -56.44
O3 NAG Q . 5.98 -22.64 -58.33
O4 NAG Q . 7.11 -20.20 -57.28
O5 NAG Q . 5.56 -21.72 -54.33
O6 NAG Q . 4.94 -18.91 -55.12
O7 NAG Q . 3.42 -25.24 -56.24
C1 NAG R . -38.03 -47.66 -34.42
C2 NAG R . -38.15 -49.06 -33.81
C3 NAG R . -39.33 -49.79 -34.44
C4 NAG R . -40.60 -48.97 -34.29
C5 NAG R . -40.39 -47.58 -34.87
C6 NAG R . -41.58 -46.68 -34.65
C7 NAG R . -35.94 -49.84 -33.07
C8 NAG R . -34.77 -50.70 -33.41
N2 NAG R . -36.93 -49.82 -33.97
O3 NAG R . -39.50 -51.06 -33.80
O4 NAG R . -41.66 -49.62 -34.98
O5 NAG R . -39.26 -46.95 -34.24
O6 NAG R . -41.60 -45.62 -35.59
O7 NAG R . -35.98 -49.18 -32.04
C1 NAG S . -39.74 -4.68 -31.37
C2 NAG S . -40.63 -3.72 -32.13
C3 NAG S . -41.68 -3.12 -31.20
C4 NAG S . -42.46 -4.23 -30.50
C5 NAG S . -41.51 -5.21 -29.82
C6 NAG S . -42.21 -6.42 -29.28
C7 NAG S . -39.32 -2.75 -33.97
C8 NAG S . -38.53 -1.57 -34.43
N2 NAG S . -39.84 -2.66 -32.74
O3 NAG S . -42.57 -2.31 -31.96
O4 NAG S . -43.31 -3.66 -29.51
O5 NAG S . -40.54 -5.69 -30.77
O6 NAG S . -42.37 -7.42 -30.27
O7 NAG S . -39.44 -3.76 -34.67
C1 NAG T . -36.44 3.48 -13.38
C2 NAG T . -37.12 2.66 -12.29
C3 NAG T . -38.62 2.51 -12.60
C4 NAG T . -39.24 3.88 -12.79
C5 NAG T . -38.47 4.65 -13.86
C6 NAG T . -38.95 6.07 -14.03
C7 NAG T . -36.59 0.62 -11.04
C8 NAG T . -35.87 -0.70 -11.06
N2 NAG T . -36.50 1.36 -12.15
O3 NAG T . -39.27 1.84 -11.53
O4 NAG T . -40.60 3.73 -13.19
O5 NAG T . -37.08 4.74 -13.50
O6 NAG T . -37.92 6.91 -14.53
O7 NAG T . -37.23 0.99 -10.06
C1 NAG U . -10.65 4.01 -41.01
C2 NAG U . -9.66 3.07 -41.65
C3 NAG U . -10.10 2.76 -43.08
C4 NAG U . -11.55 2.29 -43.11
C5 NAG U . -12.45 3.25 -42.35
C6 NAG U . -13.85 2.74 -42.16
C7 NAG U . -7.21 2.90 -41.72
C8 NAG U . -5.92 3.66 -41.70
N2 NAG U . -8.33 3.64 -41.64
O3 NAG U . -9.25 1.76 -43.64
O4 NAG U . -12.01 2.21 -44.46
O5 NAG U . -11.92 3.45 -41.03
O6 NAG U . -14.18 2.71 -40.78
O7 NAG U . -7.25 1.68 -41.81
C1 NAG V . -24.04 29.75 -28.62
C2 NAG V . -24.71 29.84 -29.98
C3 NAG V . -26.22 29.90 -29.82
C4 NAG V . -26.71 28.71 -28.99
C5 NAG V . -25.94 28.64 -27.67
C6 NAG V . -26.26 27.39 -26.87
C7 NAG V . -24.41 31.12 -32.06
C8 NAG V . -23.87 32.38 -32.68
N2 NAG V . -24.23 30.99 -30.74
O3 NAG V . -26.89 29.85 -31.07
O4 NAG V . -28.09 28.86 -28.69
O5 NAG V . -24.52 28.61 -27.92
O6 NAG V . -26.14 26.21 -27.66
O7 NAG V . -25.02 30.28 -32.71
C1 NAG W . 11.06 20.83 -38.24
C2 NAG W . 10.48 19.87 -39.28
C3 NAG W . 11.27 19.97 -40.57
C4 NAG W . 11.30 21.42 -41.06
C5 NAG W . 11.80 22.34 -39.95
C6 NAG W . 11.68 23.81 -40.31
C7 NAG W . 9.49 17.96 -38.07
C8 NAG W . 9.68 16.53 -37.67
N2 NAG W . 10.49 18.50 -38.79
O3 NAG W . 10.68 19.14 -41.57
O4 NAG W . 12.17 21.53 -42.18
O5 NAG W . 11.02 22.15 -38.76
O6 NAG W . 10.39 24.31 -39.99
O7 NAG W . 8.49 18.61 -37.76
C1 NAG X . -39.37 22.88 19.33
C2 NAG X . -39.65 24.32 18.95
C3 NAG X . -41.14 24.60 19.07
C4 NAG X . -41.92 23.60 18.24
C5 NAG X . -41.48 22.17 18.55
C6 NAG X . -42.08 21.15 17.58
C7 NAG X . -38.91 25.38 21.06
C8 NAG X . -38.01 26.43 21.66
N2 NAG X . -38.86 25.26 19.73
O3 NAG X . -41.42 25.92 18.63
O4 NAG X . -43.31 23.73 18.53
O5 NAG X . -40.06 22.03 18.46
O6 NAG X . -41.27 21.04 16.42
O7 NAG X . -39.64 24.68 21.75
C1 NAG Y . 54.87 0.62 -2.20
C2 NAG Y . 54.65 1.09 -3.62
C3 NAG Y . 55.99 1.31 -4.30
C4 NAG Y . 56.79 2.32 -3.50
C5 NAG Y . 56.93 1.86 -2.04
C6 NAG Y . 57.57 2.91 -1.16
C7 NAG Y . 52.53 0.29 -4.60
C8 NAG Y . 51.89 -0.77 -5.43
N2 NAG Y . 53.85 0.15 -4.39
O3 NAG Y . 55.78 1.79 -5.61
O4 NAG Y . 58.09 2.47 -4.07
O5 NAG Y . 55.64 1.58 -1.48
O6 NAG Y . 56.79 3.13 0.01
O7 NAG Y . 51.90 1.24 -4.14
C1 NAG Z . 37.48 -24.28 20.40
C2 NAG Z . 36.88 -25.67 20.61
C3 NAG Z . 37.58 -26.38 21.77
C4 NAG Z . 39.08 -26.38 21.56
C5 NAG Z . 39.59 -24.97 21.31
C6 NAG Z . 41.05 -24.92 20.96
C7 NAG Z . 34.53 -25.60 19.90
C8 NAG Z . 33.11 -25.50 20.35
N2 NAG Z . 35.46 -25.59 20.86
O3 NAG Z . 37.09 -27.71 21.86
O4 NAG Z . 39.73 -26.89 22.72
O5 NAG Z . 38.88 -24.40 20.19
O6 NAG Z . 41.25 -25.28 19.60
O7 NAG Z . 34.84 -25.65 18.72
C1 NAG AA . 28.31 40.59 -18.44
C2 NAG AA . 28.58 41.72 -19.38
C3 NAG AA . 29.94 42.31 -19.08
C4 NAG AA . 30.02 42.73 -17.63
C5 NAG AA . 29.57 41.58 -16.71
C6 NAG AA . 29.37 42.00 -15.27
C7 NAG AA . 28.24 42.11 -21.76
C8 NAG AA . 28.20 41.50 -23.13
N2 NAG AA . 28.51 41.28 -20.76
O3 NAG AA . 30.17 43.44 -19.92
O4 NAG AA . 31.36 43.07 -17.31
O5 NAG AA . 28.31 41.06 -17.14
O6 NAG AA . 28.49 41.11 -14.60
O7 NAG AA . 28.04 43.30 -21.58
C1 NAG BA . 35.98 -28.04 -4.31
C2 NAG BA . 35.06 -29.22 -4.64
C3 NAG BA . 35.85 -30.51 -4.79
C4 NAG BA . 36.98 -30.32 -5.80
C5 NAG BA . 37.83 -29.12 -5.41
C6 NAG BA . 38.89 -28.77 -6.43
C7 NAG BA . 32.91 -30.05 -3.76
C8 NAG BA . 32.00 -30.10 -2.58
N2 NAG BA . 34.05 -29.37 -3.59
O3 NAG BA . 35.00 -31.56 -5.24
O4 NAG BA . 37.80 -31.48 -5.84
O5 NAG BA . 37.01 -27.96 -5.29
O6 NAG BA . 38.81 -27.41 -6.79
O7 NAG BA . 32.64 -30.60 -4.82
C1 NAG CA . 39.13 -17.58 -35.16
C2 NAG CA . 38.88 -16.28 -34.41
C3 NAG CA . 39.11 -15.10 -35.35
C4 NAG CA . 40.48 -15.20 -35.98
C5 NAG CA . 40.71 -16.58 -36.60
C6 NAG CA . 42.13 -16.77 -37.08
C7 NAG CA . 37.25 -16.53 -32.57
C8 NAG CA . 35.81 -16.46 -32.19
N2 NAG CA . 37.54 -16.24 -33.84
O3 NAG CA . 38.97 -13.89 -34.63
O4 NAG CA . 40.61 -14.21 -37.00
O5 NAG CA . 40.45 -17.60 -35.64
O6 NAG CA . 43.04 -16.78 -35.99
O7 NAG CA . 38.11 -16.90 -31.78
C1 NAG DA . 11.36 -40.37 -57.04
C2 NAG DA . 10.31 -41.18 -57.79
C3 NAG DA . 10.78 -41.47 -59.21
C4 NAG DA . 11.15 -40.18 -59.91
C5 NAG DA . 12.17 -39.42 -59.08
C6 NAG DA . 12.48 -38.06 -59.66
C7 NAG DA . 9.12 -42.53 -56.11
C8 NAG DA . 8.95 -43.88 -55.52
N2 NAG DA . 10.02 -42.43 -57.10
O3 NAG DA . 9.73 -42.13 -59.92
O4 NAG DA . 11.71 -40.46 -61.19
O5 NAG DA . 11.64 -39.18 -57.76
O6 NAG DA . 11.31 -37.27 -59.73
O7 NAG DA . 8.51 -41.55 -55.69
C1 NAG EA . 19.23 -57.73 -6.79
C2 NAG EA . 19.77 -59.15 -6.77
C3 NAG EA . 20.49 -59.42 -5.46
C4 NAG EA . 21.57 -58.37 -5.24
C5 NAG EA . 20.99 -56.97 -5.38
C6 NAG EA . 22.06 -55.91 -5.35
C7 NAG EA . 18.40 -60.66 -8.15
C8 NAG EA . 17.26 -61.64 -8.16
N2 NAG EA . 18.69 -60.11 -6.97
O3 NAG EA . 21.07 -60.71 -5.50
O4 NAG EA . 22.13 -58.52 -3.95
O5 NAG EA . 20.29 -56.83 -6.63
O6 NAG EA . 22.98 -56.10 -6.41
O7 NAG EA . 19.00 -60.37 -9.18
C1 NAG FA . 20.41 -45.75 -46.41
C2 NAG FA . 21.36 -45.68 -45.22
C3 NAG FA . 22.14 -44.37 -45.25
C4 NAG FA . 22.84 -44.21 -46.60
C5 NAG FA . 21.83 -44.37 -47.74
C6 NAG FA . 22.48 -44.36 -49.10
C7 NAG FA . 20.38 -46.97 -43.35
C8 NAG FA . 19.64 -46.89 -42.05
N2 NAG FA . 20.65 -45.80 -43.96
O3 NAG FA . 23.11 -44.38 -44.21
O4 NAG FA . 23.44 -42.92 -46.68
O5 NAG FA . 21.14 -45.62 -47.60
O6 NAG FA . 21.83 -45.27 -49.97
O7 NAG FA . 20.68 -48.05 -43.86
C1 NAG GA . 2.79 -54.54 -64.18
C2 NAG GA . 3.44 -53.19 -64.47
C3 NAG GA . 2.60 -52.40 -65.46
C4 NAG GA . 2.38 -53.23 -66.73
C5 NAG GA . 1.78 -54.58 -66.37
C6 NAG GA . 1.63 -55.50 -67.56
C7 NAG GA . 4.67 -52.55 -62.45
C8 NAG GA . 4.69 -51.67 -61.25
N2 NAG GA . 3.61 -52.42 -63.25
O3 NAG GA . 3.24 -51.18 -65.79
O4 NAG GA . 1.49 -52.53 -67.60
O5 NAG GA . 2.62 -55.25 -65.43
O6 NAG GA . 2.84 -55.55 -68.31
O7 NAG GA . 5.55 -53.38 -62.68
C1 NAG HA . 50.20 22.11 31.43
C2 NAG HA . 50.83 23.49 31.26
C3 NAG HA . 49.73 24.54 31.16
C4 NAG HA . 48.78 24.19 30.04
C5 NAG HA . 48.25 22.76 30.20
C6 NAG HA . 47.42 22.30 29.03
C7 NAG HA . 53.06 23.63 32.31
C8 NAG HA . 53.82 24.00 33.55
N2 NAG HA . 51.73 23.80 32.37
O3 NAG HA . 50.32 25.82 30.93
O4 NAG HA . 47.68 25.10 30.03
O5 NAG HA . 49.34 21.84 30.32
O6 NAG HA . 47.39 20.88 28.95
O7 NAG HA . 53.61 23.19 31.31
C1 NAG IA . -19.50 21.27 53.30
C2 NAG IA . -20.08 22.54 53.91
C3 NAG IA . -19.16 23.73 53.60
C4 NAG IA . -17.75 23.44 54.06
C5 NAG IA . -17.26 22.14 53.40
C6 NAG IA . -15.87 21.74 53.83
C7 NAG IA . -22.53 22.37 54.05
C8 NAG IA . -23.82 22.73 53.40
N2 NAG IA . -21.42 22.80 53.42
O3 NAG IA . -19.65 24.90 54.26
O4 NAG IA . -16.88 24.51 53.69
O5 NAG IA . -18.15 21.07 53.76
O6 NAG IA . -15.70 21.85 55.24
O7 NAG IA . -22.48 21.71 55.08
C1 NAG JA . -40.89 -8.08 15.25
C2 NAG JA . -40.95 -9.07 16.39
C3 NAG JA . -41.97 -10.15 16.04
C4 NAG JA . -43.32 -9.51 15.77
C5 NAG JA . -43.19 -8.39 14.75
C6 NAG JA . -44.46 -7.56 14.66
C7 NAG JA . -38.82 -9.21 17.60
C8 NAG JA . -37.52 -9.93 17.74
N2 NAG JA . -39.65 -9.66 16.66
O3 NAG JA . -42.07 -11.05 17.14
O4 NAG JA . -44.22 -10.49 15.27
O5 NAG JA . -42.15 -7.47 15.11
O6 NAG JA . -44.67 -6.82 15.86
O7 NAG JA . -39.09 -8.22 18.29
C1 NAG KA . 29.24 -7.84 43.24
C2 NAG KA . 30.59 -8.57 43.13
C3 NAG KA . 30.65 -9.72 44.12
C4 NAG KA . 30.39 -9.21 45.53
C5 NAG KA . 29.03 -8.50 45.57
C6 NAG KA . 28.74 -7.87 46.92
C7 NAG KA . 31.62 -8.44 40.89
C8 NAG KA . 31.74 -9.11 39.56
N2 NAG KA . 30.82 -9.05 41.78
O3 NAG KA . 31.93 -10.33 44.06
O4 NAG KA . 30.38 -10.29 46.45
O5 NAG KA . 29.02 -7.42 44.60
O6 NAG KA . 27.47 -7.23 46.91
O7 NAG KA . 32.21 -7.40 41.15
C1 NAG LA . -27.47 -29.88 13.64
C2 NAG LA . -27.66 -30.45 12.23
C3 NAG LA . -28.70 -31.56 12.24
C4 NAG LA . -28.40 -32.59 13.32
C5 NAG LA . -28.21 -31.90 14.66
C6 NAG LA . -27.75 -32.82 15.77
C7 NAG LA . -27.26 -28.39 10.95
C8 NAG LA . -27.85 -27.40 10.00
N2 NAG LA . -28.05 -29.40 11.31
O3 NAG LA . -28.74 -32.19 10.97
O4 NAG LA . -29.48 -33.51 13.43
O5 NAG LA . -27.18 -30.91 14.54
O6 NAG LA . -26.71 -32.22 16.52
O7 NAG LA . -26.11 -28.29 11.37
C1 NAG MA . 9.67 -31.75 27.04
C2 NAG MA . 10.76 -30.81 26.53
C3 NAG MA . 12.07 -31.55 26.36
C4 NAG MA . 12.45 -32.25 27.65
C5 NAG MA . 11.31 -33.14 28.13
C6 NAG MA . 11.57 -33.74 29.49
C7 NAG MA . 10.88 -29.03 24.84
C8 NAG MA . 10.35 -28.52 23.52
N2 NAG MA . 10.35 -30.17 25.29
O3 NAG MA . 13.11 -30.64 25.99
O4 NAG MA . 13.61 -33.05 27.44
O5 NAG MA . 10.11 -32.36 28.25
O6 NAG MA . 11.70 -32.72 30.48
O7 NAG MA . 11.75 -28.42 25.46
C1 NAG NA . -2.45 -48.33 23.60
C2 NAG NA . -3.60 -48.62 24.59
C3 NAG NA . -3.07 -49.13 25.93
C4 NAG NA . -2.05 -50.24 25.75
C5 NAG NA . -0.95 -49.75 24.83
C6 NAG NA . 0.11 -50.79 24.57
C7 NAG NA . -5.46 -47.08 24.07
C8 NAG NA . -6.15 -45.83 24.49
N2 NAG NA . -4.41 -47.42 24.80
O3 NAG NA . -4.17 -49.62 26.69
O4 NAG NA . -1.48 -50.57 27.02
O5 NAG NA . -1.53 -49.43 23.57
O6 NAG NA . 0.91 -51.02 25.73
O7 NAG NA . -5.85 -47.75 23.12
C1 NAG OA . 5.88 -70.68 -12.22
C2 NAG OA . 6.77 -71.24 -11.13
C3 NAG OA . 7.21 -72.66 -11.49
C4 NAG OA . 5.99 -73.52 -11.78
C5 NAG OA . 5.09 -72.85 -12.80
C6 NAG OA . 3.77 -73.57 -12.95
C7 NAG OA . 8.61 -70.41 -9.73
C8 NAG OA . 9.77 -69.48 -9.64
N2 NAG OA . 7.92 -70.39 -10.88
O3 NAG OA . 7.95 -73.24 -10.43
O4 NAG OA . 6.41 -74.78 -12.28
O5 NAG OA . 4.77 -71.51 -12.41
O6 NAG OA . 2.85 -73.11 -11.98
O7 NAG OA . 8.30 -71.17 -8.81
C1 NAG PA . -38.25 -40.94 -16.34
C2 NAG PA . -39.54 -41.35 -17.04
C3 NAG PA . -40.74 -40.72 -16.33
C4 NAG PA . -40.71 -41.06 -14.86
C5 NAG PA . -39.35 -40.73 -14.25
C6 NAG PA . -39.21 -41.27 -12.85
C7 NAG PA . -40.32 -41.51 -19.35
C8 NAG PA . -40.16 -40.99 -20.76
N2 NAG PA . -39.51 -40.96 -18.44
O3 NAG PA . -41.95 -41.21 -16.89
O4 NAG PA . -41.70 -40.29 -14.18
O5 NAG PA . -38.31 -41.34 -15.01
O6 NAG PA . -38.82 -42.65 -12.91
O7 NAG PA . -41.15 -42.35 -19.06
C1 NAG QA . -8.12 -66.89 -6.24
C2 NAG QA . -9.34 -66.31 -5.53
C3 NAG QA . -8.94 -65.80 -4.13
C4 NAG QA . -8.25 -66.91 -3.34
C5 NAG QA . -7.06 -67.43 -4.14
C6 NAG QA . -6.38 -68.59 -3.45
C7 NAG QA . -10.87 -65.41 -7.23
C8 NAG QA . -11.37 -64.18 -7.93
N2 NAG QA . -9.93 -65.22 -6.30
O3 NAG QA . -10.12 -65.39 -3.44
O4 NAG QA . -7.80 -66.40 -2.09
O5 NAG QA . -7.50 -67.90 -5.42
O6 NAG QA . -5.17 -68.95 -4.11
O7 NAG QA . -11.27 -66.52 -7.55
C1 NAG RA . 4.83 -80.19 -25.61
C2 NAG RA . 5.42 -80.38 -24.21
C3 NAG RA . 6.92 -80.66 -24.29
C4 NAG RA . 7.18 -81.84 -25.20
C5 NAG RA . 6.57 -81.57 -26.56
C6 NAG RA . 6.73 -82.73 -27.53
C7 NAG RA . 4.04 -79.03 -22.70
C8 NAG RA . 3.96 -77.77 -21.89
N2 NAG RA . 5.18 -79.21 -23.37
O3 NAG RA . 7.41 -80.94 -22.98
O4 NAG RA . 8.58 -82.05 -25.35
O5 NAG RA . 5.16 -81.34 -26.42
O6 NAG RA . 6.40 -83.96 -26.91
O7 NAG RA . 3.11 -79.82 -22.75
C1 NAG SA . -19.59 -18.57 44.33
C2 NAG SA . -19.37 -19.87 43.57
C3 NAG SA . -19.30 -21.03 44.55
C4 NAG SA . -18.23 -20.77 45.60
C5 NAG SA . -18.49 -19.41 46.27
C6 NAG SA . -17.37 -19.01 47.21
C7 NAG SA . -20.30 -19.79 41.30
C8 NAG SA . -21.49 -20.09 40.44
N2 NAG SA . -20.42 -20.10 42.60
O3 NAG SA . -18.99 -22.23 43.84
O4 NAG SA . -18.25 -21.78 46.59
O5 NAG SA . -18.56 -18.39 45.28
O6 NAG SA . -16.12 -18.99 46.55
O7 NAG SA . -19.30 -19.27 40.83
#